data_8R56
#
_entry.id   8R56
#
_cell.length_a   62.524
_cell.length_b   194.726
_cell.length_c   117.654
_cell.angle_alpha   90.00
_cell.angle_beta   92.29
_cell.angle_gamma   90.00
#
_symmetry.space_group_name_H-M   'P 1 21 1'
#
loop_
_entity.id
_entity.type
_entity.pdbx_description
1 polymer 'Glycosyl hydrolase, family 31'
2 non-polymer '[(1~{S},2~{R},3~{R},4~{S},6~{R})-6-azanyl-2,3,4-tris(oxidanyl)cyclohexyl]methanesulfonic acid'
3 non-polymer 'POTASSIUM ION'
4 water water
#
_entity_poly.entity_id   1
_entity_poly.type   'polypeptide(L)'
_entity_poly.pdbx_seq_one_letter_code
;MGSSHHHHHHSSGLVPRGSHMSGTLNVTKGVNVEILQDGFEVALNGVVLLQHTIQKPMLFVGHGEETIEMYRGNFDIKDY
VTERTALRYANVEEMEGAYKIDLSNLKNGDTMLSLIVKEEENRLKVEYQKNDANINRFWLRVAADKQEKVYGCGEQLSHF
NMRGKNFPLWTSEPGVGRNKQTYVTWQADVVDKAGGDYYNTNFPQPTYVSSKKYYCHVETTAYADFDFRNEAFHELQVWE
VPKYMLFETADTYLELVEKITGLFGRQPELPEWVYNGVVLGIQGGTDVVEQKLEKVLAKGMKVSGVWCQDWQGKRITSFG
KRLMWNWKWNESEYPELDKKIAEWKENDIRFLGYINPYVAIEGDLYKEAEDKGYLALNTEGNTYLVDFGEFYCGVVDFTN
EEATEWYKQVIKENMIDFGLDGWMADFGEYLPTDVVLKNRIDAKIMHNAWPTMWAKVNYEAVSEAGKLGEIVYFMRAGYT
GIQKYCTLLWGGDQSVDWSLDDGLASVIPAALSSGMIGCGLHHSDIGGYTSLHGNKRSKELLMRWAEMGAFTPMMRTHEG
NRPDDCFQFDGDEETLEHLARMSNVYVTMAPYIKSLVEENARRGIPVQRPLFMHYEEDEKTYDIQYQYLFGEDVLVAPVH
QENQTEWEVYLPEDQWVHVWSGEAYTGGSVTVQAPLGYPPVFYRKKSIWSELFSKLIHI
;
_entity_poly.pdbx_strand_id   A,B,C,D
#
# COMPACT_ATOMS: atom_id res chain seq x y z
N THR A 28 0.97 -29.87 2.93
CA THR A 28 0.48 -29.97 4.33
C THR A 28 1.16 -28.91 5.21
N LYS A 29 2.46 -28.62 4.93
CA LYS A 29 3.24 -27.58 5.62
C LYS A 29 3.40 -26.34 4.74
N GLY A 30 3.35 -25.16 5.35
CA GLY A 30 3.53 -23.91 4.62
C GLY A 30 2.28 -23.53 3.82
N VAL A 31 2.50 -22.78 2.74
CA VAL A 31 1.41 -22.13 2.02
C VAL A 31 1.01 -23.00 0.82
N ASN A 32 -0.18 -23.61 0.87
CA ASN A 32 -0.72 -24.28 -0.30
C ASN A 32 -1.85 -23.42 -0.87
N VAL A 33 -1.77 -23.15 -2.18
CA VAL A 33 -2.86 -22.55 -2.94
C VAL A 33 -3.47 -23.62 -3.85
N GLU A 34 -4.62 -24.20 -3.50
CA GLU A 34 -5.25 -25.21 -4.35
C GLU A 34 -6.20 -24.49 -5.31
N ILE A 35 -6.07 -24.75 -6.62
CA ILE A 35 -6.97 -24.16 -7.60
C ILE A 35 -8.10 -25.15 -7.79
N LEU A 36 -9.35 -24.74 -7.54
CA LEU A 36 -10.51 -25.58 -7.80
C LEU A 36 -11.17 -25.09 -9.08
N GLN A 37 -12.25 -25.76 -9.53
CA GLN A 37 -12.99 -25.28 -10.71
C GLN A 37 -13.77 -24.03 -10.32
N ASP A 38 -14.40 -24.08 -9.15
CA ASP A 38 -15.17 -22.97 -8.61
C ASP A 38 -14.31 -21.72 -8.49
N GLY A 39 -13.08 -21.89 -7.98
CA GLY A 39 -12.27 -20.75 -7.53
C GLY A 39 -10.92 -21.19 -6.96
N PHE A 40 -10.66 -20.90 -5.67
CA PHE A 40 -9.39 -21.28 -5.04
C PHE A 40 -9.49 -21.25 -3.52
N GLU A 41 -8.48 -21.88 -2.88
CA GLU A 41 -8.31 -21.98 -1.45
C GLU A 41 -6.85 -21.72 -1.10
N VAL A 42 -6.62 -20.93 -0.05
CA VAL A 42 -5.28 -20.69 0.47
C VAL A 42 -5.21 -21.31 1.86
N ALA A 43 -4.15 -22.08 2.11
CA ALA A 43 -4.01 -22.78 3.39
C ALA A 43 -2.58 -22.56 3.90
N LEU A 44 -2.48 -22.56 5.24
CA LEU A 44 -1.20 -22.48 5.92
C LEU A 44 -1.13 -23.64 6.92
N ASN A 45 -0.17 -24.54 6.72
CA ASN A 45 -0.02 -25.68 7.61
C ASN A 45 -1.37 -26.39 7.72
N GLY A 46 -2.04 -26.53 6.57
CA GLY A 46 -3.26 -27.32 6.49
C GLY A 46 -4.49 -26.60 7.03
N VAL A 47 -4.31 -25.44 7.67
CA VAL A 47 -5.44 -24.66 8.13
C VAL A 47 -5.92 -23.83 6.94
N VAL A 48 -7.19 -24.04 6.56
CA VAL A 48 -7.75 -23.40 5.41
C VAL A 48 -8.28 -22.06 5.89
N LEU A 49 -7.76 -20.96 5.28
CA LEU A 49 -8.02 -19.63 5.76
C LEU A 49 -8.88 -18.86 4.76
N LEU A 50 -8.50 -18.87 3.49
CA LEU A 50 -9.16 -18.01 2.50
C LEU A 50 -9.83 -18.92 1.49
N GLN A 51 -11.11 -18.66 1.19
CA GLN A 51 -11.85 -19.48 0.26
C GLN A 51 -12.65 -18.57 -0.66
N HIS A 52 -12.38 -18.69 -1.96
CA HIS A 52 -13.05 -17.89 -2.96
C HIS A 52 -13.72 -18.80 -3.98
N THR A 53 -15.02 -18.55 -4.25
CA THR A 53 -15.68 -19.05 -5.45
C THR A 53 -16.40 -17.89 -6.09
N ILE A 54 -16.86 -18.08 -7.33
CA ILE A 54 -17.66 -17.09 -8.02
C ILE A 54 -18.95 -16.84 -7.24
N GLN A 55 -19.54 -17.89 -6.67
CA GLN A 55 -20.82 -17.85 -6.00
C GLN A 55 -20.65 -17.30 -4.57
N LYS A 56 -19.52 -17.61 -3.93
CA LYS A 56 -19.21 -17.16 -2.59
C LYS A 56 -17.88 -16.39 -2.59
N PRO A 57 -17.84 -15.16 -3.13
CA PRO A 57 -16.57 -14.42 -3.24
C PRO A 57 -16.04 -13.98 -1.88
N MET A 58 -14.72 -13.81 -1.79
CA MET A 58 -14.07 -13.54 -0.52
C MET A 58 -13.68 -12.07 -0.40
N LEU A 59 -13.60 -11.36 -1.53
CA LEU A 59 -13.13 -9.98 -1.51
C LEU A 59 -14.17 -9.06 -2.15
N PHE A 60 -14.36 -7.91 -1.50
CA PHE A 60 -15.21 -6.85 -2.01
C PHE A 60 -14.44 -5.54 -1.86
N VAL A 61 -14.66 -4.63 -2.83
CA VAL A 61 -14.07 -3.31 -2.81
C VAL A 61 -15.18 -2.29 -3.07
N GLY A 62 -14.99 -1.02 -2.65
CA GLY A 62 -16.03 -0.03 -2.88
C GLY A 62 -15.62 1.38 -2.49
N HIS A 63 -16.64 2.26 -2.38
CA HIS A 63 -16.42 3.66 -2.03
C HIS A 63 -17.39 4.08 -0.95
N GLY A 64 -16.90 4.86 0.01
CA GLY A 64 -17.72 5.44 1.03
C GLY A 64 -17.34 6.88 1.30
N GLU A 65 -18.27 7.62 1.90
CA GLU A 65 -18.07 8.99 2.33
C GLU A 65 -18.54 9.09 3.77
N GLU A 66 -17.56 9.18 4.67
CA GLU A 66 -17.81 9.08 6.08
C GLU A 66 -18.02 10.48 6.66
N THR A 67 -18.83 10.53 7.73
CA THR A 67 -18.95 11.68 8.60
C THR A 67 -18.35 11.34 9.96
N ILE A 68 -17.35 12.10 10.39
CA ILE A 68 -16.75 11.91 11.70
C ILE A 68 -16.87 13.21 12.49
N GLU A 69 -17.64 13.19 13.58
CA GLU A 69 -17.75 14.30 14.52
C GLU A 69 -17.02 13.90 15.81
N MET A 70 -16.07 14.74 16.24
CA MET A 70 -15.39 14.56 17.52
C MET A 70 -15.99 15.50 18.55
N TYR A 71 -16.18 15.02 19.79
CA TYR A 71 -16.50 15.87 20.93
C TYR A 71 -15.81 15.30 22.16
N ARG A 72 -14.70 15.96 22.56
CA ARG A 72 -13.98 15.63 23.78
C ARG A 72 -13.59 14.14 23.83
N GLY A 73 -13.04 13.66 22.72
CA GLY A 73 -12.49 12.31 22.66
C GLY A 73 -13.52 11.28 22.27
N ASN A 74 -14.78 11.69 22.13
CA ASN A 74 -15.84 10.82 21.69
C ASN A 74 -16.08 11.09 20.21
N PHE A 75 -16.21 10.00 19.45
CA PHE A 75 -16.32 10.08 18.00
C PHE A 75 -17.68 9.54 17.57
N ASP A 76 -18.40 10.34 16.80
CA ASP A 76 -19.60 9.87 16.13
C ASP A 76 -19.18 9.62 14.69
N ILE A 77 -19.25 8.35 14.28
CA ILE A 77 -18.76 7.91 12.98
C ILE A 77 -19.91 7.25 12.24
N LYS A 78 -20.29 7.83 11.09
CA LYS A 78 -21.30 7.26 10.23
C LYS A 78 -20.64 7.10 8.86
N ASP A 79 -20.92 5.98 8.20
CA ASP A 79 -20.46 5.81 6.85
C ASP A 79 -21.65 5.97 5.91
N TYR A 80 -21.36 6.42 4.68
CA TYR A 80 -22.31 6.37 3.58
C TYR A 80 -21.62 5.66 2.44
N VAL A 81 -21.99 4.39 2.24
CA VAL A 81 -21.39 3.57 1.20
C VAL A 81 -22.14 3.79 -0.11
N THR A 82 -21.41 4.28 -1.11
CA THR A 82 -21.94 4.55 -2.45
C THR A 82 -21.76 3.34 -3.37
N GLU A 83 -20.66 2.60 -3.17
CA GLU A 83 -20.40 1.41 -3.95
C GLU A 83 -19.82 0.30 -3.08
N ARG A 84 -20.27 -0.93 -3.36
CA ARG A 84 -19.60 -2.11 -2.86
C ARG A 84 -19.71 -3.17 -3.95
N THR A 85 -18.55 -3.64 -4.42
CA THR A 85 -18.47 -4.48 -5.61
C THR A 85 -17.90 -5.83 -5.20
N ALA A 86 -18.59 -6.91 -5.57
CA ALA A 86 -18.11 -8.25 -5.33
C ALA A 86 -17.11 -8.65 -6.41
N LEU A 87 -15.87 -8.98 -5.99
CA LEU A 87 -14.86 -9.45 -6.91
C LEU A 87 -14.97 -10.96 -7.02
N ARG A 88 -15.90 -11.39 -7.89
CA ARG A 88 -16.25 -12.79 -8.05
C ARG A 88 -15.24 -13.57 -8.91
N TYR A 89 -14.47 -12.90 -9.79
CA TYR A 89 -13.72 -13.60 -10.82
C TYR A 89 -12.22 -13.46 -10.59
N ALA A 90 -11.55 -14.60 -10.42
CA ALA A 90 -10.13 -14.63 -10.10
C ALA A 90 -9.35 -15.39 -11.18
N ASN A 91 -8.19 -14.84 -11.56
CA ASN A 91 -7.18 -15.52 -12.38
C ASN A 91 -5.94 -15.73 -11.51
N VAL A 92 -5.51 -16.99 -11.35
CA VAL A 92 -4.37 -17.33 -10.49
C VAL A 92 -3.17 -17.76 -11.34
N GLU A 93 -1.98 -17.20 -11.07
CA GLU A 93 -0.75 -17.54 -11.76
C GLU A 93 0.29 -18.01 -10.74
N GLU A 94 0.76 -19.26 -10.87
CA GLU A 94 1.88 -19.78 -10.09
C GLU A 94 3.15 -19.11 -10.59
N MET A 95 4.04 -18.69 -9.68
CA MET A 95 5.22 -17.93 -10.04
C MET A 95 6.36 -18.41 -9.14
N GLU A 96 7.43 -17.59 -8.98
CA GLU A 96 8.61 -17.97 -8.22
C GLU A 96 8.22 -18.21 -6.75
N GLY A 97 7.65 -19.41 -6.47
CA GLY A 97 7.24 -19.79 -5.13
C GLY A 97 5.95 -19.11 -4.69
N ALA A 98 5.73 -17.87 -5.17
CA ALA A 98 4.57 -17.04 -4.88
C ALA A 98 3.44 -17.24 -5.89
N TYR A 99 2.22 -16.78 -5.53
CA TYR A 99 1.07 -16.75 -6.43
C TYR A 99 0.58 -15.31 -6.64
N LYS A 100 0.25 -14.96 -7.89
CA LYS A 100 -0.36 -13.67 -8.20
C LYS A 100 -1.81 -13.95 -8.55
N ILE A 101 -2.76 -13.24 -7.89
CA ILE A 101 -4.16 -13.46 -8.21
C ILE A 101 -4.80 -12.10 -8.54
N ASP A 102 -5.41 -12.07 -9.74
CA ASP A 102 -6.10 -10.89 -10.23
C ASP A 102 -7.61 -11.09 -10.13
N LEU A 103 -8.32 -10.04 -9.70
CA LEU A 103 -9.72 -10.13 -9.32
C LEU A 103 -10.52 -9.02 -10.02
N SER A 104 -11.70 -9.39 -10.53
CA SER A 104 -12.62 -8.43 -11.13
C SER A 104 -14.05 -8.82 -10.79
N ASN A 105 -14.97 -7.93 -11.20
CA ASN A 105 -16.41 -8.06 -11.00
C ASN A 105 -17.04 -8.99 -12.04
N LEU A 106 -16.53 -8.96 -13.28
CA LEU A 106 -17.10 -9.72 -14.40
C LEU A 106 -16.05 -10.71 -14.93
N LYS A 107 -16.52 -11.81 -15.57
CA LYS A 107 -15.64 -12.80 -16.19
C LYS A 107 -14.84 -12.11 -17.29
N ASN A 108 -13.52 -12.31 -17.27
CA ASN A 108 -12.57 -11.37 -17.83
C ASN A 108 -12.61 -10.16 -16.92
N GLY A 109 -13.13 -9.02 -17.40
CA GLY A 109 -13.19 -7.79 -16.63
C GLY A 109 -11.81 -7.18 -16.33
N ASP A 110 -11.75 -5.86 -16.18
CA ASP A 110 -10.54 -5.18 -15.73
C ASP A 110 -10.23 -5.62 -14.30
N THR A 111 -8.93 -5.76 -14.00
CA THR A 111 -8.45 -6.05 -12.67
C THR A 111 -8.68 -4.86 -11.72
N MET A 112 -9.42 -5.11 -10.63
CA MET A 112 -9.73 -4.10 -9.63
C MET A 112 -8.89 -4.30 -8.38
N LEU A 113 -8.49 -5.55 -8.12
CA LEU A 113 -7.60 -5.84 -7.00
C LEU A 113 -6.65 -6.97 -7.38
N SER A 114 -5.37 -6.81 -7.02
CA SER A 114 -4.35 -7.79 -7.36
C SER A 114 -3.63 -8.22 -6.10
N LEU A 115 -3.51 -9.54 -5.91
CA LEU A 115 -2.94 -10.13 -4.69
C LEU A 115 -1.61 -10.81 -5.03
N ILE A 116 -0.65 -10.70 -4.09
CA ILE A 116 0.48 -11.60 -4.03
C ILE A 116 0.31 -12.45 -2.79
N VAL A 117 0.24 -13.78 -2.95
CA VAL A 117 0.16 -14.71 -1.84
C VAL A 117 1.51 -15.41 -1.71
N LYS A 118 2.18 -15.30 -0.58
CA LYS A 118 3.51 -15.89 -0.40
C LYS A 118 3.70 -16.33 1.05
N GLU A 119 4.69 -17.21 1.26
CA GLU A 119 5.18 -17.53 2.60
C GLU A 119 6.38 -16.62 2.90
N GLU A 120 6.36 -15.92 4.02
CA GLU A 120 7.45 -15.06 4.42
C GLU A 120 7.63 -15.20 5.93
N GLU A 121 8.87 -15.50 6.33
CA GLU A 121 9.24 -15.77 7.72
C GLU A 121 8.30 -16.77 8.40
N ASN A 122 7.83 -17.76 7.66
CA ASN A 122 7.00 -18.87 8.13
C ASN A 122 5.54 -18.47 8.26
N ARG A 123 5.18 -17.26 7.78
CA ARG A 123 3.81 -16.80 7.82
C ARG A 123 3.19 -16.79 6.43
N LEU A 124 1.86 -16.86 6.37
CA LEU A 124 1.14 -16.47 5.17
C LEU A 124 1.11 -14.95 5.09
N LYS A 125 1.58 -14.40 3.98
CA LYS A 125 1.50 -12.98 3.72
C LYS A 125 0.72 -12.76 2.44
N VAL A 126 -0.26 -11.86 2.49
CA VAL A 126 -1.07 -11.50 1.35
C VAL A 126 -0.90 -10.00 1.10
N GLU A 127 -0.27 -9.63 0.00
CA GLU A 127 -0.13 -8.21 -0.36
C GLU A 127 -1.25 -7.82 -1.30
N TYR A 128 -1.75 -6.59 -1.16
CA TYR A 128 -2.88 -6.12 -1.95
C TYR A 128 -2.47 -4.87 -2.74
N GLN A 129 -2.85 -4.82 -4.02
CA GLN A 129 -2.60 -3.65 -4.85
C GLN A 129 -3.87 -3.35 -5.66
N LYS A 130 -4.33 -2.10 -5.56
CA LYS A 130 -5.53 -1.68 -6.27
C LYS A 130 -5.06 -0.81 -7.43
N ASN A 131 -5.98 -0.62 -8.39
CA ASN A 131 -5.73 0.21 -9.55
C ASN A 131 -6.46 1.55 -9.41
N ASP A 132 -7.70 1.47 -8.91
CA ASP A 132 -8.67 2.55 -8.98
C ASP A 132 -8.56 3.42 -7.72
N ALA A 133 -8.34 4.71 -7.90
CA ALA A 133 -8.15 5.63 -6.78
C ALA A 133 -9.47 5.89 -6.05
N ASN A 134 -10.60 5.59 -6.69
CA ASN A 134 -11.90 5.81 -6.07
C ASN A 134 -12.11 4.84 -4.92
N ILE A 135 -11.41 3.67 -4.94
CA ILE A 135 -11.64 2.61 -3.98
C ILE A 135 -11.04 3.00 -2.64
N ASN A 136 -11.92 3.17 -1.63
CA ASN A 136 -11.47 3.53 -0.29
C ASN A 136 -12.13 2.66 0.77
N ARG A 137 -12.71 1.54 0.32
CA ARG A 137 -13.40 0.59 1.17
C ARG A 137 -12.99 -0.80 0.71
N PHE A 138 -12.67 -1.67 1.70
CA PHE A 138 -12.16 -3.00 1.46
C PHE A 138 -12.82 -3.97 2.41
N TRP A 139 -13.20 -5.16 1.93
CA TRP A 139 -13.82 -6.17 2.76
C TRP A 139 -13.23 -7.53 2.40
N LEU A 140 -12.57 -8.21 3.35
CA LEU A 140 -12.10 -9.59 3.15
C LEU A 140 -12.90 -10.53 4.04
N ARG A 141 -13.42 -11.60 3.44
CA ARG A 141 -14.06 -12.68 4.18
C ARG A 141 -13.07 -13.83 4.40
N VAL A 142 -12.87 -14.21 5.65
CA VAL A 142 -12.05 -15.34 6.07
C VAL A 142 -13.01 -16.43 6.54
N ALA A 143 -12.80 -17.66 6.07
CA ALA A 143 -13.76 -18.74 6.33
C ALA A 143 -13.80 -19.09 7.81
N ALA A 144 -14.99 -19.46 8.29
CA ALA A 144 -15.15 -19.74 9.71
C ALA A 144 -16.19 -20.83 9.88
N ASP A 145 -16.24 -21.40 11.11
CA ASP A 145 -17.20 -22.39 11.57
C ASP A 145 -18.22 -21.74 12.52
N LYS A 146 -19.35 -22.43 12.76
CA LYS A 146 -20.38 -22.00 13.70
C LYS A 146 -19.78 -21.81 15.10
N GLN A 147 -18.88 -22.70 15.53
CA GLN A 147 -18.44 -22.80 16.91
C GLN A 147 -17.12 -22.02 17.16
N GLU A 148 -16.53 -21.45 16.10
CA GLU A 148 -15.27 -20.76 16.25
C GLU A 148 -15.43 -19.55 17.18
N LYS A 149 -14.41 -19.30 18.00
CA LYS A 149 -14.39 -18.17 18.90
C LYS A 149 -13.24 -17.28 18.44
N VAL A 150 -13.35 -15.97 18.66
CA VAL A 150 -12.31 -15.04 18.24
C VAL A 150 -11.97 -14.10 19.39
N TYR A 151 -10.68 -13.77 19.52
CA TYR A 151 -10.20 -13.00 20.66
C TYR A 151 -9.23 -11.94 20.18
N GLY A 152 -9.07 -10.88 20.98
CA GLY A 152 -8.11 -9.83 20.71
C GLY A 152 -8.78 -8.52 20.29
N CYS A 153 -8.31 -7.98 19.15
CA CYS A 153 -8.70 -6.68 18.63
C CYS A 153 -8.31 -5.58 19.59
N GLY A 154 -7.24 -5.80 20.33
CA GLY A 154 -6.76 -4.85 21.32
C GLY A 154 -7.31 -5.16 22.72
N GLU A 155 -7.51 -4.09 23.50
CA GLU A 155 -8.12 -4.16 24.81
C GLU A 155 -9.64 -4.03 24.63
N GLN A 156 -10.36 -5.13 24.84
CA GLN A 156 -11.81 -5.14 24.80
C GLN A 156 -12.35 -5.23 26.22
N LEU A 157 -13.28 -4.33 26.57
CA LEU A 157 -13.81 -4.19 27.92
C LEU A 157 -15.17 -4.85 28.13
N SER A 158 -15.87 -5.21 27.04
CA SER A 158 -17.17 -5.87 27.16
C SER A 158 -17.11 -7.32 26.70
N HIS A 159 -16.38 -7.62 25.64
CA HIS A 159 -16.43 -8.97 25.07
C HIS A 159 -15.04 -9.48 24.76
N PHE A 160 -14.64 -10.56 25.45
CA PHE A 160 -13.37 -11.22 25.16
C PHE A 160 -13.53 -12.05 23.89
N ASN A 161 -14.44 -13.04 23.95
CA ASN A 161 -14.89 -13.69 22.74
C ASN A 161 -15.85 -12.75 22.01
N MET A 162 -15.43 -12.32 20.83
CA MET A 162 -16.10 -11.33 20.02
C MET A 162 -17.13 -11.96 19.08
N ARG A 163 -17.18 -13.28 19.00
CA ARG A 163 -18.10 -13.91 18.07
C ARG A 163 -19.52 -13.37 18.28
N GLY A 164 -20.22 -13.08 17.17
CA GLY A 164 -21.63 -12.70 17.19
C GLY A 164 -21.85 -11.19 17.08
N LYS A 165 -20.78 -10.40 17.11
CA LYS A 165 -20.89 -8.95 17.00
C LYS A 165 -19.81 -8.41 16.06
N ASN A 166 -19.85 -7.09 15.82
CA ASN A 166 -18.91 -6.40 14.95
C ASN A 166 -18.19 -5.37 15.81
N PHE A 167 -16.92 -5.12 15.49
CA PHE A 167 -16.08 -4.26 16.33
C PHE A 167 -15.39 -3.21 15.47
N PRO A 168 -15.93 -1.98 15.38
CA PRO A 168 -15.14 -0.84 14.93
C PRO A 168 -13.85 -0.76 15.71
N LEU A 169 -12.78 -0.33 15.05
CA LEU A 169 -11.46 -0.20 15.60
C LEU A 169 -10.94 1.21 15.38
N TRP A 170 -11.29 2.10 16.31
CA TRP A 170 -10.95 3.50 16.24
C TRP A 170 -10.68 3.96 17.66
N THR A 171 -9.43 4.35 17.94
CA THR A 171 -9.05 4.71 19.30
C THR A 171 -9.86 5.92 19.74
N SER A 172 -10.33 5.90 20.98
CA SER A 172 -11.17 6.98 21.47
C SER A 172 -11.37 6.84 22.97
N GLU A 173 -12.05 7.82 23.55
CA GLU A 173 -12.66 7.63 24.85
C GLU A 173 -13.48 6.36 24.79
N PRO A 174 -13.31 5.46 25.78
CA PRO A 174 -14.01 4.18 25.76
C PRO A 174 -15.48 4.23 26.17
N GLY A 175 -15.89 5.37 26.76
CA GLY A 175 -17.26 5.52 27.19
C GLY A 175 -17.38 5.44 28.71
N VAL A 176 -18.33 6.18 29.28
CA VAL A 176 -18.74 6.07 30.66
C VAL A 176 -20.03 5.24 30.70
N GLY A 177 -19.94 4.02 31.24
CA GLY A 177 -21.09 3.13 31.34
C GLY A 177 -21.05 2.06 30.26
N ARG A 178 -20.97 2.51 29.00
CA ARG A 178 -20.69 1.64 27.87
C ARG A 178 -21.84 0.67 27.58
N ASN A 179 -23.02 0.97 28.11
CA ASN A 179 -24.20 0.15 27.85
C ASN A 179 -25.44 1.03 27.90
N LYS A 180 -26.12 1.15 26.75
CA LYS A 180 -27.18 2.14 26.57
C LYS A 180 -28.37 1.85 27.50
N GLN A 181 -28.42 0.64 28.07
CA GLN A 181 -29.52 0.26 28.94
C GLN A 181 -29.36 0.82 30.36
N THR A 182 -28.17 1.30 30.75
CA THR A 182 -27.97 1.73 32.13
C THR A 182 -28.13 3.24 32.22
N TYR A 183 -28.52 3.69 33.42
CA TYR A 183 -28.75 5.09 33.74
C TYR A 183 -27.49 5.91 33.48
N VAL A 184 -26.35 5.37 33.90
CA VAL A 184 -25.12 6.16 33.79
C VAL A 184 -24.78 6.40 32.33
N THR A 185 -24.94 5.37 31.48
CA THR A 185 -24.59 5.51 30.08
C THR A 185 -25.49 6.57 29.44
N TRP A 186 -26.80 6.39 29.68
CA TRP A 186 -27.83 7.30 29.19
C TRP A 186 -27.49 8.76 29.54
N GLN A 187 -27.15 9.02 30.81
CA GLN A 187 -26.82 10.37 31.23
C GLN A 187 -25.52 10.86 30.59
N ALA A 188 -24.55 9.94 30.41
CA ALA A 188 -23.29 10.31 29.82
C ALA A 188 -23.53 10.75 28.37
N ASP A 189 -24.43 10.05 27.68
CA ASP A 189 -24.85 10.44 26.33
C ASP A 189 -25.60 11.76 26.35
N VAL A 190 -26.64 11.89 27.19
CA VAL A 190 -27.47 13.08 27.24
C VAL A 190 -26.61 14.31 27.51
N VAL A 191 -25.76 14.25 28.53
CA VAL A 191 -25.07 15.45 28.99
C VAL A 191 -23.82 15.73 28.16
N ASP A 192 -23.05 14.68 27.82
CA ASP A 192 -21.67 14.81 27.35
C ASP A 192 -21.42 14.03 26.06
N LYS A 193 -22.42 13.31 25.54
CA LYS A 193 -22.27 12.50 24.34
C LYS A 193 -21.19 11.44 24.54
N ALA A 194 -21.13 10.84 25.74
CA ALA A 194 -19.93 10.18 26.23
C ALA A 194 -20.18 8.76 26.76
N GLY A 195 -21.36 8.21 26.53
CA GLY A 195 -21.72 6.91 27.07
C GLY A 195 -20.95 5.76 26.42
N GLY A 196 -20.71 5.89 25.11
CA GLY A 196 -20.04 4.84 24.33
C GLY A 196 -20.89 3.56 24.24
N ASP A 197 -20.23 2.46 23.84
CA ASP A 197 -20.90 1.20 23.58
C ASP A 197 -19.86 0.06 23.69
N TYR A 198 -20.30 -1.18 23.45
CA TYR A 198 -19.55 -2.39 23.78
C TYR A 198 -18.20 -2.49 23.07
N TYR A 199 -18.04 -1.81 21.92
CA TYR A 199 -16.85 -1.94 21.11
C TYR A 199 -15.83 -0.81 21.36
N ASN A 200 -16.20 0.22 22.13
CA ASN A 200 -15.34 1.38 22.24
C ASN A 200 -14.13 1.02 23.10
N THR A 201 -12.96 1.58 22.74
CA THR A 201 -11.75 1.27 23.50
C THR A 201 -10.66 2.27 23.20
N ASN A 202 -9.77 2.47 24.17
CA ASN A 202 -8.61 3.30 23.98
C ASN A 202 -7.60 2.56 23.11
N PHE A 203 -7.69 1.22 23.10
CA PHE A 203 -6.68 0.39 22.46
C PHE A 203 -7.37 -0.64 21.56
N PRO A 204 -7.78 -0.20 20.34
CA PRO A 204 -8.23 -1.11 19.30
C PRO A 204 -6.97 -1.64 18.61
N GLN A 205 -7.12 -2.77 17.91
CA GLN A 205 -6.04 -3.25 17.06
C GLN A 205 -6.60 -4.16 15.99
N PRO A 206 -6.15 -4.03 14.72
CA PRO A 206 -6.65 -4.85 13.64
C PRO A 206 -6.01 -6.23 13.60
N THR A 207 -6.19 -6.98 14.70
CA THR A 207 -5.50 -8.25 14.89
C THR A 207 -6.41 -9.11 15.75
N TYR A 208 -6.74 -10.32 15.29
CA TYR A 208 -7.57 -11.23 16.07
C TYR A 208 -6.90 -12.59 16.08
N VAL A 209 -7.20 -13.36 17.15
CA VAL A 209 -6.76 -14.74 17.33
C VAL A 209 -7.97 -15.65 17.25
N SER A 210 -7.87 -16.75 16.48
CA SER A 210 -8.99 -17.67 16.30
C SER A 210 -8.83 -18.93 17.16
N SER A 211 -9.94 -19.54 17.57
CA SER A 211 -9.86 -20.81 18.28
C SER A 211 -9.33 -21.92 17.38
N LYS A 212 -9.16 -21.66 16.07
CA LYS A 212 -8.57 -22.63 15.16
C LYS A 212 -7.06 -22.53 15.23
N LYS A 213 -6.54 -21.67 16.11
CA LYS A 213 -5.13 -21.61 16.48
C LYS A 213 -4.33 -20.96 15.35
N TYR A 214 -4.85 -19.82 14.87
CA TYR A 214 -4.08 -18.90 14.06
C TYR A 214 -4.43 -17.48 14.53
N TYR A 215 -3.55 -16.51 14.22
CA TYR A 215 -3.86 -15.11 14.34
C TYR A 215 -3.80 -14.49 12.95
N CYS A 216 -4.61 -13.42 12.76
CA CYS A 216 -4.65 -12.65 11.54
C CYS A 216 -4.32 -11.21 11.90
N HIS A 217 -3.41 -10.60 11.14
CA HIS A 217 -3.07 -9.20 11.34
C HIS A 217 -3.21 -8.44 10.03
N VAL A 218 -3.90 -7.30 10.08
CA VAL A 218 -4.04 -6.42 8.93
C VAL A 218 -3.14 -5.21 9.16
N GLU A 219 -2.14 -5.05 8.30
CA GLU A 219 -1.25 -3.90 8.43
C GLU A 219 -1.92 -2.64 7.84
N THR A 220 -2.53 -1.85 8.74
CA THR A 220 -3.17 -0.57 8.42
C THR A 220 -3.21 0.23 9.71
N THR A 221 -3.36 1.56 9.62
CA THR A 221 -3.79 2.37 10.75
C THR A 221 -5.11 3.08 10.41
N ALA A 222 -5.80 2.65 9.35
CA ALA A 222 -7.08 3.24 9.00
C ALA A 222 -8.19 2.66 9.86
N TYR A 223 -9.34 3.35 9.86
CA TYR A 223 -10.55 2.84 10.47
C TYR A 223 -10.78 1.44 9.92
N ALA A 224 -11.18 0.52 10.79
CA ALA A 224 -11.53 -0.81 10.38
C ALA A 224 -12.68 -1.30 11.23
N ASP A 225 -13.33 -2.38 10.78
CA ASP A 225 -14.45 -2.93 11.52
C ASP A 225 -14.43 -4.43 11.28
N PHE A 226 -14.11 -5.18 12.34
CA PHE A 226 -14.04 -6.63 12.24
C PHE A 226 -15.40 -7.18 12.60
N ASP A 227 -16.04 -7.80 11.61
CA ASP A 227 -17.43 -8.24 11.72
C ASP A 227 -17.48 -9.76 11.91
N PHE A 228 -17.91 -10.18 13.12
CA PHE A 228 -17.98 -11.59 13.46
C PHE A 228 -19.41 -12.05 13.65
N ARG A 229 -20.33 -11.51 12.86
CA ARG A 229 -21.75 -11.80 13.03
C ARG A 229 -22.18 -13.00 12.19
N ASN A 230 -21.37 -13.41 11.20
CA ASN A 230 -21.81 -14.41 10.25
C ASN A 230 -21.20 -15.75 10.64
N GLU A 231 -21.99 -16.81 10.53
CA GLU A 231 -21.55 -18.15 10.92
C GLU A 231 -20.44 -18.65 10.01
N ALA A 232 -20.50 -18.30 8.72
CA ALA A 232 -19.66 -18.96 7.74
C ALA A 232 -18.36 -18.20 7.47
N PHE A 233 -18.22 -16.97 7.99
CA PHE A 233 -17.04 -16.16 7.71
C PHE A 233 -16.94 -14.98 8.67
N HIS A 234 -15.71 -14.54 8.92
CA HIS A 234 -15.45 -13.25 9.51
C HIS A 234 -15.26 -12.26 8.37
N GLU A 235 -15.78 -11.03 8.50
CA GLU A 235 -15.54 -10.02 7.48
C GLU A 235 -14.74 -8.88 8.08
N LEU A 236 -13.57 -8.63 7.49
CA LEU A 236 -12.69 -7.55 7.92
C LEU A 236 -12.85 -6.39 6.96
N GLN A 237 -13.48 -5.32 7.43
CA GLN A 237 -13.63 -4.09 6.69
C GLN A 237 -12.49 -3.14 7.05
N VAL A 238 -11.93 -2.49 6.03
CA VAL A 238 -10.92 -1.46 6.21
C VAL A 238 -11.25 -0.27 5.32
N TRP A 239 -10.98 0.96 5.80
CA TRP A 239 -11.27 2.17 5.04
C TRP A 239 -10.03 2.61 4.27
N GLU A 240 -9.38 1.59 3.70
CA GLU A 240 -8.38 1.68 2.66
C GLU A 240 -8.16 0.24 2.21
N VAL A 241 -7.48 0.06 1.08
CA VAL A 241 -6.96 -1.26 0.72
C VAL A 241 -5.66 -1.46 1.50
N PRO A 242 -5.60 -2.39 2.47
CA PRO A 242 -4.41 -2.52 3.33
C PRO A 242 -3.22 -3.00 2.51
N LYS A 243 -2.02 -2.53 2.85
CA LYS A 243 -0.79 -2.93 2.15
C LYS A 243 -0.68 -4.47 2.14
N TYR A 244 -0.90 -5.09 3.31
CA TYR A 244 -0.78 -6.53 3.42
C TYR A 244 -1.44 -7.05 4.70
N MET A 245 -1.65 -8.37 4.73
CA MET A 245 -2.02 -9.08 5.94
C MET A 245 -1.00 -10.20 6.22
N LEU A 246 -0.91 -10.59 7.50
CA LEU A 246 -0.10 -11.71 7.92
C LEU A 246 -0.98 -12.69 8.67
N PHE A 247 -0.86 -13.97 8.32
CA PHE A 247 -1.39 -15.06 9.14
C PHE A 247 -0.24 -15.92 9.64
N GLU A 248 -0.37 -16.45 10.86
CA GLU A 248 0.50 -17.48 11.38
C GLU A 248 -0.29 -18.48 12.25
N THR A 249 0.02 -19.77 12.10
CA THR A 249 -0.62 -20.83 12.86
C THR A 249 0.33 -21.29 13.97
N ALA A 250 -0.21 -22.11 14.89
CA ALA A 250 0.56 -22.71 15.98
C ALA A 250 -0.20 -23.93 16.53
N ASP A 251 0.50 -24.73 17.33
CA ASP A 251 -0.07 -25.97 17.87
C ASP A 251 -0.78 -25.68 19.20
N THR A 252 -0.41 -24.57 19.84
CA THR A 252 -0.80 -24.25 21.20
C THR A 252 -1.02 -22.74 21.31
N TYR A 253 -1.92 -22.32 22.21
CA TYR A 253 -2.12 -20.90 22.44
C TYR A 253 -0.85 -20.27 23.02
N LEU A 254 -0.14 -21.03 23.86
CA LEU A 254 1.16 -20.58 24.38
C LEU A 254 2.13 -20.27 23.25
N GLU A 255 2.15 -21.13 22.22
N GLU A 255 2.16 -21.13 22.21
CA GLU A 255 3.05 -20.94 21.09
CA GLU A 255 3.05 -20.95 21.08
C GLU A 255 2.54 -19.76 20.26
C GLU A 255 2.54 -19.76 20.26
N LEU A 256 1.23 -19.66 20.09
CA LEU A 256 0.65 -18.61 19.25
C LEU A 256 1.04 -17.21 19.76
N VAL A 257 0.93 -17.01 21.08
CA VAL A 257 1.16 -15.71 21.68
C VAL A 257 2.67 -15.43 21.65
N GLU A 258 3.46 -16.50 21.71
CA GLU A 258 4.90 -16.35 21.53
C GLU A 258 5.19 -15.85 20.11
N LYS A 259 4.51 -16.41 19.12
CA LYS A 259 4.74 -15.99 17.74
C LYS A 259 4.23 -14.56 17.53
N ILE A 260 3.11 -14.22 18.20
CA ILE A 260 2.47 -12.94 17.96
C ILE A 260 3.33 -11.83 18.57
N THR A 261 3.94 -12.09 19.73
CA THR A 261 4.90 -11.16 20.29
C THR A 261 6.20 -11.18 19.50
N GLY A 262 6.46 -12.28 18.78
CA GLY A 262 7.56 -12.36 17.86
C GLY A 262 7.41 -11.34 16.74
N LEU A 263 6.17 -11.09 16.31
CA LEU A 263 5.90 -10.14 15.27
C LEU A 263 5.92 -8.72 15.81
N PHE A 264 5.14 -8.46 16.87
CA PHE A 264 4.84 -7.09 17.27
C PHE A 264 5.89 -6.58 18.27
N GLY A 265 6.55 -7.49 19.00
CA GLY A 265 7.53 -7.12 20.02
C GLY A 265 7.13 -7.57 21.42
N ARG A 266 8.02 -7.31 22.38
CA ARG A 266 7.94 -7.82 23.74
C ARG A 266 8.24 -6.72 24.75
N GLN A 267 7.54 -6.78 25.89
CA GLN A 267 7.71 -5.77 26.90
C GLN A 267 8.96 -6.10 27.70
N PRO A 268 9.62 -5.09 28.32
CA PRO A 268 10.67 -5.32 29.31
C PRO A 268 10.16 -5.94 30.60
N GLU A 269 11.10 -6.43 31.42
CA GLU A 269 10.83 -6.82 32.79
C GLU A 269 10.50 -5.54 33.53
N LEU A 270 9.60 -5.61 34.51
CA LEU A 270 9.33 -4.47 35.36
C LEU A 270 10.53 -4.25 36.28
N PRO A 271 10.77 -3.00 36.72
CA PRO A 271 11.80 -2.70 37.71
C PRO A 271 11.58 -3.49 38.99
N GLU A 272 12.69 -3.82 39.70
CA GLU A 272 12.61 -4.66 40.90
C GLU A 272 11.76 -3.95 41.95
N TRP A 273 11.82 -2.61 41.99
CA TRP A 273 11.16 -1.87 43.05
C TRP A 273 9.64 -2.01 43.03
N VAL A 274 9.05 -2.37 41.88
CA VAL A 274 7.59 -2.53 41.78
C VAL A 274 7.08 -3.59 42.76
N TYR A 275 7.90 -4.60 43.03
CA TYR A 275 7.49 -5.75 43.81
C TYR A 275 7.46 -5.45 45.32
N ASN A 276 7.90 -4.25 45.72
CA ASN A 276 7.90 -3.83 47.10
C ASN A 276 6.51 -3.47 47.64
N GLY A 277 5.50 -3.37 46.74
CA GLY A 277 4.12 -3.23 47.18
C GLY A 277 3.35 -2.19 46.38
N VAL A 278 2.42 -1.51 47.07
CA VAL A 278 1.40 -0.68 46.44
C VAL A 278 2.03 0.63 46.01
N VAL A 279 1.67 1.08 44.80
CA VAL A 279 1.89 2.44 44.35
C VAL A 279 0.69 3.24 44.82
N LEU A 280 0.90 4.14 45.79
CA LEU A 280 -0.22 4.87 46.39
C LEU A 280 -0.55 6.10 45.58
N GLY A 281 -1.80 6.17 45.11
CA GLY A 281 -2.27 7.35 44.39
C GLY A 281 -2.74 8.43 45.36
N ILE A 282 -1.95 9.52 45.46
CA ILE A 282 -2.23 10.58 46.42
C ILE A 282 -2.03 11.92 45.75
N GLN A 283 -2.95 12.86 46.01
CA GLN A 283 -2.85 14.21 45.47
C GLN A 283 -2.88 15.19 46.63
N GLY A 284 -2.59 16.47 46.32
CA GLY A 284 -2.83 17.57 47.23
C GLY A 284 -1.59 18.08 47.95
N GLY A 285 -0.40 17.70 47.48
CA GLY A 285 0.84 18.36 47.88
C GLY A 285 1.72 17.51 48.77
N THR A 286 2.94 18.01 49.02
CA THR A 286 4.02 17.26 49.67
C THR A 286 3.65 16.85 51.09
N ASP A 287 3.12 17.80 51.86
CA ASP A 287 2.72 17.59 53.24
C ASP A 287 1.72 16.44 53.32
N VAL A 288 0.70 16.44 52.46
CA VAL A 288 -0.35 15.43 52.56
C VAL A 288 0.24 14.08 52.16
N VAL A 289 1.18 14.08 51.20
CA VAL A 289 1.72 12.80 50.79
C VAL A 289 2.54 12.22 51.94
N GLU A 290 3.33 13.05 52.61
CA GLU A 290 4.20 12.59 53.68
C GLU A 290 3.38 12.03 54.84
N GLN A 291 2.25 12.67 55.14
CA GLN A 291 1.46 12.27 56.29
C GLN A 291 0.76 10.94 55.99
N LYS A 292 0.28 10.76 54.76
CA LYS A 292 -0.42 9.53 54.43
C LYS A 292 0.58 8.37 54.32
N LEU A 293 1.78 8.66 53.81
CA LEU A 293 2.83 7.65 53.71
C LEU A 293 3.17 7.14 55.11
N GLU A 294 3.32 8.05 56.08
CA GLU A 294 3.72 7.68 57.44
C GLU A 294 2.59 6.90 58.11
N LYS A 295 1.33 7.32 57.92
CA LYS A 295 0.20 6.69 58.58
C LYS A 295 0.06 5.25 58.11
N VAL A 296 0.33 5.03 56.83
CA VAL A 296 0.14 3.75 56.18
C VAL A 296 1.28 2.80 56.52
N LEU A 297 2.52 3.30 56.51
CA LEU A 297 3.68 2.50 56.84
C LEU A 297 3.54 1.96 58.27
N ALA A 298 3.06 2.82 59.18
CA ALA A 298 2.88 2.47 60.57
C ALA A 298 1.87 1.33 60.73
N LYS A 299 0.90 1.21 59.82
CA LYS A 299 -0.08 0.13 59.93
C LYS A 299 0.38 -1.10 59.15
N GLY A 300 1.62 -1.08 58.65
CA GLY A 300 2.25 -2.27 58.10
C GLY A 300 2.03 -2.47 56.60
N MET A 301 1.55 -1.45 55.90
CA MET A 301 1.30 -1.57 54.47
C MET A 301 2.64 -1.58 53.74
N LYS A 302 2.75 -2.44 52.72
CA LYS A 302 3.94 -2.48 51.90
C LYS A 302 3.75 -1.55 50.72
N VAL A 303 4.61 -0.53 50.65
CA VAL A 303 4.51 0.54 49.67
C VAL A 303 5.71 0.49 48.74
N SER A 304 5.48 0.48 47.41
CA SER A 304 6.55 0.51 46.44
C SER A 304 6.91 1.96 46.11
N GLY A 305 5.89 2.81 46.09
CA GLY A 305 6.09 4.18 45.66
C GLY A 305 4.84 5.01 45.87
N VAL A 306 5.00 6.30 45.67
CA VAL A 306 3.86 7.18 45.69
C VAL A 306 3.73 7.82 44.31
N TRP A 307 2.48 7.89 43.80
CA TRP A 307 2.15 8.43 42.51
C TRP A 307 1.27 9.68 42.69
N CYS A 308 1.83 10.84 42.30
CA CYS A 308 1.22 12.15 42.50
C CYS A 308 1.02 12.82 41.14
N GLN A 309 -0.17 12.59 40.55
CA GLN A 309 -0.45 13.03 39.19
C GLN A 309 -0.50 14.55 39.09
N ASP A 310 -0.66 15.25 40.22
CA ASP A 310 -0.76 16.71 40.26
C ASP A 310 0.58 17.37 40.58
N TRP A 311 1.67 16.63 40.44
CA TRP A 311 3.02 17.14 40.69
C TRP A 311 3.31 18.37 39.86
N GLN A 312 2.75 18.47 38.65
CA GLN A 312 2.97 19.60 37.76
C GLN A 312 1.87 20.64 37.93
N GLY A 313 0.84 20.33 38.73
CA GLY A 313 -0.24 21.28 38.99
C GLY A 313 -1.64 20.68 38.80
N LYS A 314 -2.58 21.06 39.67
CA LYS A 314 -3.99 20.68 39.57
C LYS A 314 -4.75 21.66 38.67
N ARG A 315 -5.98 21.27 38.31
CA ARG A 315 -6.89 22.13 37.56
C ARG A 315 -8.31 21.64 37.85
N ILE A 316 -9.12 22.51 38.47
CA ILE A 316 -10.49 22.17 38.81
C ILE A 316 -11.37 22.49 37.60
N THR A 317 -12.25 21.55 37.24
CA THR A 317 -13.30 21.78 36.25
C THR A 317 -14.62 21.28 36.85
N SER A 318 -15.70 21.40 36.08
CA SER A 318 -16.97 20.83 36.48
C SER A 318 -16.89 19.30 36.54
N PHE A 319 -15.93 18.72 35.83
CA PHE A 319 -15.71 17.28 35.86
C PHE A 319 -15.16 16.84 37.23
N GLY A 320 -14.40 17.73 37.90
CA GLY A 320 -13.77 17.42 39.18
C GLY A 320 -12.33 17.94 39.23
N LYS A 321 -11.47 17.23 39.97
CA LYS A 321 -10.07 17.59 40.11
C LYS A 321 -9.27 16.96 38.97
N ARG A 322 -8.91 17.80 37.99
CA ARG A 322 -8.09 17.41 36.86
C ARG A 322 -6.69 18.00 37.03
N LEU A 323 -5.96 18.21 35.95
CA LEU A 323 -4.54 18.59 36.02
C LEU A 323 -4.23 19.73 35.07
N MET A 324 -3.20 20.50 35.43
CA MET A 324 -2.67 21.50 34.52
C MET A 324 -1.66 20.83 33.60
N TRP A 325 -1.94 20.85 32.30
CA TRP A 325 -1.19 20.06 31.33
C TRP A 325 0.05 20.82 30.86
N ASN A 326 1.02 20.94 31.78
CA ASN A 326 2.32 21.56 31.53
C ASN A 326 3.36 20.80 32.35
N TRP A 327 4.25 20.08 31.64
CA TRP A 327 4.97 18.97 32.23
C TRP A 327 6.27 19.46 32.89
N LYS A 328 6.10 20.17 34.01
CA LYS A 328 7.21 20.67 34.82
C LYS A 328 6.73 20.80 36.27
N TRP A 329 7.61 20.40 37.21
CA TRP A 329 7.33 20.47 38.63
C TRP A 329 6.73 21.82 39.04
N ASN A 330 5.64 21.77 39.81
CA ASN A 330 4.96 22.93 40.34
C ASN A 330 5.37 23.17 41.80
N GLU A 331 6.22 24.18 42.00
CA GLU A 331 6.86 24.39 43.29
C GLU A 331 5.88 24.88 44.36
N SER A 332 4.77 25.51 43.99
CA SER A 332 3.83 26.02 44.99
C SER A 332 3.00 24.86 45.52
N GLU A 333 2.53 23.98 44.63
CA GLU A 333 1.62 22.94 45.06
C GLU A 333 2.41 21.81 45.72
N TYR A 334 3.65 21.58 45.24
CA TYR A 334 4.51 20.50 45.72
C TYR A 334 5.83 21.09 46.21
N PRO A 335 5.85 21.82 47.36
CA PRO A 335 7.06 22.43 47.86
C PRO A 335 7.99 21.31 48.33
N GLU A 336 9.25 21.50 47.93
CA GLU A 336 10.40 20.75 48.40
C GLU A 336 10.38 19.34 47.82
N LEU A 337 9.60 19.12 46.75
CA LEU A 337 9.51 17.82 46.11
C LEU A 337 10.90 17.33 45.68
N ASP A 338 11.73 18.23 45.16
CA ASP A 338 13.07 17.87 44.72
C ASP A 338 13.85 17.19 45.85
N LYS A 339 13.72 17.68 47.06
CA LYS A 339 14.46 17.10 48.18
C LYS A 339 13.74 15.85 48.71
N LYS A 340 12.39 15.88 48.75
CA LYS A 340 11.63 14.78 49.34
C LYS A 340 11.74 13.51 48.49
N ILE A 341 11.88 13.67 47.16
CA ILE A 341 11.92 12.51 46.29
C ILE A 341 13.11 11.63 46.69
N ALA A 342 14.27 12.28 46.85
CA ALA A 342 15.50 11.57 47.19
C ALA A 342 15.40 11.02 48.61
N GLU A 343 14.72 11.76 49.50
CA GLU A 343 14.52 11.33 50.89
C GLU A 343 13.68 10.05 50.89
N TRP A 344 12.61 10.07 50.09
CA TRP A 344 11.73 8.92 50.04
C TRP A 344 12.49 7.73 49.43
N LYS A 345 13.38 8.00 48.46
CA LYS A 345 14.14 6.93 47.82
C LYS A 345 15.02 6.24 48.86
N GLU A 346 15.62 6.99 49.79
CA GLU A 346 16.48 6.39 50.81
C GLU A 346 15.64 5.60 51.82
N ASN A 347 14.30 5.73 51.81
CA ASN A 347 13.45 4.87 52.61
C ASN A 347 12.74 3.84 51.71
N ASP A 348 13.26 3.61 50.50
CA ASP A 348 12.74 2.59 49.59
C ASP A 348 11.34 2.94 49.09
N ILE A 349 11.09 4.22 48.84
CA ILE A 349 9.80 4.64 48.31
C ILE A 349 10.03 5.51 47.07
N ARG A 350 9.62 4.97 45.93
CA ARG A 350 9.81 5.64 44.66
C ARG A 350 8.69 6.66 44.44
N PHE A 351 8.85 7.44 43.38
CA PHE A 351 7.99 8.58 43.09
C PHE A 351 7.58 8.55 41.62
N LEU A 352 6.27 8.65 41.37
CA LEU A 352 5.79 8.62 39.99
C LEU A 352 4.95 9.86 39.70
N GLY A 353 5.06 10.37 38.47
CA GLY A 353 4.31 11.54 38.04
C GLY A 353 3.33 11.22 36.91
N TYR A 354 3.19 12.18 35.96
CA TYR A 354 2.13 12.17 34.95
C TYR A 354 2.57 13.05 33.77
N ILE A 355 2.30 12.57 32.56
CA ILE A 355 2.41 13.38 31.36
C ILE A 355 1.38 12.86 30.36
N ASN A 356 1.01 13.71 29.40
CA ASN A 356 0.24 13.27 28.25
C ASN A 356 0.77 13.98 27.01
N PRO A 357 0.35 13.62 25.79
CA PRO A 357 0.93 14.18 24.57
C PRO A 357 0.39 15.53 24.15
N TYR A 358 -0.34 16.22 25.04
CA TYR A 358 -0.92 17.51 24.71
C TYR A 358 -0.41 18.58 25.66
N VAL A 359 -0.50 19.86 25.26
CA VAL A 359 -0.01 20.97 26.08
C VAL A 359 -1.05 22.07 26.21
N ALA A 360 -1.29 22.52 27.44
CA ALA A 360 -2.32 23.53 27.71
C ALA A 360 -1.89 24.92 27.27
N ILE A 361 -2.85 25.68 26.69
CA ILE A 361 -2.61 27.00 26.09
C ILE A 361 -2.00 27.97 27.10
N GLU A 362 -2.37 27.84 28.38
CA GLU A 362 -1.91 28.76 29.41
C GLU A 362 -0.44 28.55 29.76
N GLY A 363 0.14 27.39 29.41
CA GLY A 363 1.46 26.98 29.88
C GLY A 363 2.62 27.41 28.97
N ASP A 364 3.83 27.28 29.51
CA ASP A 364 5.05 27.71 28.81
C ASP A 364 5.41 26.72 27.70
N LEU A 365 5.06 25.44 27.91
CA LEU A 365 5.38 24.42 26.93
C LEU A 365 4.60 24.63 25.64
N TYR A 366 3.31 24.97 25.79
CA TYR A 366 2.49 25.32 24.63
C TYR A 366 3.15 26.49 23.88
N LYS A 367 3.59 27.51 24.65
CA LYS A 367 4.12 28.74 24.06
C LYS A 367 5.40 28.40 23.29
N GLU A 368 6.25 27.57 23.93
CA GLU A 368 7.52 27.16 23.35
C GLU A 368 7.28 26.40 22.05
N ALA A 369 6.35 25.43 22.11
CA ALA A 369 6.02 24.60 20.95
C ALA A 369 5.50 25.43 19.78
N GLU A 370 4.57 26.36 20.07
CA GLU A 370 4.00 27.24 19.05
C GLU A 370 5.11 28.03 18.34
N ASP A 371 6.06 28.59 19.12
CA ASP A 371 7.13 29.42 18.56
C ASP A 371 8.05 28.57 17.69
N LYS A 372 8.30 27.31 18.09
CA LYS A 372 9.19 26.41 17.35
C LYS A 372 8.43 25.67 16.23
N GLY A 373 7.09 25.81 16.17
CA GLY A 373 6.31 25.13 15.14
C GLY A 373 6.15 23.63 15.39
N TYR A 374 5.94 23.23 16.67
CA TYR A 374 5.94 21.83 17.04
C TYR A 374 4.52 21.31 17.18
N LEU A 375 3.54 22.19 16.92
CA LEU A 375 2.16 21.83 17.18
C LEU A 375 1.44 21.55 15.87
N ALA A 376 0.45 20.66 15.94
CA ALA A 376 -0.37 20.35 14.79
C ALA A 376 -1.16 21.60 14.38
N LEU A 377 -1.51 21.68 13.09
CA LEU A 377 -2.11 22.88 12.55
C LEU A 377 -3.55 22.58 12.09
N ASN A 378 -4.34 23.65 11.91
CA ASN A 378 -5.63 23.58 11.24
C ASN A 378 -5.47 23.99 9.79
N THR A 379 -6.59 24.01 9.04
CA THR A 379 -6.56 24.29 7.61
C THR A 379 -6.16 25.74 7.34
N GLU A 380 -6.39 26.62 8.33
CA GLU A 380 -6.06 28.03 8.23
C GLU A 380 -4.57 28.26 8.50
N GLY A 381 -3.83 27.23 8.93
CA GLY A 381 -2.39 27.35 9.10
C GLY A 381 -1.98 27.73 10.52
N ASN A 382 -2.93 27.77 11.46
CA ASN A 382 -2.64 28.10 12.86
C ASN A 382 -2.68 26.85 13.73
N THR A 383 -2.33 27.01 15.01
CA THR A 383 -2.38 25.94 15.98
C THR A 383 -3.80 25.37 16.06
N TYR A 384 -3.91 24.04 15.92
CA TYR A 384 -5.17 23.36 16.16
C TYR A 384 -5.36 23.23 17.67
N LEU A 385 -6.52 23.69 18.14
CA LEU A 385 -6.83 23.66 19.56
C LEU A 385 -7.91 22.61 19.79
N VAL A 386 -7.66 21.67 20.71
CA VAL A 386 -8.61 20.61 20.97
C VAL A 386 -9.31 20.86 22.30
N ASP A 387 -10.63 20.68 22.32
CA ASP A 387 -11.44 20.77 23.53
C ASP A 387 -11.28 19.49 24.35
N PHE A 388 -10.66 19.59 25.53
CA PHE A 388 -10.50 18.45 26.43
C PHE A 388 -11.55 18.48 27.54
N GLY A 389 -12.44 19.47 27.52
CA GLY A 389 -13.45 19.61 28.55
C GLY A 389 -13.22 20.82 29.43
N GLU A 390 -13.66 22.00 28.96
CA GLU A 390 -13.56 23.27 29.66
C GLU A 390 -12.12 23.78 29.66
N PHE A 391 -11.25 23.18 28.85
CA PHE A 391 -9.93 23.74 28.61
C PHE A 391 -9.49 23.28 27.24
N TYR A 392 -8.52 24.01 26.65
CA TYR A 392 -8.08 23.76 25.29
C TYR A 392 -6.58 23.57 25.29
N CYS A 393 -6.10 22.67 24.44
CA CYS A 393 -4.69 22.31 24.39
C CYS A 393 -4.24 22.08 22.95
N GLY A 394 -2.93 22.24 22.72
CA GLY A 394 -2.35 21.95 21.42
C GLY A 394 -1.91 20.49 21.38
N VAL A 395 -1.73 20.00 20.16
CA VAL A 395 -1.31 18.62 19.95
C VAL A 395 0.14 18.66 19.47
N VAL A 396 1.05 18.06 20.25
CA VAL A 396 2.43 18.01 19.82
C VAL A 396 2.51 17.06 18.63
N ASP A 397 3.09 17.55 17.53
CA ASP A 397 3.01 16.86 16.25
C ASP A 397 4.12 15.84 16.13
N PHE A 398 3.82 14.58 16.51
CA PHE A 398 4.85 13.55 16.54
C PHE A 398 5.19 13.07 15.12
N THR A 399 4.60 13.69 14.08
CA THR A 399 5.03 13.43 12.72
C THR A 399 6.24 14.29 12.39
N ASN A 400 6.54 15.26 13.25
CA ASN A 400 7.69 16.14 13.10
C ASN A 400 8.80 15.64 14.01
N GLU A 401 9.86 15.09 13.40
CA GLU A 401 10.92 14.43 14.16
C GLU A 401 11.57 15.41 15.12
N GLU A 402 11.65 16.69 14.74
CA GLU A 402 12.25 17.71 15.59
C GLU A 402 11.37 17.93 16.83
N ALA A 403 10.05 17.92 16.65
CA ALA A 403 9.12 18.08 17.74
C ALA A 403 9.14 16.87 18.65
N THR A 404 9.35 15.69 18.07
CA THR A 404 9.45 14.45 18.83
C THR A 404 10.66 14.50 19.75
N GLU A 405 11.82 14.86 19.18
CA GLU A 405 13.05 14.98 19.94
C GLU A 405 12.89 16.01 21.05
N TRP A 406 12.19 17.11 20.75
CA TRP A 406 11.94 18.17 21.72
C TRP A 406 11.16 17.62 22.92
N TYR A 407 10.10 16.86 22.66
CA TYR A 407 9.25 16.35 23.74
C TYR A 407 10.02 15.32 24.56
N LYS A 408 10.89 14.54 23.91
CA LYS A 408 11.73 13.57 24.59
C LYS A 408 12.72 14.27 25.52
N GLN A 409 13.25 15.42 25.10
CA GLN A 409 14.16 16.21 25.92
C GLN A 409 13.37 16.75 27.12
N VAL A 410 12.10 17.16 26.91
CA VAL A 410 11.23 17.59 28.00
C VAL A 410 11.09 16.50 29.05
N ILE A 411 10.94 15.24 28.60
CA ILE A 411 10.85 14.13 29.52
C ILE A 411 12.18 13.94 30.23
N LYS A 412 13.31 13.96 29.49
CA LYS A 412 14.62 13.70 30.06
C LYS A 412 14.88 14.75 31.15
N GLU A 413 14.60 16.03 30.83
CA GLU A 413 14.94 17.17 31.67
C GLU A 413 14.01 17.26 32.90
N ASN A 414 12.68 17.24 32.68
CA ASN A 414 11.73 17.64 33.70
C ASN A 414 11.21 16.45 34.51
N MET A 415 11.37 15.23 33.99
CA MET A 415 10.85 14.04 34.66
C MET A 415 11.99 13.11 35.05
N ILE A 416 12.79 12.65 34.08
CA ILE A 416 13.80 11.64 34.39
C ILE A 416 14.91 12.24 35.26
N ASP A 417 15.48 13.36 34.82
CA ASP A 417 16.53 14.02 35.60
C ASP A 417 16.02 14.57 36.92
N PHE A 418 14.72 14.82 37.03
CA PHE A 418 14.13 15.35 38.25
C PHE A 418 13.97 14.21 39.26
N GLY A 419 14.03 12.96 38.78
CA GLY A 419 14.12 11.78 39.64
C GLY A 419 12.82 10.97 39.72
N LEU A 420 11.93 11.15 38.76
CA LEU A 420 10.75 10.28 38.62
C LEU A 420 11.19 8.87 38.27
N ASP A 421 10.63 7.87 38.96
CA ASP A 421 10.88 6.47 38.69
C ASP A 421 9.84 5.94 37.71
N GLY A 422 8.84 6.78 37.42
CA GLY A 422 7.79 6.37 36.52
C GLY A 422 6.72 7.45 36.44
N TRP A 423 5.68 7.14 35.67
CA TRP A 423 4.60 8.06 35.45
C TRP A 423 3.49 7.37 34.69
N MET A 424 2.27 7.90 34.87
CA MET A 424 1.17 7.68 33.95
C MET A 424 1.45 8.48 32.70
N ALA A 425 1.39 7.80 31.55
CA ALA A 425 1.46 8.39 30.23
C ALA A 425 0.07 8.29 29.58
N ASP A 426 -0.74 9.32 29.80
CA ASP A 426 -2.16 9.25 29.57
C ASP A 426 -2.47 9.62 28.13
N PHE A 427 -3.69 9.26 27.70
CA PHE A 427 -4.31 9.75 26.48
C PHE A 427 -3.57 9.21 25.28
N GLY A 428 -3.70 9.89 24.15
CA GLY A 428 -3.23 9.41 22.86
C GLY A 428 -4.38 9.17 21.87
N GLU A 429 -5.63 9.39 22.28
CA GLU A 429 -6.75 8.93 21.47
C GLU A 429 -7.52 10.08 20.82
N TYR A 430 -7.05 11.34 20.95
CA TYR A 430 -7.88 12.48 20.62
C TYR A 430 -7.45 13.19 19.33
N LEU A 431 -6.76 12.53 18.40
CA LEU A 431 -6.42 13.21 17.15
C LEU A 431 -7.69 13.47 16.32
N PRO A 432 -8.05 14.74 16.07
CA PRO A 432 -9.19 15.06 15.21
C PRO A 432 -8.83 14.77 13.76
N THR A 433 -9.84 14.36 12.97
CA THR A 433 -9.61 13.95 11.61
C THR A 433 -9.41 15.14 10.67
N ASP A 434 -9.50 16.39 11.16
CA ASP A 434 -9.31 17.55 10.31
C ASP A 434 -8.01 18.28 10.65
N VAL A 435 -7.12 17.66 11.44
CA VAL A 435 -5.84 18.29 11.73
C VAL A 435 -4.96 18.17 10.50
N VAL A 436 -3.94 19.04 10.44
CA VAL A 436 -2.91 19.01 9.42
C VAL A 436 -1.57 18.76 10.12
N LEU A 437 -0.85 17.73 9.65
CA LEU A 437 0.35 17.28 10.32
C LEU A 437 1.55 17.52 9.40
N LYS A 438 2.75 17.61 10.01
CA LYS A 438 3.96 17.90 9.25
C LYS A 438 4.17 16.91 8.11
N ASN A 439 3.89 15.63 8.33
CA ASN A 439 4.14 14.62 7.32
C ASN A 439 3.08 14.67 6.21
N ARG A 440 2.09 15.56 6.33
CA ARG A 440 1.07 15.77 5.30
C ARG A 440 0.27 14.49 5.02
N ILE A 441 0.17 13.57 5.99
CA ILE A 441 -0.65 12.39 5.83
C ILE A 441 -2.03 12.65 6.46
N ASP A 442 -3.07 12.05 5.87
CA ASP A 442 -4.42 12.34 6.30
C ASP A 442 -4.60 11.88 7.75
N ALA A 443 -5.27 12.71 8.55
CA ALA A 443 -5.49 12.42 9.95
C ALA A 443 -6.39 11.21 10.14
N LYS A 444 -7.18 10.88 9.13
CA LYS A 444 -8.00 9.66 9.13
C LYS A 444 -7.10 8.43 9.18
N ILE A 445 -5.84 8.59 8.75
CA ILE A 445 -4.88 7.49 8.79
C ILE A 445 -3.94 7.67 9.99
N MET A 446 -3.67 8.90 10.42
CA MET A 446 -2.76 9.13 11.53
C MET A 446 -3.42 8.92 12.89
N HIS A 447 -4.75 8.99 12.95
CA HIS A 447 -5.47 8.98 14.22
C HIS A 447 -5.13 7.74 15.05
N ASN A 448 -5.24 6.57 14.43
CA ASN A 448 -5.00 5.31 15.11
C ASN A 448 -3.52 5.06 15.36
N ALA A 449 -2.64 5.77 14.65
CA ALA A 449 -1.20 5.57 14.78
C ALA A 449 -0.68 6.29 16.01
N TRP A 450 -1.46 7.27 16.51
CA TRP A 450 -0.96 8.21 17.50
C TRP A 450 -0.56 7.49 18.80
N PRO A 451 -1.38 6.56 19.33
CA PRO A 451 -1.02 5.90 20.58
C PRO A 451 0.37 5.25 20.54
N THR A 452 0.66 4.56 19.45
CA THR A 452 1.94 3.89 19.30
C THR A 452 3.08 4.92 19.20
N MET A 453 2.81 6.03 18.49
CA MET A 453 3.81 7.08 18.38
C MET A 453 4.06 7.68 19.76
N TRP A 454 2.99 7.90 20.51
CA TRP A 454 3.08 8.40 21.88
C TRP A 454 3.87 7.43 22.74
N ALA A 455 3.62 6.13 22.59
CA ALA A 455 4.36 5.14 23.36
C ALA A 455 5.84 5.22 23.02
N LYS A 456 6.15 5.30 21.71
CA LYS A 456 7.53 5.27 21.23
C LYS A 456 8.31 6.42 21.84
N VAL A 457 7.67 7.59 21.99
CA VAL A 457 8.28 8.75 22.62
C VAL A 457 8.72 8.42 24.02
N ASN A 458 7.85 7.79 24.79
CA ASN A 458 8.15 7.42 26.17
C ASN A 458 9.29 6.41 26.18
N TYR A 459 9.18 5.37 25.34
CA TYR A 459 10.19 4.32 25.27
C TYR A 459 11.57 4.91 24.93
N GLU A 460 11.65 5.80 23.94
CA GLU A 460 12.93 6.34 23.49
C GLU A 460 13.51 7.29 24.54
N ALA A 461 12.68 8.03 25.26
CA ALA A 461 13.19 8.92 26.29
C ALA A 461 13.82 8.07 27.41
N VAL A 462 13.14 6.98 27.77
CA VAL A 462 13.60 6.11 28.83
C VAL A 462 14.85 5.37 28.37
N SER A 463 14.81 4.82 27.16
CA SER A 463 15.91 4.03 26.64
C SER A 463 17.17 4.88 26.47
N GLU A 464 17.02 6.07 25.88
CA GLU A 464 18.15 6.94 25.59
C GLU A 464 18.78 7.47 26.87
N ALA A 465 18.06 7.45 27.98
CA ALA A 465 18.59 7.86 29.25
C ALA A 465 19.23 6.67 29.98
N GLY A 466 19.16 5.47 29.40
CA GLY A 466 19.70 4.27 30.02
C GLY A 466 18.92 3.82 31.24
N LYS A 467 17.59 4.06 31.23
CA LYS A 467 16.74 3.77 32.38
C LYS A 467 15.75 2.64 32.07
N LEU A 468 15.95 1.93 30.96
CA LEU A 468 15.08 0.82 30.60
C LEU A 468 15.26 -0.29 31.65
N GLY A 469 14.17 -0.74 32.25
CA GLY A 469 14.28 -1.69 33.35
C GLY A 469 14.26 -1.02 34.71
N GLU A 470 14.44 0.31 34.76
CA GLU A 470 14.47 1.07 36.02
C GLU A 470 13.29 2.03 36.14
N ILE A 471 12.84 2.60 35.01
CA ILE A 471 11.68 3.48 34.97
C ILE A 471 10.52 2.76 34.26
N VAL A 472 9.32 2.80 34.88
CA VAL A 472 8.13 2.25 34.23
C VAL A 472 7.09 3.35 34.07
N TYR A 473 6.54 3.46 32.86
CA TYR A 473 5.42 4.32 32.57
C TYR A 473 4.24 3.38 32.23
N PHE A 474 3.01 3.88 32.44
CA PHE A 474 1.84 3.08 32.14
C PHE A 474 0.88 3.91 31.27
N MET A 475 0.27 3.22 30.29
CA MET A 475 -0.56 3.83 29.27
C MET A 475 -1.89 3.09 29.19
N ARG A 476 -2.91 3.79 28.70
CA ARG A 476 -4.25 3.25 28.54
C ARG A 476 -4.61 3.09 27.07
N ALA A 477 -4.06 3.96 26.22
CA ALA A 477 -4.32 3.96 24.79
C ALA A 477 -3.31 3.08 24.08
N GLY A 478 -3.67 2.58 22.89
CA GLY A 478 -2.75 1.74 22.16
C GLY A 478 -3.16 1.54 20.71
N TYR A 479 -2.22 0.99 19.95
CA TYR A 479 -2.47 0.45 18.61
C TYR A 479 -1.33 -0.53 18.31
N THR A 480 -1.37 -1.15 17.13
CA THR A 480 -0.31 -2.05 16.71
C THR A 480 1.05 -1.49 17.12
N GLY A 481 1.80 -2.27 17.91
CA GLY A 481 3.21 -1.99 18.15
C GLY A 481 3.51 -1.51 19.56
N ILE A 482 2.48 -1.23 20.37
CA ILE A 482 2.74 -0.92 21.77
C ILE A 482 3.19 -2.18 22.52
N GLN A 483 3.12 -3.32 21.86
CA GLN A 483 3.68 -4.55 22.40
C GLN A 483 5.16 -4.34 22.69
N LYS A 484 5.82 -3.47 21.93
CA LYS A 484 7.20 -3.11 22.21
C LYS A 484 7.30 -1.82 23.02
N TYR A 485 6.49 -0.83 22.68
CA TYR A 485 6.80 0.53 23.12
C TYR A 485 6.11 0.87 24.44
N CYS A 486 5.15 0.03 24.87
CA CYS A 486 4.48 0.31 26.13
C CYS A 486 4.95 -0.69 27.20
N THR A 487 5.56 -0.13 28.23
CA THR A 487 6.16 -0.83 29.33
C THR A 487 5.09 -1.40 30.28
N LEU A 488 3.88 -0.83 30.29
CA LEU A 488 2.81 -1.31 31.16
C LEU A 488 1.46 -0.68 30.75
N LEU A 489 0.43 -1.52 30.59
CA LEU A 489 -0.91 -1.03 30.35
C LEU A 489 -1.63 -0.82 31.69
N TRP A 490 -2.61 0.07 31.69
CA TRP A 490 -3.68 0.06 32.67
C TRP A 490 -5.01 0.22 31.93
N GLY A 491 -6.11 -0.13 32.61
CA GLY A 491 -7.40 -0.31 31.95
C GLY A 491 -8.11 1.03 31.71
N GLY A 492 -7.42 2.14 31.98
CA GLY A 492 -8.01 3.46 31.89
C GLY A 492 -9.10 3.66 32.93
N ASP A 493 -10.02 4.58 32.61
CA ASP A 493 -11.04 5.01 33.55
C ASP A 493 -12.21 4.03 33.52
N GLN A 494 -12.35 3.25 34.61
CA GLN A 494 -13.57 2.52 34.88
C GLN A 494 -14.48 3.41 35.70
N SER A 495 -15.78 3.16 35.60
CA SER A 495 -16.76 3.74 36.50
C SER A 495 -16.53 3.18 37.89
N VAL A 496 -16.75 4.00 38.92
CA VAL A 496 -16.65 3.55 40.30
C VAL A 496 -17.93 2.78 40.68
N ASP A 497 -18.19 1.67 39.99
CA ASP A 497 -19.40 0.89 40.23
C ASP A 497 -19.13 -0.61 39.98
N TRP A 498 -20.20 -1.39 40.07
CA TRP A 498 -20.14 -2.83 39.90
C TRP A 498 -20.69 -3.27 38.53
N SER A 499 -20.91 -2.34 37.58
CA SER A 499 -21.44 -2.72 36.28
C SER A 499 -20.45 -3.65 35.55
N LEU A 500 -20.99 -4.53 34.70
CA LEU A 500 -20.21 -5.42 33.87
C LEU A 500 -19.45 -4.64 32.80
N ASP A 501 -20.08 -3.60 32.23
CA ASP A 501 -19.52 -2.98 31.04
C ASP A 501 -18.51 -1.89 31.35
N ASP A 502 -18.51 -1.32 32.56
CA ASP A 502 -17.56 -0.24 32.84
C ASP A 502 -17.10 -0.23 34.30
N GLY A 503 -17.48 -1.24 35.09
CA GLY A 503 -17.05 -1.34 36.48
C GLY A 503 -15.87 -2.29 36.68
N LEU A 504 -15.75 -2.85 37.89
CA LEU A 504 -14.62 -3.67 38.30
C LEU A 504 -14.46 -4.84 37.35
N ALA A 505 -15.55 -5.49 36.98
CA ALA A 505 -15.51 -6.67 36.14
C ALA A 505 -14.88 -6.37 34.77
N SER A 506 -15.10 -5.17 34.24
CA SER A 506 -14.70 -4.88 32.86
C SER A 506 -13.19 -5.03 32.69
N VAL A 507 -12.44 -4.92 33.79
CA VAL A 507 -10.99 -5.01 33.75
C VAL A 507 -10.52 -6.40 33.30
N ILE A 508 -11.29 -7.43 33.61
CA ILE A 508 -10.79 -8.78 33.42
C ILE A 508 -10.73 -9.09 31.91
N PRO A 509 -11.80 -8.92 31.12
CA PRO A 509 -11.68 -9.08 29.66
C PRO A 509 -10.66 -8.11 29.06
N ALA A 510 -10.49 -6.96 29.69
CA ALA A 510 -9.53 -5.97 29.21
C ALA A 510 -8.12 -6.54 29.26
N ALA A 511 -7.81 -7.28 30.34
CA ALA A 511 -6.48 -7.87 30.51
C ALA A 511 -6.32 -9.07 29.58
N LEU A 512 -7.37 -9.89 29.49
CA LEU A 512 -7.32 -11.11 28.70
C LEU A 512 -7.15 -10.76 27.24
N SER A 513 -8.06 -9.92 26.71
CA SER A 513 -8.03 -9.49 25.32
C SER A 513 -6.64 -8.95 24.98
N SER A 514 -6.10 -8.08 25.84
CA SER A 514 -4.86 -7.40 25.52
C SER A 514 -3.69 -8.39 25.53
N GLY A 515 -3.78 -9.41 26.38
CA GLY A 515 -2.74 -10.44 26.48
C GLY A 515 -2.69 -11.31 25.24
N MET A 516 -3.86 -11.62 24.67
CA MET A 516 -3.92 -12.49 23.51
C MET A 516 -3.26 -11.85 22.28
N ILE A 517 -3.19 -10.50 22.23
CA ILE A 517 -2.55 -9.85 21.10
C ILE A 517 -1.21 -9.22 21.51
N GLY A 518 -0.70 -9.65 22.68
CA GLY A 518 0.72 -9.49 22.96
C GLY A 518 1.04 -8.40 23.98
N CYS A 519 0.04 -7.84 24.65
CA CYS A 519 0.30 -6.90 25.71
C CYS A 519 0.01 -7.59 27.04
N GLY A 520 1.09 -8.10 27.68
CA GLY A 520 0.96 -9.08 28.74
C GLY A 520 1.10 -8.50 30.15
N LEU A 521 1.32 -7.17 30.25
CA LEU A 521 1.35 -6.52 31.55
C LEU A 521 0.20 -5.52 31.66
N HIS A 522 -0.70 -5.81 32.59
CA HIS A 522 -1.94 -5.07 32.71
C HIS A 522 -2.24 -4.86 34.18
N HIS A 523 -2.88 -3.71 34.49
CA HIS A 523 -3.38 -3.44 35.83
C HIS A 523 -4.49 -2.42 35.72
N SER A 524 -5.13 -2.13 36.85
CA SER A 524 -6.24 -1.20 36.87
C SER A 524 -6.09 -0.26 38.06
N ASP A 525 -6.83 0.85 38.02
CA ASP A 525 -6.94 1.73 39.17
C ASP A 525 -7.65 0.96 40.28
N ILE A 526 -7.03 0.83 41.44
CA ILE A 526 -7.73 0.22 42.58
C ILE A 526 -8.83 1.17 43.06
N GLY A 527 -10.08 0.81 42.78
CA GLY A 527 -11.22 1.65 43.11
C GLY A 527 -11.94 2.23 41.88
N GLY A 528 -11.30 2.14 40.70
CA GLY A 528 -11.82 2.77 39.51
C GLY A 528 -11.61 4.27 39.57
N TYR A 529 -12.14 5.02 38.59
CA TYR A 529 -11.86 6.45 38.49
C TYR A 529 -13.10 7.33 38.43
N THR A 530 -14.08 6.95 37.60
CA THR A 530 -15.05 7.91 37.10
C THR A 530 -16.22 8.00 38.06
N SER A 531 -16.33 9.15 38.77
CA SER A 531 -17.49 9.45 39.58
C SER A 531 -18.33 10.53 38.88
N LEU A 532 -19.47 10.08 38.30
CA LEU A 532 -20.39 10.95 37.59
C LEU A 532 -21.80 10.40 37.69
N HIS A 533 -22.78 11.28 37.46
CA HIS A 533 -24.17 10.90 37.27
C HIS A 533 -24.66 10.05 38.45
N GLY A 534 -24.19 10.39 39.66
CA GLY A 534 -24.65 9.73 40.87
C GLY A 534 -23.81 8.53 41.28
N ASN A 535 -22.87 8.03 40.44
CA ASN A 535 -21.90 7.03 40.88
C ASN A 535 -20.85 7.61 41.84
N LYS A 536 -20.79 7.03 43.04
CA LYS A 536 -19.84 7.37 44.08
C LYS A 536 -19.15 6.07 44.51
N ARG A 537 -17.85 6.11 44.77
CA ARG A 537 -17.14 4.90 45.13
C ARG A 537 -17.45 4.52 46.58
N SER A 538 -17.93 3.29 46.78
CA SER A 538 -18.15 2.75 48.12
C SER A 538 -16.90 2.08 48.69
N LYS A 539 -16.91 1.92 50.01
CA LYS A 539 -15.89 1.21 50.76
C LYS A 539 -15.73 -0.20 50.21
N GLU A 540 -16.87 -0.87 50.01
CA GLU A 540 -16.85 -2.26 49.63
C GLU A 540 -16.17 -2.44 48.28
N LEU A 541 -16.45 -1.54 47.35
CA LEU A 541 -15.93 -1.65 46.00
C LEU A 541 -14.42 -1.46 46.05
N LEU A 542 -13.95 -0.45 46.79
CA LEU A 542 -12.54 -0.22 46.92
C LEU A 542 -11.83 -1.47 47.44
N MET A 543 -12.44 -2.15 48.41
CA MET A 543 -11.81 -3.32 49.01
C MET A 543 -11.79 -4.47 48.01
N ARG A 544 -12.92 -4.74 47.35
CA ARG A 544 -12.95 -5.82 46.37
C ARG A 544 -11.94 -5.55 45.24
N TRP A 545 -11.77 -4.29 44.87
CA TRP A 545 -10.86 -3.95 43.79
C TRP A 545 -9.40 -4.21 44.20
N ALA A 546 -9.05 -3.88 45.44
CA ALA A 546 -7.74 -4.21 45.99
C ALA A 546 -7.49 -5.71 45.99
N GLU A 547 -8.54 -6.50 46.22
CA GLU A 547 -8.43 -7.95 46.23
C GLU A 547 -7.95 -8.47 44.87
N MET A 548 -8.55 -7.95 43.79
CA MET A 548 -8.15 -8.36 42.46
C MET A 548 -6.76 -7.83 42.16
N GLY A 549 -6.48 -6.59 42.59
CA GLY A 549 -5.24 -5.91 42.23
C GLY A 549 -3.99 -6.61 42.76
N ALA A 550 -4.14 -7.29 43.89
CA ALA A 550 -3.06 -8.04 44.51
C ALA A 550 -2.63 -9.23 43.65
N PHE A 551 -3.51 -9.68 42.75
CA PHE A 551 -3.22 -10.77 41.83
C PHE A 551 -3.07 -10.26 40.40
N THR A 552 -2.32 -9.16 40.28
CA THR A 552 -1.91 -8.58 39.02
C THR A 552 -0.48 -8.11 39.21
N PRO A 553 0.22 -7.71 38.10
CA PRO A 553 1.58 -7.21 38.19
C PRO A 553 1.79 -6.00 39.09
N MET A 554 0.80 -5.11 39.19
CA MET A 554 0.99 -3.90 39.97
C MET A 554 -0.27 -3.53 40.74
N MET A 555 -0.09 -3.22 42.03
CA MET A 555 -1.11 -2.61 42.84
C MET A 555 -0.86 -1.10 42.78
N ARG A 556 -1.86 -0.36 42.29
CA ARG A 556 -1.82 1.09 42.32
C ARG A 556 -3.24 1.61 42.59
N THR A 557 -3.35 2.66 43.42
CA THR A 557 -4.65 3.25 43.75
C THR A 557 -4.79 4.56 42.97
N HIS A 558 -6.04 5.07 42.94
CA HIS A 558 -6.37 6.34 42.31
C HIS A 558 -7.42 7.01 43.18
N GLU A 559 -7.28 8.31 43.41
CA GLU A 559 -8.25 9.08 44.15
C GLU A 559 -9.56 9.23 43.35
N GLY A 560 -9.49 9.17 42.02
CA GLY A 560 -10.66 9.37 41.16
C GLY A 560 -10.82 10.83 40.76
N ASN A 561 -11.83 11.12 39.93
CA ASN A 561 -12.02 12.46 39.38
C ASN A 561 -12.54 13.41 40.43
N ARG A 562 -13.33 12.88 41.38
CA ARG A 562 -13.89 13.65 42.47
C ARG A 562 -13.54 12.97 43.79
N PRO A 563 -12.33 13.22 44.33
CA PRO A 563 -11.85 12.48 45.50
C PRO A 563 -12.77 12.52 46.72
N ASP A 564 -13.42 13.65 46.96
CA ASP A 564 -14.28 13.85 48.14
C ASP A 564 -15.60 13.09 47.98
N ASP A 565 -15.94 12.67 46.75
CA ASP A 565 -17.17 11.92 46.52
C ASP A 565 -16.90 10.40 46.53
N CYS A 566 -15.63 10.00 46.64
CA CYS A 566 -15.26 8.58 46.57
C CYS A 566 -14.59 8.13 47.87
N PHE A 567 -14.94 6.94 48.34
CA PHE A 567 -14.27 6.36 49.50
C PHE A 567 -12.80 6.12 49.13
N GLN A 568 -11.88 6.50 50.01
CA GLN A 568 -10.44 6.36 49.78
C GLN A 568 -9.89 5.27 50.71
N PHE A 569 -8.60 4.96 50.54
CA PHE A 569 -7.96 3.85 51.26
C PHE A 569 -7.78 4.25 52.73
N ASP A 570 -7.69 5.56 53.06
CA ASP A 570 -7.67 6.00 54.45
C ASP A 570 -9.06 6.43 54.93
N GLY A 571 -10.13 5.93 54.30
CA GLY A 571 -11.48 6.33 54.65
C GLY A 571 -11.89 5.84 56.04
N ASP A 572 -11.35 4.68 56.44
CA ASP A 572 -11.54 4.17 57.79
C ASP A 572 -10.45 3.14 58.08
N GLU A 573 -10.35 2.74 59.35
CA GLU A 573 -9.30 1.86 59.79
C GLU A 573 -9.45 0.48 59.13
N GLU A 574 -10.69 -0.01 59.01
CA GLU A 574 -10.93 -1.32 58.43
C GLU A 574 -10.38 -1.35 56.99
N THR A 575 -10.63 -0.27 56.22
CA THR A 575 -10.21 -0.19 54.83
C THR A 575 -8.70 -0.13 54.77
N LEU A 576 -8.06 0.72 55.61
CA LEU A 576 -6.62 0.87 55.59
C LEU A 576 -5.95 -0.47 55.87
N GLU A 577 -6.50 -1.20 56.86
CA GLU A 577 -5.97 -2.49 57.26
C GLU A 577 -6.19 -3.51 56.16
N HIS A 578 -7.31 -3.40 55.43
CA HIS A 578 -7.62 -4.30 54.32
C HIS A 578 -6.56 -4.12 53.21
N LEU A 579 -6.31 -2.88 52.81
CA LEU A 579 -5.32 -2.63 51.79
C LEU A 579 -3.90 -3.07 52.23
N ALA A 580 -3.55 -2.80 53.51
CA ALA A 580 -2.28 -3.26 54.06
C ALA A 580 -2.17 -4.79 53.93
N ARG A 581 -3.21 -5.50 54.34
CA ARG A 581 -3.19 -6.95 54.25
C ARG A 581 -2.96 -7.36 52.78
N MET A 582 -3.72 -6.77 51.84
CA MET A 582 -3.60 -7.18 50.46
C MET A 582 -2.21 -6.80 49.92
N SER A 583 -1.62 -5.69 50.38
CA SER A 583 -0.25 -5.37 50.02
C SER A 583 0.72 -6.47 50.45
N ASN A 584 0.46 -7.09 51.60
CA ASN A 584 1.31 -8.18 52.10
C ASN A 584 1.10 -9.45 51.29
N VAL A 585 -0.14 -9.69 50.83
CA VAL A 585 -0.39 -10.81 49.94
C VAL A 585 0.45 -10.66 48.67
N TYR A 586 0.40 -9.48 48.04
CA TYR A 586 1.15 -9.23 46.82
C TYR A 586 2.65 -9.46 47.04
N VAL A 587 3.22 -8.88 48.10
CA VAL A 587 4.66 -8.97 48.33
C VAL A 587 5.07 -10.42 48.60
N THR A 588 4.27 -11.15 49.37
CA THR A 588 4.51 -12.56 49.63
C THR A 588 4.62 -13.31 48.30
N MET A 589 3.79 -12.94 47.32
CA MET A 589 3.74 -13.61 46.02
C MET A 589 4.77 -13.08 45.02
N ALA A 590 5.47 -12.01 45.41
CA ALA A 590 6.42 -11.32 44.54
C ALA A 590 7.31 -12.29 43.76
N PRO A 591 7.95 -13.31 44.38
CA PRO A 591 8.83 -14.19 43.63
C PRO A 591 8.11 -14.85 42.46
N TYR A 592 6.83 -15.24 42.66
CA TYR A 592 6.09 -15.91 41.60
C TYR A 592 5.72 -14.90 40.50
N ILE A 593 5.30 -13.70 40.93
CA ILE A 593 4.86 -12.69 39.99
C ILE A 593 6.05 -12.26 39.13
N LYS A 594 7.23 -12.11 39.76
CA LYS A 594 8.45 -11.80 39.04
C LYS A 594 8.66 -12.85 37.95
N SER A 595 8.57 -14.13 38.30
CA SER A 595 8.75 -15.21 37.31
C SER A 595 7.76 -15.07 36.14
N LEU A 596 6.54 -14.57 36.44
CA LEU A 596 5.53 -14.40 35.42
C LEU A 596 5.90 -13.25 34.49
N VAL A 597 6.42 -12.18 35.08
CA VAL A 597 6.80 -11.00 34.34
C VAL A 597 8.04 -11.31 33.50
N GLU A 598 8.91 -12.20 34.01
CA GLU A 598 10.09 -12.59 33.24
C GLU A 598 9.68 -13.52 32.08
N GLU A 599 8.68 -14.38 32.28
CA GLU A 599 8.17 -15.22 31.19
C GLU A 599 7.52 -14.36 30.11
N ASN A 600 6.79 -13.30 30.51
CA ASN A 600 6.19 -12.38 29.58
C ASN A 600 7.28 -11.70 28.74
N ALA A 601 8.41 -11.32 29.37
CA ALA A 601 9.48 -10.66 28.64
C ALA A 601 10.18 -11.62 27.69
N ARG A 602 10.31 -12.89 28.06
CA ARG A 602 11.13 -13.85 27.31
C ARG A 602 10.30 -14.40 26.16
N ARG A 603 9.04 -14.82 26.43
CA ARG A 603 8.25 -15.51 25.41
C ARG A 603 6.96 -14.77 25.06
N GLY A 604 6.63 -13.67 25.74
CA GLY A 604 5.40 -12.94 25.44
C GLY A 604 4.14 -13.66 25.92
N ILE A 605 4.30 -14.61 26.84
CA ILE A 605 3.18 -15.28 27.49
C ILE A 605 2.64 -14.35 28.57
N PRO A 606 1.39 -13.88 28.47
CA PRO A 606 0.90 -12.82 29.34
C PRO A 606 0.79 -13.27 30.80
N VAL A 607 0.89 -12.32 31.71
CA VAL A 607 0.76 -12.57 33.13
C VAL A 607 -0.65 -13.06 33.47
N GLN A 608 -1.68 -12.45 32.88
CA GLN A 608 -3.06 -12.85 33.12
C GLN A 608 -3.49 -13.61 31.88
N ARG A 609 -3.90 -14.88 32.09
CA ARG A 609 -4.11 -15.78 30.98
C ARG A 609 -5.54 -16.28 30.98
N PRO A 610 -6.13 -16.50 29.80
CA PRO A 610 -7.44 -17.12 29.72
C PRO A 610 -7.29 -18.60 30.09
N LEU A 611 -8.33 -19.16 30.70
CA LEU A 611 -8.29 -20.52 31.20
C LEU A 611 -8.00 -21.50 30.07
N PHE A 612 -8.40 -21.20 28.84
CA PHE A 612 -8.22 -22.13 27.72
C PHE A 612 -6.75 -22.23 27.32
N MET A 613 -5.93 -21.28 27.76
CA MET A 613 -4.53 -21.28 27.40
C MET A 613 -3.81 -22.45 28.08
N HIS A 614 -4.32 -22.92 29.22
CA HIS A 614 -3.76 -24.10 29.87
C HIS A 614 -4.73 -25.29 29.90
N TYR A 615 -5.97 -25.14 29.42
CA TYR A 615 -6.92 -26.24 29.41
C TYR A 615 -7.60 -26.26 28.05
N GLU A 616 -6.82 -26.43 26.99
CA GLU A 616 -7.34 -26.34 25.63
C GLU A 616 -8.50 -27.28 25.36
N GLU A 617 -8.58 -28.40 26.08
CA GLU A 617 -9.52 -29.46 25.75
C GLU A 617 -10.84 -29.21 26.47
N ASP A 618 -10.90 -28.19 27.33
CA ASP A 618 -12.10 -27.90 28.12
C ASP A 618 -12.94 -26.82 27.43
N GLU A 619 -14.10 -27.22 26.92
CA GLU A 619 -14.91 -26.39 26.03
C GLU A 619 -15.46 -25.18 26.78
N LYS A 620 -15.73 -25.32 28.08
CA LYS A 620 -16.33 -24.25 28.88
C LYS A 620 -15.37 -23.07 29.06
N THR A 621 -14.05 -23.28 28.92
CA THR A 621 -13.08 -22.24 29.22
C THR A 621 -12.99 -21.20 28.10
N TYR A 622 -13.51 -21.52 26.91
CA TYR A 622 -13.37 -20.61 25.79
C TYR A 622 -14.37 -19.45 25.89
N ASP A 623 -15.31 -19.51 26.85
CA ASP A 623 -16.32 -18.48 27.04
C ASP A 623 -16.28 -17.90 28.45
N ILE A 624 -15.18 -18.09 29.18
CA ILE A 624 -15.00 -17.46 30.47
C ILE A 624 -14.17 -16.22 30.27
N GLN A 625 -14.63 -15.09 30.83
CA GLN A 625 -13.93 -13.81 30.76
C GLN A 625 -13.90 -13.05 32.11
N TYR A 626 -14.45 -13.62 33.19
CA TYR A 626 -14.42 -12.99 34.50
C TYR A 626 -13.59 -13.84 35.46
N GLN A 627 -12.87 -14.81 34.90
CA GLN A 627 -11.84 -15.56 35.62
C GLN A 627 -10.58 -15.52 34.77
N TYR A 628 -9.42 -15.56 35.42
CA TYR A 628 -8.18 -15.70 34.70
C TYR A 628 -7.20 -16.58 35.46
N LEU A 629 -6.21 -17.10 34.73
CA LEU A 629 -5.09 -17.77 35.33
C LEU A 629 -3.97 -16.75 35.55
N PHE A 630 -3.52 -16.68 36.79
CA PHE A 630 -2.43 -15.79 37.17
C PHE A 630 -1.16 -16.62 37.07
N GLY A 631 -0.57 -16.62 35.89
CA GLY A 631 0.45 -17.59 35.55
C GLY A 631 -0.22 -18.93 35.36
N GLU A 632 0.58 -20.00 35.38
CA GLU A 632 0.06 -21.34 35.14
C GLU A 632 -0.64 -21.88 36.38
N ASP A 633 -0.27 -21.37 37.56
CA ASP A 633 -0.47 -22.14 38.77
C ASP A 633 -1.52 -21.53 39.69
N VAL A 634 -2.10 -20.39 39.31
CA VAL A 634 -3.09 -19.74 40.15
C VAL A 634 -4.32 -19.38 39.30
N LEU A 635 -5.50 -19.71 39.81
CA LEU A 635 -6.73 -19.30 39.19
C LEU A 635 -7.34 -18.20 40.05
N VAL A 636 -7.76 -17.09 39.41
CA VAL A 636 -8.38 -15.98 40.11
C VAL A 636 -9.78 -15.78 39.57
N ALA A 637 -10.75 -15.65 40.48
CA ALA A 637 -12.14 -15.41 40.11
C ALA A 637 -12.69 -14.28 40.97
N PRO A 638 -12.35 -13.03 40.64
CA PRO A 638 -12.65 -11.90 41.51
C PRO A 638 -14.16 -11.70 41.73
N VAL A 639 -14.51 -11.35 42.97
CA VAL A 639 -15.86 -10.98 43.29
C VAL A 639 -16.08 -9.59 42.70
N HIS A 640 -17.02 -9.50 41.73
CA HIS A 640 -17.26 -8.30 40.96
C HIS A 640 -18.71 -7.81 41.14
N GLN A 641 -19.43 -8.37 42.11
CA GLN A 641 -20.78 -7.91 42.44
C GLN A 641 -20.80 -7.42 43.88
N GLU A 642 -21.77 -6.54 44.17
CA GLU A 642 -21.86 -5.94 45.49
C GLU A 642 -22.51 -6.93 46.46
N ASN A 643 -22.14 -6.85 47.74
CA ASN A 643 -22.84 -7.49 48.84
C ASN A 643 -22.83 -9.02 48.70
N GLN A 644 -21.70 -9.60 48.32
CA GLN A 644 -21.57 -11.03 48.22
C GLN A 644 -20.72 -11.54 49.38
N THR A 645 -21.05 -12.72 49.89
CA THR A 645 -20.29 -13.37 50.94
C THR A 645 -19.67 -14.66 50.43
N GLU A 646 -20.13 -15.09 49.24
CA GLU A 646 -19.67 -16.31 48.58
C GLU A 646 -19.72 -16.14 47.07
N TRP A 647 -19.05 -17.02 46.34
CA TRP A 647 -18.82 -16.82 44.91
C TRP A 647 -18.67 -18.16 44.19
N GLU A 648 -19.47 -18.33 43.12
CA GLU A 648 -19.36 -19.52 42.30
C GLU A 648 -18.14 -19.38 41.41
N VAL A 649 -17.35 -20.45 41.30
CA VAL A 649 -16.14 -20.48 40.50
C VAL A 649 -16.17 -21.72 39.62
N TYR A 650 -15.72 -21.58 38.37
CA TYR A 650 -15.48 -22.76 37.54
C TYR A 650 -14.00 -23.14 37.61
N LEU A 651 -13.73 -24.37 38.01
CA LEU A 651 -12.39 -24.92 38.03
C LEU A 651 -12.26 -25.96 36.92
N PRO A 652 -11.26 -25.83 36.03
CA PRO A 652 -10.95 -26.92 35.10
C PRO A 652 -10.31 -28.11 35.85
N GLU A 653 -10.24 -29.26 35.17
CA GLU A 653 -9.77 -30.52 35.74
C GLU A 653 -8.29 -30.43 36.12
N ASP A 654 -8.03 -30.33 37.42
CA ASP A 654 -6.69 -30.26 38.01
C ASP A 654 -6.86 -30.33 39.53
N GLN A 655 -5.75 -30.47 40.27
CA GLN A 655 -5.81 -30.55 41.72
C GLN A 655 -5.51 -29.17 42.29
N TRP A 656 -6.55 -28.54 42.86
CA TRP A 656 -6.55 -27.14 43.26
C TRP A 656 -6.64 -27.02 44.78
N VAL A 657 -6.07 -25.91 45.29
CA VAL A 657 -6.12 -25.59 46.71
C VAL A 657 -6.61 -24.17 46.87
N HIS A 658 -7.74 -24.00 47.57
CA HIS A 658 -8.21 -22.68 47.94
C HIS A 658 -7.15 -22.04 48.82
N VAL A 659 -6.67 -20.88 48.41
CA VAL A 659 -5.47 -20.30 48.98
C VAL A 659 -5.67 -19.96 50.46
N TRP A 660 -6.89 -19.62 50.89
CA TRP A 660 -7.12 -19.10 52.24
C TRP A 660 -7.45 -20.21 53.24
N SER A 661 -8.04 -21.31 52.76
CA SER A 661 -8.56 -22.37 53.63
C SER A 661 -7.68 -23.61 53.57
N GLY A 662 -6.97 -23.83 52.46
CA GLY A 662 -6.20 -25.05 52.23
C GLY A 662 -7.08 -26.19 51.72
N GLU A 663 -8.41 -25.95 51.57
CA GLU A 663 -9.32 -27.00 51.15
C GLU A 663 -8.99 -27.40 49.71
N ALA A 664 -9.13 -28.69 49.40
CA ALA A 664 -8.76 -29.21 48.10
C ALA A 664 -10.01 -29.39 47.25
N TYR A 665 -9.86 -29.17 45.93
CA TYR A 665 -10.95 -29.25 44.98
C TYR A 665 -10.41 -29.86 43.67
N THR A 666 -11.25 -30.65 43.00
CA THR A 666 -10.97 -31.08 41.64
C THR A 666 -11.87 -30.24 40.74
N GLY A 667 -12.04 -30.64 39.49
CA GLY A 667 -12.70 -29.83 38.48
C GLY A 667 -14.21 -29.71 38.70
N GLY A 668 -14.77 -28.55 38.36
CA GLY A 668 -16.21 -28.34 38.30
C GLY A 668 -16.62 -26.99 38.89
N SER A 669 -17.91 -26.69 38.79
CA SER A 669 -18.46 -25.51 39.44
C SER A 669 -18.50 -25.75 40.96
N VAL A 670 -17.99 -24.78 41.71
CA VAL A 670 -17.98 -24.87 43.15
C VAL A 670 -18.29 -23.48 43.68
N THR A 671 -19.02 -23.41 44.80
CA THR A 671 -19.19 -22.19 45.53
C THR A 671 -18.23 -22.24 46.73
N VAL A 672 -17.51 -21.13 46.95
CA VAL A 672 -16.65 -20.98 48.10
C VAL A 672 -17.03 -19.67 48.81
N GLN A 673 -16.84 -19.64 50.12
CA GLN A 673 -16.98 -18.42 50.90
C GLN A 673 -15.93 -17.43 50.43
N ALA A 674 -16.31 -16.14 50.36
CA ALA A 674 -15.40 -15.09 49.93
C ALA A 674 -15.66 -13.79 50.70
N PRO A 675 -15.55 -13.80 52.03
CA PRO A 675 -15.70 -12.56 52.81
C PRO A 675 -14.65 -11.55 52.35
N LEU A 676 -14.88 -10.29 52.71
CA LEU A 676 -13.96 -9.22 52.36
C LEU A 676 -12.59 -9.58 52.91
N GLY A 677 -11.59 -9.49 52.02
CA GLY A 677 -10.21 -9.87 52.31
C GLY A 677 -9.86 -11.29 51.82
N TYR A 678 -10.84 -12.06 51.30
CA TYR A 678 -10.60 -13.46 51.00
C TYR A 678 -11.07 -13.80 49.59
N PRO A 679 -10.46 -13.21 48.55
CA PRO A 679 -10.92 -13.39 47.18
C PRO A 679 -10.81 -14.84 46.70
N PRO A 680 -11.72 -15.28 45.81
CA PRO A 680 -11.72 -16.65 45.33
C PRO A 680 -10.50 -16.94 44.47
N VAL A 681 -9.44 -17.44 45.12
CA VAL A 681 -8.16 -17.67 44.49
C VAL A 681 -7.72 -19.08 44.87
N PHE A 682 -7.17 -19.80 43.90
CA PHE A 682 -6.76 -21.19 44.08
C PHE A 682 -5.40 -21.37 43.42
N TYR A 683 -4.62 -22.35 43.91
CA TYR A 683 -3.35 -22.71 43.34
C TYR A 683 -3.30 -24.21 43.12
N ARG A 684 -2.53 -24.65 42.10
CA ARG A 684 -2.38 -26.06 41.77
C ARG A 684 -1.43 -26.74 42.75
N LYS A 685 -1.79 -27.93 43.26
CA LYS A 685 -0.99 -28.66 44.25
C LYS A 685 0.34 -29.04 43.63
N LYS A 686 0.35 -29.32 42.31
CA LYS A 686 1.54 -29.68 41.55
C LYS A 686 2.49 -28.49 41.37
N SER A 687 2.15 -27.28 41.84
CA SER A 687 2.99 -26.12 41.56
C SER A 687 4.32 -26.25 42.29
N ILE A 688 5.42 -25.89 41.60
CA ILE A 688 6.72 -25.83 42.23
C ILE A 688 6.75 -24.67 43.22
N TRP A 689 5.66 -23.89 43.28
CA TRP A 689 5.59 -22.77 44.20
C TRP A 689 4.68 -23.08 45.38
N SER A 690 4.23 -24.34 45.53
CA SER A 690 3.24 -24.71 46.54
C SER A 690 3.68 -24.28 47.95
N GLU A 691 4.97 -24.39 48.25
CA GLU A 691 5.47 -23.96 49.55
C GLU A 691 5.13 -22.48 49.79
N LEU A 692 5.36 -21.62 48.77
CA LEU A 692 5.10 -20.18 48.86
C LEU A 692 3.61 -19.87 49.04
N PHE A 693 2.74 -20.54 48.26
CA PHE A 693 1.30 -20.31 48.28
C PHE A 693 0.69 -20.74 49.61
N SER A 694 1.32 -21.73 50.26
CA SER A 694 0.85 -22.22 51.54
C SER A 694 0.99 -21.14 52.61
N LYS A 695 1.92 -20.18 52.44
CA LYS A 695 2.13 -19.15 53.45
C LYS A 695 0.91 -18.19 53.57
N LEU A 696 0.01 -18.26 52.58
CA LEU A 696 -1.11 -17.33 52.52
C LEU A 696 -2.23 -17.77 53.48
N ILE A 697 -2.22 -19.04 53.91
CA ILE A 697 -3.17 -19.52 54.92
C ILE A 697 -3.06 -18.69 56.19
N HIS A 698 -1.85 -18.24 56.54
CA HIS A 698 -1.59 -17.59 57.82
C HIS A 698 -1.54 -16.07 57.68
N ILE A 699 -2.06 -15.54 56.58
CA ILE A 699 -2.13 -14.10 56.41
C ILE A 699 -3.56 -13.74 55.97
N VAL B 31 66.65 -21.42 -10.30
CA VAL B 31 66.95 -20.23 -11.17
C VAL B 31 67.65 -20.63 -12.49
N ASN B 32 66.97 -21.46 -13.27
CA ASN B 32 67.48 -21.97 -14.53
C ASN B 32 66.72 -21.30 -15.68
N VAL B 33 67.46 -20.74 -16.65
CA VAL B 33 66.92 -20.33 -17.94
C VAL B 33 67.33 -21.32 -19.02
N GLU B 34 66.38 -22.13 -19.50
CA GLU B 34 66.61 -23.06 -20.60
C GLU B 34 66.36 -22.31 -21.90
N ILE B 35 67.24 -22.47 -22.90
CA ILE B 35 66.96 -21.99 -24.24
C ILE B 35 66.16 -23.06 -24.97
N LEU B 36 65.01 -22.68 -25.54
CA LEU B 36 64.28 -23.51 -26.48
C LEU B 36 64.60 -23.03 -27.89
N GLN B 37 64.00 -23.71 -28.88
CA GLN B 37 64.23 -23.49 -30.30
C GLN B 37 63.82 -22.07 -30.69
N ASP B 38 62.62 -21.66 -30.26
CA ASP B 38 62.14 -20.33 -30.65
C ASP B 38 61.94 -19.46 -29.43
N GLY B 39 62.58 -19.76 -28.30
CA GLY B 39 62.50 -18.84 -27.16
C GLY B 39 63.19 -19.37 -25.91
N PHE B 40 62.47 -19.40 -24.78
CA PHE B 40 63.07 -19.77 -23.51
C PHE B 40 62.03 -20.11 -22.45
N GLU B 41 62.52 -20.75 -21.37
CA GLU B 41 61.78 -21.11 -20.18
C GLU B 41 62.59 -20.68 -18.95
N VAL B 42 61.91 -20.15 -17.93
CA VAL B 42 62.51 -19.87 -16.64
C VAL B 42 61.94 -20.85 -15.61
N ALA B 43 62.85 -21.43 -14.83
CA ALA B 43 62.46 -22.36 -13.78
C ALA B 43 63.10 -21.97 -12.45
N LEU B 44 62.38 -22.29 -11.38
CA LEU B 44 62.81 -22.09 -10.01
C LEU B 44 62.50 -23.40 -9.28
N ASN B 45 63.55 -24.04 -8.73
CA ASN B 45 63.33 -25.29 -8.00
C ASN B 45 62.49 -26.23 -8.87
N GLY B 46 62.82 -26.26 -10.18
CA GLY B 46 62.27 -27.22 -11.11
C GLY B 46 60.86 -26.85 -11.59
N VAL B 47 60.22 -25.86 -10.96
CA VAL B 47 58.92 -25.42 -11.44
C VAL B 47 59.16 -24.42 -12.58
N VAL B 48 58.63 -24.74 -13.75
CA VAL B 48 58.71 -23.84 -14.90
C VAL B 48 57.55 -22.86 -14.74
N LEU B 49 57.88 -21.57 -14.69
CA LEU B 49 56.91 -20.51 -14.42
C LEU B 49 56.70 -19.63 -15.63
N LEU B 50 57.79 -19.23 -16.31
CA LEU B 50 57.67 -18.32 -17.44
C LEU B 50 58.09 -19.02 -18.72
N GLN B 51 57.28 -18.86 -19.78
CA GLN B 51 57.51 -19.56 -21.03
C GLN B 51 57.27 -18.59 -22.17
N HIS B 52 58.29 -18.41 -23.00
CA HIS B 52 58.24 -17.50 -24.12
C HIS B 52 58.63 -18.23 -25.39
N THR B 53 57.83 -18.10 -26.45
CA THR B 53 58.25 -18.43 -27.80
C THR B 53 57.86 -17.27 -28.68
N ILE B 54 58.39 -17.24 -29.91
CA ILE B 54 58.01 -16.28 -30.92
C ILE B 54 56.51 -16.41 -31.21
N GLN B 55 55.98 -17.64 -31.23
CA GLN B 55 54.59 -17.88 -31.62
C GLN B 55 53.67 -17.60 -30.42
N LYS B 56 54.16 -17.88 -29.20
CA LYS B 56 53.38 -17.69 -27.98
C LYS B 56 54.15 -16.76 -27.03
N PRO B 57 54.23 -15.45 -27.32
CA PRO B 57 55.04 -14.55 -26.50
C PRO B 57 54.43 -14.33 -25.12
N MET B 58 55.30 -14.01 -24.15
CA MET B 58 54.87 -13.93 -22.77
C MET B 58 54.70 -12.47 -22.33
N LEU B 59 55.30 -11.52 -23.06
CA LEU B 59 55.27 -10.14 -22.65
C LEU B 59 54.70 -9.27 -23.76
N PHE B 60 53.85 -8.31 -23.35
CA PHE B 60 53.31 -7.30 -24.23
C PHE B 60 53.46 -5.97 -23.50
N VAL B 61 53.65 -4.91 -24.30
CA VAL B 61 53.71 -3.56 -23.79
C VAL B 61 52.84 -2.69 -24.69
N GLY B 62 52.33 -1.57 -24.16
CA GLY B 62 51.51 -0.69 -24.97
C GLY B 62 51.19 0.65 -24.31
N HIS B 63 50.16 1.32 -24.84
CA HIS B 63 49.77 2.63 -24.35
C HIS B 63 48.25 2.68 -24.21
N GLY B 64 47.82 3.28 -23.10
CA GLY B 64 46.40 3.49 -22.88
C GLY B 64 46.15 4.88 -22.31
N GLU B 65 44.90 5.33 -22.44
CA GLU B 65 44.43 6.59 -21.92
C GLU B 65 43.13 6.28 -21.16
N GLU B 66 43.22 6.31 -19.83
CA GLU B 66 42.16 5.84 -18.96
C GLU B 66 41.25 7.00 -18.55
N THR B 67 39.99 6.66 -18.30
CA THR B 67 39.01 7.58 -17.74
C THR B 67 38.59 7.06 -16.35
N ILE B 68 38.83 7.86 -15.29
CA ILE B 68 38.45 7.48 -13.94
C ILE B 68 37.48 8.53 -13.37
N GLU B 69 36.24 8.14 -13.10
CA GLU B 69 35.27 8.97 -12.39
C GLU B 69 35.03 8.40 -10.99
N MET B 70 35.25 9.21 -9.96
CA MET B 70 35.00 8.84 -8.58
C MET B 70 33.67 9.44 -8.12
N TYR B 71 32.87 8.65 -7.40
CA TYR B 71 31.63 9.13 -6.80
C TYR B 71 31.48 8.45 -5.44
N ARG B 72 31.81 9.17 -4.36
CA ARG B 72 31.64 8.66 -3.00
C ARG B 72 32.32 7.31 -2.80
N GLY B 73 33.57 7.20 -3.26
CA GLY B 73 34.38 6.02 -3.03
C GLY B 73 34.14 4.92 -4.08
N ASN B 74 33.19 5.14 -4.99
CA ASN B 74 32.95 4.21 -6.09
C ASN B 74 33.64 4.77 -7.33
N PHE B 75 34.30 3.88 -8.08
CA PHE B 75 35.12 4.28 -9.21
C PHE B 75 34.53 3.71 -10.49
N ASP B 76 34.30 4.56 -11.49
CA ASP B 76 34.08 4.08 -12.82
C ASP B 76 35.40 4.23 -13.58
N ILE B 77 35.98 3.09 -14.00
CA ILE B 77 37.25 3.05 -14.69
C ILE B 77 37.05 2.41 -16.05
N LYS B 78 37.37 3.17 -17.12
CA LYS B 78 37.39 2.64 -18.48
C LYS B 78 38.79 2.90 -19.04
N ASP B 79 39.32 1.96 -19.81
CA ASP B 79 40.59 2.18 -20.48
C ASP B 79 40.31 2.34 -21.98
N TYR B 80 41.19 3.12 -22.64
CA TYR B 80 41.22 3.20 -24.08
C TYR B 80 42.64 2.88 -24.52
N VAL B 81 42.82 1.67 -25.05
CA VAL B 81 44.12 1.16 -25.44
C VAL B 81 44.42 1.57 -26.88
N THR B 82 45.48 2.38 -27.06
CA THR B 82 45.86 2.90 -28.36
C THR B 82 46.94 2.03 -29.03
N GLU B 83 47.77 1.36 -28.22
CA GLU B 83 48.75 0.41 -28.72
C GLU B 83 48.88 -0.77 -27.75
N ARG B 84 49.14 -1.96 -28.32
CA ARG B 84 49.61 -3.12 -27.59
C ARG B 84 50.51 -3.90 -28.52
N THR B 85 51.77 -4.13 -28.10
CA THR B 85 52.81 -4.68 -28.95
C THR B 85 53.27 -6.01 -28.35
N ALA B 86 53.31 -7.04 -29.20
CA ALA B 86 53.78 -8.35 -28.77
C ALA B 86 55.29 -8.42 -28.87
N LEU B 87 55.98 -8.66 -27.75
CA LEU B 87 57.43 -8.78 -27.76
C LEU B 87 57.82 -10.23 -28.00
N ARG B 88 57.80 -10.62 -29.29
CA ARG B 88 58.01 -11.99 -29.71
C ARG B 88 59.48 -12.42 -29.70
N TYR B 89 60.44 -11.48 -29.76
CA TYR B 89 61.83 -11.83 -30.04
C TYR B 89 62.70 -11.53 -28.83
N ALA B 90 63.34 -12.57 -28.29
CA ALA B 90 64.15 -12.45 -27.09
C ALA B 90 65.59 -12.85 -27.38
N ASN B 91 66.54 -12.04 -26.88
CA ASN B 91 67.94 -12.40 -26.84
C ASN B 91 68.37 -12.53 -25.38
N VAL B 92 68.81 -13.74 -24.97
CA VAL B 92 69.22 -14.00 -23.59
C VAL B 92 70.74 -14.08 -23.48
N GLU B 93 71.32 -13.39 -22.47
CA GLU B 93 72.75 -13.38 -22.22
C GLU B 93 73.00 -13.84 -20.78
N GLU B 94 73.79 -14.91 -20.59
CA GLU B 94 74.16 -15.35 -19.25
C GLU B 94 75.20 -14.37 -18.69
N MET B 95 75.09 -14.05 -17.40
CA MET B 95 76.02 -13.17 -16.69
C MET B 95 76.39 -13.88 -15.37
N GLU B 96 76.69 -13.14 -14.28
CA GLU B 96 77.10 -13.75 -13.03
C GLU B 96 75.89 -14.35 -12.31
N GLY B 97 75.51 -15.60 -12.63
CA GLY B 97 74.36 -16.29 -12.02
C GLY B 97 73.03 -15.79 -12.57
N ALA B 98 72.99 -14.49 -12.88
CA ALA B 98 71.86 -13.77 -13.44
C ALA B 98 71.84 -13.81 -14.97
N TYR B 99 70.68 -13.49 -15.55
CA TYR B 99 70.49 -13.46 -17.01
C TYR B 99 69.90 -12.11 -17.39
N LYS B 100 70.37 -11.53 -18.51
CA LYS B 100 69.74 -10.35 -19.09
C LYS B 100 68.98 -10.82 -20.32
N ILE B 101 67.73 -10.39 -20.46
CA ILE B 101 66.92 -10.76 -21.61
C ILE B 101 66.39 -9.48 -22.25
N ASP B 102 66.69 -9.30 -23.54
CA ASP B 102 66.21 -8.15 -24.31
C ASP B 102 65.11 -8.61 -25.26
N LEU B 103 64.04 -7.81 -25.36
CA LEU B 103 62.82 -8.18 -26.05
C LEU B 103 62.42 -7.12 -27.05
N SER B 104 62.04 -7.54 -28.27
CA SER B 104 61.53 -6.63 -29.30
C SER B 104 60.38 -7.28 -30.05
N ASN B 105 59.74 -6.49 -30.92
CA ASN B 105 58.59 -6.89 -31.74
C ASN B 105 59.05 -7.64 -32.99
N LEU B 106 60.20 -7.24 -33.56
CA LEU B 106 60.76 -7.88 -34.77
C LEU B 106 62.13 -8.49 -34.43
N LYS B 107 62.59 -9.48 -35.21
CA LYS B 107 63.91 -10.10 -34.99
C LYS B 107 65.00 -9.03 -35.15
N ASN B 108 65.90 -8.94 -34.18
CA ASN B 108 66.94 -7.93 -34.18
C ASN B 108 66.37 -6.52 -34.27
N GLY B 109 65.18 -6.27 -33.71
CA GLY B 109 64.60 -4.93 -33.63
C GLY B 109 65.15 -4.18 -32.43
N ASP B 110 64.73 -2.92 -32.22
CA ASP B 110 65.14 -2.16 -31.04
C ASP B 110 64.54 -2.83 -29.81
N THR B 111 65.30 -2.84 -28.72
CA THR B 111 64.85 -3.40 -27.45
C THR B 111 63.79 -2.48 -26.83
N MET B 112 62.63 -3.06 -26.53
CA MET B 112 61.52 -2.32 -25.97
C MET B 112 61.37 -2.62 -24.48
N LEU B 113 61.76 -3.82 -24.07
CA LEU B 113 61.73 -4.20 -22.67
C LEU B 113 62.94 -5.08 -22.36
N SER B 114 63.56 -4.84 -21.21
CA SER B 114 64.78 -5.55 -20.83
C SER B 114 64.60 -6.14 -19.44
N LEU B 115 64.91 -7.43 -19.28
CA LEU B 115 64.69 -8.17 -18.05
C LEU B 115 66.04 -8.54 -17.41
N ILE B 116 66.09 -8.51 -16.08
CA ILE B 116 67.11 -9.22 -15.33
C ILE B 116 66.41 -10.36 -14.58
N VAL B 117 66.80 -11.61 -14.88
CA VAL B 117 66.21 -12.78 -14.25
C VAL B 117 67.26 -13.36 -13.31
N LYS B 118 66.96 -13.46 -12.00
CA LYS B 118 68.00 -13.73 -11.00
C LYS B 118 67.36 -14.43 -9.80
N GLU B 119 68.20 -15.05 -8.97
CA GLU B 119 67.78 -15.61 -7.70
C GLU B 119 68.13 -14.58 -6.64
N GLU B 120 67.15 -14.21 -5.79
CA GLU B 120 67.43 -13.35 -4.64
C GLU B 120 66.65 -13.87 -3.44
N GLU B 121 67.38 -14.01 -2.33
CA GLU B 121 66.89 -14.64 -1.11
C GLU B 121 66.10 -15.93 -1.35
N ASN B 122 66.52 -16.78 -2.31
CA ASN B 122 65.89 -18.06 -2.56
C ASN B 122 64.66 -17.94 -3.45
N ARG B 123 64.39 -16.74 -3.99
CA ARG B 123 63.23 -16.52 -4.85
C ARG B 123 63.66 -16.26 -6.28
N LEU B 124 62.73 -16.45 -7.23
CA LEU B 124 62.91 -15.94 -8.56
C LEU B 124 62.53 -14.46 -8.51
N LYS B 125 63.46 -13.61 -8.97
CA LYS B 125 63.21 -12.20 -9.11
C LYS B 125 63.38 -11.82 -10.58
N VAL B 126 62.40 -11.09 -11.11
CA VAL B 126 62.48 -10.59 -12.47
C VAL B 126 62.37 -9.07 -12.41
N GLU B 127 63.45 -8.37 -12.76
CA GLU B 127 63.42 -6.92 -12.84
C GLU B 127 63.10 -6.51 -14.26
N TYR B 128 62.34 -5.42 -14.43
CA TYR B 128 61.95 -4.96 -15.76
C TYR B 128 62.45 -3.54 -15.96
N GLN B 129 62.88 -3.24 -17.18
CA GLN B 129 63.36 -1.92 -17.57
C GLN B 129 62.81 -1.64 -18.97
N LYS B 130 62.16 -0.49 -19.17
CA LYS B 130 61.65 -0.13 -20.48
C LYS B 130 62.55 0.97 -21.06
N ASN B 131 62.43 1.18 -22.37
CA ASN B 131 63.18 2.20 -23.08
C ASN B 131 62.27 3.38 -23.42
N ASP B 132 61.08 3.03 -23.89
CA ASP B 132 60.14 3.98 -24.49
C ASP B 132 59.24 4.58 -23.41
N ALA B 133 59.22 5.92 -23.29
CA ALA B 133 58.45 6.61 -22.28
C ALA B 133 56.95 6.50 -22.56
N ASN B 134 56.59 6.18 -23.80
CA ASN B 134 55.20 6.13 -24.17
C ASN B 134 54.52 4.91 -23.54
N ILE B 135 55.31 3.91 -23.12
CA ILE B 135 54.78 2.66 -22.57
C ILE B 135 54.21 2.91 -21.19
N ASN B 136 52.90 2.73 -21.04
CA ASN B 136 52.24 2.82 -19.73
C ASN B 136 51.30 1.64 -19.48
N ARG B 137 51.43 0.59 -20.29
CA ARG B 137 50.64 -0.62 -20.18
C ARG B 137 51.58 -1.81 -20.33
N PHE B 138 51.41 -2.81 -19.46
CA PHE B 138 52.29 -3.96 -19.36
C PHE B 138 51.44 -5.21 -19.17
N TRP B 139 51.77 -6.28 -19.88
CA TRP B 139 51.04 -7.54 -19.74
C TRP B 139 52.05 -8.67 -19.71
N LEU B 140 52.09 -9.44 -18.60
CA LEU B 140 52.87 -10.67 -18.54
C LEU B 140 51.94 -11.88 -18.53
N ARG B 141 52.20 -12.84 -19.41
CA ARG B 141 51.55 -14.14 -19.37
C ARG B 141 52.40 -15.15 -18.61
N VAL B 142 51.81 -15.78 -17.59
CA VAL B 142 52.43 -16.84 -16.81
C VAL B 142 51.73 -18.13 -17.20
N ALA B 143 52.51 -19.16 -17.52
CA ALA B 143 51.94 -20.38 -18.09
C ALA B 143 51.04 -21.07 -17.05
N ALA B 144 49.96 -21.70 -17.50
CA ALA B 144 49.00 -22.32 -16.61
C ALA B 144 48.44 -23.57 -17.25
N ASP B 145 47.79 -24.40 -16.43
CA ASP B 145 47.04 -25.59 -16.83
C ASP B 145 45.53 -25.35 -16.77
N LYS B 146 44.75 -26.23 -17.40
CA LYS B 146 43.30 -26.16 -17.39
C LYS B 146 42.76 -26.23 -15.96
N GLN B 147 43.34 -27.08 -15.10
CA GLN B 147 42.74 -27.39 -13.80
C GLN B 147 43.34 -26.52 -12.67
N GLU B 148 44.31 -25.67 -12.98
CA GLU B 148 44.95 -24.83 -11.98
C GLU B 148 43.92 -23.91 -11.32
N LYS B 149 44.07 -23.72 -10.02
CA LYS B 149 43.23 -22.82 -9.25
C LYS B 149 44.14 -21.70 -8.75
N VAL B 150 43.60 -20.50 -8.53
CA VAL B 150 44.39 -19.37 -8.09
C VAL B 150 43.66 -18.67 -6.95
N TYR B 151 44.43 -18.19 -5.96
CA TYR B 151 43.85 -17.65 -4.75
C TYR B 151 44.58 -16.36 -4.40
N GLY B 152 43.93 -15.51 -3.60
CA GLY B 152 44.53 -14.28 -3.07
C GLY B 152 43.97 -13.03 -3.75
N CYS B 153 44.91 -12.19 -4.23
CA CYS B 153 44.61 -10.89 -4.81
C CYS B 153 43.98 -9.98 -3.74
N GLY B 154 44.33 -10.23 -2.48
CA GLY B 154 43.78 -9.46 -1.38
C GLY B 154 42.56 -10.15 -0.76
N GLU B 155 41.64 -9.32 -0.26
CA GLU B 155 40.38 -9.78 0.28
C GLU B 155 39.38 -9.82 -0.85
N GLN B 156 39.02 -11.02 -1.28
CA GLN B 156 37.99 -11.21 -2.29
C GLN B 156 36.72 -11.70 -1.62
N LEU B 157 35.58 -11.05 -1.93
CA LEU B 157 34.32 -11.31 -1.26
C LEU B 157 33.36 -12.19 -2.08
N SER B 158 33.63 -12.40 -3.38
CA SER B 158 32.77 -13.22 -4.21
C SER B 158 33.46 -14.52 -4.64
N HIS B 159 34.76 -14.48 -4.91
CA HIS B 159 35.46 -15.63 -5.47
C HIS B 159 36.79 -15.86 -4.77
N PHE B 160 36.91 -17.01 -4.09
CA PHE B 160 38.17 -17.42 -3.47
C PHE B 160 39.09 -17.94 -4.56
N ASN B 161 38.65 -19.01 -5.23
CA ASN B 161 39.28 -19.44 -6.46
C ASN B 161 38.82 -18.51 -7.57
N MET B 162 39.77 -17.75 -8.12
CA MET B 162 39.53 -16.70 -9.10
C MET B 162 39.57 -17.24 -10.52
N ARG B 163 39.93 -18.50 -10.71
CA ARG B 163 40.04 -19.00 -12.07
C ARG B 163 38.74 -18.75 -12.84
N GLY B 164 38.89 -18.30 -14.10
CA GLY B 164 37.78 -18.14 -15.03
C GLY B 164 37.29 -16.70 -15.15
N LYS B 165 37.85 -15.78 -14.36
CA LYS B 165 37.46 -14.38 -14.40
C LYS B 165 38.71 -13.49 -14.30
N ASN B 166 38.48 -12.18 -14.39
CA ASN B 166 39.53 -11.18 -14.32
C ASN B 166 39.25 -10.28 -13.14
N PHE B 167 40.31 -9.79 -12.49
CA PHE B 167 40.17 -9.04 -11.26
C PHE B 167 40.95 -7.73 -11.33
N PRO B 168 40.29 -6.61 -11.67
CA PRO B 168 40.85 -5.29 -11.38
C PRO B 168 41.24 -5.21 -9.91
N LEU B 169 42.35 -4.49 -9.66
CA LEU B 169 42.91 -4.32 -8.34
C LEU B 169 43.05 -2.82 -8.06
N TRP B 170 41.97 -2.24 -7.54
CA TRP B 170 41.88 -0.82 -7.28
C TRP B 170 41.04 -0.66 -6.03
N THR B 171 41.66 -0.19 -4.94
CA THR B 171 40.96 -0.09 -3.67
C THR B 171 39.79 0.88 -3.83
N SER B 172 38.65 0.51 -3.26
CA SER B 172 37.45 1.33 -3.35
C SER B 172 36.38 0.80 -2.41
N GLU B 173 35.28 1.53 -2.32
CA GLU B 173 34.04 0.97 -1.82
C GLU B 173 33.82 -0.37 -2.53
N PRO B 174 33.53 -1.43 -1.76
CA PRO B 174 33.34 -2.77 -2.33
C PRO B 174 32.03 -3.00 -3.05
N GLY B 175 31.05 -2.11 -2.84
CA GLY B 175 29.75 -2.25 -3.47
C GLY B 175 28.70 -2.70 -2.45
N VAL B 176 27.46 -2.27 -2.66
CA VAL B 176 26.31 -2.76 -1.94
C VAL B 176 25.59 -3.76 -2.84
N GLY B 177 25.63 -5.04 -2.45
CA GLY B 177 24.99 -6.09 -3.23
C GLY B 177 26.02 -6.86 -4.06
N ARG B 178 26.75 -6.12 -4.90
CA ARG B 178 27.93 -6.65 -5.60
C ARG B 178 27.55 -7.69 -6.65
N ASN B 179 26.28 -7.75 -7.04
CA ASN B 179 25.82 -8.66 -8.07
C ASN B 179 24.66 -8.02 -8.82
N LYS B 180 24.88 -7.75 -10.11
CA LYS B 180 23.98 -6.93 -10.91
C LYS B 180 22.62 -7.60 -11.08
N GLN B 181 22.52 -8.90 -10.77
CA GLN B 181 21.26 -9.61 -10.89
C GLN B 181 20.31 -9.33 -9.73
N THR B 182 20.78 -8.78 -8.61
CA THR B 182 19.93 -8.64 -7.44
C THR B 182 19.35 -7.24 -7.42
N TYR B 183 18.18 -7.13 -6.78
CA TYR B 183 17.44 -5.90 -6.60
C TYR B 183 18.30 -4.89 -5.88
N VAL B 184 19.01 -5.34 -4.83
CA VAL B 184 19.77 -4.42 -4.00
C VAL B 184 20.87 -3.76 -4.83
N THR B 185 21.57 -4.56 -5.63
CA THR B 185 22.69 -4.04 -6.42
C THR B 185 22.15 -3.02 -7.43
N TRP B 186 21.12 -3.44 -8.15
CA TRP B 186 20.46 -2.63 -9.17
C TRP B 186 20.07 -1.27 -8.59
N GLN B 187 19.42 -1.25 -7.43
CA GLN B 187 19.03 0.00 -6.79
C GLN B 187 20.23 0.81 -6.33
N ALA B 188 21.27 0.12 -5.84
CA ALA B 188 22.48 0.82 -5.40
C ALA B 188 23.11 1.52 -6.59
N ASP B 189 23.10 0.87 -7.76
CA ASP B 189 23.58 1.49 -8.99
C ASP B 189 22.68 2.65 -9.42
N VAL B 190 21.37 2.40 -9.52
CA VAL B 190 20.44 3.40 -10.02
C VAL B 190 20.51 4.65 -9.14
N VAL B 191 20.46 4.49 -7.81
CA VAL B 191 20.31 5.64 -6.93
C VAL B 191 21.65 6.29 -6.63
N ASP B 192 22.70 5.48 -6.40
CA ASP B 192 23.95 5.94 -5.79
C ASP B 192 25.19 5.53 -6.58
N LYS B 193 25.02 4.80 -7.69
CA LYS B 193 26.13 4.34 -8.52
C LYS B 193 27.06 3.44 -7.71
N ALA B 194 26.49 2.59 -6.85
CA ALA B 194 27.22 2.04 -5.71
C ALA B 194 27.10 0.51 -5.59
N GLY B 195 26.54 -0.15 -6.61
CA GLY B 195 26.28 -1.57 -6.54
C GLY B 195 27.57 -2.41 -6.56
N GLY B 196 28.57 -1.95 -7.31
CA GLY B 196 29.82 -2.67 -7.48
C GLY B 196 29.62 -4.00 -8.21
N ASP B 197 30.64 -4.86 -8.14
CA ASP B 197 30.65 -6.11 -8.87
C ASP B 197 31.61 -7.08 -8.17
N TYR B 198 31.77 -8.27 -8.75
CA TYR B 198 32.37 -9.43 -8.07
C TYR B 198 33.82 -9.17 -7.64
N TYR B 199 34.51 -8.23 -8.30
CA TYR B 199 35.93 -8.01 -8.10
C TYR B 199 36.19 -6.83 -7.14
N ASN B 200 35.17 -6.08 -6.75
CA ASN B 200 35.40 -4.86 -5.97
C ASN B 200 35.80 -5.25 -4.56
N THR B 201 36.71 -4.46 -3.98
CA THR B 201 37.21 -4.75 -2.65
C THR B 201 37.96 -3.54 -2.08
N ASN B 202 37.92 -3.43 -0.75
CA ASN B 202 38.67 -2.42 -0.05
C ASN B 202 40.15 -2.81 -0.04
N PHE B 203 40.41 -4.12 -0.21
CA PHE B 203 41.76 -4.66 -0.07
C PHE B 203 42.09 -5.52 -1.28
N PRO B 204 42.47 -4.87 -2.41
CA PRO B 204 43.07 -5.58 -3.54
C PRO B 204 44.56 -5.76 -3.25
N GLN B 205 45.22 -6.72 -3.90
CA GLN B 205 46.66 -6.83 -3.84
C GLN B 205 47.19 -7.58 -5.06
N PRO B 206 48.30 -7.10 -5.67
CA PRO B 206 48.81 -7.72 -6.89
C PRO B 206 49.68 -8.94 -6.57
N THR B 207 49.04 -9.93 -5.94
CA THR B 207 49.72 -11.11 -5.45
C THR B 207 48.72 -12.24 -5.54
N TYR B 208 49.07 -13.35 -6.20
CA TYR B 208 48.21 -14.53 -6.21
C TYR B 208 49.04 -15.75 -5.85
N VAL B 209 48.34 -16.77 -5.35
CA VAL B 209 48.88 -18.08 -5.01
C VAL B 209 48.30 -19.11 -5.96
N SER B 210 49.15 -19.96 -6.55
CA SER B 210 48.69 -20.98 -7.49
C SER B 210 48.59 -22.37 -6.82
N SER B 211 47.68 -23.21 -7.31
CA SER B 211 47.61 -24.59 -6.83
C SER B 211 48.86 -25.37 -7.22
N LYS B 212 49.76 -24.79 -8.02
CA LYS B 212 51.02 -25.43 -8.37
C LYS B 212 52.04 -25.19 -7.25
N LYS B 213 51.60 -24.49 -6.19
CA LYS B 213 52.35 -24.30 -4.96
C LYS B 213 53.49 -23.30 -5.21
N TYR B 214 53.15 -22.19 -5.86
CA TYR B 214 53.99 -21.00 -5.88
C TYR B 214 53.08 -19.78 -5.68
N TYR B 215 53.67 -18.66 -5.24
CA TYR B 215 53.00 -17.37 -5.24
C TYR B 215 53.76 -16.45 -6.18
N CYS B 216 53.04 -15.49 -6.77
CA CYS B 216 53.61 -14.48 -7.64
C CYS B 216 53.24 -13.14 -7.06
N HIS B 217 54.23 -12.25 -6.90
CA HIS B 217 53.99 -10.89 -6.42
C HIS B 217 54.55 -9.89 -7.42
N VAL B 218 53.73 -8.91 -7.79
CA VAL B 218 54.14 -7.81 -8.65
C VAL B 218 54.32 -6.57 -7.79
N GLU B 219 55.55 -6.06 -7.71
CA GLU B 219 55.82 -4.87 -6.90
C GLU B 219 55.39 -3.62 -7.67
N THR B 220 54.17 -3.15 -7.39
CA THR B 220 53.59 -1.94 -7.98
C THR B 220 52.49 -1.46 -7.02
N THR B 221 52.12 -0.19 -7.10
CA THR B 221 50.89 0.30 -6.50
C THR B 221 49.96 0.88 -7.58
N ALA B 222 50.25 0.61 -8.84
CA ALA B 222 49.41 1.08 -9.93
C ALA B 222 48.22 0.17 -10.11
N TYR B 223 47.23 0.67 -10.84
CA TYR B 223 46.09 -0.12 -11.27
C TYR B 223 46.65 -1.37 -11.93
N ALA B 224 46.03 -2.51 -11.61
CA ALA B 224 46.38 -3.77 -12.25
C ALA B 224 45.11 -4.57 -12.45
N ASP B 225 45.20 -5.55 -13.35
CA ASP B 225 44.08 -6.44 -13.59
C ASP B 225 44.65 -7.82 -13.84
N PHE B 226 44.39 -8.73 -12.89
CA PHE B 226 44.85 -10.11 -13.01
C PHE B 226 43.78 -10.91 -13.72
N ASP B 227 44.11 -11.39 -14.91
CA ASP B 227 43.16 -12.03 -15.81
C ASP B 227 43.39 -13.54 -15.83
N PHE B 228 42.44 -14.30 -15.27
CA PHE B 228 42.53 -15.74 -15.19
C PHE B 228 41.49 -16.43 -16.06
N ARG B 229 41.20 -15.87 -17.24
CA ARG B 229 40.13 -16.38 -18.07
C ARG B 229 40.63 -17.44 -19.05
N ASN B 230 41.94 -17.51 -19.28
CA ASN B 230 42.47 -18.30 -20.37
C ASN B 230 43.03 -19.59 -19.77
N GLU B 231 42.80 -20.70 -20.46
CA GLU B 231 43.20 -21.99 -19.91
C GLU B 231 44.73 -22.13 -19.91
N ALA B 232 45.43 -21.49 -20.85
CA ALA B 232 46.84 -21.78 -21.05
C ALA B 232 47.74 -20.80 -20.31
N PHE B 233 47.18 -19.71 -19.75
CA PHE B 233 48.02 -18.71 -19.10
C PHE B 233 47.15 -17.77 -18.25
N HIS B 234 47.76 -17.22 -17.20
CA HIS B 234 47.25 -16.08 -16.48
C HIS B 234 47.87 -14.85 -17.13
N GLU B 235 47.11 -13.77 -17.30
CA GLU B 235 47.66 -12.51 -17.80
C GLU B 235 47.59 -11.44 -16.71
N LEU B 236 48.75 -10.91 -16.32
CA LEU B 236 48.84 -9.86 -15.31
C LEU B 236 49.08 -8.54 -16.03
N GLN B 237 48.04 -7.69 -16.03
CA GLN B 237 48.11 -6.36 -16.60
C GLN B 237 48.46 -5.39 -15.49
N VAL B 238 49.37 -4.47 -15.82
CA VAL B 238 49.70 -3.36 -14.92
C VAL B 238 49.73 -2.06 -15.72
N TRP B 239 49.31 -0.94 -15.10
CA TRP B 239 49.30 0.34 -15.77
C TRP B 239 50.57 1.10 -15.45
N GLU B 240 51.66 0.36 -15.53
CA GLU B 240 53.04 0.82 -15.57
C GLU B 240 53.86 -0.45 -15.86
N VAL B 241 55.12 -0.27 -16.20
CA VAL B 241 56.08 -1.36 -16.19
C VAL B 241 56.52 -1.55 -14.74
N PRO B 242 56.20 -2.68 -14.09
CA PRO B 242 56.53 -2.86 -12.69
C PRO B 242 58.05 -2.96 -12.51
N LYS B 243 58.56 -2.47 -11.38
CA LYS B 243 60.00 -2.50 -11.10
C LYS B 243 60.46 -3.95 -11.14
N TYR B 244 59.70 -4.84 -10.49
CA TYR B 244 60.06 -6.24 -10.43
C TYR B 244 58.89 -7.11 -9.97
N MET B 245 59.05 -8.42 -10.18
CA MET B 245 58.19 -9.43 -9.61
C MET B 245 59.03 -10.43 -8.82
N LEU B 246 58.37 -11.10 -7.86
CA LEU B 246 58.98 -12.16 -7.07
C LEU B 246 58.11 -13.39 -7.17
N PHE B 247 58.76 -14.52 -7.44
CA PHE B 247 58.12 -15.83 -7.33
C PHE B 247 58.85 -16.65 -6.28
N GLU B 248 58.09 -17.48 -5.56
CA GLU B 248 58.64 -18.45 -4.62
C GLU B 248 57.78 -19.72 -4.61
N THR B 249 58.43 -20.88 -4.62
CA THR B 249 57.74 -22.16 -4.53
C THR B 249 57.84 -22.67 -3.10
N ALA B 250 57.03 -23.69 -2.82
CA ALA B 250 57.07 -24.38 -1.54
C ALA B 250 56.53 -25.78 -1.70
N ASP B 251 56.77 -26.62 -0.66
CA ASP B 251 56.37 -28.01 -0.72
C ASP B 251 54.91 -28.17 -0.25
N THR B 252 54.46 -27.19 0.54
CA THR B 252 53.17 -27.26 1.24
C THR B 252 52.56 -25.87 1.25
N TYR B 253 51.21 -25.79 1.29
CA TYR B 253 50.54 -24.52 1.40
C TYR B 253 50.93 -23.84 2.73
N LEU B 254 51.06 -24.63 3.80
CA LEU B 254 51.53 -24.11 5.08
C LEU B 254 52.90 -23.45 4.94
N GLU B 255 53.82 -24.05 4.17
CA GLU B 255 55.13 -23.49 3.96
C GLU B 255 55.02 -22.25 3.07
N LEU B 256 54.14 -22.30 2.07
CA LEU B 256 54.00 -21.18 1.13
C LEU B 256 53.57 -19.90 1.86
N VAL B 257 52.60 -20.02 2.78
CA VAL B 257 52.07 -18.88 3.49
C VAL B 257 53.11 -18.38 4.49
N GLU B 258 53.92 -19.32 5.00
CA GLU B 258 55.04 -18.93 5.84
C GLU B 258 56.03 -18.10 5.04
N LYS B 259 56.32 -18.51 3.81
CA LYS B 259 57.25 -17.76 2.97
C LYS B 259 56.66 -16.40 2.59
N ILE B 260 55.35 -16.38 2.35
CA ILE B 260 54.71 -15.18 1.83
C ILE B 260 54.64 -14.12 2.94
N THR B 261 54.41 -14.56 4.19
CA THR B 261 54.49 -13.64 5.32
C THR B 261 55.94 -13.30 5.63
N GLY B 262 56.89 -14.18 5.21
CA GLY B 262 58.30 -13.91 5.28
C GLY B 262 58.66 -12.69 4.43
N LEU B 263 57.96 -12.52 3.30
CA LEU B 263 58.21 -11.40 2.42
C LEU B 263 57.51 -10.15 2.95
N PHE B 264 56.20 -10.23 3.20
CA PHE B 264 55.39 -9.04 3.39
C PHE B 264 55.36 -8.60 4.86
N GLY B 265 55.56 -9.56 5.78
CA GLY B 265 55.48 -9.30 7.21
C GLY B 265 54.42 -10.14 7.92
N ARG B 266 54.35 -9.99 9.25
CA ARG B 266 53.52 -10.82 10.11
C ARG B 266 52.84 -9.95 11.16
N GLN B 267 51.62 -10.33 11.53
CA GLN B 267 50.83 -9.55 12.46
C GLN B 267 51.30 -9.90 13.86
N PRO B 268 51.12 -8.99 14.85
CA PRO B 268 51.35 -9.32 16.27
C PRO B 268 50.32 -10.30 16.82
N GLU B 269 50.60 -10.79 18.03
CA GLU B 269 49.63 -11.47 18.85
C GLU B 269 48.57 -10.45 19.26
N LEU B 270 47.32 -10.90 19.35
CA LEU B 270 46.26 -10.07 19.86
C LEU B 270 46.44 -9.90 21.35
N PRO B 271 45.95 -8.78 21.93
CA PRO B 271 46.00 -8.57 23.38
C PRO B 271 45.25 -9.67 24.13
N GLU B 272 45.68 -9.99 25.35
CA GLU B 272 45.10 -11.07 26.14
C GLU B 272 43.62 -10.76 26.38
N TRP B 273 43.29 -9.48 26.58
CA TRP B 273 41.95 -9.08 26.96
C TRP B 273 40.90 -9.41 25.90
N VAL B 274 41.29 -9.56 24.63
CA VAL B 274 40.35 -9.90 23.56
C VAL B 274 39.65 -11.23 23.84
N TYR B 275 40.35 -12.16 24.50
CA TYR B 275 39.82 -13.50 24.71
C TYR B 275 38.81 -13.57 25.85
N ASN B 276 38.55 -12.44 26.52
CA ASN B 276 37.50 -12.34 27.54
C ASN B 276 36.07 -12.33 26.97
N GLY B 277 35.90 -12.17 25.65
CA GLY B 277 34.60 -12.32 25.02
C GLY B 277 34.28 -11.22 24.00
N VAL B 278 32.99 -10.84 23.93
CA VAL B 278 32.44 -10.03 22.86
C VAL B 278 32.84 -8.57 23.06
N VAL B 279 33.24 -7.92 21.97
CA VAL B 279 33.36 -6.49 21.89
C VAL B 279 32.00 -5.94 21.49
N LEU B 280 31.31 -5.24 22.40
CA LEU B 280 29.93 -4.86 22.17
C LEU B 280 29.87 -3.51 21.45
N GLY B 281 29.24 -3.50 20.26
CA GLY B 281 29.04 -2.28 19.50
C GLY B 281 27.80 -1.53 20.01
N ILE B 282 28.03 -0.38 20.64
CA ILE B 282 26.98 0.40 21.25
C ILE B 282 27.22 1.88 20.95
N GLN B 283 26.12 2.60 20.64
CA GLN B 283 26.17 4.03 20.44
C GLN B 283 25.18 4.68 21.40
N GLY B 284 25.25 6.01 21.47
CA GLY B 284 24.19 6.82 22.07
C GLY B 284 24.53 7.38 23.45
N GLY B 285 25.78 7.25 23.90
CA GLY B 285 26.25 7.93 25.09
C GLY B 285 26.48 6.98 26.26
N THR B 286 27.06 7.55 27.33
CA THR B 286 27.57 6.85 28.50
C THR B 286 26.48 6.09 29.25
N ASP B 287 25.32 6.73 29.48
CA ASP B 287 24.24 6.12 30.23
C ASP B 287 23.77 4.84 29.51
N VAL B 288 23.64 4.92 28.18
CA VAL B 288 23.16 3.79 27.41
C VAL B 288 24.19 2.67 27.47
N VAL B 289 25.47 3.04 27.50
CA VAL B 289 26.51 2.03 27.50
C VAL B 289 26.39 1.24 28.80
N GLU B 290 26.24 1.95 29.92
CA GLU B 290 26.21 1.33 31.24
C GLU B 290 25.01 0.40 31.35
N GLN B 291 23.86 0.78 30.77
CA GLN B 291 22.64 0.01 30.93
C GLN B 291 22.77 -1.29 30.12
N LYS B 292 23.35 -1.21 28.93
CA LYS B 292 23.48 -2.40 28.10
C LYS B 292 24.52 -3.35 28.68
N LEU B 293 25.60 -2.79 29.25
CA LEU B 293 26.63 -3.59 29.88
C LEU B 293 26.03 -4.39 31.05
N GLU B 294 25.20 -3.74 31.88
CA GLU B 294 24.60 -4.37 33.04
C GLU B 294 23.61 -5.45 32.59
N LYS B 295 22.80 -5.17 31.56
CA LYS B 295 21.77 -6.12 31.12
C LYS B 295 22.43 -7.39 30.60
N VAL B 296 23.59 -7.23 29.94
CA VAL B 296 24.27 -8.32 29.26
C VAL B 296 25.04 -9.18 30.28
N LEU B 297 25.72 -8.52 31.21
CA LEU B 297 26.47 -9.22 32.26
C LEU B 297 25.51 -10.09 33.08
N ALA B 298 24.33 -9.54 33.38
CA ALA B 298 23.31 -10.24 34.16
C ALA B 298 22.81 -11.48 33.44
N LYS B 299 22.86 -11.50 32.11
CA LYS B 299 22.44 -12.70 31.39
C LYS B 299 23.61 -13.65 31.16
N GLY B 300 24.79 -13.33 31.72
CA GLY B 300 25.92 -14.27 31.75
C GLY B 300 26.83 -14.17 30.53
N MET B 301 26.71 -13.10 29.75
CA MET B 301 27.51 -12.94 28.55
C MET B 301 28.95 -12.60 28.95
N LYS B 302 29.90 -13.16 28.21
CA LYS B 302 31.29 -12.84 28.39
C LYS B 302 31.65 -11.64 27.49
N VAL B 303 32.06 -10.53 28.11
CA VAL B 303 32.31 -9.29 27.41
C VAL B 303 33.78 -8.90 27.54
N SER B 304 34.45 -8.62 26.43
CA SER B 304 35.85 -8.19 26.44
C SER B 304 35.93 -6.67 26.56
N GLY B 305 34.98 -5.99 25.92
CA GLY B 305 35.06 -4.55 25.90
C GLY B 305 33.82 -3.95 25.25
N VAL B 306 33.77 -2.64 25.27
CA VAL B 306 32.72 -1.90 24.60
C VAL B 306 33.37 -1.05 23.51
N TRP B 307 32.75 -1.03 22.32
CA TRP B 307 33.19 -0.24 21.18
C TRP B 307 32.14 0.82 20.83
N CYS B 308 32.50 2.10 21.05
CA CYS B 308 31.61 3.23 20.86
C CYS B 308 32.14 4.15 19.76
N GLN B 309 31.70 3.92 18.52
CA GLN B 309 32.25 4.63 17.36
C GLN B 309 31.88 6.11 17.39
N ASP B 310 30.84 6.50 18.15
CA ASP B 310 30.37 7.88 18.23
C ASP B 310 30.96 8.62 19.42
N TRP B 311 32.05 8.08 20.00
CA TRP B 311 32.72 8.69 21.13
C TRP B 311 33.14 10.12 20.83
N GLN B 312 33.48 10.41 19.57
CA GLN B 312 33.92 11.74 19.16
C GLN B 312 32.74 12.56 18.64
N GLY B 313 31.57 11.93 18.48
CA GLY B 313 30.37 12.64 18.05
C GLY B 313 29.67 11.93 16.89
N LYS B 314 28.32 11.96 16.91
CA LYS B 314 27.47 11.40 15.86
C LYS B 314 27.23 12.46 14.76
N ARG B 315 26.68 11.99 13.64
CA ARG B 315 26.26 12.85 12.55
C ARG B 315 25.19 12.11 11.76
N ILE B 316 23.96 12.66 11.74
CA ILE B 316 22.87 12.04 11.02
C ILE B 316 22.91 12.55 9.57
N THR B 317 22.75 11.63 8.62
CA THR B 317 22.52 11.95 7.21
C THR B 317 21.30 11.17 6.75
N SER B 318 20.97 11.30 5.45
CA SER B 318 19.95 10.48 4.83
C SER B 318 20.37 9.01 4.82
N PHE B 319 21.69 8.75 4.88
CA PHE B 319 22.21 7.38 4.93
C PHE B 319 21.86 6.71 6.26
N GLY B 320 21.77 7.51 7.34
CA GLY B 320 21.52 6.99 8.68
C GLY B 320 22.38 7.69 9.73
N LYS B 321 22.68 6.97 10.81
CA LYS B 321 23.50 7.49 11.91
C LYS B 321 24.96 7.24 11.60
N ARG B 322 25.66 8.31 11.18
CA ARG B 322 27.07 8.28 10.87
C ARG B 322 27.82 9.02 11.98
N LEU B 323 29.00 9.60 11.69
CA LEU B 323 29.87 10.14 12.72
C LEU B 323 30.39 11.51 12.33
N MET B 324 30.71 12.31 13.33
CA MET B 324 31.40 13.57 13.10
C MET B 324 32.89 13.29 13.05
N TRP B 325 33.53 13.57 11.90
CA TRP B 325 34.88 13.10 11.66
C TRP B 325 35.90 14.11 12.20
N ASN B 326 36.02 14.12 13.55
CA ASN B 326 36.96 14.95 14.28
C ASN B 326 37.38 14.19 15.53
N TRP B 327 38.64 13.77 15.57
CA TRP B 327 39.06 12.65 16.41
C TRP B 327 39.43 13.13 17.81
N LYS B 328 38.40 13.50 18.57
CA LYS B 328 38.56 13.96 19.95
C LYS B 328 37.27 13.70 20.71
N TRP B 329 37.41 13.25 21.96
CA TRP B 329 36.29 12.95 22.83
C TRP B 329 35.25 14.08 22.83
N ASN B 330 33.99 13.68 22.67
CA ASN B 330 32.86 14.60 22.69
C ASN B 330 32.20 14.58 24.07
N GLU B 331 32.45 15.64 24.86
CA GLU B 331 32.07 15.67 26.26
C GLU B 331 30.54 15.74 26.45
N SER B 332 29.81 16.29 25.47
CA SER B 332 28.37 16.41 25.63
C SER B 332 27.70 15.07 25.33
N GLU B 333 28.17 14.37 24.29
CA GLU B 333 27.50 13.17 23.86
C GLU B 333 27.93 11.99 24.74
N TYR B 334 29.17 12.04 25.28
CA TYR B 334 29.72 10.99 26.14
C TYR B 334 30.20 11.63 27.44
N PRO B 335 29.29 12.09 28.33
CA PRO B 335 29.69 12.99 29.42
C PRO B 335 30.80 12.64 30.40
N GLU B 336 30.86 11.42 30.95
CA GLU B 336 31.88 11.17 31.98
C GLU B 336 32.92 10.17 31.49
N LEU B 337 33.12 10.10 30.16
CA LEU B 337 33.80 8.98 29.52
C LEU B 337 35.20 8.79 30.10
N ASP B 338 35.92 9.90 30.33
CA ASP B 338 37.28 9.82 30.84
C ASP B 338 37.32 8.98 32.11
N LYS B 339 36.33 9.16 33.00
CA LYS B 339 36.38 8.47 34.27
C LYS B 339 35.73 7.08 34.13
N LYS B 340 34.72 6.93 33.26
CA LYS B 340 34.08 5.64 33.08
C LYS B 340 35.04 4.60 32.44
N ILE B 341 35.97 5.06 31.59
CA ILE B 341 36.85 4.15 30.90
C ILE B 341 37.69 3.40 31.93
N ALA B 342 38.25 4.14 32.90
CA ALA B 342 39.10 3.57 33.94
C ALA B 342 38.25 2.69 34.86
N GLU B 343 36.98 3.11 35.09
CA GLU B 343 36.07 2.35 35.94
C GLU B 343 35.79 1.02 35.26
N TRP B 344 35.53 1.07 33.96
CA TRP B 344 35.23 -0.15 33.24
C TRP B 344 36.46 -1.07 33.22
N LYS B 345 37.66 -0.47 33.15
CA LYS B 345 38.89 -1.25 33.14
C LYS B 345 39.01 -2.05 34.45
N GLU B 346 38.64 -1.44 35.58
CA GLU B 346 38.70 -2.12 36.88
C GLU B 346 37.66 -3.24 36.97
N ASN B 347 36.68 -3.30 36.05
CA ASN B 347 35.78 -4.44 35.98
C ASN B 347 36.13 -5.32 34.77
N ASP B 348 37.36 -5.19 34.23
CA ASP B 348 37.87 -6.01 33.14
C ASP B 348 37.09 -5.77 31.84
N ILE B 349 36.70 -4.52 31.59
CA ILE B 349 36.02 -4.16 30.35
C ILE B 349 36.75 -3.01 29.66
N ARG B 350 37.28 -3.31 28.48
CA ARG B 350 38.06 -2.37 27.72
C ARG B 350 37.13 -1.49 26.90
N PHE B 351 37.74 -0.48 26.26
CA PHE B 351 37.02 0.56 25.54
C PHE B 351 37.68 0.79 24.20
N LEU B 352 36.88 0.77 23.13
CA LEU B 352 37.40 1.01 21.79
C LEU B 352 36.66 2.16 21.12
N GLY B 353 37.41 2.95 20.33
CA GLY B 353 36.88 4.10 19.63
C GLY B 353 36.95 3.92 18.10
N TYR B 354 37.19 5.05 17.40
CA TYR B 354 37.05 5.14 15.96
C TYR B 354 37.90 6.31 15.44
N ILE B 355 38.60 6.09 14.33
CA ILE B 355 39.24 7.16 13.59
C ILE B 355 39.25 6.75 12.13
N ASN B 356 39.38 7.74 11.24
CA ASN B 356 39.66 7.48 9.84
C ASN B 356 40.66 8.53 9.35
N PRO B 357 41.23 8.40 8.14
CA PRO B 357 42.29 9.29 7.70
C PRO B 357 41.83 10.61 7.11
N TYR B 358 40.55 10.98 7.32
CA TYR B 358 40.00 12.22 6.79
C TYR B 358 39.51 13.09 7.94
N VAL B 359 39.34 14.40 7.68
CA VAL B 359 38.90 15.35 8.70
C VAL B 359 37.77 16.23 8.15
N ALA B 360 36.71 16.38 8.95
CA ALA B 360 35.52 17.10 8.52
C ALA B 360 35.74 18.61 8.57
N ILE B 361 35.20 19.33 7.57
CA ILE B 361 35.43 20.76 7.37
C ILE B 361 34.96 21.56 8.59
N GLU B 362 33.91 21.08 9.27
CA GLU B 362 33.34 21.86 10.38
C GLU B 362 34.23 21.77 11.63
N GLY B 363 35.15 20.79 11.69
CA GLY B 363 35.91 20.48 12.90
C GLY B 363 37.22 21.26 13.02
N ASP B 364 37.81 21.19 14.22
CA ASP B 364 39.00 21.96 14.55
C ASP B 364 40.24 21.32 13.94
N LEU B 365 40.20 19.99 13.77
CA LEU B 365 41.35 19.29 13.24
C LEU B 365 41.55 19.66 11.77
N TYR B 366 40.45 19.75 11.02
CA TYR B 366 40.50 20.24 9.65
C TYR B 366 41.12 21.64 9.62
N LYS B 367 40.69 22.51 10.54
CA LYS B 367 41.11 23.91 10.55
C LYS B 367 42.61 23.96 10.84
N GLU B 368 43.04 23.16 11.83
CA GLU B 368 44.44 23.09 12.23
C GLU B 368 45.29 22.62 11.06
N ALA B 369 44.85 21.53 10.40
CA ALA B 369 45.56 20.92 9.29
C ALA B 369 45.71 21.92 8.13
N GLU B 370 44.62 22.60 7.78
CA GLU B 370 44.62 23.61 6.71
C GLU B 370 45.68 24.67 6.99
N ASP B 371 45.73 25.19 8.23
CA ASP B 371 46.66 26.25 8.61
C ASP B 371 48.10 25.77 8.51
N LYS B 372 48.34 24.49 8.89
CA LYS B 372 49.69 23.92 8.89
C LYS B 372 50.05 23.36 7.51
N GLY B 373 49.08 23.29 6.58
CA GLY B 373 49.34 22.78 5.24
C GLY B 373 49.45 21.26 5.19
N TYR B 374 48.60 20.55 5.95
CA TYR B 374 48.74 19.11 6.12
C TYR B 374 47.78 18.36 5.19
N LEU B 375 47.00 19.10 4.42
CA LEU B 375 45.91 18.52 3.68
C LEU B 375 46.26 18.47 2.20
N ALA B 376 45.73 17.45 1.53
CA ALA B 376 45.96 17.29 0.12
C ALA B 376 45.30 18.44 -0.63
N LEU B 377 45.84 18.76 -1.82
CA LEU B 377 45.39 19.94 -2.54
C LEU B 377 44.74 19.54 -3.86
N ASN B 378 43.99 20.47 -4.46
CA ASN B 378 43.54 20.37 -5.85
C ASN B 378 44.47 21.16 -6.76
N THR B 379 44.17 21.21 -8.06
CA THR B 379 45.08 21.82 -9.03
C THR B 379 45.13 23.34 -8.85
N GLU B 380 44.07 23.90 -8.24
CA GLU B 380 43.98 25.33 -7.98
C GLU B 380 44.78 25.71 -6.73
N GLY B 381 45.32 24.71 -6.00
CA GLY B 381 46.19 24.98 -4.87
C GLY B 381 45.44 25.08 -3.54
N ASN B 382 44.15 24.76 -3.51
CA ASN B 382 43.35 24.78 -2.30
C ASN B 382 43.14 23.36 -1.77
N THR B 383 42.54 23.28 -0.58
CA THR B 383 42.21 22.00 0.01
C THR B 383 41.29 21.22 -0.90
N TYR B 384 41.67 19.96 -1.18
CA TYR B 384 40.80 19.06 -1.91
C TYR B 384 39.71 18.58 -0.95
N LEU B 385 38.45 18.72 -1.36
CA LEU B 385 37.33 18.30 -0.55
C LEU B 385 36.69 17.11 -1.23
N VAL B 386 36.55 16.01 -0.46
CA VAL B 386 35.99 14.80 -1.01
C VAL B 386 34.57 14.63 -0.48
N ASP B 387 33.67 14.21 -1.38
CA ASP B 387 32.29 13.95 -1.06
C ASP B 387 32.21 12.56 -0.41
N PHE B 388 31.82 12.51 0.87
CA PHE B 388 31.65 11.24 1.58
C PHE B 388 30.17 10.89 1.68
N GLY B 389 29.30 11.68 1.05
CA GLY B 389 27.86 11.45 1.07
C GLY B 389 27.14 12.44 1.98
N GLU B 390 26.83 13.62 1.41
CA GLU B 390 26.11 14.68 2.09
C GLU B 390 27.01 15.38 3.11
N PHE B 391 28.32 15.09 3.13
CA PHE B 391 29.25 15.92 3.88
C PHE B 391 30.60 15.84 3.19
N TYR B 392 31.48 16.79 3.48
CA TYR B 392 32.74 16.94 2.76
C TYR B 392 33.88 17.01 3.77
N CYS B 393 35.01 16.40 3.40
CA CYS B 393 36.15 16.27 4.32
C CYS B 393 37.46 16.40 3.55
N GLY B 394 38.49 16.87 4.27
CA GLY B 394 39.82 16.97 3.70
C GLY B 394 40.60 15.68 3.92
N VAL B 395 41.68 15.53 3.15
CA VAL B 395 42.48 14.32 3.16
C VAL B 395 43.81 14.65 3.80
N VAL B 396 44.12 14.02 4.93
CA VAL B 396 45.41 14.27 5.56
C VAL B 396 46.48 13.64 4.67
N ASP B 397 47.48 14.43 4.27
CA ASP B 397 48.40 14.04 3.21
C ASP B 397 49.56 13.28 3.80
N PHE B 398 49.46 11.95 3.79
CA PHE B 398 50.47 11.10 4.43
C PHE B 398 51.75 11.03 3.58
N THR B 399 51.82 11.79 2.47
CA THR B 399 53.07 11.92 1.73
C THR B 399 53.92 13.03 2.37
N ASN B 400 53.31 13.78 3.28
CA ASN B 400 53.97 14.86 4.02
C ASN B 400 54.34 14.32 5.39
N GLU B 401 55.64 14.07 5.60
CA GLU B 401 56.14 13.46 6.83
C GLU B 401 55.68 14.26 8.06
N GLU B 402 55.63 15.60 7.92
CA GLU B 402 55.24 16.47 9.01
C GLU B 402 53.78 16.22 9.37
N ALA B 403 52.94 16.07 8.36
CA ALA B 403 51.51 15.81 8.54
C ALA B 403 51.29 14.42 9.12
N THR B 404 52.16 13.46 8.75
CA THR B 404 52.07 12.10 9.25
C THR B 404 52.35 12.11 10.75
N GLU B 405 53.44 12.75 11.15
CA GLU B 405 53.83 12.83 12.55
C GLU B 405 52.74 13.53 13.35
N TRP B 406 52.14 14.56 12.75
CA TRP B 406 51.06 15.30 13.39
C TRP B 406 49.88 14.36 13.70
N TYR B 407 49.48 13.53 12.72
CA TYR B 407 48.33 12.66 12.90
C TYR B 407 48.64 11.58 13.94
N LYS B 408 49.88 11.12 13.97
CA LYS B 408 50.33 10.15 14.97
C LYS B 408 50.25 10.74 16.38
N GLN B 409 50.61 12.02 16.52
CA GLN B 409 50.54 12.72 17.80
C GLN B 409 49.05 12.84 18.20
N VAL B 410 48.16 13.10 17.23
CA VAL B 410 46.73 13.15 17.47
C VAL B 410 46.26 11.82 18.06
N ILE B 411 46.78 10.70 17.54
CA ILE B 411 46.42 9.40 18.05
C ILE B 411 46.97 9.24 19.47
N LYS B 412 48.24 9.61 19.69
CA LYS B 412 48.87 9.43 21.00
C LYS B 412 48.07 10.23 22.04
N GLU B 413 47.76 11.49 21.72
CA GLU B 413 47.16 12.44 22.65
C GLU B 413 45.66 12.13 22.89
N ASN B 414 44.86 11.94 21.82
CA ASN B 414 43.41 11.94 21.94
C ASN B 414 42.84 10.53 22.09
N MET B 415 43.62 9.50 21.73
CA MET B 415 43.15 8.13 21.76
C MET B 415 43.95 7.30 22.76
N ILE B 416 45.27 7.19 22.57
CA ILE B 416 46.05 6.28 23.38
C ILE B 416 46.12 6.80 24.81
N ASP B 417 46.54 8.05 24.99
CA ASP B 417 46.64 8.64 26.33
C ASP B 417 45.26 8.79 26.99
N PHE B 418 44.20 8.86 26.20
CA PHE B 418 42.86 9.01 26.73
C PHE B 418 42.37 7.66 27.26
N GLY B 419 43.04 6.57 26.85
CA GLY B 419 42.86 5.26 27.46
C GLY B 419 42.10 4.28 26.58
N LEU B 420 42.03 4.55 25.26
CA LEU B 420 41.47 3.59 24.31
C LEU B 420 42.38 2.36 24.24
N ASP B 421 41.76 1.18 24.27
CA ASP B 421 42.48 -0.08 24.14
C ASP B 421 42.49 -0.51 22.67
N GLY B 422 41.75 0.23 21.85
CA GLY B 422 41.67 -0.07 20.44
C GLY B 422 40.67 0.83 19.74
N TRP B 423 40.50 0.57 18.45
CA TRP B 423 39.60 1.37 17.64
C TRP B 423 39.47 0.74 16.27
N MET B 424 38.33 1.05 15.63
CA MET B 424 38.17 0.88 14.19
C MET B 424 38.98 1.99 13.52
N ALA B 425 39.84 1.57 12.58
CA ALA B 425 40.59 2.47 11.70
C ALA B 425 40.03 2.34 10.29
N ASP B 426 39.01 3.17 10.01
CA ASP B 426 38.14 2.96 8.88
C ASP B 426 38.75 3.60 7.63
N PHE B 427 38.27 3.18 6.48
CA PHE B 427 38.47 3.84 5.19
C PHE B 427 39.91 3.68 4.77
N GLY B 428 40.38 4.58 3.88
CA GLY B 428 41.67 4.49 3.23
C GLY B 428 41.54 4.34 1.71
N GLU B 429 40.32 4.26 1.17
CA GLU B 429 40.16 3.86 -0.22
C GLU B 429 39.63 5.00 -1.11
N TYR B 430 39.61 6.23 -0.60
CA TYR B 430 38.93 7.33 -1.30
C TYR B 430 39.90 8.33 -1.96
N LEU B 431 41.17 8.00 -2.19
CA LEU B 431 42.05 8.98 -2.80
C LEU B 431 41.64 9.22 -4.26
N PRO B 432 41.19 10.45 -4.62
CA PRO B 432 40.84 10.75 -6.01
C PRO B 432 42.10 10.83 -6.85
N THR B 433 41.98 10.48 -8.14
CA THR B 433 43.13 10.49 -9.04
C THR B 433 43.53 11.90 -9.47
N ASP B 434 42.82 12.95 -9.04
CA ASP B 434 43.17 14.30 -9.44
C ASP B 434 43.66 15.11 -8.24
N VAL B 435 43.97 14.45 -7.13
CA VAL B 435 44.53 15.16 -5.98
C VAL B 435 45.98 15.47 -6.28
N VAL B 436 46.52 16.47 -5.59
CA VAL B 436 47.91 16.85 -5.65
C VAL B 436 48.50 16.67 -4.25
N LEU B 437 49.61 15.92 -4.18
CA LEU B 437 50.17 15.51 -2.89
C LEU B 437 51.54 16.14 -2.74
N LYS B 438 52.00 16.24 -1.48
CA LYS B 438 53.28 16.88 -1.21
C LYS B 438 54.41 16.22 -2.00
N ASN B 439 54.41 14.89 -2.11
CA ASN B 439 55.52 14.19 -2.75
C ASN B 439 55.44 14.31 -4.27
N ARG B 440 54.41 14.99 -4.80
CA ARG B 440 54.29 15.28 -6.22
C ARG B 440 54.23 13.98 -7.05
N ILE B 441 53.81 12.85 -6.47
CA ILE B 441 53.63 11.63 -7.23
C ILE B 441 52.18 11.51 -7.68
N ASP B 442 51.97 10.93 -8.86
CA ASP B 442 50.64 10.92 -9.43
C ASP B 442 49.72 10.10 -8.52
N ALA B 443 48.50 10.59 -8.35
CA ALA B 443 47.52 9.94 -7.53
C ALA B 443 47.08 8.59 -8.12
N LYS B 444 47.27 8.41 -9.43
CA LYS B 444 47.05 7.13 -10.09
C LYS B 444 47.99 6.07 -9.50
N ILE B 445 49.13 6.49 -8.92
CA ILE B 445 50.03 5.56 -8.28
C ILE B 445 49.86 5.58 -6.76
N MET B 446 49.47 6.73 -6.18
CA MET B 446 49.35 6.85 -4.73
C MET B 446 48.03 6.24 -4.21
N HIS B 447 47.02 6.13 -5.06
CA HIS B 447 45.70 5.70 -4.62
C HIS B 447 45.75 4.35 -3.90
N ASN B 448 46.39 3.35 -4.53
CA ASN B 448 46.45 2.02 -3.95
C ASN B 448 47.45 1.92 -2.81
N ALA B 449 48.33 2.91 -2.67
CA ALA B 449 49.34 2.91 -1.61
C ALA B 449 48.73 3.39 -0.30
N TRP B 450 47.60 4.10 -0.39
CA TRP B 450 47.06 4.84 0.75
C TRP B 450 46.68 3.91 1.90
N PRO B 451 46.01 2.76 1.65
CA PRO B 451 45.62 1.88 2.75
C PRO B 451 46.80 1.47 3.63
N THR B 452 47.89 1.11 2.99
CA THR B 452 49.09 0.67 3.70
C THR B 452 49.70 1.86 4.46
N MET B 453 49.66 3.04 3.85
CA MET B 453 50.19 4.23 4.52
C MET B 453 49.33 4.52 5.73
N TRP B 454 48.01 4.41 5.59
CA TRP B 454 47.09 4.63 6.69
C TRP B 454 47.36 3.61 7.79
N ALA B 455 47.61 2.35 7.41
CA ALA B 455 47.90 1.33 8.40
C ALA B 455 49.19 1.72 9.15
N LYS B 456 50.22 2.13 8.41
CA LYS B 456 51.53 2.40 9.00
C LYS B 456 51.41 3.50 10.06
N VAL B 457 50.55 4.49 9.82
CA VAL B 457 50.31 5.56 10.80
C VAL B 457 49.80 4.98 12.12
N ASN B 458 48.84 4.05 12.03
CA ASN B 458 48.25 3.45 13.21
C ASN B 458 49.34 2.63 13.92
N TYR B 459 50.06 1.82 13.14
CA TYR B 459 51.09 0.95 13.66
C TYR B 459 52.14 1.75 14.40
N GLU B 460 52.63 2.85 13.80
CA GLU B 460 53.71 3.62 14.40
C GLU B 460 53.25 4.32 15.67
N ALA B 461 51.99 4.77 15.71
CA ALA B 461 51.49 5.42 16.90
C ALA B 461 51.48 4.43 18.07
N VAL B 462 51.01 3.21 17.78
CA VAL B 462 50.89 2.18 18.78
C VAL B 462 52.27 1.70 19.18
N SER B 463 53.14 1.44 18.20
CA SER B 463 54.45 0.90 18.48
C SER B 463 55.29 1.89 19.28
N GLU B 464 55.29 3.16 18.87
CA GLU B 464 56.12 4.19 19.50
C GLU B 464 55.69 4.43 20.94
N ALA B 465 54.44 4.09 21.26
CA ALA B 465 53.93 4.23 22.62
C ALA B 465 54.18 2.97 23.43
N GLY B 466 54.79 1.94 22.83
CA GLY B 466 55.11 0.70 23.50
C GLY B 466 53.87 -0.15 23.78
N LYS B 467 52.82 -0.04 22.94
CA LYS B 467 51.54 -0.65 23.20
C LYS B 467 51.22 -1.76 22.20
N LEU B 468 52.21 -2.18 21.42
CA LEU B 468 52.02 -3.28 20.48
C LEU B 468 51.75 -4.57 21.27
N GLY B 469 50.66 -5.25 20.96
CA GLY B 469 50.27 -6.40 21.75
C GLY B 469 49.26 -6.04 22.85
N GLU B 470 49.06 -4.73 23.13
CA GLU B 470 48.14 -4.29 24.18
C GLU B 470 46.95 -3.50 23.59
N ILE B 471 47.20 -2.72 22.53
CA ILE B 471 46.18 -2.01 21.79
C ILE B 471 46.02 -2.66 20.42
N VAL B 472 44.78 -2.92 20.00
CA VAL B 472 44.51 -3.46 18.69
C VAL B 472 43.56 -2.52 17.94
N TYR B 473 43.90 -2.24 16.67
CA TYR B 473 43.03 -1.48 15.78
C TYR B 473 42.64 -2.42 14.66
N PHE B 474 41.49 -2.18 14.03
CA PHE B 474 41.04 -3.06 12.95
C PHE B 474 40.68 -2.20 11.73
N MET B 475 41.03 -2.74 10.55
CA MET B 475 40.92 -2.02 9.28
C MET B 475 40.20 -2.88 8.28
N ARG B 476 39.58 -2.22 7.29
CA ARG B 476 38.85 -2.90 6.23
C ARG B 476 39.59 -2.79 4.89
N ALA B 477 40.33 -1.69 4.74
CA ALA B 477 41.07 -1.38 3.52
C ALA B 477 42.47 -1.96 3.62
N GLY B 478 43.10 -2.22 2.46
CA GLY B 478 44.44 -2.76 2.48
C GLY B 478 45.13 -2.67 1.12
N TYR B 479 46.44 -2.89 1.15
CA TYR B 479 47.24 -3.15 -0.03
C TYR B 479 48.49 -3.87 0.45
N THR B 480 49.38 -4.21 -0.48
CA THR B 480 50.64 -4.83 -0.13
C THR B 480 51.21 -4.16 1.11
N GLY B 481 51.47 -4.98 2.15
CA GLY B 481 52.28 -4.56 3.28
C GLY B 481 51.47 -4.38 4.55
N ILE B 482 50.13 -4.43 4.48
CA ILE B 482 49.33 -4.39 5.69
C ILE B 482 49.51 -5.71 6.46
N GLN B 483 50.17 -6.69 5.83
CA GLN B 483 50.57 -7.92 6.51
C GLN B 483 51.39 -7.57 7.76
N LYS B 484 52.13 -6.46 7.71
CA LYS B 484 52.82 -5.98 8.90
C LYS B 484 52.03 -4.88 9.62
N TYR B 485 51.40 -3.96 8.89
CA TYR B 485 50.99 -2.70 9.50
C TYR B 485 49.56 -2.76 10.03
N CYS B 486 48.80 -3.78 9.67
CA CYS B 486 47.44 -3.88 10.16
C CYS B 486 47.33 -5.01 11.17
N THR B 487 46.95 -4.64 12.41
CA THR B 487 46.88 -5.57 13.53
C THR B 487 45.69 -6.53 13.43
N LEU B 488 44.66 -6.15 12.67
CA LEU B 488 43.45 -6.97 12.54
C LEU B 488 42.58 -6.45 11.42
N LEU B 489 42.16 -7.38 10.53
CA LEU B 489 41.25 -7.02 9.46
C LEU B 489 39.81 -7.22 9.93
N TRP B 490 38.88 -6.48 9.32
CA TRP B 490 37.48 -6.85 9.34
C TRP B 490 36.94 -6.72 7.92
N GLY B 491 35.81 -7.37 7.65
CA GLY B 491 35.33 -7.55 6.28
C GLY B 491 34.59 -6.30 5.77
N GLY B 492 34.66 -5.21 6.51
CA GLY B 492 33.94 -3.99 6.15
C GLY B 492 32.42 -4.15 6.19
N ASP B 493 31.73 -3.33 5.40
CA ASP B 493 30.28 -3.26 5.39
C ASP B 493 29.72 -4.37 4.52
N GLN B 494 29.13 -5.39 5.16
CA GLN B 494 28.25 -6.32 4.47
C GLN B 494 26.83 -5.78 4.53
N SER B 495 26.03 -6.20 3.56
CA SER B 495 24.59 -5.98 3.62
C SER B 495 24.04 -6.81 4.78
N VAL B 496 23.02 -6.28 5.48
CA VAL B 496 22.33 -7.02 6.51
C VAL B 496 21.37 -8.02 5.87
N ASP B 497 21.91 -8.98 5.10
CA ASP B 497 21.09 -9.96 4.42
C ASP B 497 21.82 -11.30 4.32
N TRP B 498 21.19 -12.23 3.59
CA TRP B 498 21.72 -13.57 3.39
C TRP B 498 22.27 -13.77 1.98
N SER B 499 22.56 -12.68 1.23
CA SER B 499 23.06 -12.82 -0.13
C SER B 499 24.45 -13.43 -0.08
N LEU B 500 24.81 -14.15 -1.16
CA LEU B 500 26.15 -14.74 -1.29
C LEU B 500 27.18 -13.65 -1.51
N ASP B 501 26.85 -12.60 -2.27
CA ASP B 501 27.87 -11.69 -2.74
C ASP B 501 28.10 -10.53 -1.77
N ASP B 502 27.19 -10.25 -0.82
CA ASP B 502 27.43 -9.13 0.09
C ASP B 502 26.83 -9.38 1.48
N GLY B 503 26.32 -10.59 1.73
CA GLY B 503 25.74 -10.93 3.04
C GLY B 503 26.72 -11.72 3.89
N LEU B 504 26.17 -12.52 4.82
CA LEU B 504 26.94 -13.25 5.82
C LEU B 504 27.99 -14.12 5.14
N ALA B 505 27.59 -14.80 4.07
CA ALA B 505 28.45 -15.75 3.40
C ALA B 505 29.70 -15.08 2.85
N SER B 506 29.59 -13.82 2.40
CA SER B 506 30.67 -13.19 1.67
C SER B 506 31.92 -13.10 2.55
N VAL B 507 31.74 -13.13 3.88
CA VAL B 507 32.84 -12.99 4.82
C VAL B 507 33.80 -14.16 4.71
N ILE B 508 33.31 -15.34 4.35
CA ILE B 508 34.13 -16.54 4.43
C ILE B 508 35.23 -16.48 3.37
N PRO B 509 34.91 -16.30 2.07
CA PRO B 509 35.99 -16.11 1.07
C PRO B 509 36.87 -14.91 1.40
N ALA B 510 36.30 -13.92 2.05
CA ALA B 510 37.05 -12.73 2.41
C ALA B 510 38.18 -13.09 3.37
N ALA B 511 37.90 -13.99 4.31
CA ALA B 511 38.90 -14.40 5.30
C ALA B 511 39.93 -15.34 4.68
N LEU B 512 39.43 -16.27 3.85
CA LEU B 512 40.26 -17.26 3.20
C LEU B 512 41.25 -16.57 2.28
N SER B 513 40.72 -15.77 1.33
CA SER B 513 41.53 -15.04 0.36
C SER B 513 42.60 -14.24 1.10
N SER B 514 42.22 -13.52 2.15
CA SER B 514 43.15 -12.60 2.78
C SER B 514 44.23 -13.38 3.53
N GLY B 515 43.88 -14.57 4.03
CA GLY B 515 44.83 -15.44 4.72
C GLY B 515 45.90 -15.98 3.77
N MET B 516 45.49 -16.32 2.54
CA MET B 516 46.42 -16.89 1.57
C MET B 516 47.52 -15.89 1.18
N ILE B 517 47.27 -14.59 1.29
CA ILE B 517 48.28 -13.59 0.96
C ILE B 517 48.81 -12.90 2.22
N GLY B 518 48.57 -13.51 3.37
CA GLY B 518 49.36 -13.21 4.56
C GLY B 518 48.66 -12.35 5.61
N CYS B 519 47.36 -12.13 5.46
CA CYS B 519 46.60 -11.42 6.51
C CYS B 519 45.73 -12.47 7.21
N GLY B 520 46.23 -12.94 8.35
CA GLY B 520 45.71 -14.15 8.97
C GLY B 520 44.78 -13.90 10.16
N LEU B 521 44.51 -12.63 10.48
CA LEU B 521 43.55 -12.29 11.50
C LEU B 521 42.38 -11.53 10.87
N HIS B 522 41.21 -12.16 10.87
CA HIS B 522 40.05 -11.61 10.18
C HIS B 522 38.81 -11.75 11.05
N HIS B 523 37.88 -10.80 10.94
CA HIS B 523 36.60 -10.89 11.61
C HIS B 523 35.59 -10.06 10.86
N SER B 524 34.32 -10.15 11.31
CA SER B 524 33.26 -9.40 10.65
C SER B 524 32.38 -8.75 11.71
N ASP B 525 31.61 -7.76 11.26
CA ASP B 525 30.53 -7.21 12.08
C ASP B 525 29.52 -8.33 12.32
N ILE B 526 29.27 -8.65 13.60
CA ILE B 526 28.19 -9.56 13.91
C ILE B 526 26.86 -8.88 13.58
N GLY B 527 26.22 -9.32 12.50
CA GLY B 527 24.96 -8.73 12.04
C GLY B 527 25.09 -7.99 10.71
N GLY B 528 26.32 -7.73 10.24
CA GLY B 528 26.53 -6.91 9.04
C GLY B 528 26.25 -5.45 9.36
N TYR B 529 26.23 -4.56 8.35
CA TYR B 529 26.21 -3.12 8.59
C TYR B 529 25.13 -2.42 7.77
N THR B 530 25.02 -2.73 6.47
CA THR B 530 24.38 -1.84 5.52
C THR B 530 22.89 -2.16 5.46
N SER B 531 22.08 -1.24 5.97
CA SER B 531 20.63 -1.31 5.81
C SER B 531 20.18 -0.25 4.80
N LEU B 532 19.86 -0.71 3.57
CA LEU B 532 19.42 0.14 2.46
C LEU B 532 18.55 -0.69 1.52
N HIS B 533 17.78 -0.02 0.65
CA HIS B 533 17.10 -0.67 -0.46
C HIS B 533 16.24 -1.82 0.04
N GLY B 534 15.60 -1.63 1.20
CA GLY B 534 14.66 -2.62 1.73
C GLY B 534 15.30 -3.64 2.67
N ASN B 535 16.64 -3.68 2.77
CA ASN B 535 17.31 -4.62 3.66
C ASN B 535 17.27 -4.13 5.10
N LYS B 536 16.70 -4.95 6.00
CA LYS B 536 16.66 -4.69 7.44
C LYS B 536 17.19 -5.94 8.15
N ARG B 537 17.99 -5.75 9.22
CA ARG B 537 18.57 -6.92 9.86
C ARG B 537 17.52 -7.63 10.73
N SER B 538 17.30 -8.92 10.48
CA SER B 538 16.40 -9.73 11.30
C SER B 538 17.13 -10.36 12.50
N LYS B 539 16.32 -10.79 13.47
CA LYS B 539 16.79 -11.51 14.65
C LYS B 539 17.59 -12.74 14.20
N GLU B 540 17.03 -13.49 13.23
CA GLU B 540 17.66 -14.74 12.82
C GLU B 540 19.06 -14.51 12.27
N LEU B 541 19.22 -13.45 11.48
CA LEU B 541 20.48 -13.19 10.82
C LEU B 541 21.52 -12.83 11.86
N LEU B 542 21.14 -11.97 12.83
CA LEU B 542 22.06 -11.57 13.89
C LEU B 542 22.56 -12.83 14.62
N MET B 543 21.66 -13.79 14.86
CA MET B 543 22.03 -14.98 15.60
C MET B 543 22.97 -15.85 14.79
N ARG B 544 22.63 -16.09 13.51
CA ARG B 544 23.51 -16.91 12.68
C ARG B 544 24.90 -16.27 12.56
N TRP B 545 24.94 -14.94 12.54
CA TRP B 545 26.20 -14.25 12.36
C TRP B 545 27.06 -14.41 13.61
N ALA B 546 26.45 -14.33 14.79
CA ALA B 546 27.14 -14.62 16.06
C ALA B 546 27.68 -16.04 16.09
N GLU B 547 26.97 -17.00 15.47
CA GLU B 547 27.42 -18.37 15.41
C GLU B 547 28.76 -18.48 14.68
N MET B 548 28.89 -17.79 13.55
CA MET B 548 30.14 -17.79 12.81
C MET B 548 31.21 -17.03 13.60
N GLY B 549 30.81 -15.93 14.22
CA GLY B 549 31.73 -14.99 14.88
C GLY B 549 32.48 -15.64 16.03
N ALA B 550 31.84 -16.61 16.70
CA ALA B 550 32.42 -17.29 17.83
C ALA B 550 33.59 -18.16 17.40
N PHE B 551 33.65 -18.51 16.10
CA PHE B 551 34.73 -19.30 15.53
C PHE B 551 35.62 -18.43 14.65
N THR B 552 35.95 -17.24 15.17
CA THR B 552 36.89 -16.32 14.57
C THR B 552 37.68 -15.70 15.72
N PRO B 553 38.79 -15.00 15.40
CA PRO B 553 39.60 -14.34 16.42
C PRO B 553 38.88 -13.36 17.33
N MET B 554 37.89 -12.63 16.81
CA MET B 554 37.23 -11.60 17.60
C MET B 554 35.72 -11.60 17.32
N MET B 555 34.95 -11.59 18.41
CA MET B 555 33.52 -11.36 18.37
C MET B 555 33.32 -9.87 18.62
N ARG B 556 32.74 -9.19 17.64
CA ARG B 556 32.38 -7.78 17.78
C ARG B 556 31.06 -7.53 17.06
N THR B 557 30.18 -6.73 17.68
CA THR B 557 28.89 -6.39 17.08
C THR B 557 28.96 -4.98 16.51
N HIS B 558 27.95 -4.61 15.72
CA HIS B 558 27.80 -3.28 15.14
C HIS B 558 26.30 -2.99 15.11
N GLU B 559 25.94 -1.74 15.44
CA GLU B 559 24.56 -1.31 15.38
C GLU B 559 24.06 -1.22 13.94
N GLY B 560 24.98 -0.99 12.98
CA GLY B 560 24.62 -0.75 11.58
C GLY B 560 24.36 0.73 11.31
N ASN B 561 24.09 1.05 10.03
CA ASN B 561 23.94 2.42 9.59
C ASN B 561 22.64 3.04 10.10
N ARG B 562 21.61 2.20 10.23
CA ARG B 562 20.29 2.61 10.75
C ARG B 562 19.89 1.70 11.92
N PRO B 563 20.35 2.01 13.14
CA PRO B 563 20.16 1.10 14.28
C PRO B 563 18.70 0.69 14.56
N ASP B 564 17.76 1.64 14.37
CA ASP B 564 16.34 1.40 14.61
C ASP B 564 15.72 0.48 13.57
N ASP B 565 16.38 0.29 12.43
CA ASP B 565 15.88 -0.59 11.38
C ASP B 565 16.46 -2.00 11.50
N CYS B 566 17.43 -2.18 12.40
CA CYS B 566 18.12 -3.46 12.52
C CYS B 566 17.90 -4.07 13.90
N PHE B 567 17.63 -5.37 13.94
CA PHE B 567 17.55 -6.07 15.21
C PHE B 567 18.92 -6.00 15.90
N GLN B 568 18.93 -5.68 17.21
CA GLN B 568 20.17 -5.54 17.96
C GLN B 568 20.32 -6.70 18.95
N PHE B 569 21.48 -6.74 19.63
CA PHE B 569 21.83 -7.87 20.49
C PHE B 569 20.95 -7.87 21.76
N ASP B 570 20.49 -6.68 22.17
CA ASP B 570 19.53 -6.54 23.27
C ASP B 570 18.10 -6.39 22.75
N GLY B 571 17.80 -6.88 21.55
CA GLY B 571 16.48 -6.72 20.96
C GLY B 571 15.42 -7.54 21.72
N ASP B 572 15.83 -8.70 22.26
CA ASP B 572 14.95 -9.53 23.06
C ASP B 572 15.82 -10.49 23.88
N GLU B 573 15.19 -11.18 24.83
CA GLU B 573 15.90 -12.05 25.75
C GLU B 573 16.43 -13.25 24.99
N GLU B 574 15.71 -13.79 24.01
CA GLU B 574 16.19 -14.96 23.27
C GLU B 574 17.53 -14.60 22.58
N THR B 575 17.63 -13.41 22.00
CA THR B 575 18.82 -12.97 21.31
C THR B 575 19.94 -12.75 22.32
N LEU B 576 19.66 -12.06 23.43
CA LEU B 576 20.62 -11.86 24.53
C LEU B 576 21.23 -13.19 24.94
N GLU B 577 20.37 -14.19 25.17
CA GLU B 577 20.77 -15.50 25.65
C GLU B 577 21.57 -16.23 24.58
N HIS B 578 21.21 -16.03 23.30
CA HIS B 578 21.90 -16.67 22.19
C HIS B 578 23.34 -16.14 22.14
N LEU B 579 23.47 -14.81 22.16
CA LEU B 579 24.79 -14.21 22.11
C LEU B 579 25.63 -14.57 23.34
N ALA B 580 25.01 -14.60 24.53
CA ALA B 580 25.67 -15.05 25.76
C ALA B 580 26.21 -16.46 25.58
N ARG B 581 25.38 -17.36 25.09
CA ARG B 581 25.83 -18.72 24.88
C ARG B 581 27.04 -18.72 23.92
N MET B 582 26.93 -18.02 22.79
CA MET B 582 28.01 -18.04 21.81
C MET B 582 29.27 -17.37 22.40
N SER B 583 29.11 -16.36 23.25
CA SER B 583 30.24 -15.76 23.93
C SER B 583 30.94 -16.80 24.81
N ASN B 584 30.17 -17.73 25.42
CA ASN B 584 30.73 -18.79 26.26
C ASN B 584 31.46 -19.82 25.42
N VAL B 585 30.94 -20.09 24.21
CA VAL B 585 31.65 -20.98 23.29
C VAL B 585 33.03 -20.41 22.97
N TYR B 586 33.07 -19.13 22.60
CA TYR B 586 34.33 -18.47 22.27
C TYR B 586 35.32 -18.56 23.43
N VAL B 587 34.89 -18.18 24.65
CA VAL B 587 35.79 -18.09 25.79
C VAL B 587 36.30 -19.48 26.16
N THR B 588 35.43 -20.49 26.09
CA THR B 588 35.83 -21.86 26.35
C THR B 588 36.98 -22.23 25.42
N MET B 589 36.93 -21.78 24.15
CA MET B 589 37.93 -22.11 23.15
C MET B 589 39.14 -21.19 23.17
N ALA B 590 39.09 -20.15 24.00
CA ALA B 590 40.14 -19.14 24.07
C ALA B 590 41.54 -19.73 24.04
N PRO B 591 41.90 -20.76 24.86
CA PRO B 591 43.26 -21.29 24.84
C PRO B 591 43.64 -21.79 23.45
N TYR B 592 42.71 -22.41 22.70
CA TYR B 592 43.01 -22.90 21.37
C TYR B 592 43.16 -21.72 20.39
N ILE B 593 42.28 -20.73 20.51
CA ILE B 593 42.30 -19.58 19.62
C ILE B 593 43.62 -18.83 19.83
N LYS B 594 44.03 -18.68 21.09
CA LYS B 594 45.30 -18.06 21.44
C LYS B 594 46.42 -18.76 20.69
N SER B 595 46.45 -20.11 20.74
CA SER B 595 47.47 -20.88 20.07
C SER B 595 47.48 -20.61 18.57
N LEU B 596 46.29 -20.35 18.00
CA LEU B 596 46.15 -20.11 16.57
C LEU B 596 46.72 -18.73 16.24
N VAL B 597 46.46 -17.77 17.13
CA VAL B 597 46.91 -16.41 16.93
C VAL B 597 48.42 -16.35 17.13
N GLU B 598 48.95 -17.19 18.01
CA GLU B 598 50.39 -17.29 18.23
C GLU B 598 51.07 -17.90 17.01
N GLU B 599 50.45 -18.93 16.41
CA GLU B 599 50.98 -19.55 15.20
C GLU B 599 51.02 -18.53 14.06
N ASN B 600 49.94 -17.74 13.92
CA ASN B 600 49.88 -16.73 12.90
C ASN B 600 51.01 -15.70 13.08
N ALA B 601 51.31 -15.33 14.33
CA ALA B 601 52.38 -14.36 14.58
C ALA B 601 53.76 -14.93 14.30
N ARG B 602 53.96 -16.22 14.58
CA ARG B 602 55.28 -16.83 14.51
C ARG B 602 55.56 -17.24 13.05
N ARG B 603 54.58 -17.86 12.36
CA ARG B 603 54.84 -18.46 11.06
C ARG B 603 53.92 -17.91 9.96
N GLY B 604 52.95 -17.05 10.31
CA GLY B 604 52.07 -16.47 9.32
C GLY B 604 51.02 -17.45 8.76
N ILE B 605 50.78 -18.57 9.48
CA ILE B 605 49.72 -19.50 9.12
C ILE B 605 48.39 -18.94 9.62
N PRO B 606 47.44 -18.64 8.71
CA PRO B 606 46.25 -17.87 9.10
C PRO B 606 45.33 -18.66 10.04
N VAL B 607 44.58 -17.93 10.88
CA VAL B 607 43.63 -18.53 11.81
C VAL B 607 42.52 -19.25 11.06
N GLN B 608 42.01 -18.64 9.98
CA GLN B 608 40.96 -19.29 9.20
C GLN B 608 41.60 -19.80 7.92
N ARG B 609 41.49 -21.12 7.70
CA ARG B 609 42.30 -21.79 6.71
C ARG B 609 41.42 -22.51 5.72
N PRO B 610 41.81 -22.55 4.43
CA PRO B 610 41.08 -23.32 3.44
C PRO B 610 41.32 -24.80 3.73
N LEU B 611 40.31 -25.61 3.41
CA LEU B 611 40.37 -27.03 3.71
C LEU B 611 41.56 -27.70 3.01
N PHE B 612 41.98 -27.17 1.85
CA PHE B 612 43.06 -27.79 1.11
C PHE B 612 44.41 -27.58 1.79
N MET B 613 44.48 -26.65 2.75
CA MET B 613 45.72 -26.36 3.43
C MET B 613 46.09 -27.55 4.32
N HIS B 614 45.10 -28.33 4.79
CA HIS B 614 45.42 -29.53 5.56
C HIS B 614 45.00 -30.82 4.86
N TYR B 615 44.36 -30.74 3.68
CA TYR B 615 43.97 -31.94 2.94
C TYR B 615 44.35 -31.74 1.48
N GLU B 616 45.64 -31.57 1.22
CA GLU B 616 46.14 -31.27 -0.10
C GLU B 616 45.70 -32.29 -1.15
N GLU B 617 45.44 -33.54 -0.73
CA GLU B 617 45.26 -34.62 -1.68
C GLU B 617 43.79 -34.71 -2.09
N ASP B 618 42.93 -33.94 -1.41
CA ASP B 618 41.49 -34.00 -1.63
C ASP B 618 41.04 -32.93 -2.62
N GLU B 619 40.62 -33.37 -3.81
CA GLU B 619 40.41 -32.49 -4.96
C GLU B 619 39.23 -31.55 -4.69
N LYS B 620 38.23 -32.02 -3.93
CA LYS B 620 37.01 -31.26 -3.68
C LYS B 620 37.31 -30.02 -2.81
N THR B 621 38.43 -30.00 -2.06
CA THR B 621 38.65 -28.92 -1.11
C THR B 621 39.16 -27.65 -1.80
N TYR B 622 39.63 -27.75 -3.04
CA TYR B 622 40.21 -26.61 -3.71
C TYR B 622 39.13 -25.63 -4.20
N ASP B 623 37.84 -26.02 -4.12
CA ASP B 623 36.77 -25.19 -4.60
C ASP B 623 35.74 -24.91 -3.51
N ILE B 624 36.03 -25.24 -2.25
CA ILE B 624 35.15 -24.86 -1.17
C ILE B 624 35.56 -23.49 -0.68
N GLN B 625 34.57 -22.60 -0.47
CA GLN B 625 34.81 -21.24 0.01
C GLN B 625 33.78 -20.81 1.06
N TYR B 626 32.83 -21.69 1.44
CA TYR B 626 31.86 -21.36 2.47
C TYR B 626 32.05 -22.28 3.67
N GLN B 627 33.19 -22.96 3.71
CA GLN B 627 33.65 -23.69 4.89
C GLN B 627 35.12 -23.31 5.11
N TYR B 628 35.57 -23.37 6.36
CA TYR B 628 36.98 -23.17 6.67
C TYR B 628 37.42 -24.02 7.83
N LEU B 629 38.72 -24.23 7.93
CA LEU B 629 39.32 -24.85 9.10
C LEU B 629 39.72 -23.75 10.09
N PHE B 630 39.24 -23.89 11.32
CA PHE B 630 39.55 -22.97 12.39
C PHE B 630 40.74 -23.56 13.12
N GLY B 631 41.94 -23.20 12.66
CA GLY B 631 43.14 -23.91 13.03
C GLY B 631 43.12 -25.26 12.36
N GLU B 632 43.95 -26.18 12.86
CA GLU B 632 44.09 -27.47 12.22
C GLU B 632 42.91 -28.38 12.58
N ASP B 633 42.28 -28.11 13.72
CA ASP B 633 41.57 -29.16 14.43
C ASP B 633 40.07 -28.91 14.43
N VAL B 634 39.61 -27.80 13.85
CA VAL B 634 38.18 -27.51 13.82
C VAL B 634 37.74 -27.19 12.40
N LEU B 635 36.66 -27.80 11.94
CA LEU B 635 36.04 -27.45 10.68
C LEU B 635 34.76 -26.66 10.95
N VAL B 636 34.59 -25.52 10.27
CA VAL B 636 33.42 -24.67 10.47
C VAL B 636 32.70 -24.54 9.14
N ALA B 637 31.37 -24.74 9.15
CA ALA B 637 30.55 -24.59 7.96
C ALA B 637 29.32 -23.78 8.34
N PRO B 638 29.47 -22.45 8.44
CA PRO B 638 28.40 -21.57 8.92
C PRO B 638 27.14 -21.65 8.05
N VAL B 639 25.99 -21.61 8.74
CA VAL B 639 24.70 -21.53 8.08
C VAL B 639 24.56 -20.10 7.60
N HIS B 640 24.51 -19.93 6.27
CA HIS B 640 24.51 -18.63 5.61
C HIS B 640 23.22 -18.39 4.81
N GLN B 641 22.22 -19.27 4.99
CA GLN B 641 20.91 -19.10 4.36
C GLN B 641 19.86 -18.97 5.44
N GLU B 642 18.76 -18.31 5.11
CA GLU B 642 17.69 -18.04 6.05
C GLU B 642 16.83 -19.30 6.25
N ASN B 643 16.28 -19.44 7.46
CA ASN B 643 15.22 -20.39 7.74
C ASN B 643 15.68 -21.83 7.52
N GLN B 644 16.90 -22.16 7.96
CA GLN B 644 17.39 -23.53 7.84
C GLN B 644 17.40 -24.17 9.23
N THR B 645 17.16 -25.48 9.27
CA THR B 645 17.22 -26.25 10.52
C THR B 645 18.30 -27.31 10.40
N GLU B 646 18.84 -27.52 9.18
CA GLU B 646 19.93 -28.46 8.91
C GLU B 646 20.82 -27.92 7.79
N TRP B 647 22.00 -28.55 7.63
CA TRP B 647 23.04 -28.02 6.74
C TRP B 647 23.96 -29.13 6.23
N GLU B 648 24.12 -29.18 4.90
CA GLU B 648 25.02 -30.15 4.29
C GLU B 648 26.44 -29.63 4.47
N VAL B 649 27.36 -30.53 4.85
CA VAL B 649 28.74 -30.18 5.12
C VAL B 649 29.62 -31.19 4.40
N TYR B 650 30.72 -30.71 3.82
CA TYR B 650 31.73 -31.61 3.29
C TYR B 650 32.84 -31.78 4.32
N LEU B 651 33.08 -33.04 4.69
CA LEU B 651 34.16 -33.38 5.59
C LEU B 651 35.23 -34.14 4.82
N PRO B 652 36.49 -33.69 4.85
CA PRO B 652 37.58 -34.50 4.30
C PRO B 652 37.83 -35.73 5.18
N GLU B 653 38.62 -36.69 4.65
CA GLU B 653 38.90 -37.95 5.30
C GLU B 653 39.71 -37.69 6.57
N ASP B 654 39.05 -37.83 7.73
CA ASP B 654 39.64 -37.71 9.05
C ASP B 654 38.60 -38.17 10.07
N GLN B 655 39.01 -38.32 11.34
CA GLN B 655 38.08 -38.69 12.39
C GLN B 655 37.55 -37.43 13.08
N TRP B 656 36.27 -37.14 12.83
CA TRP B 656 35.63 -35.90 13.24
C TRP B 656 34.57 -36.16 14.32
N VAL B 657 34.35 -35.14 15.16
CA VAL B 657 33.29 -35.16 16.14
C VAL B 657 32.45 -33.89 15.98
N HIS B 658 31.15 -34.06 15.72
CA HIS B 658 30.20 -32.95 15.75
C HIS B 658 30.21 -32.37 17.16
N VAL B 659 30.52 -31.09 17.27
CA VAL B 659 30.81 -30.45 18.53
C VAL B 659 29.64 -30.57 19.52
N TRP B 660 28.40 -30.51 19.02
CA TRP B 660 27.22 -30.35 19.87
C TRP B 660 26.62 -31.69 20.26
N SER B 661 26.78 -32.71 19.41
CA SER B 661 26.10 -33.99 19.56
C SER B 661 27.06 -35.07 20.06
N GLY B 662 28.36 -34.91 19.76
CA GLY B 662 29.37 -35.92 20.09
C GLY B 662 29.40 -37.04 19.05
N GLU B 663 28.54 -36.97 18.01
CA GLU B 663 28.45 -38.03 17.02
C GLU B 663 29.75 -38.02 16.22
N ALA B 664 30.20 -39.22 15.82
CA ALA B 664 31.45 -39.36 15.09
C ALA B 664 31.16 -39.48 13.60
N TYR B 665 32.07 -38.91 12.78
CA TYR B 665 31.95 -38.96 11.34
C TYR B 665 33.34 -39.20 10.72
N THR B 666 33.34 -39.92 9.60
CA THR B 666 34.50 -40.03 8.73
C THR B 666 34.25 -39.12 7.53
N GLY B 667 34.98 -39.30 6.42
CA GLY B 667 34.92 -38.36 5.31
C GLY B 667 33.62 -38.45 4.50
N GLY B 668 33.15 -37.30 3.99
CA GLY B 668 32.13 -37.28 2.95
C GLY B 668 31.12 -36.15 3.17
N SER B 669 30.18 -36.04 2.23
CA SER B 669 29.07 -35.11 2.36
C SER B 669 28.09 -35.67 3.40
N VAL B 670 27.70 -34.84 4.36
CA VAL B 670 26.81 -35.27 5.42
C VAL B 670 25.91 -34.09 5.72
N THR B 671 24.65 -34.40 6.05
CA THR B 671 23.73 -33.41 6.57
C THR B 671 23.67 -33.59 8.09
N VAL B 672 23.76 -32.46 8.82
CA VAL B 672 23.59 -32.46 10.26
C VAL B 672 22.54 -31.42 10.62
N GLN B 673 21.83 -31.66 11.72
CA GLN B 673 20.91 -30.68 12.27
C GLN B 673 21.70 -29.46 12.73
N ALA B 674 21.12 -28.27 12.53
CA ALA B 674 21.79 -27.02 12.87
C ALA B 674 20.79 -25.98 13.34
N PRO B 675 19.96 -26.27 14.37
CA PRO B 675 19.05 -25.26 14.91
C PRO B 675 19.85 -24.05 15.39
N LEU B 676 19.15 -22.94 15.58
CA LEU B 676 19.78 -21.73 16.06
C LEU B 676 20.51 -22.01 17.36
N GLY B 677 21.80 -21.62 17.40
CA GLY B 677 22.68 -21.86 18.53
C GLY B 677 23.59 -23.07 18.32
N TYR B 678 23.43 -23.81 17.22
CA TYR B 678 24.13 -25.07 17.05
C TYR B 678 24.78 -25.13 15.66
N PRO B 679 25.77 -24.24 15.39
CA PRO B 679 26.39 -24.17 14.07
C PRO B 679 27.12 -25.44 13.67
N PRO B 680 27.15 -25.78 12.36
CA PRO B 680 27.80 -26.99 11.90
C PRO B 680 29.31 -26.92 12.09
N VAL B 681 29.77 -27.40 13.26
CA VAL B 681 31.16 -27.31 13.67
C VAL B 681 31.61 -28.69 14.13
N PHE B 682 32.83 -29.07 13.75
CA PHE B 682 33.37 -30.38 14.07
C PHE B 682 34.82 -30.21 14.52
N TYR B 683 35.30 -31.14 15.35
CA TYR B 683 36.70 -31.17 15.80
C TYR B 683 37.27 -32.56 15.58
N ARG B 684 38.58 -32.62 15.33
CA ARG B 684 39.29 -33.89 15.11
C ARG B 684 39.51 -34.62 16.43
N LYS B 685 39.21 -35.94 16.45
CA LYS B 685 39.36 -36.74 17.67
C LYS B 685 40.83 -36.79 18.07
N LYS B 686 41.72 -36.79 17.06
CA LYS B 686 43.17 -36.80 17.24
C LYS B 686 43.70 -35.52 17.89
N SER B 687 42.87 -34.48 18.06
CA SER B 687 43.37 -33.17 18.48
C SER B 687 43.91 -33.27 19.90
N ILE B 688 45.07 -32.63 20.14
CA ILE B 688 45.63 -32.50 21.47
C ILE B 688 44.74 -31.58 22.31
N TRP B 689 43.68 -31.02 21.71
CA TRP B 689 42.75 -30.16 22.43
C TRP B 689 41.43 -30.86 22.67
N SER B 690 41.35 -32.19 22.39
CA SER B 690 40.07 -32.91 22.44
C SER B 690 39.38 -32.76 23.80
N GLU B 691 40.17 -32.74 24.89
CA GLU B 691 39.60 -32.54 26.23
C GLU B 691 38.76 -31.26 26.24
N LEU B 692 39.32 -30.16 25.70
CA LEU B 692 38.69 -28.85 25.69
C LEU B 692 37.42 -28.82 24.83
N PHE B 693 37.48 -29.41 23.63
CA PHE B 693 36.37 -29.41 22.68
C PHE B 693 35.21 -30.24 23.19
N SER B 694 35.51 -31.24 24.04
CA SER B 694 34.48 -32.08 24.65
C SER B 694 33.60 -31.25 25.57
N LYS B 695 34.12 -30.15 26.14
CA LYS B 695 33.35 -29.34 27.09
C LYS B 695 32.20 -28.59 26.40
N LEU B 696 32.20 -28.58 25.06
CA LEU B 696 31.21 -27.85 24.30
C LEU B 696 29.90 -28.63 24.20
N ILE B 697 29.93 -29.94 24.45
CA ILE B 697 28.72 -30.76 24.48
C ILE B 697 27.75 -30.21 25.53
N HIS B 698 28.28 -29.71 26.65
CA HIS B 698 27.45 -29.29 27.76
C HIS B 698 27.23 -27.77 27.76
N ILE B 699 27.81 -27.07 26.80
CA ILE B 699 27.61 -25.63 26.70
C ILE B 699 26.66 -25.40 25.52
N LYS C 29 -43.67 22.41 -21.11
CA LYS C 29 -44.95 21.73 -20.77
C LYS C 29 -44.76 20.22 -20.93
N GLY C 30 -45.05 19.45 -19.86
CA GLY C 30 -44.89 18.01 -19.93
C GLY C 30 -43.42 17.59 -19.84
N VAL C 31 -43.13 16.41 -20.40
CA VAL C 31 -41.92 15.67 -20.09
C VAL C 31 -40.89 15.92 -21.20
N ASN C 32 -39.82 16.67 -20.89
CA ASN C 32 -38.69 16.77 -21.80
C ASN C 32 -37.52 15.96 -21.25
N VAL C 33 -36.99 15.06 -22.09
CA VAL C 33 -35.75 14.35 -21.82
C VAL C 33 -34.65 14.90 -22.73
N GLU C 34 -33.73 15.69 -22.17
CA GLU C 34 -32.63 16.27 -22.92
C GLU C 34 -31.45 15.30 -22.87
N ILE C 35 -30.85 15.01 -24.03
CA ILE C 35 -29.65 14.19 -24.06
C ILE C 35 -28.48 15.13 -23.97
N LEU C 36 -27.62 14.97 -22.95
CA LEU C 36 -26.42 15.78 -22.80
C LEU C 36 -25.23 14.91 -23.20
N GLN C 37 -24.02 15.51 -23.14
CA GLN C 37 -22.78 14.87 -23.58
C GLN C 37 -22.46 13.65 -22.71
N ASP C 38 -22.63 13.81 -21.38
CA ASP C 38 -22.22 12.81 -20.41
C ASP C 38 -23.41 12.08 -19.81
N GLY C 39 -24.66 12.36 -20.26
CA GLY C 39 -25.81 11.61 -19.77
C GLY C 39 -27.14 12.20 -20.22
N PHE C 40 -28.01 12.54 -19.25
CA PHE C 40 -29.34 13.02 -19.57
C PHE C 40 -30.00 13.74 -18.39
N GLU C 41 -31.09 14.45 -18.71
CA GLU C 41 -31.89 15.25 -17.78
C GLU C 41 -33.36 15.03 -18.13
N VAL C 42 -34.19 14.77 -17.12
CA VAL C 42 -35.63 14.65 -17.33
C VAL C 42 -36.31 15.81 -16.62
N ALA C 43 -37.17 16.53 -17.33
CA ALA C 43 -37.87 17.67 -16.76
C ALA C 43 -39.37 17.54 -17.00
N LEU C 44 -40.14 18.11 -16.07
CA LEU C 44 -41.59 18.16 -16.15
C LEU C 44 -42.03 19.60 -15.93
N ASN C 45 -42.66 20.21 -16.95
CA ASN C 45 -43.08 21.59 -16.84
C ASN C 45 -41.90 22.44 -16.35
N GLY C 46 -40.70 22.17 -16.88
CA GLY C 46 -39.54 23.02 -16.65
C GLY C 46 -38.89 22.76 -15.29
N VAL C 47 -39.50 21.95 -14.43
CA VAL C 47 -38.83 21.53 -13.21
C VAL C 47 -37.92 20.35 -13.57
N VAL C 48 -36.61 20.51 -13.35
CA VAL C 48 -35.65 19.47 -13.63
C VAL C 48 -35.62 18.56 -12.42
N LEU C 49 -35.93 17.28 -12.64
CA LEU C 49 -36.15 16.33 -11.55
C LEU C 49 -35.04 15.29 -11.49
N LEU C 50 -34.70 14.71 -12.65
CA LEU C 50 -33.75 13.61 -12.69
C LEU C 50 -32.53 14.09 -13.48
N GLN C 51 -31.34 13.85 -12.95
CA GLN C 51 -30.11 14.25 -13.62
C GLN C 51 -29.12 13.10 -13.49
N HIS C 52 -28.68 12.58 -14.63
CA HIS C 52 -27.73 11.51 -14.67
C HIS C 52 -26.52 11.94 -15.49
N THR C 53 -25.32 11.75 -14.91
CA THR C 53 -24.05 11.81 -15.61
C THR C 53 -23.28 10.55 -15.24
N ILE C 54 -22.24 10.21 -16.02
CA ILE C 54 -21.36 9.11 -15.65
C ILE C 54 -20.69 9.42 -14.31
N GLN C 55 -20.33 10.68 -14.07
CA GLN C 55 -19.59 11.08 -12.88
C GLN C 55 -20.54 11.21 -11.68
N LYS C 56 -21.78 11.62 -11.93
CA LYS C 56 -22.80 11.80 -10.91
C LYS C 56 -24.03 10.96 -11.25
N PRO C 57 -23.97 9.61 -11.17
CA PRO C 57 -25.09 8.75 -11.56
C PRO C 57 -26.27 8.91 -10.62
N MET C 58 -27.48 8.63 -11.13
CA MET C 58 -28.70 8.88 -10.39
C MET C 58 -29.28 7.57 -9.87
N LEU C 59 -28.88 6.44 -10.44
CA LEU C 59 -29.46 5.16 -10.06
C LEU C 59 -28.39 4.19 -9.58
N PHE C 60 -28.71 3.49 -8.49
CA PHE C 60 -27.86 2.43 -7.96
C PHE C 60 -28.75 1.24 -7.64
N VAL C 61 -28.21 0.03 -7.83
CA VAL C 61 -28.90 -1.22 -7.57
C VAL C 61 -27.95 -2.10 -6.75
N GLY C 62 -28.47 -3.04 -5.97
CA GLY C 62 -27.60 -3.89 -5.16
C GLY C 62 -28.32 -5.02 -4.45
N HIS C 63 -27.61 -5.63 -3.47
CA HIS C 63 -28.14 -6.75 -2.72
C HIS C 63 -27.90 -6.51 -1.23
N GLY C 64 -28.92 -6.85 -0.45
CA GLY C 64 -28.81 -6.78 1.00
C GLY C 64 -29.45 -8.00 1.64
N GLU C 65 -29.03 -8.26 2.89
CA GLU C 65 -29.57 -9.32 3.72
C GLU C 65 -29.97 -8.70 5.05
N GLU C 66 -31.29 -8.54 5.23
CA GLU C 66 -31.83 -7.76 6.33
C GLU C 66 -32.14 -8.67 7.52
N THR C 67 -32.06 -8.09 8.72
CA THR C 67 -32.53 -8.73 9.93
C THR C 67 -33.68 -7.90 10.49
N ILE C 68 -34.87 -8.50 10.61
CA ILE C 68 -36.02 -7.83 11.18
C ILE C 68 -36.52 -8.61 12.40
N GLU C 69 -36.41 -8.00 13.59
CA GLU C 69 -36.94 -8.56 14.83
C GLU C 69 -38.15 -7.73 15.27
N MET C 70 -39.29 -8.42 15.47
CA MET C 70 -40.49 -7.79 16.00
C MET C 70 -40.62 -8.07 17.50
N TYR C 71 -41.06 -7.08 18.27
CA TYR C 71 -41.46 -7.30 19.67
C TYR C 71 -42.63 -6.36 19.96
N ARG C 72 -43.85 -6.90 20.00
CA ARG C 72 -45.06 -6.15 20.38
C ARG C 72 -45.23 -4.89 19.54
N GLY C 73 -45.09 -5.04 18.22
CA GLY C 73 -45.35 -3.96 17.29
C GLY C 73 -44.13 -3.05 17.08
N ASN C 74 -43.04 -3.32 17.79
CA ASN C 74 -41.80 -2.58 17.62
C ASN C 74 -40.86 -3.43 16.78
N PHE C 75 -40.21 -2.79 15.81
CA PHE C 75 -39.38 -3.50 14.84
C PHE C 75 -37.94 -3.02 14.96
N ASP C 76 -37.02 -3.97 15.14
CA ASP C 76 -35.63 -3.66 14.98
C ASP C 76 -35.22 -4.15 13.59
N ILE C 77 -34.77 -3.21 12.75
CA ILE C 77 -34.43 -3.47 11.37
C ILE C 77 -32.98 -3.07 11.14
N LYS C 78 -32.15 -4.02 10.75
CA LYS C 78 -30.76 -3.80 10.39
C LYS C 78 -30.59 -4.36 8.99
N ASP C 79 -29.81 -3.66 8.16
CA ASP C 79 -29.50 -4.17 6.85
C ASP C 79 -28.02 -4.55 6.83
N TYR C 80 -27.69 -5.56 5.99
CA TYR C 80 -26.32 -5.89 5.64
C TYR C 80 -26.22 -5.84 4.11
N VAL C 81 -25.63 -4.78 3.59
CA VAL C 81 -25.52 -4.56 2.16
C VAL C 81 -24.25 -5.24 1.65
N THR C 82 -24.42 -6.23 0.76
CA THR C 82 -23.30 -6.98 0.20
C THR C 82 -22.87 -6.40 -1.15
N GLU C 83 -23.81 -5.81 -1.90
CA GLU C 83 -23.49 -5.14 -3.15
C GLU C 83 -24.27 -3.83 -3.31
N ARG C 84 -23.60 -2.83 -3.86
CA ARG C 84 -24.26 -1.64 -4.36
C ARG C 84 -23.50 -1.17 -5.60
N THR C 85 -24.21 -1.13 -6.73
CA THR C 85 -23.61 -0.93 -8.04
C THR C 85 -24.10 0.40 -8.60
N ALA C 86 -23.17 1.26 -9.00
CA ALA C 86 -23.51 2.54 -9.60
C ALA C 86 -23.79 2.32 -11.09
N LEU C 87 -25.01 2.66 -11.54
CA LEU C 87 -25.35 2.55 -12.95
C LEU C 87 -24.98 3.84 -13.64
N ARG C 88 -23.70 3.96 -13.98
CA ARG C 88 -23.11 5.16 -14.55
C ARG C 88 -23.43 5.35 -16.04
N TYR C 89 -23.74 4.27 -16.77
CA TYR C 89 -23.81 4.35 -18.23
C TYR C 89 -25.23 4.12 -18.72
N ALA C 90 -25.75 5.10 -19.46
CA ALA C 90 -27.10 5.07 -19.97
C ALA C 90 -27.09 5.15 -21.49
N ASN C 91 -27.92 4.29 -22.13
CA ASN C 91 -28.26 4.41 -23.53
C ASN C 91 -29.74 4.77 -23.65
N VAL C 92 -30.06 5.89 -24.31
CA VAL C 92 -31.42 6.41 -24.46
C VAL C 92 -31.94 6.18 -25.88
N GLU C 93 -33.16 5.65 -26.02
CA GLU C 93 -33.80 5.32 -27.30
C GLU C 93 -35.16 6.04 -27.31
N GLU C 94 -35.67 6.51 -28.47
CA GLU C 94 -37.02 7.05 -28.59
C GLU C 94 -38.04 5.91 -28.77
N MET C 95 -39.32 6.25 -28.67
CA MET C 95 -40.40 5.33 -29.03
C MET C 95 -41.69 6.16 -29.09
N GLU C 96 -42.86 5.49 -29.03
CA GLU C 96 -44.18 6.12 -29.11
C GLU C 96 -44.08 7.64 -28.87
N GLY C 97 -44.39 8.08 -27.65
CA GLY C 97 -43.85 9.33 -27.12
C GLY C 97 -42.98 9.05 -25.89
N ALA C 98 -42.78 7.76 -25.57
CA ALA C 98 -41.97 7.29 -24.46
C ALA C 98 -40.50 7.16 -24.84
N TYR C 99 -39.62 7.25 -23.81
CA TYR C 99 -38.18 7.07 -23.94
C TYR C 99 -37.74 5.84 -23.13
N LYS C 100 -36.91 4.98 -23.73
CA LYS C 100 -36.43 3.76 -23.09
C LYS C 100 -34.97 3.98 -22.74
N ILE C 101 -34.60 3.72 -21.49
CA ILE C 101 -33.26 4.02 -21.03
C ILE C 101 -32.69 2.75 -20.40
N ASP C 102 -31.56 2.30 -20.93
CA ASP C 102 -30.90 1.11 -20.44
C ASP C 102 -29.64 1.53 -19.68
N LEU C 103 -29.42 0.91 -18.51
CA LEU C 103 -28.42 1.38 -17.56
C LEU C 103 -27.52 0.22 -17.13
N SER C 104 -26.21 0.48 -17.09
CA SER C 104 -25.22 -0.52 -16.70
C SER C 104 -24.11 0.15 -15.93
N ASN C 105 -23.21 -0.69 -15.36
CA ASN C 105 -22.07 -0.28 -14.55
C ASN C 105 -20.90 0.13 -15.46
N LEU C 106 -20.74 -0.55 -16.61
CA LEU C 106 -19.66 -0.28 -17.57
C LEU C 106 -20.25 0.20 -18.91
N LYS C 107 -19.47 0.94 -19.72
CA LYS C 107 -19.93 1.41 -21.03
C LYS C 107 -20.28 0.22 -21.92
N ASN C 108 -21.50 0.24 -22.49
CA ASN C 108 -22.04 -0.84 -23.29
C ASN C 108 -21.99 -2.18 -22.55
N GLY C 109 -22.20 -2.16 -21.23
CA GLY C 109 -22.27 -3.38 -20.44
C GLY C 109 -23.66 -4.00 -20.51
N ASP C 110 -23.84 -5.12 -19.80
CA ASP C 110 -25.14 -5.75 -19.66
C ASP C 110 -26.09 -4.80 -18.92
N THR C 111 -27.34 -4.77 -19.39
CA THR C 111 -28.31 -3.84 -18.85
C THR C 111 -28.85 -4.42 -17.56
N MET C 112 -28.70 -3.66 -16.46
CA MET C 112 -29.09 -4.13 -15.14
C MET C 112 -30.40 -3.49 -14.68
N LEU C 113 -30.68 -2.30 -15.22
CA LEU C 113 -31.96 -1.65 -15.01
C LEU C 113 -32.41 -0.97 -16.29
N SER C 114 -33.69 -1.13 -16.60
CA SER C 114 -34.28 -0.55 -17.80
C SER C 114 -35.46 0.34 -17.41
N LEU C 115 -35.50 1.56 -17.94
CA LEU C 115 -36.53 2.55 -17.64
C LEU C 115 -37.41 2.80 -18.87
N ILE C 116 -38.71 3.01 -18.65
CA ILE C 116 -39.55 3.72 -19.60
C ILE C 116 -39.94 5.04 -18.94
N VAL C 117 -39.60 6.15 -19.58
CA VAL C 117 -39.95 7.49 -19.11
C VAL C 117 -41.04 8.01 -20.05
N LYS C 118 -42.23 8.35 -19.51
CA LYS C 118 -43.34 8.81 -20.34
C LYS C 118 -44.17 9.81 -19.56
N GLU C 119 -45.01 10.55 -20.31
CA GLU C 119 -46.04 11.40 -19.74
C GLU C 119 -47.33 10.61 -19.74
N GLU C 120 -48.00 10.51 -18.58
CA GLU C 120 -49.26 9.79 -18.46
C GLU C 120 -50.14 10.60 -17.51
N GLU C 121 -51.43 10.71 -17.86
CA GLU C 121 -52.26 11.83 -17.44
C GLU C 121 -51.40 13.04 -17.79
N ASN C 122 -51.03 13.87 -16.82
CA ASN C 122 -50.08 14.95 -17.08
C ASN C 122 -48.91 14.80 -16.11
N ARG C 123 -48.57 13.55 -15.84
CA ARG C 123 -47.53 13.24 -14.86
C ARG C 123 -46.29 12.69 -15.55
N LEU C 124 -45.14 12.90 -14.94
CA LEU C 124 -43.97 12.12 -15.28
C LEU C 124 -44.12 10.75 -14.63
N LYS C 125 -44.03 9.71 -15.46
CA LYS C 125 -44.09 8.35 -14.99
C LYS C 125 -42.82 7.65 -15.43
N VAL C 126 -42.16 7.00 -14.49
CA VAL C 126 -40.93 6.26 -14.76
C VAL C 126 -41.17 4.82 -14.36
N GLU C 127 -41.22 3.91 -15.33
CA GLU C 127 -41.40 2.48 -15.04
C GLU C 127 -40.01 1.84 -15.00
N TYR C 128 -39.81 0.86 -14.11
CA TYR C 128 -38.52 0.24 -13.93
C TYR C 128 -38.65 -1.27 -14.14
N GLN C 129 -37.68 -1.86 -14.84
CA GLN C 129 -37.57 -3.29 -15.01
C GLN C 129 -36.12 -3.71 -14.75
N LYS C 130 -35.96 -4.75 -13.92
CA LYS C 130 -34.65 -5.32 -13.66
C LYS C 130 -34.60 -6.67 -14.36
N ASN C 131 -33.36 -7.18 -14.52
CA ASN C 131 -33.10 -8.46 -15.14
C ASN C 131 -32.74 -9.51 -14.09
N ASP C 132 -31.91 -9.07 -13.14
CA ASP C 132 -31.19 -9.94 -12.23
C ASP C 132 -32.02 -10.13 -10.96
N ALA C 133 -32.29 -11.39 -10.62
CA ALA C 133 -33.12 -11.71 -9.45
C ALA C 133 -32.37 -11.42 -8.15
N ASN C 134 -31.05 -11.29 -8.21
CA ASN C 134 -30.26 -11.03 -7.03
C ASN C 134 -30.50 -9.61 -6.52
N ILE C 135 -30.96 -8.70 -7.40
CA ILE C 135 -31.15 -7.30 -7.04
C ILE C 135 -32.38 -7.16 -6.15
N ASN C 136 -32.17 -6.73 -4.90
CA ASN C 136 -33.27 -6.51 -3.96
C ASN C 136 -33.09 -5.16 -3.24
N ARG C 137 -32.22 -4.30 -3.76
CA ARG C 137 -31.97 -2.98 -3.21
C ARG C 137 -31.90 -2.00 -4.38
N PHE C 138 -32.55 -0.85 -4.23
CA PHE C 138 -32.68 0.17 -5.26
C PHE C 138 -32.50 1.54 -4.64
N TRP C 139 -31.76 2.41 -5.33
CA TRP C 139 -31.53 3.77 -4.85
C TRP C 139 -31.68 4.72 -6.03
N LEU C 140 -32.64 5.66 -5.96
CA LEU C 140 -32.74 6.75 -6.92
C LEU C 140 -32.36 8.07 -6.26
N ARG C 141 -31.45 8.80 -6.90
CA ARG C 141 -31.16 10.18 -6.50
C ARG C 141 -31.94 11.18 -7.35
N VAL C 142 -32.72 12.06 -6.72
CA VAL C 142 -33.42 13.11 -7.43
C VAL C 142 -32.79 14.43 -6.99
N ALA C 143 -32.53 15.29 -7.99
CA ALA C 143 -31.72 16.48 -7.78
C ALA C 143 -32.42 17.44 -6.81
N ALA C 144 -31.62 18.15 -6.01
CA ALA C 144 -32.15 19.05 -5.01
C ALA C 144 -31.23 20.24 -4.85
N ASP C 145 -31.74 21.28 -4.17
CA ASP C 145 -31.03 22.49 -3.80
C ASP C 145 -30.72 22.49 -2.31
N LYS C 146 -29.79 23.35 -1.88
CA LYS C 146 -29.43 23.53 -0.49
C LYS C 146 -30.66 23.91 0.35
N GLN C 147 -31.53 24.82 -0.16
CA GLN C 147 -32.57 25.42 0.67
C GLN C 147 -33.93 24.72 0.49
N GLU C 148 -33.99 23.69 -0.35
CA GLU C 148 -35.23 22.96 -0.57
C GLU C 148 -35.69 22.32 0.74
N LYS C 149 -37.01 22.32 0.94
CA LYS C 149 -37.65 21.68 2.07
C LYS C 149 -38.47 20.52 1.50
N VAL C 150 -38.69 19.47 2.29
CA VAL C 150 -39.53 18.36 1.85
C VAL C 150 -40.54 18.02 2.94
N TYR C 151 -41.74 17.62 2.51
CA TYR C 151 -42.83 17.36 3.44
C TYR C 151 -43.54 16.08 3.06
N GLY C 152 -44.27 15.50 4.03
CA GLY C 152 -45.05 14.29 3.81
C GLY C 152 -44.44 13.04 4.44
N CYS C 153 -44.30 11.99 3.62
CA CYS C 153 -43.87 10.66 4.03
C CYS C 153 -44.86 10.05 5.02
N GLY C 154 -46.13 10.47 4.91
CA GLY C 154 -47.18 9.99 5.78
C GLY C 154 -47.40 10.94 6.95
N GLU C 155 -47.76 10.34 8.11
CA GLU C 155 -47.90 11.08 9.35
C GLU C 155 -46.55 11.07 10.05
N GLN C 156 -45.90 12.23 10.09
CA GLN C 156 -44.63 12.40 10.78
C GLN C 156 -44.87 13.20 12.06
N LEU C 157 -44.38 12.66 13.19
CA LEU C 157 -44.69 13.18 14.51
C LEU C 157 -43.58 14.04 15.11
N SER C 158 -42.37 14.01 14.54
CA SER C 158 -41.26 14.79 15.03
C SER C 158 -40.82 15.87 14.04
N HIS C 159 -40.86 15.58 12.73
CA HIS C 159 -40.35 16.49 11.73
C HIS C 159 -41.30 16.64 10.54
N PHE C 160 -41.79 17.87 10.35
CA PHE C 160 -42.65 18.19 9.22
C PHE C 160 -41.76 18.34 7.98
N ASN C 161 -40.87 19.34 8.05
CA ASN C 161 -39.79 19.45 7.11
C ASN C 161 -38.75 18.40 7.48
N MET C 162 -38.56 17.44 6.57
CA MET C 162 -37.71 16.30 6.79
C MET C 162 -36.27 16.56 6.34
N ARG C 163 -36.01 17.69 5.70
CA ARG C 163 -34.67 17.95 5.19
C ARG C 163 -33.63 17.75 6.32
N GLY C 164 -32.52 17.08 5.99
CA GLY C 164 -31.39 16.92 6.88
C GLY C 164 -31.36 15.57 7.61
N LYS C 165 -32.39 14.74 7.41
CA LYS C 165 -32.43 13.43 8.02
C LYS C 165 -32.96 12.39 7.02
N ASN C 166 -32.96 11.13 7.46
CA ASN C 166 -33.42 10.01 6.65
C ASN C 166 -34.61 9.39 7.36
N PHE C 167 -35.56 8.86 6.59
CA PHE C 167 -36.81 8.38 7.14
C PHE C 167 -37.10 6.97 6.63
N PRO C 168 -36.76 5.92 7.40
CA PRO C 168 -37.36 4.60 7.18
C PRO C 168 -38.88 4.74 7.13
N LEU C 169 -39.48 3.91 6.29
CA LEU C 169 -40.92 3.90 6.06
C LEU C 169 -41.42 2.47 6.25
N TRP C 170 -41.76 2.15 7.50
CA TRP C 170 -42.17 0.84 7.91
C TRP C 170 -43.18 1.03 9.02
N THR C 171 -44.44 0.67 8.76
CA THR C 171 -45.51 0.90 9.71
C THR C 171 -45.20 0.10 10.98
N SER C 172 -45.41 0.73 12.13
CA SER C 172 -45.10 0.11 13.39
C SER C 172 -45.71 0.93 14.53
N GLU C 173 -45.61 0.39 15.74
CA GLU C 173 -45.75 1.21 16.93
C GLU C 173 -44.84 2.42 16.75
N PRO C 174 -45.35 3.64 17.00
CA PRO C 174 -44.57 4.86 16.79
C PRO C 174 -43.52 5.17 17.84
N GLY C 175 -43.60 4.47 18.97
CA GLY C 175 -42.69 4.71 20.08
C GLY C 175 -43.40 5.46 21.20
N VAL C 176 -42.96 5.18 22.44
CA VAL C 176 -43.32 5.95 23.62
C VAL C 176 -42.13 6.86 23.95
N GLY C 177 -42.31 8.16 23.76
CA GLY C 177 -41.27 9.13 24.01
C GLY C 177 -40.61 9.61 22.72
N ARG C 178 -40.10 8.64 21.94
CA ARG C 178 -39.63 8.89 20.58
C ARG C 178 -38.39 9.77 20.53
N ASN C 179 -37.71 9.91 21.67
CA ASN C 179 -36.49 10.70 21.73
C ASN C 179 -35.57 10.10 22.78
N LYS C 180 -34.40 9.62 22.34
CA LYS C 180 -33.51 8.84 23.17
C LYS C 180 -32.95 9.68 24.33
N GLN C 181 -33.07 11.00 24.25
CA GLN C 181 -32.58 11.86 25.32
C GLN C 181 -33.51 11.92 26.52
N THR C 182 -34.77 11.51 26.39
CA THR C 182 -35.71 11.68 27.49
C THR C 182 -35.79 10.39 28.30
N TYR C 183 -36.12 10.56 29.59
CA TYR C 183 -36.27 9.49 30.54
C TYR C 183 -37.32 8.50 30.06
N VAL C 184 -38.43 9.01 29.52
CA VAL C 184 -39.54 8.14 29.17
C VAL C 184 -39.10 7.19 28.05
N THR C 185 -38.40 7.73 27.05
CA THR C 185 -37.98 6.93 25.91
C THR C 185 -37.03 5.84 26.40
N TRP C 186 -36.01 6.28 27.16
CA TRP C 186 -35.00 5.42 27.73
C TRP C 186 -35.64 4.22 28.45
N GLN C 187 -36.61 4.51 29.34
CA GLN C 187 -37.29 3.47 30.07
C GLN C 187 -38.14 2.58 29.15
N ALA C 188 -38.76 3.19 28.12
CA ALA C 188 -39.57 2.44 27.19
C ALA C 188 -38.71 1.43 26.44
N ASP C 189 -37.49 1.85 26.09
CA ASP C 189 -36.51 0.94 25.49
C ASP C 189 -36.06 -0.13 26.48
N VAL C 190 -35.62 0.28 27.69
CA VAL C 190 -35.09 -0.64 28.68
C VAL C 190 -36.13 -1.71 29.01
N VAL C 191 -37.35 -1.31 29.31
CA VAL C 191 -38.35 -2.24 29.83
C VAL C 191 -39.05 -3.02 28.70
N ASP C 192 -39.37 -2.33 27.58
CA ASP C 192 -40.32 -2.83 26.60
C ASP C 192 -39.80 -2.77 25.16
N LYS C 193 -38.57 -2.25 24.97
CA LYS C 193 -37.98 -2.10 23.65
C LYS C 193 -38.84 -1.20 22.77
N ALA C 194 -39.41 -0.13 23.34
CA ALA C 194 -40.60 0.52 22.79
C ALA C 194 -40.46 2.04 22.65
N GLY C 195 -39.25 2.57 22.84
CA GLY C 195 -39.05 4.01 22.86
C GLY C 195 -39.21 4.62 21.48
N GLY C 196 -38.76 3.90 20.43
CA GLY C 196 -38.79 4.41 19.08
C GLY C 196 -37.86 5.61 18.88
N ASP C 197 -38.06 6.33 17.78
CA ASP C 197 -37.17 7.42 17.38
C ASP C 197 -37.95 8.34 16.42
N TYR C 198 -37.28 9.37 15.90
CA TYR C 198 -37.92 10.51 15.25
C TYR C 198 -38.72 10.11 14.00
N TYR C 199 -38.37 8.96 13.38
CA TYR C 199 -38.94 8.57 12.10
C TYR C 199 -40.08 7.55 12.28
N ASN C 200 -40.29 7.03 13.49
CA ASN C 200 -41.25 5.95 13.64
C ASN C 200 -42.67 6.50 13.51
N THR C 201 -43.57 5.72 12.92
CA THR C 201 -44.93 6.16 12.69
C THR C 201 -45.83 4.98 12.33
N ASN C 202 -47.12 5.12 12.66
CA ASN C 202 -48.09 4.13 12.27
C ASN C 202 -48.40 4.29 10.79
N PHE C 203 -48.13 5.48 10.25
CA PHE C 203 -48.54 5.81 8.89
C PHE C 203 -47.36 6.40 8.14
N PRO C 204 -46.46 5.53 7.66
CA PRO C 204 -45.44 5.94 6.70
C PRO C 204 -46.06 5.95 5.30
N GLN C 205 -45.45 6.69 4.38
CA GLN C 205 -45.84 6.60 2.98
C GLN C 205 -44.68 7.01 2.09
N PRO C 206 -44.43 6.27 0.99
CA PRO C 206 -43.33 6.59 0.09
C PRO C 206 -43.70 7.69 -0.87
N THR C 207 -44.00 8.86 -0.31
CA THR C 207 -44.48 10.00 -1.07
C THR C 207 -44.02 11.24 -0.33
N TYR C 208 -43.34 12.15 -1.03
CA TYR C 208 -42.96 13.43 -0.45
C TYR C 208 -43.33 14.55 -1.41
N VAL C 209 -43.50 15.73 -0.83
CA VAL C 209 -43.79 16.98 -1.52
C VAL C 209 -42.58 17.90 -1.36
N SER C 210 -42.14 18.51 -2.45
CA SER C 210 -40.97 19.39 -2.41
C SER C 210 -41.39 20.86 -2.42
N SER C 211 -40.59 21.73 -1.80
CA SER C 211 -40.85 23.15 -1.88
C SER C 211 -40.69 23.68 -3.31
N LYS C 212 -40.19 22.85 -4.23
CA LYS C 212 -40.08 23.23 -5.64
C LYS C 212 -41.42 22.98 -6.34
N LYS C 213 -42.42 22.54 -5.57
CA LYS C 213 -43.81 22.49 -6.01
C LYS C 213 -44.01 21.30 -6.95
N TYR C 214 -43.46 20.14 -6.56
CA TYR C 214 -43.83 18.86 -7.13
C TYR C 214 -43.94 17.85 -5.99
N TYR C 215 -44.66 16.76 -6.25
CA TYR C 215 -44.68 15.61 -5.37
C TYR C 215 -44.08 14.42 -6.14
N CYS C 216 -43.45 13.52 -5.39
CA CYS C 216 -42.87 12.30 -5.93
C CYS C 216 -43.52 11.13 -5.19
N HIS C 217 -43.99 10.13 -5.93
CA HIS C 217 -44.58 8.94 -5.34
C HIS C 217 -43.90 7.69 -5.91
N VAL C 218 -43.50 6.80 -5.01
CA VAL C 218 -42.90 5.52 -5.38
C VAL C 218 -43.94 4.43 -5.15
N GLU C 219 -44.38 3.77 -6.23
CA GLU C 219 -45.36 2.71 -6.09
C GLU C 219 -44.68 1.42 -5.63
N THR C 220 -44.74 1.18 -4.32
CA THR C 220 -44.20 0.00 -3.67
C THR C 220 -44.92 -0.13 -2.34
N THR C 221 -44.91 -1.34 -1.75
CA THR C 221 -45.26 -1.51 -0.35
C THR C 221 -44.08 -2.08 0.42
N ALA C 222 -42.89 -2.08 -0.18
CA ALA C 222 -41.72 -2.63 0.46
C ALA C 222 -41.11 -1.61 1.42
N TYR C 223 -40.23 -2.10 2.29
CA TYR C 223 -39.45 -1.21 3.14
C TYR C 223 -38.80 -0.16 2.24
N ALA C 224 -38.78 1.07 2.70
CA ALA C 224 -38.08 2.13 1.99
C ALA C 224 -37.48 3.06 3.00
N ASP C 225 -36.57 3.91 2.54
CA ASP C 225 -35.91 4.86 3.40
C ASP C 225 -35.63 6.07 2.52
N PHE C 226 -36.32 7.18 2.81
CA PHE C 226 -36.13 8.41 2.07
C PHE C 226 -35.08 9.21 2.80
N ASP C 227 -33.95 9.41 2.13
CA ASP C 227 -32.77 10.03 2.71
C ASP C 227 -32.63 11.47 2.19
N PHE C 228 -32.82 12.44 3.10
CA PHE C 228 -32.74 13.85 2.75
C PHE C 228 -31.55 14.51 3.44
N ARG C 229 -30.43 13.81 3.56
CA ARG C 229 -29.29 14.33 4.31
C ARG C 229 -28.33 15.09 3.38
N ASN C 230 -28.44 14.90 2.07
CA ASN C 230 -27.44 15.45 1.15
C ASN C 230 -28.00 16.73 0.53
N GLU C 231 -27.15 17.75 0.41
CA GLU C 231 -27.55 19.04 -0.12
C GLU C 231 -27.96 18.93 -1.60
N ALA C 232 -27.31 18.04 -2.36
CA ALA C 232 -27.44 18.10 -3.82
C ALA C 232 -28.49 17.12 -4.33
N PHE C 233 -29.02 16.23 -3.48
CA PHE C 233 -29.99 15.24 -3.94
C PHE C 233 -30.70 14.60 -2.76
N HIS C 234 -31.94 14.16 -3.02
CA HIS C 234 -32.66 13.25 -2.14
C HIS C 234 -32.36 11.84 -2.64
N GLU C 235 -32.12 10.88 -1.73
CA GLU C 235 -31.92 9.49 -2.14
C GLU C 235 -33.07 8.62 -1.62
N LEU C 236 -33.80 7.99 -2.54
CA LEU C 236 -34.92 7.14 -2.22
C LEU C 236 -34.47 5.69 -2.34
N GLN C 237 -34.33 5.02 -1.18
CA GLN C 237 -33.96 3.62 -1.11
C GLN C 237 -35.25 2.82 -1.00
N VAL C 238 -35.29 1.71 -1.75
CA VAL C 238 -36.39 0.76 -1.72
C VAL C 238 -35.82 -0.64 -1.67
N TRP C 239 -36.45 -1.54 -0.91
CA TRP C 239 -35.97 -2.91 -0.79
C TRP C 239 -36.67 -3.80 -1.80
N GLU C 240 -36.79 -3.23 -3.00
CA GLU C 240 -37.14 -3.90 -4.24
C GLU C 240 -36.91 -2.85 -5.33
N VAL C 241 -36.90 -3.27 -6.58
CA VAL C 241 -36.99 -2.33 -7.69
C VAL C 241 -38.45 -1.97 -7.86
N PRO C 242 -38.87 -0.72 -7.59
CA PRO C 242 -40.28 -0.38 -7.61
C PRO C 242 -40.81 -0.43 -9.05
N LYS C 243 -42.08 -0.84 -9.19
CA LYS C 243 -42.75 -0.96 -10.48
C LYS C 243 -42.64 0.37 -11.23
N TYR C 244 -42.94 1.47 -10.54
CA TYR C 244 -42.91 2.78 -11.17
C TYR C 244 -42.92 3.90 -10.13
N MET C 245 -42.57 5.11 -10.59
CA MET C 245 -42.76 6.32 -9.81
C MET C 245 -43.61 7.32 -10.61
N LEU C 246 -44.27 8.24 -9.88
CA LEU C 246 -45.05 9.31 -10.46
C LEU C 246 -44.55 10.62 -9.91
N PHE C 247 -44.29 11.59 -10.80
CA PHE C 247 -44.05 12.96 -10.41
C PHE C 247 -45.15 13.83 -11.05
N GLU C 248 -45.53 14.92 -10.37
CA GLU C 248 -46.48 15.89 -10.87
C GLU C 248 -46.15 17.27 -10.28
N THR C 249 -46.15 18.31 -11.13
CA THR C 249 -45.88 19.67 -10.67
C THR C 249 -47.20 20.42 -10.53
N ALA C 250 -47.13 21.59 -9.86
CA ALA C 250 -48.26 22.50 -9.77
C ALA C 250 -47.74 23.91 -9.51
N ASP C 251 -48.62 24.89 -9.67
CA ASP C 251 -48.25 26.30 -9.59
C ASP C 251 -48.34 26.76 -8.13
N THR C 252 -49.15 26.03 -7.32
CA THR C 252 -49.39 26.39 -5.94
C THR C 252 -49.57 25.13 -5.11
N TYR C 253 -49.33 25.26 -3.80
CA TYR C 253 -49.49 24.13 -2.88
C TYR C 253 -50.95 23.66 -2.85
N LEU C 254 -51.89 24.62 -2.94
CA LEU C 254 -53.30 24.28 -3.02
C LEU C 254 -53.59 23.39 -4.22
N GLU C 255 -52.98 23.71 -5.36
CA GLU C 255 -53.19 22.92 -6.56
C GLU C 255 -52.50 21.56 -6.38
N LEU C 256 -51.30 21.56 -5.77
CA LEU C 256 -50.53 20.33 -5.64
C LEU C 256 -51.30 19.26 -4.85
N VAL C 257 -51.91 19.69 -3.74
CA VAL C 257 -52.60 18.77 -2.84
C VAL C 257 -53.90 18.31 -3.52
N GLU C 258 -54.46 19.18 -4.35
CA GLU C 258 -55.61 18.80 -5.15
C GLU C 258 -55.21 17.69 -6.12
N LYS C 259 -54.04 17.84 -6.75
CA LYS C 259 -53.61 16.81 -7.71
C LYS C 259 -53.26 15.52 -6.97
N ILE C 260 -52.69 15.65 -5.77
CA ILE C 260 -52.20 14.49 -5.04
C ILE C 260 -53.38 13.66 -4.55
N THR C 261 -54.46 14.33 -4.12
CA THR C 261 -55.69 13.63 -3.78
C THR C 261 -56.39 13.14 -5.04
N GLY C 262 -56.11 13.79 -6.18
CA GLY C 262 -56.57 13.30 -7.47
C GLY C 262 -55.99 11.93 -7.79
N LEU C 263 -54.76 11.68 -7.35
CA LEU C 263 -54.12 10.39 -7.56
C LEU C 263 -54.60 9.37 -6.54
N PHE C 264 -54.48 9.70 -5.25
CA PHE C 264 -54.62 8.69 -4.21
C PHE C 264 -56.07 8.54 -3.75
N GLY C 265 -56.88 9.60 -3.92
CA GLY C 265 -58.28 9.57 -3.53
C GLY C 265 -58.62 10.67 -2.51
N ARG C 266 -59.91 10.75 -2.14
CA ARG C 266 -60.44 11.85 -1.35
C ARG C 266 -61.37 11.32 -0.27
N GLN C 267 -61.36 11.98 0.89
CA GLN C 267 -62.16 11.51 2.02
C GLN C 267 -63.58 11.99 1.80
N PRO C 268 -64.60 11.28 2.33
CA PRO C 268 -65.98 11.79 2.37
C PRO C 268 -66.13 12.98 3.31
N GLU C 269 -67.29 13.63 3.21
CA GLU C 269 -67.73 14.57 4.22
C GLU C 269 -67.98 13.80 5.52
N LEU C 270 -67.70 14.43 6.66
CA LEU C 270 -68.05 13.84 7.94
C LEU C 270 -69.56 13.87 8.10
N PRO C 271 -70.13 12.96 8.90
CA PRO C 271 -71.54 13.03 9.27
C PRO C 271 -71.91 14.35 9.95
N GLU C 272 -73.14 14.81 9.72
CA GLU C 272 -73.62 16.09 10.25
C GLU C 272 -73.55 16.05 11.78
N TRP C 273 -73.82 14.88 12.37
CA TRP C 273 -73.93 14.77 13.82
C TRP C 273 -72.61 15.07 14.53
N VAL C 274 -71.47 14.95 13.86
CA VAL C 274 -70.18 15.24 14.47
C VAL C 274 -70.11 16.67 14.97
N TYR C 275 -70.77 17.60 14.27
CA TYR C 275 -70.67 19.01 14.59
C TYR C 275 -71.56 19.41 15.78
N ASN C 276 -72.30 18.47 16.36
CA ASN C 276 -73.04 18.68 17.60
C ASN C 276 -72.17 18.77 18.86
N GLY C 277 -70.87 18.42 18.77
CA GLY C 277 -69.93 18.67 19.86
C GLY C 277 -69.01 17.48 20.13
N VAL C 278 -68.65 17.31 21.41
CA VAL C 278 -67.57 16.43 21.81
C VAL C 278 -68.06 14.99 21.82
N VAL C 279 -67.20 14.11 21.30
CA VAL C 279 -67.35 12.66 21.43
C VAL C 279 -66.68 12.27 22.73
N LEU C 280 -67.47 11.85 23.73
CA LEU C 280 -66.92 11.59 25.06
C LEU C 280 -66.42 10.16 25.13
N GLY C 281 -65.14 10.02 25.47
CA GLY C 281 -64.54 8.73 25.80
C GLY C 281 -64.88 8.32 27.22
N ILE C 282 -65.69 7.26 27.33
CA ILE C 282 -66.13 6.73 28.61
C ILE C 282 -66.07 5.21 28.59
N GLN C 283 -65.60 4.62 29.69
CA GLN C 283 -65.58 3.18 29.84
C GLN C 283 -66.31 2.83 31.13
N GLY C 284 -66.59 1.53 31.30
CA GLY C 284 -67.06 0.98 32.57
C GLY C 284 -68.57 0.74 32.65
N GLY C 285 -69.28 0.77 31.53
CA GLY C 285 -70.61 0.16 31.44
C GLY C 285 -71.71 1.20 31.25
N THR C 286 -72.94 0.72 31.05
CA THR C 286 -74.10 1.52 30.70
C THR C 286 -74.46 2.57 31.77
N ASP C 287 -74.48 2.13 33.04
CA ASP C 287 -74.83 3.00 34.15
C ASP C 287 -73.83 4.14 34.22
N VAL C 288 -72.53 3.85 34.03
CA VAL C 288 -71.52 4.89 34.13
C VAL C 288 -71.68 5.87 32.97
N VAL C 289 -72.11 5.37 31.82
CA VAL C 289 -72.30 6.26 30.68
C VAL C 289 -73.42 7.24 31.00
N GLU C 290 -74.53 6.74 31.55
CA GLU C 290 -75.70 7.56 31.85
C GLU C 290 -75.36 8.64 32.88
N GLN C 291 -74.53 8.29 33.87
CA GLN C 291 -74.22 9.21 34.95
C GLN C 291 -73.35 10.33 34.42
N LYS C 292 -72.38 9.99 33.57
CA LYS C 292 -71.47 10.99 33.03
C LYS C 292 -72.22 11.93 32.08
N LEU C 293 -73.14 11.34 31.29
CA LEU C 293 -73.90 12.08 30.31
C LEU C 293 -74.76 13.13 31.03
N GLU C 294 -75.39 12.75 32.15
CA GLU C 294 -76.25 13.66 32.90
C GLU C 294 -75.43 14.79 33.50
N LYS C 295 -74.27 14.46 34.11
CA LYS C 295 -73.46 15.46 34.77
C LYS C 295 -72.98 16.52 33.77
N VAL C 296 -72.66 16.07 32.56
CA VAL C 296 -72.04 16.92 31.56
C VAL C 296 -73.08 17.80 30.86
N LEU C 297 -74.24 17.21 30.53
CA LEU C 297 -75.33 17.95 29.92
C LEU C 297 -75.78 19.10 30.84
N ALA C 298 -75.86 18.81 32.14
CA ALA C 298 -76.28 19.79 33.14
C ALA C 298 -75.31 20.96 33.19
N LYS C 299 -74.03 20.75 32.86
CA LYS C 299 -73.10 21.86 32.87
C LYS C 299 -73.05 22.55 31.51
N GLY C 300 -73.91 22.14 30.57
CA GLY C 300 -74.07 22.86 29.31
C GLY C 300 -73.10 22.42 28.22
N MET C 301 -72.46 21.26 28.39
CA MET C 301 -71.50 20.79 27.41
C MET C 301 -72.25 20.29 26.17
N LYS C 302 -71.70 20.59 24.99
CA LYS C 302 -72.28 20.12 23.74
C LYS C 302 -71.62 18.79 23.39
N VAL C 303 -72.46 17.75 23.33
CA VAL C 303 -72.03 16.39 23.15
C VAL C 303 -72.57 15.87 21.83
N SER C 304 -71.69 15.31 21.00
CA SER C 304 -72.11 14.70 19.74
C SER C 304 -72.44 13.24 19.97
N GLY C 305 -71.69 12.61 20.87
CA GLY C 305 -71.92 11.19 21.10
C GLY C 305 -71.05 10.65 22.22
N VAL C 306 -71.20 9.38 22.47
CA VAL C 306 -70.34 8.74 23.43
C VAL C 306 -69.60 7.61 22.72
N TRP C 307 -68.29 7.46 23.02
CA TRP C 307 -67.44 6.42 22.50
C TRP C 307 -66.98 5.50 23.64
N CYS C 308 -67.44 4.24 23.57
CA CYS C 308 -67.21 3.23 24.60
C CYS C 308 -66.40 2.06 24.02
N GLN C 309 -65.06 2.16 24.10
CA GLN C 309 -64.18 1.19 23.47
C GLN C 309 -64.33 -0.20 24.08
N ASP C 310 -64.87 -0.30 25.31
CA ASP C 310 -65.01 -1.56 26.02
C ASP C 310 -66.41 -2.16 25.84
N TRP C 311 -67.16 -1.70 24.83
CA TRP C 311 -68.50 -2.19 24.55
C TRP C 311 -68.49 -3.70 24.34
N GLN C 312 -67.40 -4.24 23.77
CA GLN C 312 -67.31 -5.66 23.49
C GLN C 312 -66.61 -6.39 24.65
N GLY C 313 -66.09 -5.63 25.63
CA GLY C 313 -65.50 -6.22 26.82
C GLY C 313 -64.12 -5.64 27.15
N LYS C 314 -63.82 -5.58 28.45
CA LYS C 314 -62.54 -5.07 28.96
C LYS C 314 -61.55 -6.22 29.13
N ARG C 315 -60.28 -5.86 29.34
CA ARG C 315 -59.22 -6.80 29.69
C ARG C 315 -58.12 -6.04 30.42
N ILE C 316 -57.88 -6.39 31.68
CA ILE C 316 -56.86 -5.76 32.48
C ILE C 316 -55.53 -6.47 32.22
N THR C 317 -54.46 -5.70 31.99
CA THR C 317 -53.10 -6.21 31.96
C THR C 317 -52.25 -5.34 32.88
N SER C 318 -50.96 -5.65 32.97
CA SER C 318 -50.02 -4.78 33.67
C SER C 318 -49.91 -3.44 32.97
N PHE C 319 -50.23 -3.38 31.66
CA PHE C 319 -50.22 -2.13 30.91
C PHE C 319 -51.34 -1.20 31.40
N GLY C 320 -52.46 -1.76 31.86
CA GLY C 320 -53.61 -1.00 32.33
C GLY C 320 -54.92 -1.63 31.85
N LYS C 321 -55.95 -0.78 31.64
CA LYS C 321 -57.26 -1.22 31.17
C LYS C 321 -57.26 -1.29 29.65
N ARG C 322 -57.17 -2.51 29.13
CA ARG C 322 -57.21 -2.79 27.71
C ARG C 322 -58.57 -3.42 27.36
N LEU C 323 -58.64 -4.17 26.26
CA LEU C 323 -59.92 -4.66 25.75
C LEU C 323 -59.85 -6.14 25.40
N MET C 324 -61.00 -6.80 25.46
CA MET C 324 -61.12 -8.17 24.96
C MET C 324 -61.41 -8.09 23.48
N TRP C 325 -60.50 -8.64 22.66
CA TRP C 325 -60.51 -8.43 21.23
C TRP C 325 -61.41 -9.46 20.55
N ASN C 326 -62.72 -9.26 20.72
CA ASN C 326 -63.77 -10.07 20.11
C ASN C 326 -64.97 -9.15 19.85
N TRP C 327 -65.26 -8.93 18.57
CA TRP C 327 -66.02 -7.77 18.14
C TRP C 327 -67.52 -8.09 18.15
N LYS C 328 -68.06 -8.18 19.38
CA LYS C 328 -69.48 -8.42 19.61
C LYS C 328 -69.86 -7.80 20.94
N TRP C 329 -71.04 -7.17 20.99
CA TRP C 329 -71.57 -6.57 22.20
C TRP C 329 -71.48 -7.52 23.40
N ASN C 330 -70.95 -6.99 24.50
CA ASN C 330 -70.80 -7.75 25.74
C ASN C 330 -71.93 -7.37 26.69
N GLU C 331 -72.89 -8.28 26.83
CA GLU C 331 -74.15 -8.01 27.50
C GLU C 331 -73.95 -7.85 29.00
N SER C 332 -72.90 -8.45 29.58
CA SER C 332 -72.69 -8.36 31.02
C SER C 332 -72.11 -7.00 31.36
N GLU C 333 -71.12 -6.55 30.56
CA GLU C 333 -70.41 -5.33 30.90
C GLU C 333 -71.23 -4.10 30.49
N TYR C 334 -72.04 -4.24 29.41
CA TYR C 334 -72.85 -3.16 28.86
C TYR C 334 -74.31 -3.62 28.79
N PRO C 335 -75.01 -3.78 29.93
CA PRO C 335 -76.39 -4.28 29.91
C PRO C 335 -77.28 -3.22 29.28
N GLU C 336 -78.17 -3.72 28.42
CA GLU C 336 -79.28 -2.98 27.83
C GLU C 336 -78.76 -1.97 26.82
N LEU C 337 -77.50 -2.11 26.37
CA LEU C 337 -76.92 -1.20 25.40
C LEU C 337 -77.79 -1.11 24.13
N ASP C 338 -78.34 -2.24 23.68
CA ASP C 338 -79.17 -2.26 22.48
C ASP C 338 -80.30 -1.25 22.61
N LYS C 339 -80.92 -1.16 23.78
CA LYS C 339 -82.05 -0.25 23.97
C LYS C 339 -81.55 1.18 24.24
N LYS C 340 -80.45 1.33 24.99
CA LYS C 340 -79.94 2.65 25.35
C LYS C 340 -79.42 3.40 24.12
N ILE C 341 -78.87 2.68 23.12
CA ILE C 341 -78.30 3.33 21.96
C ILE C 341 -79.39 4.15 21.28
N ALA C 342 -80.55 3.51 21.05
CA ALA C 342 -81.67 4.16 20.37
C ALA C 342 -82.24 5.28 21.25
N GLU C 343 -82.23 5.08 22.58
CA GLU C 343 -82.71 6.08 23.53
C GLU C 343 -81.81 7.30 23.45
N TRP C 344 -80.49 7.07 23.41
CA TRP C 344 -79.55 8.17 23.33
C TRP C 344 -79.71 8.89 22.01
N LYS C 345 -80.01 8.13 20.93
CA LYS C 345 -80.18 8.74 19.61
C LYS C 345 -81.35 9.73 19.65
N GLU C 346 -82.44 9.39 20.37
CA GLU C 346 -83.60 10.27 20.48
C GLU C 346 -83.26 11.52 21.28
N ASN C 347 -82.14 11.53 22.02
CA ASN C 347 -81.69 12.75 22.68
C ASN C 347 -80.48 13.35 21.95
N ASP C 348 -80.29 12.96 20.67
CA ASP C 348 -79.27 13.52 19.79
C ASP C 348 -77.86 13.13 20.27
N ILE C 349 -77.70 11.92 20.83
CA ILE C 349 -76.40 11.44 21.23
C ILE C 349 -76.10 10.09 20.57
N ARG C 350 -75.07 10.12 19.72
CA ARG C 350 -74.65 8.94 18.97
C ARG C 350 -73.76 8.06 19.83
N PHE C 351 -73.44 6.89 19.28
CA PHE C 351 -72.71 5.86 19.99
C PHE C 351 -71.58 5.30 19.10
N LEU C 352 -70.36 5.24 19.63
CA LEU C 352 -69.23 4.74 18.88
C LEU C 352 -68.55 3.60 19.62
N GLY C 353 -68.09 2.58 18.87
CA GLY C 353 -67.43 1.41 19.42
C GLY C 353 -65.97 1.31 18.99
N TYR C 354 -65.49 0.07 18.81
CA TYR C 354 -64.09 -0.26 18.65
C TYR C 354 -63.94 -1.59 17.93
N ILE C 355 -63.03 -1.68 16.98
CA ILE C 355 -62.61 -2.95 16.40
C ILE C 355 -61.15 -2.80 16.01
N ASN C 356 -60.46 -3.94 15.86
CA ASN C 356 -59.15 -3.96 15.23
C ASN C 356 -59.07 -5.21 14.35
N PRO C 357 -58.01 -5.38 13.52
CA PRO C 357 -57.97 -6.51 12.58
C PRO C 357 -57.45 -7.82 13.16
N TYR C 358 -57.39 -7.92 14.49
CA TYR C 358 -56.91 -9.13 15.14
C TYR C 358 -58.00 -9.72 16.03
N VAL C 359 -57.88 -11.02 16.35
CA VAL C 359 -58.88 -11.72 17.16
C VAL C 359 -58.21 -12.48 18.30
N ALA C 360 -58.74 -12.32 19.51
CA ALA C 360 -58.16 -12.95 20.70
C ALA C 360 -58.51 -14.43 20.76
N ILE C 361 -57.52 -15.24 21.20
CA ILE C 361 -57.61 -16.70 21.18
C ILE C 361 -58.78 -17.19 22.00
N GLU C 362 -59.15 -16.46 23.06
CA GLU C 362 -60.20 -16.90 23.97
C GLU C 362 -61.59 -16.75 23.35
N GLY C 363 -61.72 -15.95 22.27
CA GLY C 363 -63.02 -15.53 21.75
C GLY C 363 -63.59 -16.46 20.69
N ASP C 364 -64.88 -16.25 20.36
CA ASP C 364 -65.59 -17.08 19.40
C ASP C 364 -65.17 -16.77 17.98
N LEU C 365 -64.79 -15.49 17.74
CA LEU C 365 -64.42 -15.08 16.39
C LEU C 365 -63.12 -15.74 15.99
N TYR C 366 -62.16 -15.82 16.92
CA TYR C 366 -60.91 -16.53 16.70
C TYR C 366 -61.22 -17.99 16.32
N LYS C 367 -62.13 -18.61 17.08
CA LYS C 367 -62.43 -20.02 16.91
C LYS C 367 -63.06 -20.23 15.54
N GLU C 368 -63.99 -19.33 15.18
CA GLU C 368 -64.68 -19.40 13.91
C GLU C 368 -63.69 -19.26 12.75
N ALA C 369 -62.80 -18.26 12.86
CA ALA C 369 -61.81 -17.98 11.83
C ALA C 369 -60.86 -19.17 11.63
N GLU C 370 -60.38 -19.74 12.75
CA GLU C 370 -59.48 -20.89 12.69
C GLU C 370 -60.14 -22.05 11.93
N ASP C 371 -61.42 -22.34 12.24
CA ASP C 371 -62.13 -23.45 11.61
C ASP C 371 -62.32 -23.20 10.12
N LYS C 372 -62.55 -21.93 9.72
CA LYS C 372 -62.80 -21.57 8.33
C LYS C 372 -61.48 -21.32 7.60
N GLY C 373 -60.34 -21.29 8.33
CA GLY C 373 -59.06 -21.04 7.71
C GLY C 373 -58.85 -19.58 7.31
N TYR C 374 -59.30 -18.63 8.16
CA TYR C 374 -59.29 -17.22 7.81
C TYR C 374 -58.09 -16.52 8.44
N LEU C 375 -57.24 -17.28 9.13
CA LEU C 375 -56.18 -16.67 9.91
C LEU C 375 -54.83 -16.90 9.25
N ALA C 376 -53.93 -15.95 9.45
CA ALA C 376 -52.59 -16.06 8.92
C ALA C 376 -51.86 -17.21 9.61
N LEU C 377 -50.89 -17.80 8.91
CA LEU C 377 -50.26 -19.02 9.37
C LEU C 377 -48.77 -18.77 9.66
N ASN C 378 -48.16 -19.68 10.43
CA ASN C 378 -46.71 -19.77 10.57
C ASN C 378 -46.16 -20.82 9.62
N THR C 379 -44.83 -21.04 9.64
CA THR C 379 -44.19 -21.92 8.66
C THR C 379 -44.56 -23.38 8.94
N GLU C 380 -44.98 -23.68 10.18
CA GLU C 380 -45.41 -25.02 10.56
C GLU C 380 -46.84 -25.30 10.09
N GLY C 381 -47.54 -24.28 9.54
CA GLY C 381 -48.85 -24.48 8.94
C GLY C 381 -50.00 -24.21 9.92
N ASN C 382 -49.69 -23.73 11.14
CA ASN C 382 -50.73 -23.43 12.13
C ASN C 382 -50.96 -21.93 12.23
N THR C 383 -51.96 -21.55 13.05
CA THR C 383 -52.28 -20.16 13.30
C THR C 383 -51.05 -19.45 13.86
N TYR C 384 -50.70 -18.32 13.24
CA TYR C 384 -49.66 -17.46 13.77
C TYR C 384 -50.27 -16.67 14.92
N LEU C 385 -49.62 -16.73 16.07
CA LEU C 385 -50.10 -16.01 17.25
C LEU C 385 -49.13 -14.87 17.54
N VAL C 386 -49.68 -13.65 17.60
CA VAL C 386 -48.86 -12.46 17.78
C VAL C 386 -49.02 -11.99 19.23
N ASP C 387 -47.88 -11.62 19.85
CA ASP C 387 -47.84 -11.10 21.19
C ASP C 387 -48.23 -9.62 21.14
N PHE C 388 -49.37 -9.28 21.76
CA PHE C 388 -49.82 -7.89 21.82
C PHE C 388 -49.51 -7.28 23.18
N GLY C 389 -48.85 -8.05 24.06
CA GLY C 389 -48.54 -7.60 25.40
C GLY C 389 -49.41 -8.30 26.44
N GLU C 390 -48.94 -9.47 26.89
CA GLU C 390 -49.60 -10.28 27.92
C GLU C 390 -50.82 -11.00 27.34
N PHE C 391 -51.09 -10.90 26.05
CA PHE C 391 -52.15 -11.72 25.46
C PHE C 391 -51.79 -11.95 23.99
N TYR C 392 -52.40 -12.98 23.39
CA TYR C 392 -52.03 -13.41 22.05
C TYR C 392 -53.27 -13.45 21.17
N CYS C 393 -53.09 -13.04 19.91
CA CYS C 393 -54.20 -12.94 18.97
C CYS C 393 -53.80 -13.44 17.58
N GLY C 394 -54.80 -13.92 16.84
CA GLY C 394 -54.61 -14.33 15.46
C GLY C 394 -54.80 -13.15 14.52
N VAL C 395 -54.25 -13.26 13.32
CA VAL C 395 -54.31 -12.17 12.36
C VAL C 395 -55.26 -12.57 11.25
N VAL C 396 -56.34 -11.82 11.07
CA VAL C 396 -57.29 -12.14 10.02
C VAL C 396 -56.60 -11.85 8.70
N ASP C 397 -56.57 -12.85 7.81
CA ASP C 397 -55.73 -12.80 6.61
C ASP C 397 -56.47 -12.10 5.48
N PHE C 398 -56.28 -10.80 5.34
CA PHE C 398 -57.00 -10.02 4.34
C PHE C 398 -56.47 -10.30 2.92
N THR C 399 -55.50 -11.23 2.77
CA THR C 399 -55.10 -11.67 1.43
C THR C 399 -56.05 -12.77 0.96
N ASN C 400 -56.89 -13.26 1.87
CA ASN C 400 -57.94 -14.21 1.57
C ASN C 400 -59.27 -13.47 1.41
N GLU C 401 -59.75 -13.38 0.17
CA GLU C 401 -60.96 -12.64 -0.18
C GLU C 401 -62.16 -13.16 0.63
N GLU C 402 -62.19 -14.46 0.91
CA GLU C 402 -63.28 -15.05 1.67
C GLU C 402 -63.23 -14.56 3.11
N ALA C 403 -62.02 -14.47 3.67
CA ALA C 403 -61.83 -13.98 5.03
C ALA C 403 -62.15 -12.48 5.11
N THR C 404 -61.88 -11.75 4.04
CA THR C 404 -62.16 -10.33 3.97
C THR C 404 -63.68 -10.10 4.04
N GLU C 405 -64.41 -10.82 3.19
CA GLU C 405 -65.86 -10.70 3.15
C GLU C 405 -66.45 -11.11 4.50
N TRP C 406 -65.87 -12.14 5.13
CA TRP C 406 -66.31 -12.59 6.43
C TRP C 406 -66.20 -11.47 7.47
N TYR C 407 -65.06 -10.78 7.50
CA TYR C 407 -64.83 -9.75 8.51
C TYR C 407 -65.74 -8.55 8.25
N LYS C 408 -66.02 -8.26 6.97
CA LYS C 408 -66.94 -7.20 6.61
C LYS C 408 -68.36 -7.53 7.08
N GLN C 409 -68.75 -8.81 6.98
CA GLN C 409 -70.08 -9.24 7.45
C GLN C 409 -70.13 -9.10 8.98
N VAL C 410 -69.01 -9.40 9.67
CA VAL C 410 -68.91 -9.20 11.11
C VAL C 410 -69.17 -7.73 11.47
N ILE C 411 -68.64 -6.81 10.66
CA ILE C 411 -68.90 -5.40 10.89
C ILE C 411 -70.37 -5.08 10.64
N LYS C 412 -70.93 -5.58 9.52
CA LYS C 412 -72.30 -5.25 9.15
C LYS C 412 -73.22 -5.74 10.29
N GLU C 413 -73.01 -6.98 10.74
CA GLU C 413 -73.90 -7.67 11.66
C GLU C 413 -73.76 -7.12 13.09
N ASN C 414 -72.53 -7.02 13.60
CA ASN C 414 -72.31 -6.81 15.02
C ASN C 414 -72.13 -5.32 15.36
N MET C 415 -71.84 -4.47 14.35
CA MET C 415 -71.54 -3.07 14.61
C MET C 415 -72.57 -2.17 13.92
N ILE C 416 -72.67 -2.28 12.58
CA ILE C 416 -73.54 -1.38 11.85
C ILE C 416 -75.01 -1.67 12.19
N ASP C 417 -75.43 -2.92 12.06
CA ASP C 417 -76.82 -3.29 12.33
C ASP C 417 -77.16 -3.12 13.82
N PHE C 418 -76.15 -3.16 14.69
CA PHE C 418 -76.37 -3.01 16.11
C PHE C 418 -76.59 -1.54 16.46
N GLY C 419 -76.20 -0.65 15.53
CA GLY C 419 -76.59 0.76 15.59
C GLY C 419 -75.44 1.70 15.96
N LEU C 420 -74.18 1.22 15.84
CA LEU C 420 -73.02 2.08 16.00
C LEU C 420 -73.00 3.12 14.89
N ASP C 421 -72.70 4.37 15.27
CA ASP C 421 -72.57 5.47 14.34
C ASP C 421 -71.11 5.62 13.93
N GLY C 422 -70.24 4.84 14.56
CA GLY C 422 -68.83 4.90 14.26
C GLY C 422 -68.04 4.05 15.24
N TRP C 423 -66.72 4.11 15.07
CA TRP C 423 -65.83 3.32 15.89
C TRP C 423 -64.38 3.73 15.61
N MET C 424 -63.54 3.49 16.62
CA MET C 424 -62.10 3.42 16.43
C MET C 424 -61.80 2.12 15.71
N ALA C 425 -61.05 2.24 14.60
CA ALA C 425 -60.50 1.10 13.86
C ALA C 425 -59.00 1.08 14.07
N ASP C 426 -58.59 0.40 15.13
CA ASP C 426 -57.26 0.52 15.68
C ASP C 426 -56.30 -0.40 14.93
N PHE C 427 -55.02 -0.12 15.08
CA PHE C 427 -53.94 -1.03 14.72
C PHE C 427 -53.85 -1.17 13.21
N GLY C 428 -53.24 -2.28 12.73
CA GLY C 428 -52.85 -2.43 11.35
C GLY C 428 -51.34 -2.52 11.12
N GLU C 429 -50.53 -2.40 12.16
CA GLU C 429 -49.09 -2.21 12.00
C GLU C 429 -48.28 -3.42 12.46
N TYR C 430 -48.93 -4.53 12.84
CA TYR C 430 -48.24 -5.61 13.55
C TYR C 430 -48.02 -6.86 12.68
N LEU C 431 -48.02 -6.76 11.35
CA LEU C 431 -47.79 -7.95 10.55
C LEU C 431 -46.32 -8.39 10.68
N PRO C 432 -46.03 -9.57 11.27
CA PRO C 432 -44.64 -10.03 11.39
C PRO C 432 -44.11 -10.44 10.02
N THR C 433 -42.80 -10.31 9.81
CA THR C 433 -42.19 -10.61 8.53
C THR C 433 -42.04 -12.12 8.29
N ASP C 434 -42.42 -12.97 9.26
CA ASP C 434 -42.28 -14.41 9.07
C ASP C 434 -43.66 -15.07 8.95
N VAL C 435 -44.71 -14.27 8.77
CA VAL C 435 -46.06 -14.84 8.64
C VAL C 435 -46.18 -15.39 7.23
N VAL C 436 -47.11 -16.33 7.06
CA VAL C 436 -47.44 -16.90 5.78
C VAL C 436 -48.90 -16.57 5.48
N LEU C 437 -49.13 -16.00 4.30
CA LEU C 437 -50.44 -15.47 3.93
C LEU C 437 -51.00 -16.28 2.78
N LYS C 438 -52.33 -16.26 2.60
CA LYS C 438 -52.97 -17.02 1.55
C LYS C 438 -52.38 -16.68 0.18
N ASN C 439 -52.08 -15.40 -0.08
CA ASN C 439 -51.62 -15.02 -1.40
C ASN C 439 -50.16 -15.41 -1.61
N ARG C 440 -49.50 -15.94 -0.56
CA ARG C 440 -48.13 -16.42 -0.66
C ARG C 440 -47.15 -15.34 -1.14
N ILE C 441 -47.46 -14.07 -0.83
CA ILE C 441 -46.52 -12.98 -1.07
C ILE C 441 -45.74 -12.73 0.21
N ASP C 442 -44.47 -12.33 0.07
CA ASP C 442 -43.62 -12.23 1.25
C ASP C 442 -44.17 -11.14 2.17
N ALA C 443 -44.14 -11.43 3.47
CA ALA C 443 -44.63 -10.51 4.49
C ALA C 443 -43.81 -9.22 4.54
N LYS C 444 -42.58 -9.26 4.05
CA LYS C 444 -41.75 -8.08 3.92
C LYS C 444 -42.38 -7.11 2.93
N ILE C 445 -43.26 -7.59 2.04
CA ILE C 445 -43.97 -6.71 1.13
C ILE C 445 -45.39 -6.48 1.63
N MET C 446 -45.99 -7.46 2.34
CA MET C 446 -47.38 -7.33 2.75
C MET C 446 -47.52 -6.47 4.01
N HIS C 447 -46.44 -6.33 4.79
CA HIS C 447 -46.50 -5.63 6.06
C HIS C 447 -47.02 -4.21 5.90
N ASN C 448 -46.44 -3.44 4.97
CA ASN C 448 -46.83 -2.05 4.80
C ASN C 448 -48.16 -1.92 4.06
N ALA C 449 -48.62 -3.00 3.42
CA ALA C 449 -49.87 -2.96 2.68
C ALA C 449 -51.06 -3.10 3.63
N TRP C 450 -50.80 -3.62 4.84
CA TRP C 450 -51.87 -4.07 5.71
C TRP C 450 -52.77 -2.92 6.15
N PRO C 451 -52.22 -1.75 6.54
CA PRO C 451 -53.08 -0.64 6.97
C PRO C 451 -54.13 -0.25 5.94
N THR C 452 -53.72 -0.19 4.68
CA THR C 452 -54.64 0.18 3.61
C THR C 452 -55.68 -0.92 3.40
N MET C 453 -55.25 -2.18 3.52
CA MET C 453 -56.17 -3.29 3.39
C MET C 453 -57.17 -3.23 4.54
N TRP C 454 -56.68 -2.94 5.74
CA TRP C 454 -57.54 -2.81 6.92
C TRP C 454 -58.54 -1.66 6.72
N ALA C 455 -58.07 -0.55 6.17
CA ALA C 455 -58.94 0.56 5.91
C ALA C 455 -60.04 0.14 4.93
N LYS C 456 -59.63 -0.56 3.86
CA LYS C 456 -60.55 -0.92 2.78
C LYS C 456 -61.68 -1.79 3.32
N VAL C 457 -61.39 -2.66 4.27
CA VAL C 457 -62.40 -3.47 4.94
C VAL C 457 -63.46 -2.60 5.60
N ASN C 458 -63.03 -1.58 6.33
CA ASN C 458 -63.93 -0.67 7.02
C ASN C 458 -64.76 0.09 5.98
N TYR C 459 -64.07 0.64 4.96
CA TYR C 459 -64.71 1.42 3.92
C TYR C 459 -65.80 0.60 3.22
N GLU C 460 -65.49 -0.64 2.85
CA GLU C 460 -66.42 -1.45 2.07
C GLU C 460 -67.62 -1.86 2.92
N ALA C 461 -67.41 -2.12 4.21
CA ALA C 461 -68.52 -2.47 5.07
C ALA C 461 -69.49 -1.30 5.17
N VAL C 462 -68.94 -0.09 5.32
CA VAL C 462 -69.76 1.10 5.47
C VAL C 462 -70.41 1.43 4.13
N SER C 463 -69.66 1.40 3.04
CA SER C 463 -70.17 1.73 1.72
C SER C 463 -71.28 0.77 1.29
N GLU C 464 -71.06 -0.54 1.47
CA GLU C 464 -72.00 -1.55 1.02
C GLU C 464 -73.30 -1.48 1.82
N ALA C 465 -73.24 -0.90 3.02
CA ALA C 465 -74.42 -0.73 3.85
C ALA C 465 -75.11 0.60 3.54
N GLY C 466 -74.57 1.40 2.61
CA GLY C 466 -75.14 2.68 2.25
C GLY C 466 -75.00 3.74 3.36
N LYS C 467 -73.92 3.67 4.14
CA LYS C 467 -73.81 4.47 5.36
C LYS C 467 -72.65 5.46 5.26
N LEU C 468 -72.08 5.63 4.05
CA LEU C 468 -70.99 6.57 3.86
C LEU C 468 -71.51 7.98 4.08
N GLY C 469 -70.85 8.74 4.97
CA GLY C 469 -71.34 10.05 5.34
C GLY C 469 -72.28 10.02 6.54
N GLU C 470 -72.66 8.83 7.03
CA GLU C 470 -73.49 8.69 8.23
C GLU C 470 -72.71 8.00 9.36
N ILE C 471 -71.86 7.03 9.01
CA ILE C 471 -70.97 6.35 9.94
C ILE C 471 -69.53 6.79 9.67
N VAL C 472 -68.78 7.13 10.74
CA VAL C 472 -67.37 7.49 10.60
C VAL C 472 -66.54 6.58 11.51
N TYR C 473 -65.45 6.04 10.95
CA TYR C 473 -64.48 5.29 11.71
C TYR C 473 -63.19 6.09 11.66
N PHE C 474 -62.32 5.91 12.67
CA PHE C 474 -61.06 6.62 12.72
C PHE C 474 -59.93 5.64 12.95
N MET C 475 -58.80 5.91 12.27
CA MET C 475 -57.66 5.01 12.23
C MET C 475 -56.39 5.79 12.56
N ARG C 476 -55.38 5.07 13.06
CA ARG C 476 -54.09 5.67 13.38
C ARG C 476 -53.02 5.19 12.41
N ALA C 477 -53.18 3.97 11.88
CA ALA C 477 -52.24 3.36 10.93
C ALA C 477 -52.61 3.74 9.50
N GLY C 478 -51.63 3.69 8.59
CA GLY C 478 -51.91 4.01 7.21
C GLY C 478 -50.78 3.58 6.28
N TYR C 479 -51.10 3.61 4.98
CA TYR C 479 -50.13 3.53 3.91
C TYR C 479 -50.80 4.13 2.67
N THR C 480 -50.08 4.19 1.55
CA THR C 480 -50.63 4.67 0.31
C THR C 480 -52.06 4.17 0.16
N GLY C 481 -53.00 5.11 0.00
CA GLY C 481 -54.35 4.77 -0.45
C GLY C 481 -55.42 4.94 0.63
N ILE C 482 -55.00 5.17 1.87
CA ILE C 482 -55.98 5.47 2.91
C ILE C 482 -56.58 6.86 2.68
N GLN C 483 -56.03 7.59 1.71
CA GLN C 483 -56.61 8.86 1.29
C GLN C 483 -58.06 8.62 0.85
N LYS C 484 -58.34 7.44 0.34
CA LYS C 484 -59.70 7.07 0.01
C LYS C 484 -60.34 6.25 1.12
N TYR C 485 -59.61 5.30 1.73
CA TYR C 485 -60.26 4.25 2.49
C TYR C 485 -60.40 4.62 3.96
N CYS C 486 -59.74 5.67 4.42
CA CYS C 486 -59.87 6.06 5.80
C CYS C 486 -60.70 7.36 5.91
N THR C 487 -61.83 7.27 6.61
CA THR C 487 -62.74 8.39 6.77
C THR C 487 -62.20 9.45 7.73
N LEU C 488 -61.30 9.06 8.65
CA LEU C 488 -60.77 10.00 9.62
C LEU C 488 -59.52 9.44 10.29
N LEU C 489 -58.46 10.23 10.34
CA LEU C 489 -57.24 9.84 11.08
C LEU C 489 -57.34 10.35 12.51
N TRP C 490 -56.64 9.66 13.42
CA TRP C 490 -56.26 10.25 14.68
C TRP C 490 -54.77 9.95 14.90
N GLY C 491 -54.14 10.71 15.81
CA GLY C 491 -52.69 10.74 15.95
C GLY C 491 -52.17 9.53 16.74
N GLY C 492 -53.06 8.59 17.05
CA GLY C 492 -52.69 7.45 17.86
C GLY C 492 -52.35 7.85 19.30
N ASP C 493 -51.54 6.98 19.93
CA ASP C 493 -51.19 7.13 21.33
C ASP C 493 -50.05 8.13 21.49
N GLN C 494 -50.36 9.31 22.02
CA GLN C 494 -49.37 10.23 22.54
C GLN C 494 -49.16 9.90 24.01
N SER C 495 -47.98 10.26 24.51
CA SER C 495 -47.71 10.25 25.93
C SER C 495 -48.57 11.34 26.58
N VAL C 496 -49.02 11.10 27.81
CA VAL C 496 -49.77 12.08 28.56
C VAL C 496 -48.80 13.12 29.16
N ASP C 497 -48.06 13.82 28.29
CA ASP C 497 -47.06 14.79 28.74
C ASP C 497 -46.97 15.96 27.76
N TRP C 498 -46.01 16.84 28.03
CA TRP C 498 -45.77 18.04 27.25
C TRP C 498 -44.52 17.91 26.37
N SER C 499 -43.98 16.70 26.17
CA SER C 499 -42.80 16.53 25.34
C SER C 499 -43.11 16.91 23.89
N LEU C 500 -42.09 17.39 23.16
CA LEU C 500 -42.26 17.74 21.75
C LEU C 500 -42.44 16.48 20.90
N ASP C 501 -41.76 15.38 21.25
CA ASP C 501 -41.69 14.25 20.34
C ASP C 501 -42.85 13.28 20.54
N ASP C 502 -43.53 13.31 21.70
CA ASP C 502 -44.62 12.35 21.90
C ASP C 502 -45.75 12.91 22.73
N GLY C 503 -45.72 14.21 23.05
CA GLY C 503 -46.78 14.86 23.81
C GLY C 503 -47.75 15.62 22.90
N LEU C 504 -48.41 16.63 23.48
CA LEU C 504 -49.45 17.39 22.85
C LEU C 504 -48.97 17.96 21.52
N ALA C 505 -47.74 18.50 21.52
CA ALA C 505 -47.22 19.19 20.36
C ALA C 505 -47.11 18.25 19.16
N SER C 506 -46.81 16.98 19.41
CA SER C 506 -46.44 16.06 18.33
C SER C 506 -47.60 15.94 17.33
N VAL C 507 -48.82 16.23 17.80
CA VAL C 507 -50.02 16.11 16.98
C VAL C 507 -49.99 17.07 15.81
N ILE C 508 -49.37 18.25 16.00
CA ILE C 508 -49.49 19.29 15.02
C ILE C 508 -48.72 18.90 13.74
N PRO C 509 -47.42 18.56 13.78
CA PRO C 509 -46.74 18.06 12.57
C PRO C 509 -47.41 16.82 12.01
N ALA C 510 -48.04 16.03 12.89
CA ALA C 510 -48.71 14.82 12.45
C ALA C 510 -49.86 15.16 11.51
N ALA C 511 -50.59 16.24 11.82
CA ALA C 511 -51.72 16.68 11.00
C ALA C 511 -51.23 17.34 9.71
N LEU C 512 -50.19 18.16 9.83
CA LEU C 512 -49.63 18.89 8.72
C LEU C 512 -49.07 17.91 7.68
N SER C 513 -48.16 17.04 8.13
CA SER C 513 -47.53 16.03 7.28
C SER C 513 -48.61 15.23 6.56
N SER C 514 -49.62 14.78 7.31
CA SER C 514 -50.63 13.88 6.75
C SER C 514 -51.47 14.62 5.70
N GLY C 515 -51.68 15.92 5.90
CA GLY C 515 -52.45 16.74 4.97
C GLY C 515 -51.75 16.93 3.64
N MET C 516 -50.42 17.07 3.69
CA MET C 516 -49.65 17.32 2.49
C MET C 516 -49.65 16.11 1.56
N ILE C 517 -49.88 14.90 2.09
CA ILE C 517 -49.93 13.71 1.22
C ILE C 517 -51.36 13.20 1.10
N GLY C 518 -52.34 14.03 1.49
CA GLY C 518 -53.70 13.81 1.04
C GLY C 518 -54.66 13.27 2.09
N CYS C 519 -54.23 13.21 3.35
CA CYS C 519 -55.15 12.86 4.43
C CYS C 519 -55.48 14.13 5.20
N GLY C 520 -56.65 14.72 4.90
CA GLY C 520 -56.97 16.07 5.33
C GLY C 520 -57.90 16.15 6.56
N LEU C 521 -58.31 14.98 7.09
CA LEU C 521 -59.08 14.96 8.31
C LEU C 521 -58.27 14.28 9.42
N HIS C 522 -57.94 15.07 10.44
CA HIS C 522 -57.07 14.62 11.51
C HIS C 522 -57.59 15.11 12.86
N HIS C 523 -57.37 14.29 13.91
CA HIS C 523 -57.68 14.69 15.26
C HIS C 523 -56.82 13.90 16.24
N SER C 524 -56.92 14.23 17.52
CA SER C 524 -56.13 13.54 18.53
C SER C 524 -57.00 13.21 19.74
N ASP C 525 -56.51 12.29 20.57
CA ASP C 525 -57.11 12.03 21.86
C ASP C 525 -56.98 13.30 22.70
N ILE C 526 -58.10 13.86 23.15
CA ILE C 526 -58.02 14.98 24.10
C ILE C 526 -57.47 14.47 25.44
N GLY C 527 -56.20 14.80 25.73
CA GLY C 527 -55.53 14.34 26.93
C GLY C 527 -54.38 13.36 26.63
N GLY C 528 -54.28 12.85 25.39
CA GLY C 528 -53.30 11.83 25.07
C GLY C 528 -53.73 10.50 25.68
N TYR C 529 -52.86 9.47 25.60
CA TYR C 529 -53.28 8.12 25.97
C TYR C 529 -52.34 7.45 26.97
N THR C 530 -51.02 7.56 26.72
CA THR C 530 -50.08 6.61 27.31
C THR C 530 -49.61 7.11 28.65
N SER C 531 -50.04 6.44 29.74
CA SER C 531 -49.52 6.68 31.08
C SER C 531 -48.59 5.53 31.49
N LEU C 532 -47.28 5.81 31.49
CA LEU C 532 -46.22 4.85 31.77
C LEU C 532 -44.98 5.61 32.24
N HIS C 533 -44.09 4.88 32.93
CA HIS C 533 -42.76 5.39 33.25
C HIS C 533 -42.84 6.72 33.98
N GLY C 534 -43.85 6.85 34.86
CA GLY C 534 -43.98 8.04 35.69
C GLY C 534 -44.83 9.16 35.08
N ASN C 535 -45.23 9.04 33.79
CA ASN C 535 -46.15 10.00 33.20
C ASN C 535 -47.59 9.77 33.67
N LYS C 536 -48.18 10.82 34.26
CA LYS C 536 -49.59 10.83 34.65
C LYS C 536 -50.25 12.08 34.05
N ARG C 537 -51.48 11.94 33.55
CA ARG C 537 -52.12 13.08 32.91
C ARG C 537 -52.58 14.10 33.96
N SER C 538 -52.12 15.35 33.83
CA SER C 538 -52.55 16.43 34.70
C SER C 538 -53.82 17.11 34.15
N LYS C 539 -54.48 17.82 35.06
CA LYS C 539 -55.63 18.65 34.75
C LYS C 539 -55.28 19.64 33.65
N GLU C 540 -54.14 20.31 33.83
CA GLU C 540 -53.75 21.38 32.93
C GLU C 540 -53.57 20.86 31.51
N LEU C 541 -52.99 19.68 31.37
CA LEU C 541 -52.70 19.11 30.06
C LEU C 541 -54.00 18.78 29.37
N LEU C 542 -54.93 18.14 30.10
CA LEU C 542 -56.24 17.83 29.55
C LEU C 542 -56.92 19.11 29.03
N MET C 543 -56.80 20.22 29.76
CA MET C 543 -57.45 21.45 29.37
C MET C 543 -56.79 22.02 28.12
N ARG C 544 -55.45 22.11 28.10
CA ARG C 544 -54.76 22.62 26.93
C ARG C 544 -55.08 21.77 25.69
N TRP C 545 -55.23 20.47 25.90
CA TRP C 545 -55.46 19.57 24.78
C TRP C 545 -56.86 19.80 24.19
N ALA C 546 -57.85 20.02 25.05
CA ALA C 546 -59.20 20.39 24.63
C ALA C 546 -59.20 21.70 23.85
N GLU C 547 -58.32 22.64 24.23
CA GLU C 547 -58.20 23.91 23.53
C GLU C 547 -57.81 23.70 22.07
N MET C 548 -56.82 22.83 21.82
CA MET C 548 -56.40 22.54 20.46
C MET C 548 -57.50 21.77 19.75
N GLY C 549 -58.14 20.83 20.44
CA GLY C 549 -59.09 19.92 19.85
C GLY C 549 -60.31 20.65 19.27
N ALA C 550 -60.67 21.78 19.86
CA ALA C 550 -61.81 22.56 19.43
C ALA C 550 -61.56 23.19 18.04
N PHE C 551 -60.27 23.29 17.67
CA PHE C 551 -59.88 23.81 16.37
C PHE C 551 -59.35 22.68 15.47
N THR C 552 -60.09 21.58 15.48
CA THR C 552 -59.88 20.44 14.61
C THR C 552 -61.26 19.94 14.21
N PRO C 553 -61.34 19.06 13.20
CA PRO C 553 -62.63 18.49 12.78
C PRO C 553 -63.41 17.77 13.87
N MET C 554 -62.74 17.10 14.81
CA MET C 554 -63.44 16.32 15.82
C MET C 554 -62.83 16.50 17.20
N MET C 555 -63.70 16.79 18.18
CA MET C 555 -63.33 16.77 19.59
C MET C 555 -63.72 15.39 20.09
N ARG C 556 -62.72 14.63 20.58
CA ARG C 556 -62.97 13.34 21.21
C ARG C 556 -62.00 13.17 22.37
N THR C 557 -62.49 12.61 23.49
CA THR C 557 -61.65 12.36 24.66
C THR C 557 -61.31 10.88 24.73
N HIS C 558 -60.32 10.55 25.57
CA HIS C 558 -59.90 9.19 25.85
C HIS C 558 -59.55 9.12 27.33
N GLU C 559 -59.97 8.05 27.98
CA GLU C 559 -59.65 7.81 29.38
C GLU C 559 -58.16 7.49 29.55
N GLY C 560 -57.52 6.94 28.51
CA GLY C 560 -56.11 6.54 28.57
C GLY C 560 -55.99 5.09 29.00
N ASN C 561 -54.73 4.62 29.06
CA ASN C 561 -54.43 3.22 29.35
C ASN C 561 -54.70 2.91 30.81
N ARG C 562 -54.47 3.92 31.67
CA ARG C 562 -54.68 3.79 33.11
C ARG C 562 -55.59 4.92 33.58
N PRO C 563 -56.92 4.74 33.49
CA PRO C 563 -57.85 5.85 33.76
C PRO C 563 -57.72 6.50 35.14
N ASP C 564 -57.44 5.69 36.17
CA ASP C 564 -57.34 6.20 37.54
C ASP C 564 -56.03 6.98 37.76
N ASP C 565 -55.06 6.84 36.85
CA ASP C 565 -53.81 7.57 36.96
C ASP C 565 -53.83 8.86 36.16
N CYS C 566 -54.90 9.08 35.37
CA CYS C 566 -55.00 10.25 34.54
C CYS C 566 -56.19 11.12 34.95
N PHE C 567 -55.98 12.45 34.97
CA PHE C 567 -57.07 13.37 35.22
C PHE C 567 -58.06 13.23 34.07
N GLN C 568 -59.37 13.18 34.40
CA GLN C 568 -60.41 13.01 33.41
C GLN C 568 -61.24 14.29 33.31
N PHE C 569 -62.16 14.33 32.34
CA PHE C 569 -62.94 15.53 32.02
C PHE C 569 -63.93 15.86 33.15
N ASP C 570 -64.37 14.84 33.92
CA ASP C 570 -65.21 15.03 35.10
C ASP C 570 -64.37 15.03 36.38
N GLY C 571 -63.07 15.33 36.29
CA GLY C 571 -62.19 15.27 37.45
C GLY C 571 -62.52 16.36 38.46
N ASP C 572 -62.98 17.51 37.99
CA ASP C 572 -63.40 18.60 38.87
C ASP C 572 -64.28 19.56 38.08
N GLU C 573 -64.90 20.51 38.78
CA GLU C 573 -65.83 21.44 38.19
C GLU C 573 -65.12 22.34 37.20
N GLU C 574 -63.91 22.82 37.56
CA GLU C 574 -63.18 23.72 36.67
C GLU C 574 -62.94 23.05 35.31
N THR C 575 -62.54 21.77 35.33
CA THR C 575 -62.22 21.02 34.14
C THR C 575 -63.50 20.81 33.32
N LEU C 576 -64.59 20.38 33.98
CA LEU C 576 -65.85 20.12 33.29
C LEU C 576 -66.34 21.39 32.59
N GLU C 577 -66.23 22.51 33.28
CA GLU C 577 -66.67 23.79 32.75
C GLU C 577 -65.78 24.23 31.60
N HIS C 578 -64.46 23.92 31.70
CA HIS C 578 -63.52 24.26 30.64
C HIS C 578 -63.89 23.50 29.36
N LEU C 579 -64.10 22.19 29.47
CA LEU C 579 -64.45 21.41 28.31
C LEU C 579 -65.82 21.82 27.74
N ALA C 580 -66.80 22.12 28.60
CA ALA C 580 -68.09 22.65 28.15
C ALA C 580 -67.90 23.93 27.33
N ARG C 581 -67.11 24.85 27.86
CA ARG C 581 -66.84 26.08 27.13
C ARG C 581 -66.23 25.77 25.76
N MET C 582 -65.21 24.90 25.73
CA MET C 582 -64.52 24.61 24.47
C MET C 582 -65.47 23.88 23.53
N SER C 583 -66.36 23.05 24.06
CA SER C 583 -67.38 22.42 23.22
C SER C 583 -68.26 23.47 22.55
N ASN C 584 -68.54 24.58 23.24
CA ASN C 584 -69.35 25.66 22.70
C ASN C 584 -68.58 26.44 21.65
N VAL C 585 -67.28 26.58 21.84
CA VAL C 585 -66.45 27.22 20.82
C VAL C 585 -66.55 26.42 19.53
N TYR C 586 -66.36 25.10 19.62
CA TYR C 586 -66.39 24.24 18.44
C TYR C 586 -67.74 24.36 17.74
N VAL C 587 -68.85 24.23 18.48
CA VAL C 587 -70.18 24.21 17.89
C VAL C 587 -70.49 25.54 17.22
N THR C 588 -70.11 26.65 17.88
CA THR C 588 -70.29 27.97 17.30
C THR C 588 -69.61 28.02 15.93
N MET C 589 -68.43 27.39 15.79
CA MET C 589 -67.65 27.43 14.56
C MET C 589 -68.05 26.34 13.55
N ALA C 590 -68.96 25.46 13.95
CA ALA C 590 -69.42 24.33 13.14
C ALA C 590 -69.64 24.73 11.67
N PRO C 591 -70.38 25.81 11.33
CA PRO C 591 -70.60 26.17 9.94
C PRO C 591 -69.30 26.35 9.18
N TYR C 592 -68.27 26.94 9.82
CA TYR C 592 -67.00 27.15 9.14
C TYR C 592 -66.27 25.81 8.96
N ILE C 593 -66.31 24.99 10.01
CA ILE C 593 -65.59 23.73 9.99
C ILE C 593 -66.22 22.83 8.92
N LYS C 594 -67.56 22.83 8.84
CA LYS C 594 -68.29 22.08 7.83
C LYS C 594 -67.77 22.48 6.44
N SER C 595 -67.67 23.80 6.19
CA SER C 595 -67.18 24.29 4.91
C SER C 595 -65.78 23.75 4.61
N LEU C 596 -64.95 23.60 5.68
CA LEU C 596 -63.59 23.14 5.52
C LEU C 596 -63.59 21.66 5.16
N VAL C 597 -64.48 20.91 5.79
CA VAL C 597 -64.58 19.48 5.57
C VAL C 597 -65.14 19.24 4.17
N GLU C 598 -66.02 20.13 3.70
CA GLU C 598 -66.58 20.05 2.35
C GLU C 598 -65.48 20.33 1.31
N GLU C 599 -64.63 21.31 1.58
CA GLU C 599 -63.54 21.63 0.67
C GLU C 599 -62.54 20.46 0.60
N ASN C 600 -62.26 19.82 1.74
CA ASN C 600 -61.41 18.65 1.77
C ASN C 600 -61.99 17.52 0.91
N ALA C 601 -63.32 17.34 0.97
CA ALA C 601 -63.97 16.29 0.17
C ALA C 601 -63.93 16.61 -1.32
N ARG C 602 -64.05 17.89 -1.68
CA ARG C 602 -64.22 18.28 -3.07
C ARG C 602 -62.85 18.37 -3.72
N ARG C 603 -61.86 18.99 -3.06
CA ARG C 603 -60.60 19.30 -3.71
C ARG C 603 -59.41 18.69 -2.96
N GLY C 604 -59.63 18.04 -1.81
CA GLY C 604 -58.53 17.44 -1.06
C GLY C 604 -57.61 18.45 -0.36
N ILE C 605 -58.09 19.69 -0.19
CA ILE C 605 -57.37 20.70 0.56
C ILE C 605 -57.60 20.44 2.05
N PRO C 606 -56.53 20.14 2.81
CA PRO C 606 -56.69 19.65 4.18
C PRO C 606 -57.26 20.70 5.12
N VAL C 607 -57.96 20.24 6.17
CA VAL C 607 -58.57 21.13 7.13
C VAL C 607 -57.48 21.86 7.92
N GLN C 608 -56.40 21.17 8.30
CA GLN C 608 -55.31 21.81 9.01
C GLN C 608 -54.17 21.99 8.02
N ARG C 609 -53.76 23.24 7.82
CA ARG C 609 -52.90 23.60 6.71
C ARG C 609 -51.62 24.25 7.23
N PRO C 610 -50.48 24.02 6.55
CA PRO C 610 -49.25 24.71 6.89
C PRO C 610 -49.40 26.17 6.45
N LEU C 611 -48.77 27.07 7.20
CA LEU C 611 -48.89 28.49 6.94
C LEU C 611 -48.40 28.83 5.54
N PHE C 612 -47.46 28.06 4.98
CA PHE C 612 -46.93 28.37 3.67
C PHE C 612 -47.95 28.12 2.56
N MET C 613 -49.00 27.37 2.88
CA MET C 613 -50.00 27.02 1.88
C MET C 613 -50.78 28.28 1.47
N HIS C 614 -50.89 29.27 2.37
CA HIS C 614 -51.54 30.52 2.04
C HIS C 614 -50.59 31.72 2.07
N TYR C 615 -49.31 31.53 2.44
CA TYR C 615 -48.35 32.62 2.43
C TYR C 615 -47.05 32.13 1.80
N GLU C 616 -47.16 31.73 0.53
CA GLU C 616 -46.05 31.10 -0.18
C GLU C 616 -44.78 31.93 -0.15
N GLU C 617 -44.89 33.25 -0.02
CA GLU C 617 -43.75 34.12 -0.26
C GLU C 617 -43.01 34.34 1.05
N ASP C 618 -43.59 33.86 2.16
CA ASP C 618 -43.03 34.08 3.49
C ASP C 618 -42.13 32.92 3.91
N GLU C 619 -40.82 33.19 3.97
CA GLU C 619 -39.79 32.17 4.04
C GLU C 619 -39.86 31.47 5.40
N LYS C 620 -40.26 32.20 6.44
CA LYS C 620 -40.31 31.67 7.80
C LYS C 620 -41.37 30.55 7.92
N THR C 621 -42.40 30.54 7.07
CA THR C 621 -43.52 29.62 7.24
C THR C 621 -43.16 28.20 6.79
N TYR C 622 -42.07 28.04 6.02
CA TYR C 622 -41.72 26.72 5.54
C TYR C 622 -41.07 25.86 6.64
N ASP C 623 -40.79 26.44 7.80
CA ASP C 623 -40.16 25.71 8.89
C ASP C 623 -41.01 25.80 10.17
N ILE C 624 -42.28 26.20 10.07
CA ILE C 624 -43.15 26.20 11.23
C ILE C 624 -43.95 24.91 11.20
N GLN C 625 -43.97 24.19 12.33
CA GLN C 625 -44.71 22.95 12.50
C GLN C 625 -45.53 22.89 13.80
N TYR C 626 -45.51 23.95 14.63
CA TYR C 626 -46.30 23.96 15.86
C TYR C 626 -47.40 25.02 15.77
N GLN C 627 -47.61 25.55 14.56
CA GLN C 627 -48.76 26.37 14.25
C GLN C 627 -49.40 25.85 12.96
N TYR C 628 -50.70 26.04 12.81
CA TYR C 628 -51.38 25.69 11.58
C TYR C 628 -52.50 26.69 11.25
N LEU C 629 -52.87 26.71 9.97
CA LEU C 629 -54.06 27.43 9.54
C LEU C 629 -55.25 26.48 9.55
N PHE C 630 -56.30 26.88 10.28
CA PHE C 630 -57.52 26.12 10.37
C PHE C 630 -58.45 26.66 9.29
N GLY C 631 -58.34 26.07 8.11
CA GLY C 631 -58.89 26.64 6.90
C GLY C 631 -58.06 27.86 6.52
N GLU C 632 -58.60 28.71 5.67
CA GLU C 632 -57.86 29.85 5.17
C GLU C 632 -57.81 30.96 6.21
N ASP C 633 -58.77 30.99 7.13
CA ASP C 633 -59.11 32.24 7.79
C ASP C 633 -58.76 32.20 9.27
N VAL C 634 -58.26 31.08 9.78
CA VAL C 634 -57.93 31.00 11.20
C VAL C 634 -56.51 30.48 11.38
N LEU C 635 -55.72 31.17 12.22
CA LEU C 635 -54.40 30.69 12.58
C LEU C 635 -54.44 30.18 14.01
N VAL C 636 -53.91 28.98 14.24
CA VAL C 636 -53.91 28.35 15.56
C VAL C 636 -52.46 28.10 15.97
N ALA C 637 -52.13 28.47 17.20
CA ALA C 637 -50.80 28.25 17.75
C ALA C 637 -50.95 27.68 19.16
N PRO C 638 -51.25 26.37 19.28
CA PRO C 638 -51.58 25.77 20.56
C PRO C 638 -50.45 25.88 21.58
N VAL C 639 -50.83 26.18 22.83
CA VAL C 639 -49.90 26.18 23.93
C VAL C 639 -49.64 24.70 24.24
N HIS C 640 -48.36 24.31 24.06
CA HIS C 640 -47.95 22.93 24.15
C HIS C 640 -46.93 22.72 25.27
N GLN C 641 -46.72 23.76 26.11
CA GLN C 641 -45.82 23.65 27.26
C GLN C 641 -46.62 23.88 28.54
N GLU C 642 -46.10 23.36 29.65
CA GLU C 642 -46.78 23.40 30.93
C GLU C 642 -46.60 24.78 31.56
N ASN C 643 -47.60 25.23 32.34
CA ASN C 643 -47.48 26.38 33.24
C ASN C 643 -47.19 27.67 32.45
N GLN C 644 -47.88 27.87 31.33
CA GLN C 644 -47.71 29.08 30.56
C GLN C 644 -48.95 29.94 30.71
N THR C 645 -48.74 31.25 30.72
CA THR C 645 -49.83 32.23 30.80
C THR C 645 -49.88 33.06 29.52
N GLU C 646 -48.85 32.92 28.66
CA GLU C 646 -48.72 33.66 27.42
C GLU C 646 -47.92 32.82 26.42
N TRP C 647 -47.90 33.24 25.15
CA TRP C 647 -47.36 32.44 24.06
C TRP C 647 -46.94 33.31 22.88
N GLU C 648 -45.70 33.15 22.41
CA GLU C 648 -45.23 33.86 21.24
C GLU C 648 -45.84 33.16 20.02
N VAL C 649 -46.31 33.96 19.06
CA VAL C 649 -46.94 33.46 17.86
C VAL C 649 -46.32 34.19 16.67
N TYR C 650 -46.08 33.45 15.58
CA TYR C 650 -45.70 34.09 14.34
C TYR C 650 -46.92 34.27 13.46
N LEU C 651 -47.17 35.52 13.08
CA LEU C 651 -48.24 35.85 12.15
C LEU C 651 -47.64 36.29 10.82
N PRO C 652 -48.04 35.67 9.69
CA PRO C 652 -47.69 36.23 8.38
C PRO C 652 -48.45 37.53 8.11
N GLU C 653 -48.03 38.24 7.06
CA GLU C 653 -48.54 39.57 6.72
C GLU C 653 -50.00 39.49 6.29
N ASP C 654 -50.90 39.92 7.18
CA ASP C 654 -52.34 39.98 6.91
C ASP C 654 -52.98 40.75 8.07
N GLN C 655 -54.28 41.05 7.97
CA GLN C 655 -54.97 41.75 9.04
C GLN C 655 -55.70 40.71 9.89
N TRP C 656 -55.19 40.51 11.12
CA TRP C 656 -55.62 39.45 12.02
C TRP C 656 -56.34 40.01 13.24
N VAL C 657 -57.24 39.20 13.82
CA VAL C 657 -57.94 39.54 15.03
C VAL C 657 -57.79 38.40 16.04
N HIS C 658 -57.21 38.70 17.20
CA HIS C 658 -57.17 37.76 18.30
C HIS C 658 -58.61 37.44 18.70
N VAL C 659 -58.95 36.15 18.67
CA VAL C 659 -60.33 35.69 18.78
C VAL C 659 -60.98 36.16 20.07
N TRP C 660 -60.20 36.22 21.16
CA TRP C 660 -60.76 36.35 22.50
C TRP C 660 -60.86 37.81 22.93
N SER C 661 -59.96 38.65 22.41
CA SER C 661 -59.82 40.02 22.84
C SER C 661 -60.38 41.00 21.82
N GLY C 662 -60.38 40.62 20.53
CA GLY C 662 -60.77 41.51 19.45
C GLY C 662 -59.62 42.44 19.03
N GLU C 663 -58.44 42.29 19.65
CA GLU C 663 -57.32 43.18 19.34
C GLU C 663 -56.84 42.85 17.93
N ALA C 664 -56.37 43.86 17.20
CA ALA C 664 -55.92 43.68 15.84
C ALA C 664 -54.41 43.59 15.79
N TYR C 665 -53.89 42.80 14.84
CA TYR C 665 -52.45 42.60 14.67
C TYR C 665 -52.15 42.50 13.17
N THR C 666 -51.00 43.03 12.77
CA THR C 666 -50.47 42.79 11.43
C THR C 666 -49.35 41.77 11.57
N GLY C 667 -48.49 41.63 10.57
CA GLY C 667 -47.54 40.52 10.52
C GLY C 667 -46.39 40.68 11.51
N GLY C 668 -45.91 39.54 12.03
CA GLY C 668 -44.68 39.49 12.82
C GLY C 668 -44.81 38.60 14.04
N SER C 669 -43.72 38.46 14.78
CA SER C 669 -43.70 37.74 16.05
C SER C 669 -44.40 38.59 17.09
N VAL C 670 -45.35 38.01 17.82
CA VAL C 670 -46.06 38.75 18.85
C VAL C 670 -46.36 37.80 19.99
N THR C 671 -46.33 38.33 21.22
CA THR C 671 -46.71 37.57 22.41
C THR C 671 -48.13 37.98 22.78
N VAL C 672 -48.99 37.00 23.06
CA VAL C 672 -50.34 37.25 23.52
C VAL C 672 -50.58 36.45 24.79
N GLN C 673 -51.39 37.01 25.68
CA GLN C 673 -51.84 36.29 26.86
C GLN C 673 -52.66 35.09 26.41
N ALA C 674 -52.51 33.98 27.14
CA ALA C 674 -53.16 32.73 26.80
C ALA C 674 -53.52 31.96 28.05
N PRO C 675 -54.27 32.54 29.00
CA PRO C 675 -54.70 31.79 30.18
C PRO C 675 -55.51 30.57 29.74
N LEU C 676 -55.67 29.61 30.65
CA LEU C 676 -56.43 28.42 30.38
C LEU C 676 -57.83 28.81 29.91
N GLY C 677 -58.23 28.26 28.76
CA GLY C 677 -59.50 28.58 28.09
C GLY C 677 -59.33 29.57 26.95
N TYR C 678 -58.13 30.14 26.75
CA TYR C 678 -57.95 31.24 25.80
C TYR C 678 -56.76 30.95 24.88
N PRO C 679 -56.82 29.88 24.05
CA PRO C 679 -55.71 29.50 23.19
C PRO C 679 -55.34 30.56 22.17
N PRO C 680 -54.05 30.68 21.80
CA PRO C 680 -53.60 31.66 20.83
C PRO C 680 -54.18 31.40 19.43
N VAL C 681 -55.35 32.01 19.17
CA VAL C 681 -56.10 31.79 17.94
C VAL C 681 -56.47 33.14 17.37
N PHE C 682 -56.37 33.27 16.05
CA PHE C 682 -56.61 34.52 15.37
C PHE C 682 -57.42 34.22 14.10
N TYR C 683 -58.20 35.22 13.64
CA TYR C 683 -58.95 35.11 12.40
C TYR C 683 -58.68 36.35 11.54
N ARG C 684 -58.77 36.20 10.21
CA ARG C 684 -58.54 37.28 9.27
C ARG C 684 -59.75 38.22 9.24
N LYS C 685 -59.51 39.54 9.31
CA LYS C 685 -60.60 40.53 9.32
C LYS C 685 -61.40 40.43 8.02
N LYS C 686 -60.67 40.13 6.92
CA LYS C 686 -61.18 39.99 5.57
C LYS C 686 -62.10 38.77 5.43
N SER C 687 -62.17 37.89 6.43
CA SER C 687 -62.92 36.63 6.30
C SER C 687 -64.40 36.92 6.11
N ILE C 688 -65.03 36.19 5.17
CA ILE C 688 -66.48 36.25 4.99
C ILE C 688 -67.17 35.63 6.21
N TRP C 689 -66.38 35.09 7.15
CA TRP C 689 -66.93 34.48 8.35
C TRP C 689 -66.74 35.38 9.57
N SER C 690 -66.24 36.62 9.37
CA SER C 690 -65.91 37.51 10.48
C SER C 690 -67.08 37.70 11.44
N GLU C 691 -68.32 37.75 10.94
CA GLU C 691 -69.49 37.85 11.81
C GLU C 691 -69.49 36.70 12.81
N LEU C 692 -69.26 35.48 12.32
CA LEU C 692 -69.26 34.27 13.14
C LEU C 692 -68.13 34.27 14.20
N PHE C 693 -66.91 34.64 13.78
CA PHE C 693 -65.73 34.60 14.63
C PHE C 693 -65.83 35.65 15.74
N SER C 694 -66.57 36.74 15.46
CA SER C 694 -66.80 37.78 16.46
C SER C 694 -67.56 37.24 17.66
N LYS C 695 -68.38 36.19 17.47
CA LYS C 695 -69.22 35.66 18.54
C LYS C 695 -68.38 34.96 19.61
N LEU C 696 -67.09 34.73 19.33
CA LEU C 696 -66.22 34.02 20.26
C LEU C 696 -65.74 34.93 21.38
N ILE C 697 -65.82 36.26 21.21
CA ILE C 697 -65.50 37.21 22.28
C ILE C 697 -66.39 36.92 23.50
N HIS C 698 -67.64 36.50 23.28
CA HIS C 698 -68.68 36.49 24.31
C HIS C 698 -68.98 35.07 24.80
N ILE C 699 -68.19 34.05 24.39
CA ILE C 699 -68.55 32.65 24.66
C ILE C 699 -67.72 32.18 25.87
N VAL D 27 36.86 25.89 -52.29
CA VAL D 27 37.67 25.83 -53.56
C VAL D 27 38.56 24.58 -53.53
N THR D 28 38.83 24.05 -54.74
CA THR D 28 39.49 22.77 -54.95
C THR D 28 38.40 21.69 -54.89
N LYS D 29 37.96 21.30 -56.09
CA LYS D 29 36.98 20.25 -56.35
C LYS D 29 37.65 18.87 -56.36
N GLY D 30 36.91 17.88 -55.85
CA GLY D 30 37.38 16.50 -55.91
C GLY D 30 38.42 16.24 -54.83
N VAL D 31 39.30 15.27 -55.12
CA VAL D 31 40.18 14.70 -54.10
C VAL D 31 41.52 15.40 -54.18
N ASN D 32 41.86 16.18 -53.14
CA ASN D 32 43.18 16.75 -53.00
C ASN D 32 43.93 15.98 -51.90
N VAL D 33 45.14 15.51 -52.23
CA VAL D 33 46.08 14.99 -51.24
C VAL D 33 47.23 15.99 -51.07
N GLU D 34 47.27 16.68 -49.92
CA GLU D 34 48.40 17.53 -49.56
C GLU D 34 49.47 16.68 -48.87
N ILE D 35 50.73 16.85 -49.25
CA ILE D 35 51.83 16.26 -48.50
C ILE D 35 52.25 17.27 -47.44
N LEU D 36 52.24 16.85 -46.16
CA LEU D 36 52.77 17.67 -45.07
C LEU D 36 54.15 17.13 -44.70
N GLN D 37 54.79 17.79 -43.71
CA GLN D 37 56.18 17.52 -43.35
C GLN D 37 56.32 16.11 -42.77
N ASP D 38 55.40 15.72 -41.88
CA ASP D 38 55.48 14.43 -41.23
C ASP D 38 54.32 13.52 -41.63
N GLY D 39 53.60 13.85 -42.72
CA GLY D 39 52.58 12.95 -43.23
C GLY D 39 51.77 13.54 -44.37
N PHE D 40 50.43 13.58 -44.22
CA PHE D 40 49.55 13.92 -45.32
C PHE D 40 48.13 14.23 -44.84
N GLU D 41 47.34 14.84 -45.74
CA GLU D 41 45.95 15.22 -45.57
C GLU D 41 45.20 14.91 -46.86
N VAL D 42 44.03 14.27 -46.73
CA VAL D 42 43.14 14.01 -47.85
C VAL D 42 41.91 14.86 -47.68
N ALA D 43 41.53 15.58 -48.75
CA ALA D 43 40.32 16.39 -48.74
C ALA D 43 39.45 16.04 -49.96
N LEU D 44 38.14 16.24 -49.78
CA LEU D 44 37.18 16.11 -50.86
C LEU D 44 36.34 17.40 -50.91
N ASN D 45 36.43 18.11 -52.03
CA ASN D 45 35.73 19.38 -52.17
C ASN D 45 36.02 20.25 -50.94
N GLY D 46 37.29 20.25 -50.50
CA GLY D 46 37.76 21.13 -49.45
C GLY D 46 37.38 20.68 -48.05
N VAL D 47 36.56 19.61 -47.93
CA VAL D 47 36.29 19.04 -46.62
C VAL D 47 37.46 18.11 -46.28
N VAL D 48 38.14 18.42 -45.17
CA VAL D 48 39.31 17.68 -44.75
C VAL D 48 38.81 16.48 -43.97
N LEU D 49 39.16 15.28 -44.44
CA LEU D 49 38.61 14.04 -43.92
C LEU D 49 39.68 13.22 -43.24
N LEU D 50 40.83 13.03 -43.88
CA LEU D 50 41.85 12.14 -43.34
C LEU D 50 43.10 12.95 -43.01
N GLN D 51 43.66 12.78 -41.82
CA GLN D 51 44.85 13.52 -41.42
C GLN D 51 45.81 12.56 -40.73
N HIS D 52 47.00 12.43 -41.29
CA HIS D 52 48.00 11.53 -40.76
C HIS D 52 49.29 12.28 -40.51
N THR D 53 49.82 12.17 -39.28
CA THR D 53 51.20 12.51 -38.98
C THR D 53 51.83 11.36 -38.22
N ILE D 54 53.16 11.39 -38.08
CA ILE D 54 53.88 10.41 -37.28
C ILE D 54 53.40 10.49 -35.83
N GLN D 55 53.15 11.71 -35.34
CA GLN D 55 52.80 11.91 -33.95
C GLN D 55 51.31 11.64 -33.72
N LYS D 56 50.47 11.92 -34.73
CA LYS D 56 49.02 11.69 -34.64
C LYS D 56 48.58 10.77 -35.78
N PRO D 57 48.89 9.46 -35.74
CA PRO D 57 48.56 8.56 -36.84
C PRO D 57 47.06 8.34 -36.97
N MET D 58 46.62 8.01 -38.19
CA MET D 58 45.20 7.87 -38.46
C MET D 58 44.78 6.41 -38.53
N LEU D 59 45.75 5.50 -38.75
CA LEU D 59 45.40 4.10 -38.97
C LEU D 59 46.12 3.23 -37.94
N PHE D 60 45.37 2.25 -37.43
CA PHE D 60 45.91 1.21 -36.56
C PHE D 60 45.40 -0.14 -37.08
N VAL D 61 46.21 -1.17 -36.86
CA VAL D 61 45.86 -2.54 -37.22
C VAL D 61 46.25 -3.44 -36.05
N GLY D 62 45.59 -4.61 -35.89
CA GLY D 62 45.93 -5.49 -34.78
C GLY D 62 45.23 -6.84 -34.83
N HIS D 63 45.19 -7.54 -33.68
CA HIS D 63 44.62 -8.87 -33.57
C HIS D 63 43.74 -8.94 -32.34
N GLY D 64 42.60 -9.58 -32.49
CA GLY D 64 41.73 -9.83 -31.35
C GLY D 64 41.16 -11.25 -31.42
N GLU D 65 40.73 -11.72 -30.25
CA GLU D 65 40.14 -13.03 -30.03
C GLU D 65 38.81 -12.78 -29.31
N GLU D 66 37.73 -12.85 -30.08
CA GLU D 66 36.42 -12.46 -29.59
C GLU D 66 35.70 -13.68 -29.02
N THR D 67 34.84 -13.42 -28.03
CA THR D 67 33.86 -14.36 -27.55
C THR D 67 32.48 -13.84 -27.93
N ILE D 68 31.73 -14.62 -28.70
CA ILE D 68 30.33 -14.30 -29.00
C ILE D 68 29.44 -15.43 -28.49
N GLU D 69 28.58 -15.11 -27.50
CA GLU D 69 27.58 -16.05 -26.98
C GLU D 69 26.20 -15.56 -27.43
N MET D 70 25.45 -16.42 -28.15
CA MET D 70 24.11 -16.12 -28.58
C MET D 70 23.11 -16.78 -27.64
N TYR D 71 22.03 -16.05 -27.30
CA TYR D 71 20.89 -16.64 -26.60
C TYR D 71 19.62 -15.98 -27.13
N ARG D 72 18.88 -16.71 -27.97
CA ARG D 72 17.58 -16.26 -28.47
C ARG D 72 17.66 -14.88 -29.11
N GLY D 73 18.67 -14.68 -29.97
CA GLY D 73 18.78 -13.46 -30.74
C GLY D 73 19.54 -12.36 -30.03
N ASN D 74 19.92 -12.62 -28.77
CA ASN D 74 20.72 -11.67 -28.02
C ASN D 74 22.16 -12.17 -28.05
N PHE D 75 23.09 -11.23 -28.27
CA PHE D 75 24.49 -11.56 -28.42
C PHE D 75 25.28 -10.91 -27.31
N ASP D 76 26.07 -11.72 -26.60
CA ASP D 76 27.06 -11.17 -25.69
C ASP D 76 28.39 -11.26 -26.40
N ILE D 77 28.99 -10.08 -26.64
CA ILE D 77 30.19 -9.96 -27.46
C ILE D 77 31.27 -9.29 -26.61
N LYS D 78 32.39 -9.99 -26.43
CA LYS D 78 33.53 -9.49 -25.67
C LYS D 78 34.71 -9.64 -26.60
N ASP D 79 35.54 -8.58 -26.66
CA ASP D 79 36.78 -8.69 -27.42
C ASP D 79 37.95 -8.84 -26.45
N TYR D 80 38.98 -9.57 -26.90
CA TYR D 80 40.27 -9.60 -26.23
C TYR D 80 41.29 -9.22 -27.27
N VAL D 81 41.80 -8.00 -27.16
CA VAL D 81 42.78 -7.47 -28.08
C VAL D 81 44.18 -7.89 -27.63
N THR D 82 44.85 -8.63 -28.52
CA THR D 82 46.17 -9.20 -28.34
C THR D 82 47.25 -8.27 -28.89
N GLU D 83 46.92 -7.55 -29.97
CA GLU D 83 47.84 -6.60 -30.60
C GLU D 83 47.05 -5.41 -31.13
N ARG D 84 47.66 -4.21 -31.06
CA ARG D 84 47.17 -3.04 -31.78
C ARG D 84 48.40 -2.20 -32.11
N THR D 85 48.61 -1.96 -33.42
CA THR D 85 49.85 -1.38 -33.92
C THR D 85 49.52 -0.04 -34.56
N ALA D 86 50.23 1.01 -34.15
CA ALA D 86 50.06 2.32 -34.74
C ALA D 86 50.90 2.43 -36.01
N LEU D 87 50.25 2.70 -37.14
CA LEU D 87 50.95 2.85 -38.40
C LEU D 87 51.33 4.31 -38.59
N ARG D 88 52.45 4.68 -37.96
CA ARG D 88 52.91 6.07 -37.90
C ARG D 88 53.58 6.53 -39.20
N TYR D 89 54.14 5.61 -40.03
CA TYR D 89 55.01 6.01 -41.11
C TYR D 89 54.39 5.70 -42.47
N ALA D 90 54.23 6.74 -43.29
CA ALA D 90 53.59 6.64 -44.59
C ALA D 90 54.55 7.05 -45.70
N ASN D 91 54.59 6.24 -46.77
CA ASN D 91 55.29 6.53 -48.01
C ASN D 91 54.25 6.68 -49.12
N VAL D 92 54.22 7.86 -49.79
CA VAL D 92 53.26 8.17 -50.85
C VAL D 92 53.91 8.10 -52.24
N GLU D 93 53.22 7.44 -53.20
CA GLU D 93 53.56 7.51 -54.61
C GLU D 93 52.38 8.09 -55.39
N GLU D 94 52.59 9.25 -56.08
CA GLU D 94 51.56 9.81 -56.96
C GLU D 94 51.49 8.97 -58.22
N MET D 95 50.28 8.69 -58.72
CA MET D 95 50.06 7.78 -59.83
C MET D 95 49.04 8.41 -60.78
N GLU D 96 48.61 7.62 -61.78
CA GLU D 96 47.69 8.08 -62.82
C GLU D 96 46.64 9.02 -62.20
N GLY D 97 45.50 8.42 -61.84
CA GLY D 97 44.40 9.16 -61.24
C GLY D 97 44.25 8.80 -59.76
N ALA D 98 45.38 8.58 -59.07
CA ALA D 98 45.41 7.95 -57.77
C ALA D 98 46.68 8.24 -56.98
N TYR D 99 46.66 7.96 -55.67
CA TYR D 99 47.84 7.89 -54.81
C TYR D 99 47.89 6.50 -54.18
N LYS D 100 49.09 5.90 -54.11
CA LYS D 100 49.33 4.70 -53.33
C LYS D 100 50.05 5.11 -52.06
N ILE D 101 49.59 4.65 -50.90
CA ILE D 101 50.20 4.99 -49.64
C ILE D 101 50.50 3.70 -48.89
N ASP D 102 51.78 3.51 -48.53
CA ASP D 102 52.21 2.36 -47.76
C ASP D 102 52.49 2.82 -46.32
N LEU D 103 52.06 1.99 -45.38
CA LEU D 103 52.07 2.34 -43.97
C LEU D 103 52.78 1.24 -43.18
N SER D 104 53.67 1.66 -42.26
CA SER D 104 54.29 0.75 -41.32
C SER D 104 54.35 1.40 -39.94
N ASN D 105 54.85 0.62 -38.96
CA ASN D 105 55.04 1.02 -37.57
C ASN D 105 56.33 1.82 -37.41
N LEU D 106 57.38 1.47 -38.18
CA LEU D 106 58.72 2.08 -38.10
C LEU D 106 59.09 2.75 -39.42
N LYS D 107 59.99 3.76 -39.40
CA LYS D 107 60.42 4.45 -40.62
C LYS D 107 61.10 3.45 -41.56
N ASN D 108 60.64 3.39 -42.82
CA ASN D 108 61.06 2.42 -43.80
C ASN D 108 60.97 0.97 -43.29
N GLY D 109 59.96 0.66 -42.48
CA GLY D 109 59.71 -0.69 -42.00
C GLY D 109 58.91 -1.50 -43.01
N ASP D 110 58.57 -2.76 -42.67
CA ASP D 110 57.76 -3.59 -43.55
C ASP D 110 56.35 -2.99 -43.64
N THR D 111 55.76 -2.99 -44.85
CA THR D 111 54.43 -2.46 -45.07
C THR D 111 53.39 -3.39 -44.46
N MET D 112 52.54 -2.83 -43.58
CA MET D 112 51.49 -3.60 -42.94
C MET D 112 50.13 -3.31 -43.56
N LEU D 113 49.95 -2.11 -44.09
CA LEU D 113 48.71 -1.74 -44.75
C LEU D 113 49.02 -0.82 -45.93
N SER D 114 48.34 -1.05 -47.05
CA SER D 114 48.59 -0.31 -48.28
C SER D 114 47.28 0.28 -48.80
N LEU D 115 47.26 1.58 -49.09
CA LEU D 115 46.07 2.32 -49.48
C LEU D 115 46.15 2.76 -50.94
N ILE D 116 45.01 2.75 -51.64
CA ILE D 116 44.82 3.51 -52.86
C ILE D 116 43.79 4.59 -52.55
N VAL D 117 44.19 5.87 -52.70
CA VAL D 117 43.27 6.98 -52.52
C VAL D 117 42.96 7.56 -53.90
N LYS D 118 41.68 7.60 -54.30
CA LYS D 118 41.33 8.12 -55.61
C LYS D 118 39.93 8.71 -55.60
N GLU D 119 39.59 9.48 -56.64
CA GLU D 119 38.25 9.96 -56.90
C GLU D 119 37.58 8.98 -57.86
N GLU D 120 36.39 8.49 -57.51
CA GLU D 120 35.63 7.60 -58.37
C GLU D 120 34.14 7.96 -58.24
N GLU D 121 33.41 7.92 -59.36
CA GLU D 121 32.23 8.73 -59.56
C GLU D 121 32.71 10.11 -59.14
N ASN D 122 32.05 10.70 -58.15
CA ASN D 122 32.48 11.99 -57.62
C ASN D 122 32.74 11.83 -56.12
N ARG D 123 33.20 10.62 -55.76
CA ARG D 123 33.42 10.27 -54.37
C ARG D 123 34.92 10.13 -54.08
N LEU D 124 35.28 10.29 -52.81
CA LEU D 124 36.56 9.81 -52.34
C LEU D 124 36.41 8.31 -52.12
N LYS D 125 37.29 7.53 -52.73
CA LYS D 125 37.36 6.10 -52.50
C LYS D 125 38.75 5.75 -51.97
N VAL D 126 38.77 5.01 -50.85
CA VAL D 126 40.01 4.57 -50.23
C VAL D 126 39.99 3.05 -50.18
N GLU D 127 40.87 2.40 -50.96
CA GLU D 127 40.96 0.95 -50.98
C GLU D 127 42.06 0.54 -50.01
N TYR D 128 41.86 -0.59 -49.29
CA TYR D 128 42.82 -1.04 -48.29
C TYR D 128 43.28 -2.45 -48.63
N GLN D 129 44.58 -2.71 -48.48
CA GLN D 129 45.11 -4.06 -48.69
C GLN D 129 46.11 -4.34 -47.56
N LYS D 130 45.92 -5.47 -46.87
CA LYS D 130 46.86 -5.91 -45.85
C LYS D 130 47.72 -7.03 -46.42
N ASN D 131 48.83 -7.31 -45.72
CA ASN D 131 49.76 -8.37 -46.09
C ASN D 131 49.56 -9.57 -45.14
N ASP D 132 49.42 -9.26 -43.85
CA ASP D 132 49.53 -10.24 -42.77
C ASP D 132 48.15 -10.82 -42.45
N ALA D 133 48.02 -12.15 -42.53
CA ALA D 133 46.74 -12.81 -42.29
C ALA D 133 46.33 -12.73 -40.82
N ASN D 134 47.29 -12.44 -39.95
CA ASN D 134 46.98 -12.39 -38.53
C ASN D 134 46.15 -11.16 -38.18
N ILE D 135 46.21 -10.13 -39.04
CA ILE D 135 45.51 -8.87 -38.78
C ILE D 135 44.01 -9.09 -39.00
N ASN D 136 43.23 -8.95 -37.91
CA ASN D 136 41.78 -9.08 -37.99
C ASN D 136 41.09 -7.93 -37.26
N ARG D 137 41.85 -6.85 -36.97
CA ARG D 137 41.33 -5.66 -36.33
C ARG D 137 41.87 -4.45 -37.07
N PHE D 138 40.98 -3.47 -37.32
CA PHE D 138 41.29 -2.28 -38.10
C PHE D 138 40.66 -1.07 -37.43
N TRP D 139 41.41 0.03 -37.35
CA TRP D 139 40.92 1.25 -36.77
C TRP D 139 41.32 2.42 -37.65
N LEU D 140 40.34 3.17 -38.21
CA LEU D 140 40.62 4.41 -38.92
C LEU D 140 40.08 5.59 -38.12
N ARG D 141 40.94 6.58 -37.88
CA ARG D 141 40.52 7.84 -37.31
C ARG D 141 40.30 8.89 -38.40
N VAL D 142 39.07 9.46 -38.43
CA VAL D 142 38.74 10.51 -39.37
C VAL D 142 38.54 11.78 -38.56
N ALA D 143 39.13 12.88 -39.06
CA ALA D 143 39.21 14.12 -38.31
C ALA D 143 37.81 14.67 -38.04
N ALA D 144 37.66 15.29 -36.86
CA ALA D 144 36.41 15.88 -36.45
C ALA D 144 36.67 17.14 -35.63
N ASP D 145 35.60 17.92 -35.44
CA ASP D 145 35.52 19.11 -34.59
C ASP D 145 34.76 18.81 -33.30
N LYS D 146 34.92 19.68 -32.29
CA LYS D 146 34.21 19.55 -31.01
C LYS D 146 32.69 19.54 -31.20
N GLN D 147 32.17 20.38 -32.11
CA GLN D 147 30.73 20.61 -32.21
C GLN D 147 30.06 19.72 -33.27
N GLU D 148 30.83 18.94 -34.01
CA GLU D 148 30.30 18.11 -35.09
C GLU D 148 29.29 17.12 -34.52
N LYS D 149 28.20 16.89 -35.26
CA LYS D 149 27.23 15.88 -34.93
C LYS D 149 27.30 14.79 -35.98
N VAL D 150 26.89 13.56 -35.62
CA VAL D 150 26.91 12.46 -36.56
C VAL D 150 25.57 11.71 -36.49
N TYR D 151 25.11 11.21 -37.63
CA TYR D 151 23.80 10.61 -37.74
C TYR D 151 23.90 9.34 -38.56
N GLY D 152 22.90 8.45 -38.38
CA GLY D 152 22.80 7.24 -39.18
C GLY D 152 23.19 5.98 -38.40
N CYS D 153 24.10 5.19 -38.99
CA CYS D 153 24.51 3.88 -38.52
C CYS D 153 23.34 2.92 -38.52
N GLY D 154 22.39 3.14 -39.43
CA GLY D 154 21.19 2.31 -39.52
C GLY D 154 20.02 2.92 -38.75
N GLU D 155 19.18 2.04 -38.20
CA GLU D 155 18.07 2.42 -37.35
C GLU D 155 18.58 2.47 -35.92
N GLN D 156 18.71 3.66 -35.36
CA GLN D 156 19.10 3.86 -33.97
C GLN D 156 17.86 4.28 -33.17
N LEU D 157 17.64 3.59 -32.04
CA LEU D 157 16.42 3.75 -31.26
C LEU D 157 16.61 4.63 -30.01
N SER D 158 17.86 4.91 -29.62
CA SER D 158 18.11 5.75 -28.45
C SER D 158 18.76 7.08 -28.83
N HIS D 159 19.68 7.08 -29.80
CA HIS D 159 20.42 8.31 -30.11
C HIS D 159 20.49 8.56 -31.61
N PHE D 160 19.92 9.68 -32.03
CA PHE D 160 19.94 10.09 -33.42
C PHE D 160 21.31 10.71 -33.70
N ASN D 161 21.61 11.79 -32.99
CA ASN D 161 22.96 12.30 -32.92
C ASN D 161 23.76 11.38 -31.99
N MET D 162 24.72 10.66 -32.57
CA MET D 162 25.50 9.65 -31.89
C MET D 162 26.75 10.24 -31.22
N ARG D 163 27.02 11.51 -31.44
CA ARG D 163 28.25 12.08 -30.89
C ARG D 163 28.31 11.83 -29.39
N GLY D 164 29.50 11.44 -28.90
CA GLY D 164 29.76 11.29 -27.47
C GLY D 164 29.71 9.84 -27.00
N LYS D 165 29.31 8.91 -27.88
CA LYS D 165 29.25 7.50 -27.54
C LYS D 165 29.80 6.64 -28.67
N ASN D 166 29.86 5.32 -28.42
CA ASN D 166 30.36 4.35 -29.39
C ASN D 166 29.24 3.38 -29.73
N PHE D 167 29.20 2.90 -30.97
CA PHE D 167 28.09 2.11 -31.47
C PHE D 167 28.60 0.83 -32.12
N PRO D 168 28.64 -0.30 -31.40
CA PRO D 168 28.73 -1.60 -32.05
C PRO D 168 27.65 -1.72 -33.12
N LEU D 169 28.01 -2.42 -34.20
CA LEU D 169 27.15 -2.62 -35.35
C LEU D 169 27.04 -4.11 -35.64
N TRP D 170 26.08 -4.75 -34.98
CA TRP D 170 25.86 -6.18 -35.08
C TRP D 170 24.36 -6.42 -34.96
N THR D 171 23.74 -6.90 -36.04
CA THR D 171 22.30 -7.07 -36.04
C THR D 171 21.93 -8.08 -34.95
N SER D 172 20.88 -7.76 -34.20
CA SER D 172 20.40 -8.62 -33.13
C SER D 172 19.02 -8.18 -32.67
N GLU D 173 18.45 -8.96 -31.77
CA GLU D 173 17.36 -8.47 -30.95
C GLU D 173 17.80 -7.15 -30.35
N PRO D 174 16.94 -6.11 -30.44
CA PRO D 174 17.29 -4.77 -29.99
C PRO D 174 17.28 -4.54 -28.49
N GLY D 175 16.66 -5.48 -27.77
CA GLY D 175 16.54 -5.37 -26.33
C GLY D 175 15.12 -4.99 -25.91
N VAL D 176 14.72 -5.46 -24.73
CA VAL D 176 13.50 -5.05 -24.07
C VAL D 176 13.87 -4.06 -22.99
N GLY D 177 13.49 -2.79 -23.19
CA GLY D 177 13.80 -1.73 -22.24
C GLY D 177 15.00 -0.89 -22.70
N ARG D 178 16.12 -1.56 -22.97
CA ARG D 178 17.28 -0.97 -23.62
C ARG D 178 17.96 0.09 -22.76
N ASN D 179 17.67 0.08 -21.46
CA ASN D 179 18.30 1.02 -20.54
C ASN D 179 18.42 0.35 -19.16
N LYS D 180 19.68 0.17 -18.74
CA LYS D 180 19.99 -0.65 -17.57
C LYS D 180 19.41 -0.05 -16.29
N GLN D 181 19.02 1.25 -16.34
CA GLN D 181 18.50 1.90 -15.14
C GLN D 181 17.05 1.54 -14.86
N THR D 182 16.32 1.00 -15.84
CA THR D 182 14.90 0.75 -15.65
C THR D 182 14.69 -0.69 -15.20
N TYR D 183 13.60 -0.87 -14.44
CA TYR D 183 13.15 -2.15 -13.94
C TYR D 183 12.94 -3.13 -15.08
N VAL D 184 12.33 -2.68 -16.19
CA VAL D 184 12.03 -3.59 -17.28
C VAL D 184 13.30 -4.18 -17.87
N THR D 185 14.30 -3.32 -18.08
CA THR D 185 15.55 -3.76 -18.70
C THR D 185 16.23 -4.77 -17.77
N TRP D 186 16.34 -4.39 -16.50
CA TRP D 186 16.93 -5.20 -15.46
C TRP D 186 16.31 -6.60 -15.44
N GLN D 187 14.97 -6.68 -15.44
CA GLN D 187 14.28 -7.95 -15.45
C GLN D 187 14.51 -8.71 -16.76
N ALA D 188 14.58 -8.00 -17.88
CA ALA D 188 14.81 -8.64 -19.16
C ALA D 188 16.19 -9.31 -19.16
N ASP D 189 17.17 -8.63 -18.56
CA ASP D 189 18.50 -9.20 -18.38
C ASP D 189 18.47 -10.39 -17.42
N VAL D 190 17.89 -10.19 -16.23
CA VAL D 190 17.86 -11.21 -15.18
C VAL D 190 17.19 -12.46 -15.70
N VAL D 191 16.01 -12.34 -16.31
CA VAL D 191 15.22 -13.52 -16.67
C VAL D 191 15.69 -14.12 -18.00
N ASP D 192 15.99 -13.27 -18.99
CA ASP D 192 16.10 -13.70 -20.39
C ASP D 192 17.40 -13.25 -21.06
N LYS D 193 18.25 -12.49 -20.34
CA LYS D 193 19.49 -11.96 -20.89
C LYS D 193 19.20 -11.06 -22.10
N ALA D 194 18.13 -10.24 -22.00
CA ALA D 194 17.47 -9.69 -23.19
C ALA D 194 17.26 -8.17 -23.09
N GLY D 195 17.84 -7.51 -22.10
CA GLY D 195 17.57 -6.10 -21.85
C GLY D 195 18.16 -5.19 -22.94
N GLY D 196 19.34 -5.58 -23.45
CA GLY D 196 20.04 -4.76 -24.44
C GLY D 196 20.53 -3.44 -23.86
N ASP D 197 20.90 -2.53 -24.76
CA ASP D 197 21.49 -1.26 -24.38
C ASP D 197 21.32 -0.27 -25.55
N TYR D 198 21.82 0.95 -25.40
CA TYR D 198 21.48 2.08 -26.26
C TYR D 198 21.85 1.88 -27.73
N TYR D 199 22.80 0.99 -28.01
CA TYR D 199 23.33 0.80 -29.34
C TYR D 199 22.69 -0.41 -30.06
N ASN D 200 21.89 -1.22 -29.37
CA ASN D 200 21.39 -2.44 -29.98
C ASN D 200 20.33 -2.12 -31.01
N THR D 201 20.30 -2.86 -32.10
CA THR D 201 19.36 -2.60 -33.18
C THR D 201 19.26 -3.79 -34.13
N ASN D 202 18.10 -3.93 -34.76
CA ASN D 202 17.93 -4.96 -35.77
C ASN D 202 18.62 -4.52 -37.05
N PHE D 203 18.85 -3.20 -37.19
CA PHE D 203 19.35 -2.62 -38.43
C PHE D 203 20.51 -1.69 -38.11
N PRO D 204 21.72 -2.28 -37.90
CA PRO D 204 22.95 -1.50 -37.88
C PRO D 204 23.39 -1.29 -39.32
N GLN D 205 24.23 -0.28 -39.55
CA GLN D 205 24.87 -0.11 -40.84
C GLN D 205 26.16 0.67 -40.66
N PRO D 206 27.26 0.26 -41.32
CA PRO D 206 28.55 0.93 -41.19
C PRO D 206 28.64 2.17 -42.07
N THR D 207 27.73 3.12 -41.82
CA THR D 207 27.56 4.29 -42.65
C THR D 207 27.05 5.39 -41.74
N TYR D 208 27.74 6.54 -41.70
CA TYR D 208 27.31 7.67 -40.91
C TYR D 208 27.33 8.92 -41.78
N VAL D 209 26.54 9.92 -41.37
CA VAL D 209 26.44 11.23 -42.00
C VAL D 209 26.95 12.27 -41.01
N SER D 210 27.83 13.17 -41.46
CA SER D 210 28.39 14.20 -40.58
C SER D 210 27.70 15.56 -40.79
N SER D 211 27.65 16.39 -39.74
CA SER D 211 27.14 17.74 -39.89
C SER D 211 28.04 18.59 -40.78
N LYS D 212 29.22 18.07 -41.17
CA LYS D 212 30.11 18.76 -42.08
C LYS D 212 29.67 18.49 -43.52
N LYS D 213 28.57 17.74 -43.66
CA LYS D 213 27.86 17.57 -44.92
C LYS D 213 28.63 16.63 -45.83
N TYR D 214 29.06 15.50 -45.24
CA TYR D 214 29.50 14.34 -45.99
C TYR D 214 28.95 13.10 -45.31
N TYR D 215 28.89 11.99 -46.06
CA TYR D 215 28.63 10.68 -45.51
C TYR D 215 29.86 9.80 -45.72
N CYS D 216 30.08 8.85 -44.82
CA CYS D 216 31.18 7.90 -44.89
C CYS D 216 30.56 6.51 -44.88
N HIS D 217 30.99 5.67 -45.82
CA HIS D 217 30.53 4.29 -45.88
C HIS D 217 31.72 3.36 -45.88
N VAL D 218 31.68 2.35 -45.00
CA VAL D 218 32.69 1.32 -44.93
C VAL D 218 32.11 0.06 -45.55
N GLU D 219 32.70 -0.40 -46.67
CA GLU D 219 32.23 -1.61 -47.30
C GLU D 219 32.73 -2.83 -46.51
N THR D 220 31.86 -3.35 -45.63
CA THR D 220 32.13 -4.56 -44.85
C THR D 220 30.79 -5.13 -44.41
N THR D 221 30.73 -6.42 -44.09
CA THR D 221 29.63 -6.98 -43.32
C THR D 221 30.14 -7.56 -42.00
N ALA D 222 31.38 -7.26 -41.62
CA ALA D 222 31.93 -7.75 -40.36
C ALA D 222 31.47 -6.86 -39.22
N TYR D 223 31.64 -7.37 -38.00
CA TYR D 223 31.38 -6.58 -36.81
C TYR D 223 32.18 -5.28 -36.92
N ALA D 224 31.57 -4.19 -36.53
CA ALA D 224 32.25 -2.91 -36.48
C ALA D 224 31.78 -2.15 -35.25
N ASP D 225 32.54 -1.13 -34.86
CA ASP D 225 32.16 -0.28 -33.77
C ASP D 225 32.60 1.14 -34.11
N PHE D 226 31.60 2.01 -34.34
CA PHE D 226 31.89 3.39 -34.69
C PHE D 226 31.92 4.17 -33.38
N ASP D 227 33.11 4.71 -33.08
CA ASP D 227 33.38 5.36 -31.83
C ASP D 227 33.42 6.87 -32.01
N PHE D 228 32.43 7.57 -31.42
CA PHE D 228 32.33 9.02 -31.54
C PHE D 228 32.57 9.73 -30.21
N ARG D 229 33.46 9.19 -29.39
CA ARG D 229 33.66 9.71 -28.05
C ARG D 229 34.75 10.77 -28.00
N ASN D 230 35.57 10.88 -29.06
CA ASN D 230 36.73 11.75 -28.99
C ASN D 230 36.42 13.04 -29.74
N GLU D 231 36.89 14.16 -29.18
CA GLU D 231 36.60 15.46 -29.74
C GLU D 231 37.26 15.64 -31.11
N ALA D 232 38.46 15.08 -31.27
CA ALA D 232 39.28 15.43 -32.43
C ALA D 232 39.11 14.43 -33.57
N PHE D 233 38.42 13.31 -33.35
CA PHE D 233 38.30 12.30 -34.40
C PHE D 233 37.18 11.31 -34.08
N HIS D 234 36.60 10.75 -35.13
CA HIS D 234 35.78 9.56 -35.05
C HIS D 234 36.70 8.37 -35.27
N GLU D 235 36.53 7.28 -34.51
CA GLU D 235 37.31 6.07 -34.75
C GLU D 235 36.39 4.95 -35.24
N LEU D 236 36.65 4.45 -36.45
CA LEU D 236 35.86 3.38 -37.03
C LEU D 236 36.65 2.08 -36.90
N GLN D 237 36.17 1.20 -36.00
CA GLN D 237 36.77 -0.10 -35.77
C GLN D 237 36.01 -1.09 -36.64
N VAL D 238 36.76 -1.99 -37.28
CA VAL D 238 36.19 -3.08 -38.08
C VAL D 238 36.95 -4.37 -37.74
N TRP D 239 36.24 -5.52 -37.69
CA TRP D 239 36.87 -6.79 -37.36
C TRP D 239 37.24 -7.51 -38.64
N GLU D 240 37.81 -6.72 -39.55
CA GLU D 240 38.55 -7.13 -40.72
C GLU D 240 39.16 -5.84 -41.26
N VAL D 241 40.10 -5.97 -42.20
CA VAL D 241 40.52 -4.82 -42.99
C VAL D 241 39.49 -4.64 -44.11
N PRO D 242 38.70 -3.56 -44.12
CA PRO D 242 37.63 -3.42 -45.10
C PRO D 242 38.19 -3.23 -46.51
N LYS D 243 37.51 -3.76 -47.52
CA LYS D 243 37.96 -3.67 -48.90
C LYS D 243 38.14 -2.19 -49.27
N TYR D 244 37.16 -1.35 -48.92
CA TYR D 244 37.22 0.06 -49.26
C TYR D 244 36.22 0.87 -48.46
N MET D 245 36.42 2.20 -48.46
CA MET D 245 35.46 3.15 -47.97
C MET D 245 35.11 4.16 -49.08
N LEU D 246 33.91 4.75 -48.96
CA LEU D 246 33.46 5.81 -49.86
C LEU D 246 33.07 7.01 -49.01
N PHE D 247 33.57 8.19 -49.40
CA PHE D 247 33.10 9.44 -48.86
C PHE D 247 32.50 10.27 -49.98
N GLU D 248 31.47 11.08 -49.68
CA GLU D 248 30.86 11.97 -50.65
C GLU D 248 30.31 13.20 -49.91
N THR D 249 30.60 14.39 -50.47
CA THR D 249 30.14 15.65 -49.89
C THR D 249 28.89 16.11 -50.65
N ALA D 250 28.23 17.11 -50.06
CA ALA D 250 27.09 17.76 -50.69
C ALA D 250 26.89 19.14 -50.08
N ASP D 251 26.10 19.96 -50.76
CA ASP D 251 25.89 21.34 -50.37
C ASP D 251 24.74 21.41 -49.38
N THR D 252 23.84 20.41 -49.42
CA THR D 252 22.68 20.38 -48.52
C THR D 252 22.39 18.94 -48.10
N TYR D 253 21.70 18.80 -46.97
CA TYR D 253 21.31 17.48 -46.48
C TYR D 253 20.35 16.82 -47.47
N LEU D 254 19.47 17.60 -48.10
CA LEU D 254 18.61 17.07 -49.15
C LEU D 254 19.42 16.46 -50.29
N GLU D 255 20.50 17.12 -50.67
CA GLU D 255 21.36 16.62 -51.75
C GLU D 255 22.11 15.39 -51.23
N LEU D 256 22.57 15.43 -49.97
CA LEU D 256 23.38 14.34 -49.42
C LEU D 256 22.60 13.02 -49.44
N VAL D 257 21.33 13.06 -49.03
CA VAL D 257 20.52 11.87 -48.93
C VAL D 257 20.15 11.39 -50.33
N GLU D 258 20.05 12.34 -51.27
CA GLU D 258 19.88 11.97 -52.67
C GLU D 258 21.12 11.21 -53.16
N LYS D 259 22.31 11.70 -52.81
CA LYS D 259 23.54 11.01 -53.20
C LYS D 259 23.66 9.64 -52.54
N ILE D 260 23.22 9.57 -51.27
CA ILE D 260 23.42 8.37 -50.50
C ILE D 260 22.49 7.27 -51.02
N THR D 261 21.26 7.64 -51.41
CA THR D 261 20.37 6.69 -52.05
C THR D 261 20.82 6.41 -53.48
N GLY D 262 21.59 7.34 -54.07
CA GLY D 262 22.25 7.12 -55.34
C GLY D 262 23.23 5.97 -55.28
N LEU D 263 23.89 5.82 -54.12
CA LEU D 263 24.84 4.74 -53.90
C LEU D 263 24.11 3.45 -53.58
N PHE D 264 23.25 3.47 -52.55
CA PHE D 264 22.73 2.25 -51.95
C PHE D 264 21.47 1.75 -52.65
N GLY D 265 20.72 2.65 -53.28
CA GLY D 265 19.47 2.31 -53.94
C GLY D 265 18.27 3.06 -53.35
N ARG D 266 17.10 2.82 -53.96
CA ARG D 266 15.89 3.57 -53.65
C ARG D 266 14.70 2.61 -53.58
N GLN D 267 13.78 2.95 -52.67
CA GLN D 267 12.61 2.13 -52.44
C GLN D 267 11.60 2.43 -53.56
N PRO D 268 10.71 1.47 -53.89
CA PRO D 268 9.56 1.72 -54.77
C PRO D 268 8.52 2.64 -54.15
N GLU D 269 7.58 3.07 -54.99
CA GLU D 269 6.37 3.72 -54.51
C GLU D 269 5.55 2.68 -53.78
N LEU D 270 4.82 3.11 -52.76
CA LEU D 270 3.89 2.21 -52.10
C LEU D 270 2.70 1.94 -53.02
N PRO D 271 2.04 0.78 -52.86
CA PRO D 271 0.79 0.53 -53.58
C PRO D 271 -0.28 1.57 -53.26
N GLU D 272 -1.16 1.85 -54.25
CA GLU D 272 -2.20 2.86 -54.12
C GLU D 272 -3.11 2.51 -52.95
N TRP D 273 -3.37 1.21 -52.77
CA TRP D 273 -4.35 0.76 -51.79
C TRP D 273 -3.95 1.08 -50.35
N VAL D 274 -2.67 1.29 -50.07
CA VAL D 274 -2.23 1.64 -48.71
C VAL D 274 -2.89 2.92 -48.21
N TYR D 275 -3.16 3.85 -49.13
CA TYR D 275 -3.67 5.17 -48.75
C TYR D 275 -5.16 5.16 -48.44
N ASN D 276 -5.82 3.99 -48.57
CA ASN D 276 -7.21 3.81 -48.17
C ASN D 276 -7.42 3.76 -46.66
N GLY D 277 -6.34 3.64 -45.86
CA GLY D 277 -6.43 3.79 -44.41
C GLY D 277 -5.63 2.74 -43.65
N VAL D 278 -6.17 2.34 -42.49
CA VAL D 278 -5.46 1.56 -41.48
C VAL D 278 -5.37 0.10 -41.94
N VAL D 279 -4.19 -0.48 -41.77
CA VAL D 279 -4.02 -1.93 -41.87
C VAL D 279 -4.29 -2.48 -40.47
N LEU D 280 -5.38 -3.22 -40.31
CA LEU D 280 -5.78 -3.67 -38.99
C LEU D 280 -5.09 -4.99 -38.65
N GLY D 281 -4.33 -4.99 -37.54
CA GLY D 281 -3.74 -6.20 -37.00
C GLY D 281 -4.76 -7.01 -36.20
N ILE D 282 -5.14 -8.17 -36.73
CA ILE D 282 -6.15 -9.03 -36.13
C ILE D 282 -5.70 -10.48 -36.21
N GLN D 283 -5.92 -11.22 -35.13
CA GLN D 283 -5.64 -12.66 -35.10
C GLN D 283 -6.90 -13.39 -34.68
N GLY D 284 -6.87 -14.72 -34.83
CA GLY D 284 -7.85 -15.58 -34.20
C GLY D 284 -8.91 -16.12 -35.18
N GLY D 285 -8.66 -15.99 -36.49
CA GLY D 285 -9.42 -16.73 -37.49
C GLY D 285 -10.37 -15.84 -38.29
N THR D 286 -11.00 -16.44 -39.31
CA THR D 286 -11.80 -15.74 -40.31
C THR D 286 -13.03 -15.07 -39.71
N ASP D 287 -13.75 -15.78 -38.84
CA ASP D 287 -14.96 -15.26 -38.22
C ASP D 287 -14.62 -14.00 -37.41
N VAL D 288 -13.51 -14.04 -36.66
CA VAL D 288 -13.11 -12.91 -35.85
C VAL D 288 -12.76 -11.74 -36.75
N VAL D 289 -12.16 -12.02 -37.92
CA VAL D 289 -11.79 -10.96 -38.83
C VAL D 289 -13.06 -10.23 -39.27
N GLU D 290 -14.08 -11.01 -39.67
CA GLU D 290 -15.31 -10.46 -40.23
C GLU D 290 -16.04 -9.61 -39.18
N GLN D 291 -16.01 -10.04 -37.91
CA GLN D 291 -16.75 -9.34 -36.86
C GLN D 291 -16.10 -7.99 -36.60
N LYS D 292 -14.76 -7.98 -36.57
CA LYS D 292 -14.03 -6.75 -36.26
C LYS D 292 -14.15 -5.76 -37.42
N LEU D 293 -14.11 -6.29 -38.65
CA LEU D 293 -14.21 -5.47 -39.85
C LEU D 293 -15.56 -4.74 -39.84
N GLU D 294 -16.64 -5.48 -39.50
CA GLU D 294 -17.99 -4.90 -39.51
C GLU D 294 -18.11 -3.81 -38.43
N LYS D 295 -17.59 -4.09 -37.22
CA LYS D 295 -17.73 -3.16 -36.10
C LYS D 295 -17.04 -1.84 -36.43
N VAL D 296 -15.89 -1.94 -37.11
CA VAL D 296 -15.02 -0.80 -37.36
C VAL D 296 -15.57 0.05 -38.52
N LEU D 297 -16.01 -0.63 -39.60
CA LEU D 297 -16.55 0.07 -40.76
C LEU D 297 -17.79 0.87 -40.33
N ALA D 298 -18.62 0.27 -39.47
CA ALA D 298 -19.84 0.91 -38.99
C ALA D 298 -19.52 2.17 -38.19
N LYS D 299 -18.34 2.26 -37.56
CA LYS D 299 -18.00 3.47 -36.83
C LYS D 299 -17.24 4.45 -37.72
N GLY D 300 -17.14 4.16 -39.02
CA GLY D 300 -16.67 5.14 -40.00
C GLY D 300 -15.15 5.09 -40.24
N MET D 301 -14.48 4.03 -39.78
CA MET D 301 -13.04 3.95 -39.90
C MET D 301 -12.67 3.66 -41.36
N LYS D 302 -11.59 4.29 -41.84
CA LYS D 302 -11.04 4.00 -43.15
C LYS D 302 -9.99 2.90 -43.02
N VAL D 303 -10.26 1.76 -43.65
CA VAL D 303 -9.45 0.56 -43.55
C VAL D 303 -8.86 0.24 -44.91
N SER D 304 -7.54 0.04 -44.97
CA SER D 304 -6.87 -0.34 -46.21
C SER D 304 -6.85 -1.86 -46.37
N GLY D 305 -6.70 -2.55 -45.24
CA GLY D 305 -6.54 -3.98 -45.30
C GLY D 305 -6.57 -4.59 -43.90
N VAL D 306 -6.54 -5.92 -43.90
CA VAL D 306 -6.38 -6.63 -42.67
C VAL D 306 -5.09 -7.43 -42.74
N TRP D 307 -4.32 -7.41 -41.63
CA TRP D 307 -3.08 -8.15 -41.48
C TRP D 307 -3.23 -9.22 -40.40
N CYS D 308 -3.16 -10.49 -40.84
CA CYS D 308 -3.39 -11.67 -40.00
C CYS D 308 -2.13 -12.52 -39.97
N GLN D 309 -1.27 -12.25 -38.97
CA GLN D 309 0.03 -12.90 -38.89
C GLN D 309 -0.10 -14.41 -38.61
N ASP D 310 -1.26 -14.84 -38.10
CA ASP D 310 -1.49 -16.25 -37.76
C ASP D 310 -2.20 -17.01 -38.88
N TRP D 311 -2.20 -16.45 -40.09
CA TRP D 311 -2.83 -17.08 -41.24
C TRP D 311 -2.28 -18.48 -41.48
N GLN D 312 -0.99 -18.70 -41.15
CA GLN D 312 -0.35 -20.00 -41.35
C GLN D 312 -0.43 -20.85 -40.08
N GLY D 313 -0.91 -20.24 -38.99
CA GLY D 313 -1.10 -20.98 -37.73
C GLY D 313 -0.45 -20.27 -36.53
N LYS D 314 -1.09 -20.44 -35.37
CA LYS D 314 -0.63 -19.85 -34.11
C LYS D 314 0.25 -20.85 -33.37
N ARG D 315 0.92 -20.36 -32.31
CA ARG D 315 1.69 -21.19 -31.40
C ARG D 315 1.82 -20.43 -30.08
N ILE D 316 1.25 -21.01 -29.01
CA ILE D 316 1.31 -20.41 -27.69
C ILE D 316 2.60 -20.86 -27.02
N THR D 317 3.31 -19.91 -26.40
CA THR D 317 4.47 -20.18 -25.55
C THR D 317 4.26 -19.41 -24.24
N SER D 318 5.23 -19.51 -23.33
CA SER D 318 5.21 -18.71 -22.11
C SER D 318 5.35 -17.22 -22.46
N PHE D 319 5.94 -16.93 -23.63
CA PHE D 319 6.07 -15.54 -24.09
C PHE D 319 4.70 -14.94 -24.43
N GLY D 320 3.76 -15.77 -24.90
CA GLY D 320 2.44 -15.32 -25.31
C GLY D 320 1.97 -16.03 -26.58
N LYS D 321 1.12 -15.35 -27.37
CA LYS D 321 0.63 -15.88 -28.64
C LYS D 321 1.62 -15.58 -29.76
N ARG D 322 2.37 -16.60 -30.17
CA ARG D 322 3.32 -16.51 -31.26
C ARG D 322 2.75 -17.29 -32.45
N LEU D 323 3.61 -17.78 -33.36
CA LEU D 323 3.18 -18.33 -34.62
C LEU D 323 3.86 -19.66 -34.92
N MET D 324 3.17 -20.49 -35.70
CA MET D 324 3.77 -21.72 -36.20
C MET D 324 4.51 -21.36 -37.48
N TRP D 325 5.83 -21.59 -37.48
CA TRP D 325 6.71 -21.05 -38.52
C TRP D 325 6.78 -22.03 -39.68
N ASN D 326 5.68 -22.06 -40.44
CA ASN D 326 5.56 -22.89 -41.65
C ASN D 326 4.62 -22.15 -42.60
N TRP D 327 5.19 -21.68 -43.71
CA TRP D 327 4.61 -20.60 -44.48
C TRP D 327 3.64 -21.17 -45.51
N LYS D 328 2.48 -21.64 -44.99
CA LYS D 328 1.39 -22.16 -45.80
C LYS D 328 0.08 -21.92 -45.06
N TRP D 329 -0.95 -21.50 -45.81
CA TRP D 329 -2.28 -21.27 -45.27
C TRP D 329 -2.73 -22.42 -44.39
N ASN D 330 -3.22 -22.08 -43.19
CA ASN D 330 -3.76 -23.05 -42.24
C ASN D 330 -5.28 -23.09 -42.34
N GLU D 331 -5.80 -24.14 -42.97
CA GLU D 331 -7.21 -24.27 -43.33
C GLU D 331 -8.10 -24.38 -42.10
N SER D 332 -7.61 -24.94 -40.98
CA SER D 332 -8.45 -25.14 -39.81
C SER D 332 -8.59 -23.83 -39.07
N GLU D 333 -7.49 -23.08 -38.93
CA GLU D 333 -7.52 -21.90 -38.10
C GLU D 333 -8.11 -20.72 -38.87
N TYR D 334 -7.94 -20.73 -40.22
CA TYR D 334 -8.47 -19.68 -41.09
C TYR D 334 -9.34 -20.32 -42.18
N PRO D 335 -10.54 -20.86 -41.83
CA PRO D 335 -11.25 -21.80 -42.71
C PRO D 335 -11.59 -21.41 -44.15
N GLU D 336 -12.09 -20.21 -44.43
CA GLU D 336 -12.58 -19.94 -45.77
C GLU D 336 -11.69 -18.91 -46.48
N LEU D 337 -10.43 -18.79 -46.01
CA LEU D 337 -9.61 -17.63 -46.28
C LEU D 337 -9.46 -17.41 -47.78
N ASP D 338 -9.24 -18.50 -48.53
CA ASP D 338 -9.03 -18.38 -49.98
C ASP D 338 -10.19 -17.61 -50.61
N LYS D 339 -11.43 -17.88 -50.18
CA LYS D 339 -12.58 -17.25 -50.80
C LYS D 339 -12.82 -15.88 -50.18
N LYS D 340 -12.58 -15.72 -48.87
CA LYS D 340 -12.83 -14.46 -48.19
C LYS D 340 -11.85 -13.37 -48.68
N ILE D 341 -10.62 -13.75 -49.07
CA ILE D 341 -9.63 -12.77 -49.49
C ILE D 341 -10.19 -12.02 -50.70
N ALA D 342 -10.70 -12.76 -51.69
CA ALA D 342 -11.26 -12.17 -52.90
C ALA D 342 -12.54 -11.39 -52.58
N GLU D 343 -13.32 -11.86 -51.61
CA GLU D 343 -14.53 -11.18 -51.17
C GLU D 343 -14.15 -9.84 -50.56
N TRP D 344 -13.13 -9.86 -49.71
CA TRP D 344 -12.69 -8.63 -49.07
C TRP D 344 -12.12 -7.67 -50.12
N LYS D 345 -11.46 -8.21 -51.14
CA LYS D 345 -10.89 -7.37 -52.20
C LYS D 345 -12.01 -6.61 -52.91
N GLU D 346 -13.16 -7.26 -53.16
CA GLU D 346 -14.27 -6.61 -53.84
C GLU D 346 -14.90 -5.54 -52.94
N ASN D 347 -14.58 -5.50 -51.64
CA ASN D 347 -14.99 -4.40 -50.80
C ASN D 347 -13.81 -3.47 -50.49
N ASP D 348 -12.73 -3.54 -51.30
CA ASP D 348 -11.59 -2.65 -51.16
C ASP D 348 -10.81 -2.91 -49.86
N ILE D 349 -10.71 -4.18 -49.47
CA ILE D 349 -9.96 -4.55 -48.28
C ILE D 349 -8.95 -5.63 -48.62
N ARG D 350 -7.67 -5.23 -48.51
CA ARG D 350 -6.57 -6.11 -48.84
C ARG D 350 -6.25 -7.00 -47.66
N PHE D 351 -5.39 -7.98 -47.92
CA PHE D 351 -5.03 -9.00 -46.95
C PHE D 351 -3.51 -9.16 -46.88
N LEU D 352 -2.98 -9.12 -45.66
CA LEU D 352 -1.53 -9.26 -45.48
C LEU D 352 -1.23 -10.41 -44.52
N GLY D 353 -0.15 -11.15 -44.81
CA GLY D 353 0.29 -12.28 -44.02
C GLY D 353 1.63 -12.04 -43.33
N TYR D 354 2.43 -13.11 -43.20
CA TYR D 354 3.63 -13.15 -42.37
C TYR D 354 4.56 -14.26 -42.87
N ILE D 355 5.85 -13.98 -42.93
CA ILE D 355 6.86 -15.00 -43.16
C ILE D 355 8.12 -14.53 -42.44
N ASN D 356 9.00 -15.49 -42.14
CA ASN D 356 10.35 -15.16 -41.70
C ASN D 356 11.31 -16.15 -42.36
N PRO D 357 12.64 -15.96 -42.25
CA PRO D 357 13.57 -16.80 -42.98
C PRO D 357 13.93 -18.12 -42.29
N TYR D 358 13.15 -18.53 -41.28
CA TYR D 358 13.41 -19.77 -40.56
C TYR D 358 12.21 -20.70 -40.68
N VAL D 359 12.43 -22.00 -40.46
CA VAL D 359 11.38 -23.02 -40.60
C VAL D 359 11.34 -23.94 -39.39
N ALA D 360 10.14 -24.16 -38.86
CA ALA D 360 9.96 -24.92 -37.63
C ALA D 360 10.10 -26.42 -37.87
N ILE D 361 10.75 -27.11 -36.93
CA ILE D 361 11.12 -28.52 -37.04
C ILE D 361 9.89 -29.40 -37.24
N GLU D 362 8.75 -28.99 -36.66
CA GLU D 362 7.52 -29.78 -36.73
C GLU D 362 6.87 -29.70 -38.11
N GLY D 363 7.23 -28.71 -38.93
CA GLY D 363 6.53 -28.39 -40.17
C GLY D 363 7.12 -29.12 -41.38
N ASP D 364 6.36 -29.07 -42.48
CA ASP D 364 6.71 -29.78 -43.70
C ASP D 364 7.81 -29.06 -44.46
N LEU D 365 7.87 -27.73 -44.31
CA LEU D 365 8.88 -26.95 -45.01
C LEU D 365 10.26 -27.28 -44.47
N TYR D 366 10.39 -27.40 -43.15
CA TYR D 366 11.64 -27.84 -42.54
C TYR D 366 12.03 -29.20 -43.11
N LYS D 367 11.06 -30.12 -43.21
CA LYS D 367 11.34 -31.49 -43.63
C LYS D 367 11.81 -31.47 -45.09
N GLU D 368 11.12 -30.67 -45.92
CA GLU D 368 11.44 -30.53 -47.32
C GLU D 368 12.86 -29.97 -47.48
N ALA D 369 13.17 -28.91 -46.72
CA ALA D 369 14.45 -28.24 -46.78
C ALA D 369 15.59 -29.19 -46.39
N GLU D 370 15.38 -29.94 -45.29
CA GLU D 370 16.37 -30.90 -44.82
C GLU D 370 16.68 -31.93 -45.91
N ASP D 371 15.65 -32.45 -46.58
CA ASP D 371 15.81 -33.48 -47.60
C ASP D 371 16.57 -32.93 -48.80
N LYS D 372 16.31 -31.66 -49.17
CA LYS D 372 16.95 -31.03 -50.32
C LYS D 372 18.31 -30.42 -49.94
N GLY D 373 18.64 -30.37 -48.63
CA GLY D 373 19.91 -29.81 -48.18
C GLY D 373 19.93 -28.28 -48.23
N TYR D 374 18.82 -27.64 -47.84
CA TYR D 374 18.66 -26.20 -48.00
C TYR D 374 18.93 -25.47 -46.68
N LEU D 375 19.28 -26.22 -45.65
CA LEU D 375 19.36 -25.66 -44.32
C LEU D 375 20.81 -25.53 -43.90
N ALA D 376 21.06 -24.54 -43.06
CA ALA D 376 22.39 -24.33 -42.53
C ALA D 376 22.79 -25.51 -41.64
N LEU D 377 24.11 -25.76 -41.54
CA LEU D 377 24.59 -26.93 -40.85
C LEU D 377 25.41 -26.52 -39.63
N ASN D 378 25.61 -27.48 -38.71
CA ASN D 378 26.57 -27.34 -37.61
C ASN D 378 27.88 -28.02 -38.01
N THR D 379 28.87 -28.00 -37.10
CA THR D 379 30.20 -28.50 -37.44
C THR D 379 30.17 -30.02 -37.56
N GLU D 380 29.17 -30.67 -36.96
CA GLU D 380 29.01 -32.11 -37.04
C GLU D 380 28.33 -32.53 -38.35
N GLY D 381 27.91 -31.56 -39.17
CA GLY D 381 27.39 -31.85 -40.50
C GLY D 381 25.86 -32.00 -40.54
N ASN D 382 25.17 -31.78 -39.41
CA ASN D 382 23.72 -31.90 -39.36
C ASN D 382 23.05 -30.52 -39.34
N THR D 383 21.70 -30.52 -39.36
CA THR D 383 20.95 -29.29 -39.37
C THR D 383 21.22 -28.51 -38.10
N TYR D 384 21.58 -27.22 -38.25
CA TYR D 384 21.72 -26.33 -37.12
C TYR D 384 20.32 -25.92 -36.66
N LEU D 385 20.07 -26.09 -35.36
CA LEU D 385 18.78 -25.75 -34.79
C LEU D 385 19.00 -24.56 -33.86
N VAL D 386 18.22 -23.49 -34.12
CA VAL D 386 18.32 -22.29 -33.32
C VAL D 386 17.15 -22.22 -32.35
N ASP D 387 17.46 -21.82 -31.11
CA ASP D 387 16.47 -21.62 -30.07
C ASP D 387 15.81 -20.26 -30.28
N PHE D 388 14.50 -20.26 -30.60
CA PHE D 388 13.76 -19.02 -30.77
C PHE D 388 12.91 -18.73 -29.54
N GLY D 389 13.02 -19.56 -28.51
CA GLY D 389 12.25 -19.38 -27.29
C GLY D 389 11.16 -20.44 -27.15
N GLU D 390 11.56 -21.60 -26.60
CA GLU D 390 10.69 -22.74 -26.33
C GLU D 390 10.28 -23.45 -27.63
N PHE D 391 10.92 -23.10 -28.75
CA PHE D 391 10.80 -23.90 -29.96
C PHE D 391 12.08 -23.73 -30.74
N TYR D 392 12.31 -24.67 -31.67
CA TYR D 392 13.54 -24.72 -32.44
C TYR D 392 13.22 -24.71 -33.92
N CYS D 393 14.06 -24.03 -34.70
CA CYS D 393 13.86 -23.91 -36.14
C CYS D 393 15.19 -23.99 -36.88
N GLY D 394 15.11 -24.42 -38.15
CA GLY D 394 16.26 -24.44 -39.03
C GLY D 394 16.40 -23.11 -39.76
N VAL D 395 17.60 -22.85 -40.28
CA VAL D 395 17.88 -21.61 -40.97
C VAL D 395 18.03 -21.89 -42.45
N VAL D 396 17.15 -21.33 -43.28
CA VAL D 396 17.27 -21.53 -44.71
C VAL D 396 18.53 -20.82 -45.20
N ASP D 397 19.40 -21.56 -45.87
CA ASP D 397 20.76 -21.10 -46.16
C ASP D 397 20.78 -20.30 -47.47
N PHE D 398 20.65 -18.97 -47.34
CA PHE D 398 20.55 -18.10 -48.50
C PHE D 398 21.91 -17.94 -49.20
N THR D 399 22.96 -18.66 -48.74
CA THR D 399 24.22 -18.72 -49.47
C THR D 399 24.13 -19.79 -50.55
N ASN D 400 23.06 -20.61 -50.50
CA ASN D 400 22.78 -21.65 -51.47
C ASN D 400 21.75 -21.12 -52.44
N GLU D 401 22.18 -20.83 -53.68
CA GLU D 401 21.30 -20.20 -54.67
C GLU D 401 20.08 -21.09 -54.94
N GLU D 402 20.25 -22.41 -54.86
CA GLU D 402 19.14 -23.34 -55.07
C GLU D 402 18.11 -23.19 -53.95
N ALA D 403 18.58 -23.03 -52.72
CA ALA D 403 17.73 -22.85 -51.56
C ALA D 403 17.04 -21.49 -51.62
N THR D 404 17.72 -20.49 -52.18
CA THR D 404 17.17 -19.16 -52.32
C THR D 404 15.98 -19.21 -53.29
N GLU D 405 16.19 -19.83 -54.46
CA GLU D 405 15.16 -19.96 -55.46
C GLU D 405 13.98 -20.74 -54.90
N TRP D 406 14.28 -21.76 -54.09
CA TRP D 406 13.25 -22.57 -53.47
C TRP D 406 12.37 -21.72 -52.56
N TYR D 407 12.99 -20.86 -51.74
CA TYR D 407 12.23 -20.06 -50.80
C TYR D 407 11.40 -19.01 -51.55
N LYS D 408 11.93 -18.49 -52.65
CA LYS D 408 11.21 -17.55 -53.49
C LYS D 408 10.00 -18.21 -54.14
N GLN D 409 10.12 -19.49 -54.54
CA GLN D 409 9.01 -20.23 -55.10
C GLN D 409 7.96 -20.45 -54.02
N VAL D 410 8.39 -20.69 -52.76
CA VAL D 410 7.47 -20.81 -51.63
C VAL D 410 6.65 -19.52 -51.50
N ILE D 411 7.30 -18.37 -51.67
CA ILE D 411 6.60 -17.10 -51.60
C ILE D 411 5.63 -16.97 -52.79
N LYS D 412 6.08 -17.32 -54.00
CA LYS D 412 5.26 -17.16 -55.20
C LYS D 412 4.01 -18.02 -55.04
N GLU D 413 4.19 -19.29 -54.61
CA GLU D 413 3.13 -20.28 -54.58
C GLU D 413 2.17 -20.03 -53.39
N ASN D 414 2.70 -19.84 -52.17
CA ASN D 414 1.88 -19.93 -50.97
C ASN D 414 1.40 -18.55 -50.51
N MET D 415 2.03 -17.47 -50.99
CA MET D 415 1.70 -16.13 -50.56
C MET D 415 1.18 -15.31 -51.75
N ILE D 416 1.98 -15.14 -52.81
CA ILE D 416 1.61 -14.24 -53.89
C ILE D 416 0.42 -14.83 -54.65
N ASP D 417 0.54 -16.07 -55.11
CA ASP D 417 -0.53 -16.71 -55.87
C ASP D 417 -1.76 -16.95 -55.01
N PHE D 418 -1.61 -17.00 -53.68
CA PHE D 418 -2.71 -17.22 -52.77
C PHE D 418 -3.49 -15.92 -52.60
N GLY D 419 -2.86 -14.79 -52.96
CA GLY D 419 -3.55 -13.50 -53.09
C GLY D 419 -3.24 -12.53 -51.97
N LEU D 420 -2.11 -12.74 -51.27
CA LEU D 420 -1.62 -11.77 -50.30
C LEU D 420 -1.18 -10.50 -51.03
N ASP D 421 -1.56 -9.35 -50.49
CA ASP D 421 -1.18 -8.06 -51.02
C ASP D 421 0.07 -7.57 -50.29
N GLY D 422 0.47 -8.31 -49.26
CA GLY D 422 1.66 -7.95 -48.52
C GLY D 422 1.84 -8.87 -47.32
N TRP D 423 2.86 -8.57 -46.51
CA TRP D 423 3.18 -9.38 -45.36
C TRP D 423 4.29 -8.71 -44.56
N MET D 424 4.31 -9.04 -43.27
CA MET D 424 5.47 -8.84 -42.41
C MET D 424 6.52 -9.86 -42.81
N ALA D 425 7.73 -9.38 -43.09
CA ALA D 425 8.92 -10.21 -43.30
C ALA D 425 9.84 -10.02 -42.10
N ASP D 426 9.65 -10.88 -41.10
CA ASP D 426 10.20 -10.67 -39.78
C ASP D 426 11.62 -11.23 -39.74
N PHE D 427 12.35 -10.77 -38.72
CA PHE D 427 13.60 -11.41 -38.30
C PHE D 427 14.68 -11.19 -39.37
N GLY D 428 15.72 -12.03 -39.35
CA GLY D 428 16.93 -11.83 -40.14
C GLY D 428 18.19 -11.66 -39.27
N GLU D 429 18.03 -11.57 -37.95
CA GLU D 429 19.14 -11.16 -37.12
C GLU D 429 19.69 -12.29 -36.23
N TYR D 430 19.30 -13.54 -36.49
CA TYR D 430 19.63 -14.63 -35.57
C TYR D 430 20.72 -15.58 -36.10
N LEU D 431 21.53 -15.19 -37.08
CA LEU D 431 22.56 -16.12 -37.57
C LEU D 431 23.64 -16.34 -36.51
N PRO D 432 23.79 -17.56 -35.95
CA PRO D 432 24.85 -17.85 -34.98
C PRO D 432 26.21 -17.85 -35.68
N THR D 433 27.26 -17.45 -34.96
CA THR D 433 28.60 -17.37 -35.51
C THR D 433 29.26 -18.75 -35.62
N ASP D 434 28.59 -19.84 -35.21
CA ASP D 434 29.20 -21.17 -35.36
C ASP D 434 28.45 -22.01 -36.40
N VAL D 435 27.59 -21.39 -37.21
CA VAL D 435 26.94 -22.12 -38.28
C VAL D 435 27.94 -22.35 -39.40
N VAL D 436 27.64 -23.34 -40.23
CA VAL D 436 28.36 -23.62 -41.47
C VAL D 436 27.38 -23.43 -42.63
N LEU D 437 27.81 -22.62 -43.61
CA LEU D 437 26.96 -22.22 -44.73
C LEU D 437 27.55 -22.79 -46.01
N LYS D 438 26.72 -22.91 -47.05
CA LYS D 438 27.13 -23.55 -48.30
C LYS D 438 28.35 -22.83 -48.87
N ASN D 439 28.39 -21.51 -48.80
CA ASN D 439 29.48 -20.77 -49.44
C ASN D 439 30.76 -20.86 -48.61
N ARG D 440 30.72 -21.54 -47.46
CA ARG D 440 31.88 -21.75 -46.61
C ARG D 440 32.58 -20.45 -46.20
N ILE D 441 31.81 -19.36 -46.09
CA ILE D 441 32.33 -18.12 -45.55
C ILE D 441 32.02 -18.07 -44.06
N ASP D 442 32.91 -17.45 -43.30
CA ASP D 442 32.74 -17.41 -41.85
C ASP D 442 31.42 -16.73 -41.51
N ALA D 443 30.71 -17.31 -40.55
CA ALA D 443 29.43 -16.78 -40.10
C ALA D 443 29.61 -15.43 -39.41
N LYS D 444 30.81 -15.16 -38.90
CA LYS D 444 31.14 -13.87 -38.31
C LYS D 444 31.05 -12.78 -39.37
N ILE D 445 31.18 -13.16 -40.65
CA ILE D 445 31.06 -12.20 -41.74
C ILE D 445 29.66 -12.30 -42.37
N MET D 446 29.04 -13.49 -42.35
CA MET D 446 27.73 -13.64 -42.97
C MET D 446 26.60 -13.14 -42.08
N HIS D 447 26.84 -13.02 -40.76
CA HIS D 447 25.77 -12.66 -39.82
C HIS D 447 25.09 -11.34 -40.20
N ASN D 448 25.87 -10.28 -40.42
CA ASN D 448 25.33 -8.97 -40.72
C ASN D 448 24.84 -8.89 -42.16
N ALA D 449 25.23 -9.82 -43.01
CA ALA D 449 24.80 -9.80 -44.41
C ALA D 449 23.38 -10.35 -44.54
N TRP D 450 22.93 -11.10 -43.52
CA TRP D 450 21.73 -11.92 -43.64
C TRP D 450 20.50 -11.04 -43.87
N PRO D 451 20.30 -9.95 -43.11
CA PRO D 451 19.11 -9.11 -43.31
C PRO D 451 18.92 -8.67 -44.77
N THR D 452 20.00 -8.26 -45.40
CA THR D 452 19.93 -7.79 -46.78
C THR D 452 19.63 -8.97 -47.72
N MET D 453 20.20 -10.12 -47.42
CA MET D 453 19.94 -11.31 -48.21
C MET D 453 18.46 -11.66 -48.08
N TRP D 454 17.95 -11.59 -46.84
CA TRP D 454 16.56 -11.88 -46.57
C TRP D 454 15.67 -10.90 -47.33
N ALA D 455 16.05 -9.62 -47.33
CA ALA D 455 15.28 -8.63 -48.06
C ALA D 455 15.27 -8.98 -49.55
N LYS D 456 16.45 -9.30 -50.10
CA LYS D 456 16.57 -9.55 -51.53
C LYS D 456 15.67 -10.71 -51.98
N VAL D 457 15.51 -11.73 -51.13
CA VAL D 457 14.60 -12.83 -51.39
C VAL D 457 13.16 -12.32 -51.58
N ASN D 458 12.73 -11.42 -50.68
CA ASN D 458 11.39 -10.86 -50.75
C ASN D 458 11.26 -10.04 -52.03
N TYR D 459 12.25 -9.17 -52.27
CA TYR D 459 12.24 -8.29 -53.41
C TYR D 459 12.13 -9.09 -54.72
N GLU D 460 12.94 -10.13 -54.86
CA GLU D 460 13.00 -10.87 -56.12
C GLU D 460 11.71 -11.67 -56.32
N ALA D 461 11.10 -12.18 -55.26
CA ALA D 461 9.84 -12.90 -55.42
C ALA D 461 8.77 -11.95 -55.94
N VAL D 462 8.72 -10.74 -55.37
CA VAL D 462 7.73 -9.75 -55.74
C VAL D 462 8.03 -9.26 -57.16
N SER D 463 9.30 -8.92 -57.43
CA SER D 463 9.68 -8.37 -58.70
C SER D 463 9.44 -9.36 -59.84
N GLU D 464 9.87 -10.62 -59.64
CA GLU D 464 9.78 -11.64 -60.68
C GLU D 464 8.31 -11.98 -60.99
N ALA D 465 7.41 -11.69 -60.04
CA ALA D 465 5.99 -11.92 -60.24
C ALA D 465 5.34 -10.71 -60.88
N GLY D 466 6.08 -9.63 -61.10
CA GLY D 466 5.56 -8.42 -61.71
C GLY D 466 4.62 -7.66 -60.76
N LYS D 467 4.88 -7.74 -59.45
CA LYS D 467 3.98 -7.16 -58.46
C LYS D 467 4.64 -6.02 -57.71
N LEU D 468 5.77 -5.53 -58.21
CA LEU D 468 6.47 -4.42 -57.56
C LEU D 468 5.60 -3.18 -57.64
N GLY D 469 5.31 -2.55 -56.49
CA GLY D 469 4.40 -1.44 -56.48
C GLY D 469 2.95 -1.85 -56.21
N GLU D 470 2.67 -3.17 -56.19
CA GLU D 470 1.32 -3.67 -55.88
C GLU D 470 1.32 -4.47 -54.57
N ILE D 471 2.43 -5.20 -54.30
CA ILE D 471 2.60 -5.94 -53.06
C ILE D 471 3.68 -5.25 -52.23
N VAL D 472 3.42 -5.04 -50.94
CA VAL D 472 4.42 -4.44 -50.05
C VAL D 472 4.65 -5.38 -48.87
N TYR D 473 5.93 -5.56 -48.54
CA TYR D 473 6.33 -6.32 -47.37
C TYR D 473 7.06 -5.34 -46.46
N PHE D 474 7.06 -5.61 -45.15
CA PHE D 474 7.73 -4.73 -44.22
C PHE D 474 8.66 -5.55 -43.33
N MET D 475 9.81 -4.96 -43.02
CA MET D 475 10.91 -5.64 -42.34
C MET D 475 11.40 -4.76 -41.20
N ARG D 476 11.99 -5.41 -40.19
CA ARG D 476 12.54 -4.71 -39.03
C ARG D 476 14.06 -4.76 -39.02
N ALA D 477 14.62 -5.84 -39.57
CA ALA D 477 16.06 -6.05 -39.64
C ALA D 477 16.62 -5.42 -40.91
N GLY D 478 17.91 -5.08 -40.88
CA GLY D 478 18.53 -4.49 -42.06
C GLY D 478 20.05 -4.51 -41.99
N TYR D 479 20.66 -4.24 -43.14
CA TYR D 479 22.07 -3.91 -43.26
C TYR D 479 22.23 -3.16 -44.59
N THR D 480 23.45 -2.76 -44.91
CA THR D 480 23.76 -2.12 -46.17
C THR D 480 22.96 -2.78 -47.30
N GLY D 481 22.16 -1.98 -48.00
CA GLY D 481 21.57 -2.42 -49.26
C GLY D 481 20.08 -2.67 -49.18
N ILE D 482 19.49 -2.66 -47.97
CA ILE D 482 18.04 -2.77 -47.88
C ILE D 482 17.38 -1.47 -48.40
N GLN D 483 18.20 -0.45 -48.65
CA GLN D 483 17.74 0.75 -49.31
C GLN D 483 17.09 0.39 -50.65
N LYS D 484 17.58 -0.69 -51.28
CA LYS D 484 16.93 -1.18 -52.49
C LYS D 484 15.95 -2.32 -52.20
N TYR D 485 16.31 -3.23 -51.30
CA TYR D 485 15.64 -4.53 -51.27
C TYR D 485 14.49 -4.53 -50.28
N CYS D 486 14.36 -3.50 -49.45
CA CYS D 486 13.24 -3.49 -48.51
C CYS D 486 12.24 -2.41 -48.90
N THR D 487 11.01 -2.84 -49.18
CA THR D 487 9.94 -1.95 -49.62
C THR D 487 9.42 -1.07 -48.49
N LEU D 488 9.58 -1.50 -47.23
CA LEU D 488 9.06 -0.73 -46.09
C LEU D 488 9.65 -1.24 -44.78
N LEU D 489 10.17 -0.33 -43.96
CA LEU D 489 10.64 -0.68 -42.63
C LEU D 489 9.51 -0.55 -41.62
N TRP D 490 9.61 -1.30 -40.53
CA TRP D 490 8.90 -0.97 -39.29
C TRP D 490 9.90 -1.05 -38.15
N GLY D 491 9.55 -0.45 -37.01
CA GLY D 491 10.48 -0.21 -35.92
C GLY D 491 10.68 -1.45 -35.05
N GLY D 492 10.13 -2.58 -35.48
CA GLY D 492 10.19 -3.80 -34.70
C GLY D 492 9.41 -3.68 -33.38
N ASP D 493 9.79 -4.50 -32.41
CA ASP D 493 9.06 -4.62 -31.15
C ASP D 493 9.47 -3.51 -30.20
N GLN D 494 8.58 -2.54 -29.98
CA GLN D 494 8.69 -1.63 -28.87
C GLN D 494 7.99 -2.25 -27.66
N SER D 495 8.43 -1.82 -26.47
CA SER D 495 7.70 -2.10 -25.24
C SER D 495 6.38 -1.34 -25.29
N VAL D 496 5.32 -1.94 -24.74
CA VAL D 496 4.03 -1.27 -24.64
C VAL D 496 4.05 -0.27 -23.48
N ASP D 497 4.96 0.71 -23.54
CA ASP D 497 5.11 1.69 -22.47
C ASP D 497 5.49 3.05 -23.05
N TRP D 498 5.76 3.99 -22.14
CA TRP D 498 6.12 5.36 -22.46
C TRP D 498 7.61 5.63 -22.24
N SER D 499 8.45 4.59 -22.10
CA SER D 499 9.89 4.80 -21.89
C SER D 499 10.49 5.45 -23.13
N LEU D 500 11.57 6.22 -22.95
CA LEU D 500 12.26 6.86 -24.06
C LEU D 500 13.03 5.84 -24.89
N ASP D 501 13.59 4.81 -24.23
CA ASP D 501 14.53 3.94 -24.93
C ASP D 501 13.85 2.77 -25.60
N ASP D 502 12.61 2.42 -25.25
CA ASP D 502 11.97 1.28 -25.92
C ASP D 502 10.46 1.45 -26.06
N GLY D 503 9.93 2.63 -25.72
CA GLY D 503 8.50 2.90 -25.85
C GLY D 503 8.17 3.69 -27.12
N LEU D 504 7.06 4.42 -27.07
CA LEU D 504 6.51 5.13 -28.21
C LEU D 504 7.56 6.06 -28.81
N ALA D 505 8.26 6.77 -27.95
CA ALA D 505 9.22 7.78 -28.38
C ALA D 505 10.34 7.17 -29.23
N SER D 506 10.74 5.93 -28.92
CA SER D 506 11.94 5.36 -29.53
C SER D 506 11.79 5.27 -31.04
N VAL D 507 10.54 5.23 -31.52
CA VAL D 507 10.26 5.13 -32.95
C VAL D 507 10.78 6.35 -33.72
N ILE D 508 10.79 7.52 -33.09
CA ILE D 508 11.05 8.74 -33.82
C ILE D 508 12.52 8.78 -34.24
N PRO D 509 13.51 8.62 -33.33
CA PRO D 509 14.91 8.53 -33.77
C PRO D 509 15.12 7.36 -34.73
N ALA D 510 14.31 6.30 -34.57
CA ALA D 510 14.44 5.13 -35.41
C ALA D 510 14.16 5.50 -36.87
N ALA D 511 13.15 6.37 -37.08
CA ALA D 511 12.75 6.77 -38.41
C ALA D 511 13.77 7.78 -38.98
N LEU D 512 14.20 8.72 -38.13
CA LEU D 512 15.12 9.77 -38.53
C LEU D 512 16.45 9.15 -38.95
N SER D 513 17.04 8.34 -38.04
CA SER D 513 18.31 7.69 -38.28
C SER D 513 18.24 6.92 -39.59
N SER D 514 17.17 6.14 -39.78
CA SER D 514 17.10 5.24 -40.91
C SER D 514 16.95 6.04 -42.22
N GLY D 515 16.28 7.19 -42.14
CA GLY D 515 16.11 8.07 -43.29
C GLY D 515 17.42 8.70 -43.75
N MET D 516 18.27 9.07 -42.78
CA MET D 516 19.54 9.71 -43.12
C MET D 516 20.46 8.76 -43.90
N ILE D 517 20.31 7.44 -43.74
CA ILE D 517 21.17 6.51 -44.49
C ILE D 517 20.37 5.80 -45.58
N GLY D 518 19.19 6.32 -45.91
CA GLY D 518 18.58 6.03 -47.19
C GLY D 518 17.36 5.11 -47.13
N CYS D 519 16.86 4.84 -45.92
CA CYS D 519 15.63 4.07 -45.80
C CYS D 519 14.54 5.04 -45.37
N GLY D 520 13.75 5.50 -46.36
CA GLY D 520 12.87 6.64 -46.21
C GLY D 520 11.40 6.28 -45.96
N LEU D 521 11.09 4.98 -45.91
CA LEU D 521 9.74 4.57 -45.57
C LEU D 521 9.75 3.82 -44.24
N HIS D 522 9.11 4.40 -43.22
CA HIS D 522 9.18 3.87 -41.87
C HIS D 522 7.81 3.93 -41.22
N HIS D 523 7.51 2.93 -40.38
CA HIS D 523 6.30 2.95 -39.58
C HIS D 523 6.50 2.09 -38.34
N SER D 524 5.50 2.11 -37.45
CA SER D 524 5.57 1.35 -36.22
C SER D 524 4.25 0.63 -35.97
N ASP D 525 4.30 -0.39 -35.10
CA ASP D 525 3.11 -1.02 -34.59
C ASP D 525 2.35 0.04 -33.79
N ILE D 526 1.09 0.30 -34.17
CA ILE D 526 0.26 1.19 -33.37
C ILE D 526 -0.08 0.48 -32.06
N GLY D 527 0.54 0.93 -30.96
CA GLY D 527 0.37 0.32 -29.65
C GLY D 527 1.63 -0.36 -29.13
N GLY D 528 2.64 -0.56 -29.98
CA GLY D 528 3.82 -1.32 -29.59
C GLY D 528 3.50 -2.80 -29.51
N TYR D 529 4.44 -3.62 -29.03
CA TYR D 529 4.28 -5.06 -29.13
C TYR D 529 4.48 -5.78 -27.79
N THR D 530 5.54 -5.42 -27.06
CA THR D 530 6.09 -6.33 -26.06
C THR D 530 5.41 -6.07 -24.72
N SER D 531 4.56 -7.01 -24.28
CA SER D 531 4.03 -7.02 -22.93
C SER D 531 4.74 -8.07 -22.07
N LEU D 532 5.61 -7.58 -21.15
CA LEU D 532 6.41 -8.40 -20.23
C LEU D 532 6.80 -7.56 -19.03
N HIS D 533 7.20 -8.25 -17.94
CA HIS D 533 7.80 -7.62 -16.78
C HIS D 533 6.89 -6.52 -16.23
N GLY D 534 5.57 -6.76 -16.28
CA GLY D 534 4.60 -5.81 -15.72
C GLY D 534 4.09 -4.76 -16.71
N ASN D 535 4.67 -4.67 -17.92
CA ASN D 535 4.16 -3.74 -18.93
C ASN D 535 2.89 -4.28 -19.60
N LYS D 536 1.80 -3.52 -19.53
CA LYS D 536 0.53 -3.84 -20.20
C LYS D 536 0.10 -2.62 -21.03
N ARG D 537 -0.43 -2.83 -22.24
CA ARG D 537 -0.77 -1.68 -23.07
C ARG D 537 -2.06 -1.03 -22.58
N SER D 538 -2.00 0.27 -22.27
CA SER D 538 -3.17 1.03 -21.87
C SER D 538 -3.92 1.63 -23.06
N LYS D 539 -5.19 2.00 -22.82
CA LYS D 539 -6.02 2.69 -23.80
C LYS D 539 -5.31 3.96 -24.27
N GLU D 540 -4.78 4.74 -23.30
CA GLU D 540 -4.18 6.02 -23.61
C GLU D 540 -2.99 5.86 -24.55
N LEU D 541 -2.16 4.83 -24.31
CA LEU D 541 -0.96 4.63 -25.11
C LEU D 541 -1.36 4.29 -26.54
N LEU D 542 -2.34 3.39 -26.69
CA LEU D 542 -2.82 3.00 -28.01
C LEU D 542 -3.29 4.23 -28.78
N MET D 543 -3.98 5.16 -28.09
CA MET D 543 -4.50 6.34 -28.74
C MET D 543 -3.36 7.27 -29.17
N ARG D 544 -2.41 7.54 -28.26
CA ARG D 544 -1.31 8.41 -28.61
C ARG D 544 -0.51 7.83 -29.78
N TRP D 545 -0.40 6.50 -29.82
CA TRP D 545 0.40 5.86 -30.85
C TRP D 545 -0.28 6.00 -32.21
N ALA D 546 -1.61 5.87 -32.25
CA ALA D 546 -2.38 6.10 -33.47
C ALA D 546 -2.22 7.55 -33.95
N GLU D 547 -2.09 8.50 -33.02
CA GLU D 547 -1.89 9.90 -33.36
C GLU D 547 -0.61 10.08 -34.18
N MET D 548 0.48 9.45 -33.75
CA MET D 548 1.74 9.53 -34.46
C MET D 548 1.63 8.81 -35.79
N GLY D 549 0.96 7.63 -35.77
CA GLY D 549 0.89 6.75 -36.92
C GLY D 549 0.22 7.40 -38.13
N ALA D 550 -0.73 8.30 -37.88
CA ALA D 550 -1.48 8.97 -38.91
C ALA D 550 -0.59 9.93 -39.69
N PHE D 551 0.55 10.33 -39.11
CA PHE D 551 1.53 11.18 -39.77
C PHE D 551 2.78 10.39 -40.12
N THR D 552 2.57 9.20 -40.69
CA THR D 552 3.60 8.35 -41.22
C THR D 552 3.04 7.71 -42.49
N PRO D 553 3.89 7.07 -43.32
CA PRO D 553 3.44 6.37 -44.53
C PRO D 553 2.33 5.35 -44.34
N MET D 554 2.36 4.62 -43.21
CA MET D 554 1.41 3.55 -43.00
C MET D 554 0.90 3.51 -41.57
N MET D 555 -0.43 3.41 -41.44
CA MET D 555 -1.08 3.08 -40.18
C MET D 555 -1.30 1.57 -40.20
N ARG D 556 -0.69 0.88 -39.22
CA ARG D 556 -0.95 -0.53 -38.98
C ARG D 556 -0.97 -0.77 -37.47
N THR D 557 -1.89 -1.64 -37.01
CA THR D 557 -1.96 -2.00 -35.59
C THR D 557 -1.34 -3.38 -35.39
N HIS D 558 -1.11 -3.74 -34.13
CA HIS D 558 -0.65 -5.07 -33.73
C HIS D 558 -1.36 -5.43 -32.43
N GLU D 559 -1.78 -6.69 -32.32
CA GLU D 559 -2.38 -7.17 -31.08
C GLU D 559 -1.36 -7.24 -29.94
N GLY D 560 -0.07 -7.41 -30.28
CA GLY D 560 0.99 -7.59 -29.29
C GLY D 560 1.19 -9.07 -28.98
N ASN D 561 2.19 -9.35 -28.11
CA ASN D 561 2.59 -10.71 -27.81
C ASN D 561 1.54 -11.41 -26.96
N ARG D 562 0.87 -10.61 -26.11
CA ARG D 562 -0.18 -11.11 -25.24
C ARG D 562 -1.41 -10.24 -25.46
N PRO D 563 -2.25 -10.60 -26.46
CA PRO D 563 -3.40 -9.76 -26.80
C PRO D 563 -4.35 -9.45 -25.64
N ASP D 564 -4.56 -10.43 -24.75
CA ASP D 564 -5.50 -10.32 -23.66
C ASP D 564 -4.97 -9.38 -22.58
N ASP D 565 -3.64 -9.11 -22.58
CA ASP D 565 -3.04 -8.23 -21.57
C ASP D 565 -2.94 -6.80 -22.08
N CYS D 566 -3.26 -6.58 -23.36
CA CYS D 566 -3.11 -5.27 -23.98
C CYS D 566 -4.47 -4.73 -24.43
N PHE D 567 -4.70 -3.44 -24.20
CA PHE D 567 -5.87 -2.77 -24.73
C PHE D 567 -5.79 -2.84 -26.27
N GLN D 568 -6.92 -3.18 -26.91
CA GLN D 568 -6.98 -3.28 -28.37
C GLN D 568 -7.81 -2.14 -28.95
N PHE D 569 -7.81 -2.04 -30.28
CA PHE D 569 -8.45 -0.94 -30.99
C PHE D 569 -9.98 -1.02 -30.85
N ASP D 570 -10.53 -2.23 -30.67
CA ASP D 570 -11.96 -2.44 -30.39
C ASP D 570 -12.23 -2.59 -28.89
N GLY D 571 -11.36 -2.04 -28.04
CA GLY D 571 -11.49 -2.24 -26.60
C GLY D 571 -12.69 -1.50 -26.02
N ASP D 572 -13.02 -0.34 -26.60
CA ASP D 572 -14.16 0.45 -26.15
C ASP D 572 -14.53 1.45 -27.24
N GLU D 573 -15.67 2.13 -27.06
CA GLU D 573 -16.20 3.06 -28.06
C GLU D 573 -15.22 4.22 -28.27
N GLU D 574 -14.70 4.78 -27.15
CA GLU D 574 -13.81 5.94 -27.23
C GLU D 574 -12.63 5.60 -28.15
N THR D 575 -12.04 4.41 -27.94
CA THR D 575 -10.84 3.98 -28.65
C THR D 575 -11.18 3.78 -30.13
N LEU D 576 -12.27 3.06 -30.41
CA LEU D 576 -12.64 2.78 -31.79
C LEU D 576 -12.86 4.08 -32.56
N GLU D 577 -13.55 5.03 -31.91
CA GLU D 577 -13.87 6.31 -32.52
C GLU D 577 -12.58 7.11 -32.72
N HIS D 578 -11.63 6.99 -31.79
CA HIS D 578 -10.37 7.71 -31.88
C HIS D 578 -9.58 7.22 -33.10
N LEU D 579 -9.46 5.90 -33.23
CA LEU D 579 -8.73 5.35 -34.36
C LEU D 579 -9.43 5.68 -35.70
N ALA D 580 -10.77 5.62 -35.73
CA ALA D 580 -11.55 6.03 -36.89
C ALA D 580 -11.21 7.47 -37.26
N ARG D 581 -11.24 8.36 -36.29
CA ARG D 581 -10.94 9.76 -36.57
C ARG D 581 -9.52 9.87 -37.16
N MET D 582 -8.54 9.22 -36.53
CA MET D 582 -7.16 9.32 -37.01
C MET D 582 -7.03 8.69 -38.39
N SER D 583 -7.81 7.63 -38.67
CA SER D 583 -7.83 7.06 -40.02
C SER D 583 -8.31 8.09 -41.04
N ASN D 584 -9.26 8.95 -40.64
CA ASN D 584 -9.78 10.00 -41.53
C ASN D 584 -8.74 11.09 -41.73
N VAL D 585 -7.96 11.39 -40.70
CA VAL D 585 -6.88 12.35 -40.83
C VAL D 585 -5.90 11.86 -41.90
N TYR D 586 -5.47 10.60 -41.78
CA TYR D 586 -4.52 10.01 -42.70
C TYR D 586 -5.05 10.07 -44.15
N VAL D 587 -6.29 9.62 -44.36
CA VAL D 587 -6.83 9.53 -45.70
C VAL D 587 -6.98 10.93 -46.33
N THR D 588 -7.43 11.89 -45.53
CA THR D 588 -7.54 13.27 -45.98
C THR D 588 -6.17 13.75 -46.50
N MET D 589 -5.07 13.33 -45.84
CA MET D 589 -3.72 13.76 -46.19
C MET D 589 -3.09 12.90 -47.29
N ALA D 590 -3.77 11.82 -47.69
CA ALA D 590 -3.28 10.88 -48.67
C ALA D 590 -2.59 11.56 -49.86
N PRO D 591 -3.18 12.57 -50.52
CA PRO D 591 -2.52 13.21 -51.66
C PRO D 591 -1.16 13.75 -51.30
N TYR D 592 -1.00 14.33 -50.10
CA TYR D 592 0.29 14.87 -49.70
C TYR D 592 1.29 13.74 -49.39
N ILE D 593 0.80 12.69 -48.72
CA ILE D 593 1.64 11.58 -48.32
C ILE D 593 2.14 10.88 -49.58
N LYS D 594 1.26 10.69 -50.57
CA LYS D 594 1.63 10.12 -51.85
C LYS D 594 2.77 10.91 -52.44
N SER D 595 2.66 12.26 -52.46
CA SER D 595 3.71 13.10 -53.02
C SER D 595 5.05 12.87 -52.28
N LEU D 596 4.97 12.58 -50.98
CA LEU D 596 6.16 12.38 -50.16
C LEU D 596 6.80 11.05 -50.53
N VAL D 597 5.96 10.04 -50.75
CA VAL D 597 6.43 8.70 -51.07
C VAL D 597 6.99 8.71 -52.48
N GLU D 598 6.43 9.55 -53.35
CA GLU D 598 6.93 9.69 -54.72
C GLU D 598 8.30 10.36 -54.71
N GLU D 599 8.47 11.38 -53.87
CA GLU D 599 9.75 12.06 -53.76
C GLU D 599 10.81 11.09 -53.23
N ASN D 600 10.42 10.26 -52.23
CA ASN D 600 11.32 9.25 -51.69
C ASN D 600 11.78 8.27 -52.78
N ALA D 601 10.86 7.87 -53.67
CA ALA D 601 11.21 6.93 -54.73
C ALA D 601 12.12 7.57 -55.78
N ARG D 602 11.89 8.86 -56.08
CA ARG D 602 12.58 9.51 -57.18
C ARG D 602 13.96 9.99 -56.70
N ARG D 603 14.05 10.62 -55.53
CA ARG D 603 15.28 11.27 -55.08
C ARG D 603 15.80 10.73 -53.75
N GLY D 604 15.08 9.83 -53.08
CA GLY D 604 15.53 9.23 -51.83
C GLY D 604 15.45 10.19 -50.66
N ILE D 605 14.63 11.24 -50.77
CA ILE D 605 14.35 12.15 -49.67
C ILE D 605 13.32 11.50 -48.74
N PRO D 606 13.69 11.18 -47.48
CA PRO D 606 12.82 10.37 -46.63
C PRO D 606 11.53 11.09 -46.25
N VAL D 607 10.49 10.29 -45.99
CA VAL D 607 9.18 10.82 -45.66
C VAL D 607 9.21 11.56 -44.33
N GLN D 608 9.92 11.00 -43.34
CA GLN D 608 10.10 11.66 -42.05
C GLN D 608 11.51 12.22 -42.04
N ARG D 609 11.61 13.53 -41.81
CA ARG D 609 12.85 14.26 -42.00
C ARG D 609 13.25 14.97 -40.71
N PRO D 610 14.56 15.07 -40.42
CA PRO D 610 15.02 15.82 -39.27
C PRO D 610 14.82 17.30 -39.57
N LEU D 611 14.56 18.08 -38.52
CA LEU D 611 14.28 19.49 -38.67
C LEU D 611 15.41 20.22 -39.37
N PHE D 612 16.65 19.77 -39.16
CA PHE D 612 17.82 20.47 -39.74
C PHE D 612 17.89 20.30 -41.24
N MET D 613 17.14 19.34 -41.79
CA MET D 613 17.16 19.08 -43.23
C MET D 613 16.55 20.26 -43.96
N HIS D 614 15.61 20.98 -43.33
CA HIS D 614 15.01 22.15 -43.95
C HIS D 614 15.35 23.45 -43.21
N TYR D 615 16.06 23.38 -42.08
CA TYR D 615 16.45 24.60 -41.36
C TYR D 615 17.91 24.48 -40.95
N GLU D 616 18.78 24.35 -41.94
CA GLU D 616 20.19 24.08 -41.73
C GLU D 616 20.86 25.10 -40.81
N GLU D 617 20.34 26.33 -40.76
CA GLU D 617 21.04 27.42 -40.10
C GLU D 617 20.66 27.47 -38.63
N ASP D 618 19.67 26.65 -38.23
CA ASP D 618 19.17 26.67 -36.87
C ASP D 618 19.86 25.60 -36.02
N GLU D 619 20.68 26.04 -35.06
CA GLU D 619 21.59 25.16 -34.34
C GLU D 619 20.81 24.19 -33.46
N LYS D 620 19.64 24.61 -32.95
CA LYS D 620 18.85 23.80 -32.04
C LYS D 620 18.29 22.55 -32.75
N THR D 621 18.17 22.56 -34.08
CA THR D 621 17.51 21.47 -34.77
C THR D 621 18.42 20.24 -34.92
N TYR D 622 19.73 20.40 -34.73
CA TYR D 622 20.65 19.29 -34.92
C TYR D 622 20.60 18.34 -33.72
N ASP D 623 19.90 18.72 -32.64
CA ASP D 623 19.81 17.89 -31.45
C ASP D 623 18.35 17.61 -31.07
N ILE D 624 17.44 17.75 -32.01
CA ILE D 624 16.07 17.32 -31.82
C ILE D 624 15.93 15.94 -32.43
N GLN D 625 15.33 15.00 -31.67
CA GLN D 625 15.04 13.65 -32.16
C GLN D 625 13.64 13.15 -31.80
N TYR D 626 12.81 13.97 -31.13
CA TYR D 626 11.45 13.56 -30.79
C TYR D 626 10.45 14.44 -31.54
N GLN D 627 10.95 15.20 -32.51
CA GLN D 627 10.12 15.89 -33.49
C GLN D 627 10.67 15.58 -34.88
N TYR D 628 9.78 15.59 -35.89
CA TYR D 628 10.21 15.42 -37.25
C TYR D 628 9.36 16.25 -38.21
N LEU D 629 9.91 16.47 -39.40
CA LEU D 629 9.16 17.08 -40.48
C LEU D 629 8.54 15.97 -41.33
N PHE D 630 7.22 16.05 -41.50
CA PHE D 630 6.49 15.11 -42.33
C PHE D 630 6.41 15.74 -43.71
N GLY D 631 7.40 15.44 -44.55
CA GLY D 631 7.64 16.19 -45.76
C GLY D 631 8.17 17.56 -45.38
N GLU D 632 8.10 18.49 -46.34
CA GLU D 632 8.65 19.82 -46.11
C GLU D 632 7.72 20.66 -45.23
N ASP D 633 6.42 20.33 -45.26
CA ASP D 633 5.41 21.33 -44.95
C ASP D 633 4.67 21.02 -43.65
N VAL D 634 5.00 19.91 -42.98
CA VAL D 634 4.33 19.56 -41.74
C VAL D 634 5.37 19.24 -40.65
N LEU D 635 5.19 19.82 -39.47
CA LEU D 635 6.03 19.49 -38.34
C LEU D 635 5.20 18.66 -37.36
N VAL D 636 5.76 17.53 -36.89
CA VAL D 636 5.07 16.64 -35.97
C VAL D 636 5.90 16.51 -34.70
N ALA D 637 5.24 16.67 -33.55
CA ALA D 637 5.88 16.54 -32.24
C ALA D 637 5.03 15.66 -31.36
N PRO D 638 5.08 14.32 -31.56
CA PRO D 638 4.16 13.41 -30.90
C PRO D 638 4.29 13.45 -29.37
N VAL D 639 3.12 13.35 -28.72
CA VAL D 639 3.08 13.23 -27.28
C VAL D 639 3.50 11.80 -26.95
N HIS D 640 4.62 11.67 -26.23
CA HIS D 640 5.25 10.39 -25.94
C HIS D 640 5.32 10.12 -24.44
N GLN D 641 4.63 10.94 -23.63
CA GLN D 641 4.56 10.71 -22.19
C GLN D 641 3.09 10.52 -21.79
N GLU D 642 2.89 9.85 -20.66
CA GLU D 642 1.56 9.50 -20.20
C GLU D 642 0.89 10.71 -19.55
N ASN D 643 -0.44 10.80 -19.65
CA ASN D 643 -1.24 11.72 -18.86
C ASN D 643 -0.87 13.18 -19.14
N GLN D 644 -0.67 13.52 -20.42
CA GLN D 644 -0.38 14.90 -20.78
C GLN D 644 -1.60 15.51 -21.45
N THR D 645 -1.81 16.81 -21.20
CA THR D 645 -2.90 17.54 -21.84
C THR D 645 -2.34 18.62 -22.76
N GLU D 646 -1.03 18.88 -22.65
CA GLU D 646 -0.32 19.88 -23.42
C GLU D 646 1.13 19.44 -23.63
N TRP D 647 1.83 20.14 -24.54
CA TRP D 647 3.11 19.68 -25.05
C TRP D 647 3.93 20.84 -25.57
N GLU D 648 5.17 20.96 -25.08
CA GLU D 648 6.07 21.97 -25.57
C GLU D 648 6.62 21.50 -26.91
N VAL D 649 6.68 22.43 -27.88
CA VAL D 649 7.14 22.15 -29.22
C VAL D 649 8.15 23.21 -29.61
N TYR D 650 9.23 22.80 -30.26
CA TYR D 650 10.14 23.76 -30.85
C TYR D 650 9.79 23.93 -32.33
N LEU D 651 9.52 25.18 -32.71
CA LEU D 651 9.26 25.51 -34.09
C LEU D 651 10.42 26.35 -34.62
N PRO D 652 11.04 25.95 -35.75
CA PRO D 652 12.00 26.83 -36.42
C PRO D 652 11.27 28.03 -37.04
N GLU D 653 12.05 29.04 -37.45
CA GLU D 653 11.54 30.29 -38.00
C GLU D 653 10.83 30.03 -39.33
N ASP D 654 9.50 30.09 -39.29
CA ASP D 654 8.62 29.98 -40.46
C ASP D 654 7.22 30.36 -39.98
N GLN D 655 6.27 30.48 -40.93
CA GLN D 655 4.90 30.79 -40.58
C GLN D 655 4.12 29.49 -40.54
N TRP D 656 3.72 29.10 -39.32
CA TRP D 656 3.13 27.81 -39.03
C TRP D 656 1.67 27.95 -38.62
N VAL D 657 0.88 26.90 -38.90
CA VAL D 657 -0.50 26.84 -38.48
C VAL D 657 -0.75 25.54 -37.70
N HIS D 658 -1.15 25.67 -36.43
CA HIS D 658 -1.59 24.55 -35.63
C HIS D 658 -2.77 23.91 -36.32
N VAL D 659 -2.63 22.63 -36.65
CA VAL D 659 -3.53 21.96 -37.57
C VAL D 659 -4.98 21.99 -37.07
N TRP D 660 -5.18 21.90 -35.75
CA TRP D 660 -6.49 21.64 -35.17
C TRP D 660 -7.23 22.93 -34.83
N SER D 661 -6.48 24.00 -34.54
CA SER D 661 -7.06 25.24 -34.05
C SER D 661 -7.05 26.32 -35.12
N GLY D 662 -6.13 26.24 -36.09
CA GLY D 662 -5.94 27.28 -37.08
C GLY D 662 -5.11 28.46 -36.54
N GLU D 663 -4.64 28.38 -35.29
CA GLU D 663 -3.87 29.46 -34.70
C GLU D 663 -2.53 29.55 -35.42
N ALA D 664 -2.00 30.76 -35.57
CA ALA D 664 -0.74 30.97 -36.24
C ALA D 664 0.39 31.11 -35.21
N TYR D 665 1.57 30.62 -35.59
CA TYR D 665 2.76 30.68 -34.73
C TYR D 665 3.97 30.99 -35.60
N THR D 666 4.89 31.76 -35.01
CA THR D 666 6.19 32.01 -35.61
C THR D 666 7.18 31.10 -34.89
N GLY D 667 8.48 31.35 -35.08
CA GLY D 667 9.52 30.48 -34.52
C GLY D 667 9.64 30.59 -33.00
N GLY D 668 9.97 29.46 -32.37
CA GLY D 668 10.31 29.44 -30.95
C GLY D 668 9.67 28.27 -30.22
N SER D 669 10.04 28.14 -28.94
CA SER D 669 9.42 27.16 -28.07
C SER D 669 8.01 27.64 -27.71
N VAL D 670 7.02 26.76 -27.86
CA VAL D 670 5.65 27.11 -27.59
C VAL D 670 4.99 25.88 -26.97
N THR D 671 4.09 26.11 -26.01
CA THR D 671 3.25 25.07 -25.49
C THR D 671 1.88 25.19 -26.18
N VAL D 672 1.34 24.05 -26.61
CA VAL D 672 0.02 23.98 -27.19
C VAL D 672 -0.74 22.88 -26.45
N GLN D 673 -2.04 23.05 -26.35
CA GLN D 673 -2.91 22.01 -25.85
C GLN D 673 -2.87 20.83 -26.80
N ALA D 674 -2.93 19.62 -26.24
CA ALA D 674 -2.85 18.41 -27.02
C ALA D 674 -3.71 17.32 -26.40
N PRO D 675 -5.01 17.56 -26.20
CA PRO D 675 -5.91 16.51 -25.70
C PRO D 675 -5.87 15.31 -26.64
N LEU D 676 -6.31 14.17 -26.13
CA LEU D 676 -6.34 12.96 -26.92
C LEU D 676 -7.13 13.20 -28.20
N GLY D 677 -6.53 12.87 -29.34
CA GLY D 677 -7.08 13.12 -30.66
C GLY D 677 -6.48 14.34 -31.34
N TYR D 678 -5.67 15.13 -30.64
CA TYR D 678 -5.23 16.43 -31.15
C TYR D 678 -3.71 16.57 -31.02
N PRO D 679 -2.92 15.73 -31.73
CA PRO D 679 -1.47 15.73 -31.61
C PRO D 679 -0.84 17.05 -32.02
N PRO D 680 0.28 17.44 -31.39
CA PRO D 680 0.97 18.68 -31.73
C PRO D 680 1.55 18.66 -33.14
N VAL D 681 0.73 19.11 -34.11
CA VAL D 681 1.05 19.06 -35.52
C VAL D 681 0.79 20.43 -36.12
N PHE D 682 1.68 20.87 -37.00
CA PHE D 682 1.61 22.19 -37.61
C PHE D 682 1.93 22.05 -39.10
N TYR D 683 1.41 22.98 -39.92
CA TYR D 683 1.73 23.04 -41.35
C TYR D 683 2.12 24.47 -41.69
N ARG D 684 2.97 24.63 -42.72
CA ARG D 684 3.45 25.92 -43.17
C ARG D 684 2.37 26.65 -43.97
N LYS D 685 2.14 27.95 -43.67
CA LYS D 685 1.13 28.74 -44.38
C LYS D 685 1.49 28.82 -45.87
N LYS D 686 2.80 28.86 -46.16
CA LYS D 686 3.35 28.90 -47.50
C LYS D 686 3.06 27.63 -48.32
N SER D 687 2.53 26.56 -47.70
CA SER D 687 2.49 25.27 -48.36
C SER D 687 1.51 25.34 -49.52
N ILE D 688 1.92 24.76 -50.66
CA ILE D 688 1.06 24.63 -51.81
C ILE D 688 -0.06 23.63 -51.47
N TRP D 689 -0.03 23.04 -50.28
CA TRP D 689 -1.05 22.10 -49.84
C TRP D 689 -1.96 22.70 -48.77
N SER D 690 -1.81 24.02 -48.51
CA SER D 690 -2.50 24.66 -47.39
C SER D 690 -4.01 24.46 -47.49
N GLU D 691 -4.58 24.48 -48.70
CA GLU D 691 -6.01 24.22 -48.88
C GLU D 691 -6.39 22.89 -48.22
N LEU D 692 -5.61 21.83 -48.47
CA LEU D 692 -5.87 20.48 -47.96
C LEU D 692 -5.72 20.42 -46.44
N PHE D 693 -4.67 21.04 -45.88
CA PHE D 693 -4.39 21.00 -44.45
C PHE D 693 -5.44 21.79 -43.66
N SER D 694 -6.07 22.77 -44.31
CA SER D 694 -7.14 23.55 -43.69
C SER D 694 -8.34 22.65 -43.38
N LYS D 695 -8.53 21.57 -44.16
CA LYS D 695 -9.69 20.69 -43.99
C LYS D 695 -9.57 19.87 -42.71
N LEU D 696 -8.40 19.89 -42.04
CA LEU D 696 -8.19 19.11 -40.83
C LEU D 696 -8.80 19.81 -39.61
N ILE D 697 -9.01 21.14 -39.70
CA ILE D 697 -9.64 21.88 -38.62
C ILE D 697 -11.06 21.34 -38.40
N HIS D 698 -11.72 20.87 -39.47
CA HIS D 698 -13.13 20.47 -39.42
C HIS D 698 -13.29 18.95 -39.28
N ILE D 699 -12.23 18.24 -38.88
CA ILE D 699 -12.35 16.86 -38.43
C ILE D 699 -12.26 16.86 -36.88
#